data_7TJV
#
_entry.id   7TJV
#
_cell.length_a   1.00
_cell.length_b   1.00
_cell.length_c   1.00
_cell.angle_alpha   90.00
_cell.angle_beta   90.00
_cell.angle_gamma   90.00
#
_symmetry.space_group_name_H-M   'P 1'
#
loop_
_entity.id
_entity.type
_entity.pdbx_description
1 polymer 'ATP synthase subunit alpha'
2 polymer 'ATP synthase subunit beta'
3 polymer 'ATP synthase subunit gamma'
4 non-polymer "ADENOSINE-5'-TRIPHOSPHATE"
5 non-polymer 'MAGNESIUM ION'
6 non-polymer "ADENOSINE-5'-DIPHOSPHATE"
#
loop_
_entity_poly.entity_id
_entity_poly.type
_entity_poly.pdbx_seq_one_letter_code
_entity_poly.pdbx_strand_id
1 'polypeptide(L)'
;ASTKAQPTEVSSILEERIKGVSDEANLNETGRVLAVGDGIARVFGLNNIQAEELVEFSSGVKGMALNLEPGQVGIVLFGS
DRLVKEGELVKRTGNIVDVPVGPGLLGRVVDALGNPIDGKGPIDAAGRSRAQVKAPGILPRRSVHEPVQTGLKAVDALVP
IGRGQRELIIGDRQTGKTAVALDTILNQKRWNNGSDESKKLYCVYVAVGQKRSTVAQLVQTLEQHDAMKYSIIVAATASE
AAPLQYLAPFTAASIGEWFRDNGKHALIVYDDLSKQAVAYRQLSLLLRRPPGREAYPGDVFYLHSRLLERAAKLSEKEGS
GSLTALPVIETQGGDVSAYIPTNVISITDGQIFLEAELFYKGIRPAINVGLSVSRVGSAAQVKALKQVAGSLKLFLAQYR
EVAAFAQFGSDLDASTKQTLVRGERLTQLLKQNQYSPLATEEQVPLIYAGVNGHLDGIELSRIGEFESSFLSYLKSNHNE
LLTEIREKGELSKELLASLKSATESFVATF
;
A,B,C
2 'polypeptide(L)'
;ASAAQSTPITGKVTAVIGAIVDVHFEQSELPAILNALEIKTPQGKLVLEVAQHLGENTVRTIAMDGTEGLVRGEKVLDTG
GPISVPVGRETLGRIINVIGEPIDERGPIKSKLRKPIHADPPSFAEQSTSAEILETGIKVVDLLAPYARGGKIGLFGGAG
VGKTVFIQELINNIAKAHGGFSVFTGVGERTREGNDLYREMKETGVINLEGESKVALVFGQMNEPPGARARVALTGLTIA
EYFRDEEGQDVLLFIDNIFRFTQAGSEVSALLGRIPSAVGYQPTLATDMGLLQERITTTKKGSVTSVQAVYVPADDLTDP
APATTFAHLDATTVLSRGISELGIYPAVDPLDSKSRLLDAAVVGQEHYDVASKVQETLQTYKSLQDIIAILGMDELSEQD
KLTVERARKIQRFLSQPFAVAEVFTGIPGKLVRLKDTVASFKAVLEGKYDNIPEHAFYMVGGIEDVVAKAEKLAAEAN
;
D,E,F
3 'polypeptide(L)'
;ATLKEVEMRLKSIKNIEKITKTMKIVASTRLSKAEKAKISAKKMDEAEQLFYKNAETKNLDVEATETGAPKELIVAITSD
KGLCGSIHSQLAKAVRRHLNDQPNADIVTIGDKIKMQLLRTHPNNIKLSINGIGKDAPTFQESALIADKLLSVMKAGTYP
KISIFYNDPVSSLSFEPSEKPIFNAKTIEQSPSFGKFEIDTDANVPRDLFEYTLANQMLTAMAQGYAAEISARRNAMDNA
SKNAGDMINRYSILYNRTRQAVITNELVDIITGASSLG
;
G
#
loop_
_chem_comp.id
_chem_comp.type
_chem_comp.name
_chem_comp.formula
ADP non-polymer ADENOSINE-5'-DIPHOSPHATE 'C10 H15 N5 O10 P2'
ATP non-polymer ADENOSINE-5'-TRIPHOSPHATE 'C10 H16 N5 O13 P3'
MG non-polymer 'MAGNESIUM ION' 'Mg 2'
#
# COMPACT_ATOMS: atom_id res chain seq x y z
N THR A 30 -49.10 14.44 12.23
CA THR A 30 -49.03 12.99 12.15
C THR A 30 -48.46 12.56 10.80
N GLY A 31 -48.33 11.25 10.60
CA GLY A 31 -47.78 10.75 9.36
C GLY A 31 -47.95 9.24 9.27
N ARG A 32 -47.44 8.68 8.17
CA ARG A 32 -47.55 7.26 7.90
C ARG A 32 -46.22 6.72 7.39
N VAL A 33 -45.84 5.53 7.84
CA VAL A 33 -44.58 4.95 7.41
C VAL A 33 -44.74 4.39 6.00
N LEU A 34 -43.91 4.86 5.06
CA LEU A 34 -43.90 4.32 3.71
C LEU A 34 -43.10 3.03 3.63
N ALA A 35 -41.88 3.03 4.20
CA ALA A 35 -41.01 1.87 4.19
C ALA A 35 -40.13 1.92 5.42
N VAL A 36 -39.63 0.76 5.82
CA VAL A 36 -38.81 0.64 7.03
C VAL A 36 -37.84 -0.52 6.84
N GLY A 37 -36.63 -0.35 7.37
CA GLY A 37 -35.65 -1.42 7.36
C GLY A 37 -34.28 -1.00 7.86
N ASP A 38 -33.59 -1.92 8.54
CA ASP A 38 -32.23 -1.68 9.01
C ASP A 38 -32.14 -0.43 9.88
N GLY A 39 -33.20 -0.15 10.65
CA GLY A 39 -33.20 0.97 11.56
C GLY A 39 -33.63 2.29 10.96
N ILE A 40 -33.95 2.32 9.67
CA ILE A 40 -34.38 3.54 8.99
C ILE A 40 -35.86 3.39 8.65
N ALA A 41 -36.65 4.39 9.04
CA ALA A 41 -38.03 4.50 8.59
C ALA A 41 -38.19 5.76 7.76
N ARG A 42 -38.78 5.62 6.58
CA ARG A 42 -39.11 6.76 5.74
C ARG A 42 -40.60 7.03 5.89
N VAL A 43 -40.96 8.26 6.23
CA VAL A 43 -42.31 8.57 6.67
C VAL A 43 -42.88 9.68 5.79
N PHE A 44 -44.09 9.44 5.30
CA PHE A 44 -44.88 10.42 4.57
C PHE A 44 -45.68 11.27 5.54
N GLY A 45 -45.83 12.55 5.19
CA GLY A 45 -46.45 13.52 6.08
C GLY A 45 -45.44 14.24 6.96
N LEU A 46 -45.84 14.59 8.17
CA LEU A 46 -44.95 15.30 9.10
C LEU A 46 -44.37 16.55 8.47
N ASN A 47 -45.25 17.35 7.84
CA ASN A 47 -44.78 18.48 7.03
C ASN A 47 -43.96 19.46 7.85
N ASN A 48 -44.41 19.79 9.06
CA ASN A 48 -43.77 20.80 9.89
C ASN A 48 -42.67 20.24 10.78
N ILE A 49 -42.23 19.01 10.55
CA ILE A 49 -41.26 18.39 11.44
C ILE A 49 -39.92 19.12 11.35
N GLN A 50 -39.33 19.40 12.50
CA GLN A 50 -38.01 20.02 12.56
C GLN A 50 -36.92 18.99 12.35
N ALA A 51 -35.80 19.42 11.77
CA ALA A 51 -34.63 18.56 11.69
C ALA A 51 -34.18 18.17 13.09
N GLU A 52 -33.83 16.89 13.25
CA GLU A 52 -33.43 16.33 14.54
C GLU A 52 -34.56 16.38 15.58
N GLU A 53 -35.80 16.59 15.14
CA GLU A 53 -36.92 16.56 16.07
C GLU A 53 -37.20 15.13 16.51
N LEU A 54 -37.50 14.95 17.79
CA LEU A 54 -37.82 13.65 18.32
C LEU A 54 -39.26 13.28 17.97
N VAL A 55 -39.46 12.04 17.52
CA VAL A 55 -40.74 11.62 16.94
C VAL A 55 -41.10 10.27 17.52
N GLU A 56 -42.41 10.04 17.72
CA GLU A 56 -42.90 8.87 18.42
C GLU A 56 -43.84 8.06 17.52
N PHE A 57 -43.67 6.74 17.55
CA PHE A 57 -44.44 5.86 16.69
C PHE A 57 -45.67 5.32 17.42
N SER A 58 -46.54 4.65 16.65
CA SER A 58 -47.75 4.08 17.23
C SER A 58 -47.43 3.03 18.28
N SER A 59 -46.38 2.23 18.04
CA SER A 59 -45.99 1.17 18.96
C SER A 59 -45.15 1.67 20.13
N GLY A 60 -44.97 2.99 20.25
CA GLY A 60 -44.27 3.56 21.38
C GLY A 60 -42.76 3.71 21.21
N VAL A 61 -42.18 3.12 20.17
CA VAL A 61 -40.75 3.32 19.94
C VAL A 61 -40.53 4.76 19.49
N LYS A 62 -39.34 5.28 19.78
CA LYS A 62 -38.99 6.67 19.49
C LYS A 62 -37.85 6.72 18.48
N GLY A 63 -37.83 7.81 17.71
CA GLY A 63 -36.81 8.01 16.70
C GLY A 63 -36.52 9.48 16.50
N MET A 64 -35.60 9.76 15.59
CA MET A 64 -35.11 11.10 15.33
C MET A 64 -35.04 11.32 13.83
N ALA A 65 -35.52 12.47 13.37
CA ALA A 65 -35.53 12.79 11.95
C ALA A 65 -34.19 13.41 11.57
N LEU A 66 -33.35 12.64 10.89
CA LEU A 66 -32.08 13.17 10.41
C LEU A 66 -32.16 13.67 8.97
N ASN A 67 -33.03 13.10 8.13
CA ASN A 67 -33.19 13.57 6.77
C ASN A 67 -34.57 14.20 6.59
N LEU A 68 -34.60 15.39 6.02
CA LEU A 68 -35.82 15.97 5.47
C LEU A 68 -35.66 16.04 3.96
N GLU A 69 -36.61 15.45 3.24
CA GLU A 69 -36.58 15.41 1.79
C GLU A 69 -37.94 15.83 1.26
N PRO A 70 -38.03 16.17 -0.02
CA PRO A 70 -39.23 16.86 -0.51
C PRO A 70 -40.53 16.12 -0.24
N GLY A 71 -40.51 14.79 -0.26
CA GLY A 71 -41.73 14.03 -0.11
C GLY A 71 -41.79 13.14 1.12
N GLN A 72 -40.66 12.97 1.81
CA GLN A 72 -40.59 12.00 2.89
C GLN A 72 -39.52 12.43 3.89
N VAL A 73 -39.64 11.89 5.10
CA VAL A 73 -38.72 12.16 6.20
C VAL A 73 -37.95 10.88 6.50
N GLY A 74 -36.62 10.98 6.51
CA GLY A 74 -35.78 9.88 6.91
C GLY A 74 -35.49 9.91 8.39
N ILE A 75 -36.16 9.02 9.13
CA ILE A 75 -36.12 8.97 10.59
C ILE A 75 -35.32 7.73 10.99
N VAL A 76 -34.47 7.88 11.99
CA VAL A 76 -33.66 6.78 12.51
C VAL A 76 -34.30 6.28 13.80
N LEU A 77 -34.38 4.96 13.94
CA LEU A 77 -35.11 4.35 15.05
C LEU A 77 -34.17 4.04 16.19
N PHE A 78 -34.60 4.37 17.42
CA PHE A 78 -33.82 4.00 18.60
C PHE A 78 -34.02 2.54 18.97
N GLY A 79 -35.24 2.02 18.82
CA GLY A 79 -35.48 0.61 19.00
C GLY A 79 -35.16 -0.18 17.74
N SER A 80 -35.25 -1.50 17.86
CA SER A 80 -35.05 -2.36 16.70
C SER A 80 -36.21 -2.20 15.73
N ASP A 81 -36.01 -2.70 14.51
CA ASP A 81 -36.99 -2.51 13.45
C ASP A 81 -38.33 -3.13 13.80
N ARG A 82 -38.34 -4.22 14.55
CA ARG A 82 -39.54 -5.04 14.67
C ARG A 82 -40.72 -4.26 15.23
N LEU A 83 -40.46 -3.18 15.99
CA LEU A 83 -41.57 -2.43 16.56
C LEU A 83 -42.28 -1.57 15.52
N VAL A 84 -41.67 -1.34 14.36
CA VAL A 84 -42.23 -0.48 13.32
C VAL A 84 -42.59 -1.34 12.12
N LYS A 85 -43.71 -1.03 11.49
CA LYS A 85 -44.15 -1.74 10.30
C LYS A 85 -44.86 -0.76 9.36
N GLU A 86 -44.90 -1.13 8.09
CA GLU A 86 -45.42 -0.23 7.07
C GLU A 86 -46.84 0.19 7.40
N GLY A 87 -47.16 1.45 7.12
CA GLY A 87 -48.45 2.02 7.44
C GLY A 87 -48.61 2.48 8.87
N GLU A 88 -47.58 2.34 9.70
CA GLU A 88 -47.67 2.74 11.10
C GLU A 88 -47.89 4.25 11.21
N LEU A 89 -48.68 4.64 12.20
CA LEU A 89 -48.92 6.05 12.48
C LEU A 89 -47.76 6.63 13.29
N VAL A 90 -47.43 7.88 13.00
CA VAL A 90 -46.27 8.56 13.59
C VAL A 90 -46.67 9.98 13.98
N LYS A 91 -46.18 10.43 15.14
CA LYS A 91 -46.57 11.74 15.68
C LYS A 91 -45.35 12.52 16.16
N ARG A 92 -45.40 13.83 15.95
CA ARG A 92 -44.34 14.73 16.41
C ARG A 92 -44.41 14.94 17.92
N THR A 93 -43.25 14.89 18.57
CA THR A 93 -43.16 15.26 19.97
C THR A 93 -43.11 16.77 20.17
N GLY A 94 -42.59 17.52 19.19
CA GLY A 94 -42.42 18.94 19.33
C GLY A 94 -41.16 19.35 20.06
N ASN A 95 -40.26 18.41 20.35
CA ASN A 95 -39.03 18.69 21.06
C ASN A 95 -37.85 18.16 20.24
N ILE A 96 -36.86 19.03 20.01
CA ILE A 96 -35.60 18.55 19.46
C ILE A 96 -34.87 17.77 20.55
N VAL A 97 -34.05 16.79 20.13
CA VAL A 97 -33.48 15.84 21.09
C VAL A 97 -32.80 16.60 22.22
N ASP A 98 -33.18 16.27 23.45
CA ASP A 98 -32.69 16.97 24.62
C ASP A 98 -32.70 16.01 25.80
N VAL A 99 -31.96 16.39 26.86
CA VAL A 99 -31.76 15.49 27.99
C VAL A 99 -31.88 16.26 29.29
N PRO A 100 -32.33 15.60 30.35
CA PRO A 100 -32.33 16.24 31.67
C PRO A 100 -30.93 16.61 32.13
N VAL A 101 -30.86 17.67 32.93
CA VAL A 101 -29.61 18.15 33.50
C VAL A 101 -29.87 18.67 34.90
N GLY A 102 -28.83 18.63 35.73
CA GLY A 102 -28.92 19.08 37.10
C GLY A 102 -27.99 18.32 38.02
N PRO A 103 -28.02 18.65 39.31
CA PRO A 103 -27.20 17.92 40.27
C PRO A 103 -27.80 16.58 40.68
N GLY A 104 -29.10 16.38 40.47
CA GLY A 104 -29.72 15.13 40.88
C GLY A 104 -29.13 13.92 40.18
N LEU A 105 -28.63 14.09 38.96
CA LEU A 105 -28.08 12.97 38.21
C LEU A 105 -26.78 12.45 38.81
N LEU A 106 -26.18 13.16 39.75
CA LEU A 106 -24.98 12.66 40.41
C LEU A 106 -25.28 11.34 41.12
N GLY A 107 -24.50 10.31 40.81
CA GLY A 107 -24.71 9.01 41.42
C GLY A 107 -25.78 8.17 40.76
N ARG A 108 -26.16 8.50 39.53
CA ARG A 108 -27.15 7.75 38.79
C ARG A 108 -26.55 7.26 37.48
N VAL A 109 -26.98 6.08 37.04
CA VAL A 109 -26.60 5.53 35.75
C VAL A 109 -27.76 5.72 34.80
N VAL A 110 -27.50 6.38 33.67
CA VAL A 110 -28.54 6.70 32.70
C VAL A 110 -28.06 6.32 31.31
N ASP A 111 -29.02 6.06 30.43
CA ASP A 111 -28.73 5.90 29.02
C ASP A 111 -28.73 7.26 28.33
N ALA A 112 -28.35 7.26 27.05
CA ALA A 112 -28.54 8.45 26.25
C ALA A 112 -30.01 8.83 26.27
N LEU A 113 -30.28 10.13 26.30
CA LEU A 113 -31.60 10.71 26.54
C LEU A 113 -31.94 10.71 28.02
N GLY A 114 -31.06 10.19 28.89
CA GLY A 114 -31.20 10.40 30.31
C GLY A 114 -32.32 9.66 31.00
N ASN A 115 -32.69 8.47 30.53
CA ASN A 115 -33.60 7.64 31.31
C ASN A 115 -32.82 6.85 32.35
N PRO A 116 -33.34 6.68 33.56
CA PRO A 116 -32.62 5.90 34.57
C PRO A 116 -32.63 4.42 34.21
N ILE A 117 -31.46 3.79 34.30
CA ILE A 117 -31.33 2.36 34.05
C ILE A 117 -30.70 1.60 35.21
N ASP A 118 -30.28 2.30 36.27
CA ASP A 118 -29.77 1.61 37.45
C ASP A 118 -30.89 0.94 38.26
N GLY A 119 -32.15 1.24 37.95
CA GLY A 119 -33.23 0.74 38.76
C GLY A 119 -33.43 1.49 40.07
N LYS A 120 -32.78 2.64 40.25
CA LYS A 120 -32.86 3.39 41.49
C LYS A 120 -33.98 4.42 41.50
N GLY A 121 -34.78 4.51 40.44
CA GLY A 121 -35.95 5.36 40.42
C GLY A 121 -35.78 6.64 39.62
N PRO A 122 -36.80 7.51 39.68
CA PRO A 122 -36.84 8.68 38.80
C PRO A 122 -35.64 9.59 38.97
N ILE A 123 -35.58 10.60 38.09
CA ILE A 123 -34.51 11.59 38.08
C ILE A 123 -35.07 12.92 38.54
N ASP A 124 -34.40 13.54 39.51
CA ASP A 124 -34.77 14.88 39.99
C ASP A 124 -34.10 15.94 39.13
N ALA A 125 -34.63 16.10 37.92
CA ALA A 125 -34.06 17.02 36.96
C ALA A 125 -34.21 18.47 37.41
N ALA A 126 -33.16 19.27 37.20
CA ALA A 126 -33.22 20.71 37.39
C ALA A 126 -33.60 21.44 36.12
N GLY A 127 -33.31 20.86 34.96
CA GLY A 127 -33.71 21.44 33.69
C GLY A 127 -33.55 20.44 32.59
N ARG A 128 -33.79 20.88 31.36
CA ARG A 128 -33.60 20.04 30.19
C ARG A 128 -32.87 20.84 29.12
N SER A 129 -31.80 20.26 28.57
CA SER A 129 -30.91 20.97 27.67
C SER A 129 -30.75 20.20 26.36
N ARG A 130 -30.69 20.95 25.26
CA ARG A 130 -30.65 20.36 23.93
C ARG A 130 -29.30 19.70 23.67
N ALA A 131 -29.30 18.70 22.79
CA ALA A 131 -28.16 17.80 22.65
C ALA A 131 -26.95 18.50 22.04
N GLN A 132 -27.14 19.31 21.01
CA GLN A 132 -26.02 19.78 20.20
C GLN A 132 -25.96 21.29 20.12
N VAL A 133 -26.05 21.96 21.27
CA VAL A 133 -25.98 23.42 21.29
C VAL A 133 -24.59 23.89 20.89
N LYS A 134 -24.47 25.20 20.68
CA LYS A 134 -23.22 25.79 20.26
C LYS A 134 -22.21 25.81 21.40
N ALA A 135 -20.93 25.61 21.05
CA ALA A 135 -19.87 25.73 22.03
C ALA A 135 -19.58 27.20 22.33
N PRO A 136 -18.97 27.49 23.48
CA PRO A 136 -18.59 28.87 23.78
C PRO A 136 -17.60 29.40 22.76
N GLY A 137 -17.75 30.68 22.43
CA GLY A 137 -16.99 31.30 21.36
C GLY A 137 -15.63 31.80 21.79
N ILE A 138 -15.07 32.68 20.95
CA ILE A 138 -13.72 33.18 21.15
C ILE A 138 -13.62 33.97 22.46
N LEU A 139 -14.54 34.90 22.68
CA LEU A 139 -14.29 36.00 23.60
C LEU A 139 -14.42 35.61 25.07
N PRO A 140 -15.46 34.87 25.48
CA PRO A 140 -15.65 34.62 26.91
C PRO A 140 -14.75 33.54 27.49
N ARG A 141 -13.89 32.93 26.69
CA ARG A 141 -13.06 31.84 27.16
C ARG A 141 -11.78 32.38 27.80
N ARG A 142 -11.13 31.55 28.61
CA ARG A 142 -9.96 31.96 29.36
C ARG A 142 -8.88 30.89 29.28
N SER A 143 -7.64 31.31 29.47
CA SER A 143 -6.50 30.40 29.46
C SER A 143 -6.57 29.43 30.63
N VAL A 144 -6.20 28.18 30.36
CA VAL A 144 -6.25 27.13 31.38
C VAL A 144 -5.15 27.37 32.39
N HIS A 145 -5.52 27.48 33.67
CA HIS A 145 -4.55 27.70 34.74
C HIS A 145 -4.65 26.73 35.91
N GLU A 146 -5.86 26.13 36.19
CA GLU A 146 -5.90 25.19 37.30
C GLU A 146 -5.57 23.78 36.84
N PRO A 147 -5.07 22.93 37.74
CA PRO A 147 -4.66 21.58 37.36
C PRO A 147 -5.73 20.52 37.62
N VAL A 148 -5.71 19.49 36.77
CA VAL A 148 -6.44 18.25 37.02
C VAL A 148 -5.43 17.22 37.50
N GLN A 149 -5.35 17.04 38.82
CA GLN A 149 -4.43 16.07 39.38
C GLN A 149 -5.01 14.67 39.22
N THR A 150 -4.35 13.83 38.42
CA THR A 150 -4.86 12.50 38.12
C THR A 150 -4.40 11.46 39.13
N GLY A 151 -3.38 11.75 39.92
CA GLY A 151 -2.81 10.76 40.81
C GLY A 151 -1.91 9.75 40.14
N LEU A 152 -1.65 9.91 38.84
CA LEU A 152 -0.72 9.05 38.11
C LEU A 152 0.61 9.78 37.99
N LYS A 153 1.67 9.14 38.44
CA LYS A 153 2.98 9.79 38.48
C LYS A 153 3.39 10.25 37.09
N ALA A 154 3.31 9.34 36.10
CA ALA A 154 3.75 9.69 34.76
C ALA A 154 2.94 10.84 34.18
N VAL A 155 1.62 10.77 34.32
CA VAL A 155 0.76 11.80 33.72
C VAL A 155 0.95 13.13 34.44
N ASP A 156 0.87 13.11 35.77
CA ASP A 156 0.97 14.35 36.52
C ASP A 156 2.33 15.00 36.37
N ALA A 157 3.38 14.21 36.11
CA ALA A 157 4.72 14.75 36.04
C ALA A 157 5.10 15.20 34.63
N LEU A 158 4.85 14.35 33.62
CA LEU A 158 5.45 14.54 32.30
C LEU A 158 4.44 14.97 31.23
N VAL A 159 3.16 14.75 31.44
CA VAL A 159 2.14 15.19 30.47
C VAL A 159 0.95 15.75 31.27
N PRO A 160 1.11 16.91 31.91
CA PRO A 160 0.06 17.39 32.82
C PRO A 160 -1.22 17.74 32.09
N ILE A 161 -2.32 17.75 32.86
CA ILE A 161 -3.65 18.06 32.36
C ILE A 161 -4.17 19.28 33.11
N GLY A 162 -4.73 20.23 32.36
CA GLY A 162 -5.33 21.42 32.95
C GLY A 162 -6.84 21.34 32.98
N ARG A 163 -7.44 22.12 33.88
CA ARG A 163 -8.89 22.16 34.02
C ARG A 163 -9.49 22.96 32.87
N GLY A 164 -10.23 22.27 31.99
CA GLY A 164 -10.73 22.86 30.77
C GLY A 164 -9.97 22.44 29.54
N GLN A 165 -8.90 21.66 29.69
CA GLN A 165 -8.14 21.19 28.55
C GLN A 165 -8.83 20.00 27.90
N ARG A 166 -8.35 19.65 26.71
CA ARG A 166 -8.81 18.46 25.99
C ARG A 166 -7.60 17.64 25.57
N GLU A 167 -7.39 16.52 26.27
CA GLU A 167 -6.23 15.67 26.09
C GLU A 167 -6.67 14.28 25.64
N LEU A 168 -6.14 13.83 24.52
CA LEU A 168 -6.49 12.52 23.97
C LEU A 168 -5.80 11.41 24.75
N ILE A 169 -6.56 10.35 25.05
CA ILE A 169 -6.00 9.09 25.51
C ILE A 169 -6.10 8.12 24.35
N ILE A 170 -4.96 7.77 23.75
CA ILE A 170 -4.96 7.01 22.51
C ILE A 170 -4.02 5.83 22.65
N GLY A 171 -4.45 4.67 22.15
CA GLY A 171 -3.59 3.50 22.18
C GLY A 171 -4.30 2.30 21.61
N ASP A 172 -3.53 1.23 21.44
CA ASP A 172 -4.04 0.00 20.87
C ASP A 172 -4.95 -0.71 21.87
N ARG A 173 -5.63 -1.75 21.37
CA ARG A 173 -6.47 -2.60 22.20
C ARG A 173 -5.81 -2.97 23.52
N GLN A 174 -6.58 -2.84 24.60
CA GLN A 174 -6.18 -3.34 25.92
C GLN A 174 -4.80 -2.84 26.33
N THR A 175 -4.58 -1.53 26.21
CA THR A 175 -3.33 -0.92 26.62
C THR A 175 -3.47 -0.11 27.91
N GLY A 176 -4.60 -0.23 28.61
CA GLY A 176 -4.77 0.48 29.86
C GLY A 176 -5.44 1.83 29.76
N LYS A 177 -6.10 2.12 28.64
CA LYS A 177 -6.70 3.43 28.43
C LYS A 177 -7.77 3.72 29.49
N THR A 178 -8.74 2.82 29.60
CA THR A 178 -9.79 3.00 30.59
C THR A 178 -9.23 3.00 31.99
N ALA A 179 -8.14 2.27 32.23
CA ALA A 179 -7.49 2.30 33.54
C ALA A 179 -7.02 3.72 33.87
N VAL A 180 -6.39 4.39 32.90
CA VAL A 180 -5.93 5.76 33.13
C VAL A 180 -7.11 6.67 33.43
N ALA A 181 -8.16 6.60 32.60
CA ALA A 181 -9.30 7.48 32.80
C ALA A 181 -9.95 7.23 34.15
N LEU A 182 -10.11 5.96 34.51
CA LEU A 182 -10.81 5.61 35.75
C LEU A 182 -9.99 5.98 36.98
N ASP A 183 -8.66 5.86 36.89
CA ASP A 183 -7.80 6.35 37.96
C ASP A 183 -7.94 7.85 38.13
N THR A 184 -8.00 8.58 37.00
CA THR A 184 -8.21 10.02 37.08
C THR A 184 -9.52 10.33 37.79
N ILE A 185 -10.58 9.58 37.48
CA ILE A 185 -11.85 9.78 38.16
C ILE A 185 -11.71 9.51 39.65
N LEU A 186 -11.09 8.39 40.00
CA LEU A 186 -10.97 7.99 41.40
C LEU A 186 -10.20 9.01 42.22
N ASN A 187 -9.21 9.68 41.60
CA ASN A 187 -8.33 10.55 42.38
C ASN A 187 -9.07 11.72 43.01
N GLN A 188 -10.16 12.19 42.40
CA GLN A 188 -10.83 13.40 42.87
C GLN A 188 -11.51 13.22 44.22
N LYS A 189 -11.61 11.98 44.69
CA LYS A 189 -12.11 11.64 46.01
C LYS A 189 -11.63 12.59 47.10
N ARG A 190 -10.35 12.97 47.04
CA ARG A 190 -9.77 13.75 48.14
C ARG A 190 -10.50 15.08 48.33
N TRP A 191 -10.78 15.78 47.24
CA TRP A 191 -11.43 17.09 47.31
C TRP A 191 -12.95 16.98 47.29
N ASN A 192 -13.51 16.00 46.59
CA ASN A 192 -14.97 15.90 46.52
C ASN A 192 -15.58 15.64 47.90
N ASN A 193 -14.85 14.94 48.78
CA ASN A 193 -15.35 14.76 50.14
C ASN A 193 -15.46 16.09 50.87
N GLY A 194 -14.66 17.08 50.48
CA GLY A 194 -14.55 18.33 51.21
C GLY A 194 -15.68 19.30 50.90
N SER A 195 -15.57 20.49 51.49
CA SER A 195 -16.62 21.49 51.42
C SER A 195 -16.44 22.49 50.28
N ASP A 196 -15.23 22.62 49.74
CA ASP A 196 -14.89 23.73 48.84
C ASP A 196 -15.38 23.41 47.43
N GLU A 197 -16.51 24.00 47.05
CA GLU A 197 -17.07 23.82 45.71
C GLU A 197 -16.17 24.40 44.62
N SER A 198 -15.20 25.24 44.97
CA SER A 198 -14.27 25.75 43.97
C SER A 198 -13.25 24.71 43.54
N LYS A 199 -12.95 23.75 44.40
CA LYS A 199 -11.89 22.79 44.13
C LYS A 199 -12.42 21.46 43.59
N LYS A 200 -13.68 21.14 43.82
CA LYS A 200 -14.28 19.88 43.40
C LYS A 200 -14.15 19.69 41.89
N LEU A 201 -14.35 18.46 41.42
CA LEU A 201 -14.33 18.16 39.98
C LEU A 201 -15.33 17.03 39.73
N TYR A 202 -16.54 17.40 39.33
CA TYR A 202 -17.58 16.41 39.06
C TYR A 202 -17.27 15.64 37.78
N CYS A 203 -17.39 14.32 37.84
CA CYS A 203 -16.97 13.47 36.73
C CYS A 203 -18.17 12.90 35.99
N VAL A 204 -18.08 12.94 34.66
CA VAL A 204 -19.02 12.28 33.76
C VAL A 204 -18.22 11.27 32.94
N TYR A 205 -18.67 10.02 32.93
CA TYR A 205 -18.07 8.97 32.11
C TYR A 205 -19.13 8.47 31.15
N VAL A 206 -18.88 8.62 29.84
CA VAL A 206 -19.83 8.21 28.81
C VAL A 206 -19.19 7.06 28.04
N ALA A 207 -19.88 5.91 28.02
CA ALA A 207 -19.40 4.68 27.40
C ALA A 207 -20.21 4.41 26.14
N VAL A 208 -19.52 4.25 25.03
CA VAL A 208 -20.13 4.03 23.72
C VAL A 208 -19.55 2.74 23.14
N GLY A 209 -20.43 1.80 22.82
CA GLY A 209 -20.02 0.56 22.20
C GLY A 209 -19.44 -0.49 23.13
N GLN A 210 -19.45 -0.25 24.44
CA GLN A 210 -18.93 -1.22 25.39
C GLN A 210 -19.98 -2.27 25.72
N LYS A 211 -19.51 -3.49 25.99
CA LYS A 211 -20.43 -4.56 26.35
C LYS A 211 -21.08 -4.23 27.69
N ARG A 212 -22.34 -4.65 27.85
CA ARG A 212 -23.18 -4.10 28.90
C ARG A 212 -22.67 -4.44 30.30
N SER A 213 -21.98 -5.57 30.45
CA SER A 213 -21.49 -5.97 31.77
C SER A 213 -20.20 -5.26 32.15
N THR A 214 -19.46 -4.72 31.18
CA THR A 214 -18.30 -3.92 31.51
C THR A 214 -18.70 -2.67 32.29
N VAL A 215 -19.83 -2.06 31.89
CA VAL A 215 -20.33 -0.92 32.63
C VAL A 215 -20.77 -1.33 34.01
N ALA A 216 -21.30 -2.55 34.16
CA ALA A 216 -21.66 -3.03 35.49
C ALA A 216 -20.43 -3.14 36.37
N GLN A 217 -19.34 -3.67 35.83
CA GLN A 217 -18.09 -3.73 36.60
C GLN A 217 -17.59 -2.33 36.93
N LEU A 218 -17.72 -1.40 35.99
CA LEU A 218 -17.32 -0.01 36.24
C LEU A 218 -18.10 0.56 37.42
N VAL A 219 -19.42 0.43 37.38
CA VAL A 219 -20.26 0.97 38.45
C VAL A 219 -19.90 0.32 39.78
N GLN A 220 -19.69 -1.00 39.76
CA GLN A 220 -19.33 -1.69 41.00
C GLN A 220 -18.01 -1.17 41.56
N THR A 221 -17.01 -0.98 40.69
CA THR A 221 -15.73 -0.47 41.14
C THR A 221 -15.87 0.93 41.73
N LEU A 222 -16.66 1.79 41.07
CA LEU A 222 -16.82 3.15 41.58
C LEU A 222 -17.59 3.14 42.90
N GLU A 223 -18.55 2.24 43.06
CA GLU A 223 -19.29 2.15 44.32
C GLU A 223 -18.38 1.69 45.45
N GLN A 224 -17.48 0.74 45.17
CA GLN A 224 -16.62 0.24 46.24
C GLN A 224 -15.73 1.34 46.80
N HIS A 225 -15.22 2.22 45.94
CA HIS A 225 -14.39 3.34 46.37
C HIS A 225 -15.21 4.59 46.68
N ASP A 226 -16.54 4.49 46.68
CA ASP A 226 -17.42 5.61 46.98
C ASP A 226 -17.25 6.76 46.00
N ALA A 227 -16.73 6.49 44.81
CA ALA A 227 -16.58 7.51 43.79
C ALA A 227 -17.85 7.74 42.99
N MET A 228 -18.84 6.84 43.08
CA MET A 228 -20.11 7.08 42.43
C MET A 228 -20.83 8.27 43.06
N LYS A 229 -20.45 8.63 44.28
CA LYS A 229 -21.07 9.74 44.98
C LYS A 229 -21.02 11.04 44.18
N TYR A 230 -20.01 11.20 43.31
CA TYR A 230 -19.83 12.42 42.55
C TYR A 230 -19.68 12.18 41.04
N SER A 231 -19.96 10.98 40.56
CA SER A 231 -19.84 10.65 39.15
C SER A 231 -21.20 10.61 38.48
N ILE A 232 -21.19 10.76 37.15
CA ILE A 232 -22.35 10.49 36.30
C ILE A 232 -21.90 9.58 35.18
N ILE A 233 -22.70 8.56 34.90
CA ILE A 233 -22.36 7.55 33.90
C ILE A 233 -23.48 7.53 32.87
N VAL A 234 -23.11 7.77 31.61
CA VAL A 234 -24.04 7.73 30.48
C VAL A 234 -23.65 6.53 29.63
N ALA A 235 -24.59 5.60 29.44
CA ALA A 235 -24.31 4.32 28.81
C ALA A 235 -25.13 4.19 27.52
N ALA A 236 -24.44 3.99 26.41
CA ALA A 236 -25.04 3.51 25.17
C ALA A 236 -24.27 2.25 24.79
N THR A 237 -24.78 1.10 25.22
CA THR A 237 -24.02 -0.14 25.13
C THR A 237 -24.12 -0.73 23.73
N ALA A 238 -23.29 -1.75 23.49
CA ALA A 238 -23.11 -2.27 22.15
C ALA A 238 -24.41 -2.71 21.50
N SER A 239 -25.37 -3.20 22.29
CA SER A 239 -26.63 -3.67 21.72
C SER A 239 -27.55 -2.53 21.33
N GLU A 240 -27.47 -1.39 22.00
CA GLU A 240 -28.39 -0.30 21.74
C GLU A 240 -28.15 0.28 20.35
N ALA A 241 -29.24 0.63 19.67
CA ALA A 241 -29.17 0.97 18.25
C ALA A 241 -28.20 2.12 18.01
N ALA A 242 -27.72 2.21 16.77
CA ALA A 242 -26.71 3.18 16.37
C ALA A 242 -27.07 4.60 16.72
N PRO A 243 -28.34 5.02 16.61
CA PRO A 243 -28.67 6.40 17.00
C PRO A 243 -28.29 6.74 18.43
N LEU A 244 -28.47 5.80 19.36
CA LEU A 244 -28.10 6.09 20.75
C LEU A 244 -26.60 6.17 20.92
N GLN A 245 -25.85 5.26 20.30
CA GLN A 245 -24.39 5.35 20.37
C GLN A 245 -23.90 6.65 19.76
N TYR A 246 -24.59 7.13 18.72
CA TYR A 246 -24.24 8.41 18.11
C TYR A 246 -24.51 9.57 19.05
N LEU A 247 -25.70 9.59 19.68
CA LEU A 247 -26.09 10.71 20.52
C LEU A 247 -25.34 10.73 21.85
N ALA A 248 -24.86 9.59 22.34
CA ALA A 248 -24.40 9.49 23.72
C ALA A 248 -23.41 10.58 24.11
N PRO A 249 -22.33 10.83 23.35
CA PRO A 249 -21.41 11.89 23.78
C PRO A 249 -22.06 13.26 23.83
N PHE A 250 -23.01 13.55 22.95
CA PHE A 250 -23.60 14.88 22.93
C PHE A 250 -24.50 15.11 24.13
N THR A 251 -25.33 14.13 24.49
CA THR A 251 -26.15 14.27 25.68
C THR A 251 -25.30 14.30 26.94
N ALA A 252 -24.24 13.49 26.99
CA ALA A 252 -23.33 13.56 28.13
C ALA A 252 -22.66 14.92 28.21
N ALA A 253 -22.31 15.48 27.05
CA ALA A 253 -21.74 16.82 27.01
C ALA A 253 -22.73 17.85 27.53
N SER A 254 -24.01 17.66 27.26
CA SER A 254 -25.01 18.54 27.86
C SER A 254 -25.00 18.43 29.38
N ILE A 255 -24.88 17.20 29.89
CA ILE A 255 -24.83 17.01 31.34
C ILE A 255 -23.63 17.77 31.91
N GLY A 256 -22.47 17.65 31.27
CA GLY A 256 -21.30 18.37 31.74
C GLY A 256 -21.42 19.88 31.58
N GLU A 257 -22.03 20.31 30.48
CA GLU A 257 -22.19 21.73 30.21
C GLU A 257 -23.04 22.40 31.27
N TRP A 258 -23.97 21.66 31.88
CA TRP A 258 -24.72 22.28 32.97
C TRP A 258 -23.79 22.74 34.09
N PHE A 259 -22.92 21.83 34.56
CA PHE A 259 -21.93 22.22 35.56
C PHE A 259 -21.06 23.38 35.05
N ARG A 260 -20.53 23.24 33.84
CA ARG A 260 -19.67 24.30 33.32
C ARG A 260 -20.35 25.66 33.41
N ASP A 261 -21.60 25.73 32.95
CA ASP A 261 -22.30 27.01 32.88
C ASP A 261 -22.70 27.54 34.24
N ASN A 262 -22.87 26.67 35.24
CA ASN A 262 -23.26 27.13 36.57
C ASN A 262 -22.07 27.26 37.52
N GLY A 263 -20.86 27.43 36.99
CA GLY A 263 -19.72 27.80 37.80
C GLY A 263 -18.98 26.67 38.46
N LYS A 264 -19.34 25.42 38.18
CA LYS A 264 -18.64 24.28 38.77
C LYS A 264 -17.71 23.64 37.73
N HIS A 265 -16.79 22.81 38.22
CA HIS A 265 -15.80 22.15 37.39
C HIS A 265 -16.21 20.72 37.13
N ALA A 266 -16.03 20.27 35.89
CA ALA A 266 -16.41 18.91 35.53
C ALA A 266 -15.40 18.33 34.54
N LEU A 267 -15.36 17.01 34.48
CA LEU A 267 -14.47 16.27 33.60
C LEU A 267 -15.26 15.16 32.92
N ILE A 268 -15.26 15.14 31.59
CA ILE A 268 -16.03 14.18 30.82
C ILE A 268 -15.08 13.25 30.07
N VAL A 269 -15.31 11.95 30.18
CA VAL A 269 -14.48 10.94 29.52
C VAL A 269 -15.33 10.23 28.49
N TYR A 270 -14.92 10.32 27.22
CA TYR A 270 -15.59 9.68 26.10
C TYR A 270 -14.86 8.37 25.81
N ASP A 271 -15.52 7.24 26.03
CA ASP A 271 -14.89 5.91 25.96
C ASP A 271 -15.74 5.00 25.08
N ASP A 272 -15.42 4.86 23.79
CA ASP A 272 -14.38 5.59 23.08
C ASP A 272 -14.96 6.16 21.79
N LEU A 273 -14.37 7.24 21.30
CA LEU A 273 -14.98 8.00 20.22
C LEU A 273 -14.94 7.27 18.88
N SER A 274 -14.01 6.32 18.70
CA SER A 274 -13.95 5.58 17.45
C SER A 274 -15.22 4.76 17.24
N LYS A 275 -15.70 4.10 18.29
CA LYS A 275 -16.92 3.31 18.20
C LYS A 275 -18.13 4.19 17.90
N GLN A 276 -18.15 5.40 18.46
CA GLN A 276 -19.20 6.37 18.13
C GLN A 276 -19.12 6.78 16.67
N ALA A 277 -17.91 6.96 16.15
CA ALA A 277 -17.77 7.26 14.73
C ALA A 277 -18.30 6.11 13.89
N VAL A 278 -18.06 4.87 14.31
CA VAL A 278 -18.60 3.72 13.60
C VAL A 278 -20.12 3.74 13.61
N ALA A 279 -20.71 4.11 14.75
CA ALA A 279 -22.17 4.23 14.81
C ALA A 279 -22.69 5.28 13.83
N TYR A 280 -22.02 6.43 13.78
CA TYR A 280 -22.42 7.45 12.83
C TYR A 280 -22.27 6.96 11.40
N ARG A 281 -21.23 6.15 11.14
CA ARG A 281 -21.08 5.55 9.82
C ARG A 281 -22.27 4.65 9.48
N GLN A 282 -22.70 3.84 10.44
CA GLN A 282 -23.89 3.01 10.21
C GLN A 282 -25.07 3.89 9.81
N LEU A 283 -25.36 4.92 10.59
CA LEU A 283 -26.49 5.78 10.27
C LEU A 283 -26.33 6.39 8.88
N SER A 284 -25.14 6.93 8.59
CA SER A 284 -24.96 7.63 7.32
C SER A 284 -25.13 6.70 6.13
N LEU A 285 -24.55 5.49 6.20
CA LEU A 285 -24.66 4.58 5.06
C LEU A 285 -26.09 4.08 4.89
N LEU A 286 -26.81 3.82 5.98
CA LEU A 286 -28.18 3.35 5.80
C LEU A 286 -29.13 4.47 5.39
N LEU A 287 -28.74 5.73 5.59
CA LEU A 287 -29.48 6.85 5.02
C LEU A 287 -29.09 7.15 3.58
N ARG A 288 -28.16 6.39 3.00
CA ARG A 288 -27.70 6.59 1.64
C ARG A 288 -27.05 7.97 1.44
N ARG A 289 -26.41 8.49 2.48
CA ARG A 289 -25.62 9.69 2.31
C ARG A 289 -24.29 9.34 1.63
N PRO A 290 -23.70 10.27 0.88
CA PRO A 290 -22.49 9.96 0.11
C PRO A 290 -21.37 9.49 1.01
N PRO A 291 -20.68 8.40 0.65
CA PRO A 291 -19.54 7.94 1.46
C PRO A 291 -18.32 8.82 1.26
N GLY A 292 -17.29 8.52 2.05
CA GLY A 292 -15.99 9.14 1.91
C GLY A 292 -14.88 8.14 2.18
N ARG A 293 -13.72 8.63 2.62
CA ARG A 293 -12.62 7.75 2.98
C ARG A 293 -13.06 6.76 4.05
N GLU A 294 -12.68 5.50 3.87
CA GLU A 294 -13.08 4.41 4.78
C GLU A 294 -14.59 4.41 5.02
N ALA A 295 -15.36 4.84 4.02
CA ALA A 295 -16.82 4.82 4.03
C ALA A 295 -17.42 5.71 5.10
N TYR A 296 -16.62 6.51 5.80
CA TYR A 296 -17.19 7.50 6.70
C TYR A 296 -17.83 8.63 5.89
N PRO A 297 -18.90 9.28 6.37
CA PRO A 297 -19.39 10.50 5.76
C PRO A 297 -18.33 11.60 5.90
N GLY A 298 -18.32 12.61 5.03
CA GLY A 298 -17.37 13.73 5.17
C GLY A 298 -17.53 14.45 6.51
N ASP A 299 -18.74 14.52 7.04
CA ASP A 299 -19.01 15.19 8.30
C ASP A 299 -18.36 14.58 9.56
N VAL A 300 -17.59 13.49 9.52
CA VAL A 300 -17.02 12.95 10.78
C VAL A 300 -16.02 13.88 11.46
N PHE A 301 -15.29 14.72 10.72
CA PHE A 301 -14.49 15.74 11.39
C PHE A 301 -15.40 16.75 12.07
N TYR A 302 -16.43 17.23 11.37
CA TYR A 302 -17.41 18.15 11.94
C TYR A 302 -18.13 17.53 13.16
N LEU A 303 -18.36 16.23 13.16
CA LEU A 303 -19.00 15.54 14.27
C LEU A 303 -18.15 15.58 15.55
N HIS A 304 -16.87 15.19 15.46
CA HIS A 304 -16.00 15.21 16.63
C HIS A 304 -15.59 16.61 17.01
N SER A 305 -15.43 17.51 16.04
CA SER A 305 -15.16 18.89 16.32
C SER A 305 -16.29 19.55 17.09
N ARG A 306 -17.53 19.38 16.63
CA ARG A 306 -18.71 19.94 17.29
C ARG A 306 -18.88 19.40 18.70
N LEU A 307 -18.51 18.14 18.96
CA LEU A 307 -18.46 17.58 20.31
C LEU A 307 -17.36 18.21 21.15
N LEU A 308 -16.12 18.09 20.69
CA LEU A 308 -14.96 18.36 21.51
C LEU A 308 -14.75 19.83 21.78
N GLU A 309 -15.02 20.76 20.86
CA GLU A 309 -14.88 22.20 21.16
C GLU A 309 -15.74 22.67 22.34
N ARG A 310 -16.63 21.82 22.89
CA ARG A 310 -17.48 22.23 24.01
C ARG A 310 -16.73 22.28 25.34
N ALA A 311 -15.55 21.68 25.44
CA ALA A 311 -14.75 21.77 26.65
C ALA A 311 -14.10 23.15 26.72
N ALA A 312 -14.25 23.83 27.86
CA ALA A 312 -13.75 25.20 27.97
C ALA A 312 -13.47 25.53 29.43
N LYS A 313 -12.62 26.53 29.62
CA LYS A 313 -12.43 27.20 30.91
C LYS A 313 -12.97 28.62 30.73
N LEU A 314 -14.14 28.88 31.30
CA LEU A 314 -14.81 30.16 31.07
C LEU A 314 -14.15 31.27 31.88
N SER A 315 -14.23 32.48 31.35
CA SER A 315 -13.65 33.64 32.02
C SER A 315 -14.41 33.97 33.30
N GLU A 316 -13.75 34.72 34.17
CA GLU A 316 -14.34 35.08 35.47
C GLU A 316 -15.65 35.84 35.32
N LYS A 317 -15.90 36.45 34.17
CA LYS A 317 -17.20 37.09 33.94
C LYS A 317 -18.29 36.06 33.73
N GLU A 318 -18.05 35.08 32.87
CA GLU A 318 -19.08 34.13 32.45
C GLU A 318 -19.06 32.92 33.38
N GLY A 319 -19.49 33.17 34.61
CA GLY A 319 -19.26 32.20 35.65
C GLY A 319 -17.77 32.01 35.87
N SER A 320 -17.40 30.84 36.39
CA SER A 320 -16.00 30.53 36.56
C SER A 320 -15.68 29.08 36.29
N GLY A 321 -16.62 28.29 35.80
CA GLY A 321 -16.46 26.85 35.72
C GLY A 321 -15.64 26.42 34.53
N SER A 322 -15.57 25.11 34.36
CA SER A 322 -14.81 24.51 33.28
C SER A 322 -15.36 23.11 33.01
N LEU A 323 -15.00 22.57 31.85
CA LEU A 323 -15.37 21.20 31.50
C LEU A 323 -14.16 20.57 30.84
N THR A 324 -13.48 19.67 31.54
CA THR A 324 -12.37 18.93 30.97
C THR A 324 -12.88 17.72 30.22
N ALA A 325 -12.18 17.36 29.14
CA ALA A 325 -12.55 16.22 28.32
C ALA A 325 -11.35 15.31 28.12
N LEU A 326 -11.60 14.01 28.18
CA LEU A 326 -10.56 12.98 27.99
C LEU A 326 -11.05 11.96 26.97
N PRO A 327 -11.16 12.35 25.70
CA PRO A 327 -11.57 11.38 24.69
C PRO A 327 -10.59 10.23 24.57
N VAL A 328 -11.12 9.03 24.33
CA VAL A 328 -10.33 7.81 24.24
C VAL A 328 -10.43 7.27 22.83
N ILE A 329 -9.31 6.87 22.26
CA ILE A 329 -9.22 6.37 20.89
C ILE A 329 -8.43 5.08 20.85
N GLU A 330 -8.95 4.11 20.11
CA GLU A 330 -8.32 2.81 19.92
C GLU A 330 -7.65 2.78 18.55
N THR A 331 -6.32 2.77 18.54
CA THR A 331 -5.59 2.65 17.30
C THR A 331 -5.53 1.20 16.85
N GLN A 332 -5.35 0.99 15.55
CA GLN A 332 -5.13 -0.33 14.98
C GLN A 332 -3.67 -0.44 14.57
N GLY A 333 -2.94 -1.34 15.23
CA GLY A 333 -1.53 -1.52 14.94
C GLY A 333 -0.71 -0.24 15.09
N GLY A 334 -1.13 0.64 16.00
CA GLY A 334 -0.41 1.87 16.22
C GLY A 334 -0.57 2.93 15.14
N ASP A 335 -1.51 2.74 14.22
CA ASP A 335 -1.68 3.64 13.09
C ASP A 335 -2.40 4.91 13.53
N VAL A 336 -1.63 5.84 14.10
CA VAL A 336 -2.15 7.19 14.30
C VAL A 336 -2.49 7.83 12.97
N SER A 337 -1.95 7.29 11.87
CA SER A 337 -2.23 7.84 10.54
C SER A 337 -3.66 7.60 10.11
N ALA A 338 -4.38 6.69 10.75
CA ALA A 338 -5.75 6.39 10.37
C ALA A 338 -6.61 7.65 10.42
N TYR A 339 -7.80 7.55 9.81
CA TYR A 339 -8.61 8.74 9.55
C TYR A 339 -9.14 9.34 10.85
N ILE A 340 -9.86 8.57 11.64
CA ILE A 340 -10.49 9.06 12.86
C ILE A 340 -9.41 9.47 13.86
N PRO A 341 -8.37 8.65 14.07
CA PRO A 341 -7.25 9.11 14.91
C PRO A 341 -6.65 10.42 14.42
N THR A 342 -6.50 10.58 13.11
CA THR A 342 -5.98 11.84 12.59
C THR A 342 -6.87 13.00 12.98
N ASN A 343 -8.18 12.87 12.78
CA ASN A 343 -9.09 13.97 13.11
C ASN A 343 -9.03 14.32 14.58
N VAL A 344 -9.08 13.31 15.45
CA VAL A 344 -9.13 13.59 16.88
C VAL A 344 -7.80 14.15 17.36
N ILE A 345 -6.68 13.65 16.83
CA ILE A 345 -5.37 14.19 17.18
C ILE A 345 -5.29 15.65 16.78
N SER A 346 -5.85 15.99 15.62
CA SER A 346 -5.86 17.40 15.20
C SER A 346 -6.70 18.24 16.14
N ILE A 347 -7.89 17.77 16.50
CA ILE A 347 -8.82 18.61 17.25
C ILE A 347 -8.34 18.85 18.68
N THR A 348 -7.74 17.84 19.30
CA THR A 348 -7.44 17.91 20.73
C THR A 348 -6.19 18.75 20.99
N ASP A 349 -6.02 19.14 22.25
CA ASP A 349 -4.90 19.98 22.67
C ASP A 349 -3.63 19.20 22.92
N GLY A 350 -3.69 17.87 22.93
CA GLY A 350 -2.51 17.08 23.29
C GLY A 350 -2.80 15.60 23.13
N GLN A 351 -1.98 14.79 23.79
CA GLN A 351 -2.02 13.36 23.54
C GLN A 351 -1.34 12.61 24.68
N ILE A 352 -2.10 11.77 25.39
CA ILE A 352 -1.54 10.74 26.25
C ILE A 352 -1.47 9.46 25.43
N PHE A 353 -0.27 8.99 25.16
CA PHE A 353 -0.06 7.86 24.25
C PHE A 353 0.37 6.64 25.04
N LEU A 354 -0.23 5.49 24.71
CA LEU A 354 0.05 4.23 25.37
C LEU A 354 0.51 3.21 24.34
N GLU A 355 1.63 2.55 24.60
CA GLU A 355 2.20 1.52 23.73
C GLU A 355 2.13 0.17 24.43
N ALA A 356 1.64 -0.85 23.70
CA ALA A 356 1.50 -2.17 24.28
C ALA A 356 2.85 -2.81 24.59
N GLU A 357 3.86 -2.54 23.75
CA GLU A 357 5.18 -3.12 24.01
C GLU A 357 5.67 -2.77 25.40
N LEU A 358 5.41 -1.54 25.83
CA LEU A 358 5.75 -1.15 27.19
C LEU A 358 4.89 -1.90 28.19
N PHE A 359 3.62 -2.13 27.85
CA PHE A 359 2.72 -2.83 28.77
C PHE A 359 3.23 -4.23 29.06
N TYR A 360 3.79 -4.91 28.04
CA TYR A 360 4.39 -6.22 28.28
C TYR A 360 5.62 -6.13 29.16
N LYS A 361 6.42 -5.07 29.04
CA LYS A 361 7.65 -4.96 29.82
C LYS A 361 7.39 -4.74 31.30
N GLY A 362 6.13 -4.74 31.74
CA GLY A 362 5.82 -4.40 33.11
C GLY A 362 5.80 -2.92 33.39
N ILE A 363 5.95 -2.08 32.38
CA ILE A 363 5.84 -0.64 32.55
C ILE A 363 4.37 -0.27 32.46
N ARG A 364 3.69 -0.29 33.60
CA ARG A 364 2.27 0.03 33.69
C ARG A 364 2.10 1.25 34.58
N PRO A 365 1.27 2.24 34.21
CA PRO A 365 0.30 2.30 33.12
C PRO A 365 0.83 2.75 31.75
N ALA A 366 2.05 2.34 31.41
CA ALA A 366 2.49 2.22 30.02
C ALA A 366 2.44 3.55 29.24
N ILE A 367 2.62 4.69 29.90
CA ILE A 367 2.66 5.95 29.14
C ILE A 367 3.91 5.97 28.28
N ASN A 368 3.74 6.17 26.98
CA ASN A 368 4.85 6.38 26.07
C ASN A 368 5.28 7.84 26.19
N VAL A 369 6.32 8.09 27.00
CA VAL A 369 6.68 9.46 27.34
C VAL A 369 7.10 10.23 26.11
N GLY A 370 7.74 9.57 25.15
CA GLY A 370 8.23 10.29 23.98
C GLY A 370 7.11 10.89 23.15
N LEU A 371 6.10 10.08 22.82
CA LEU A 371 5.04 10.53 21.93
C LEU A 371 3.95 11.31 22.66
N SER A 372 3.92 11.27 23.99
CA SER A 372 2.92 12.01 24.75
C SER A 372 3.33 13.47 24.87
N VAL A 373 2.37 14.37 24.67
CA VAL A 373 2.60 15.80 24.74
C VAL A 373 1.37 16.48 25.34
N SER A 374 1.61 17.60 26.01
CA SER A 374 0.54 18.43 26.54
C SER A 374 0.89 19.89 26.25
N ARG A 375 0.26 20.46 25.24
CA ARG A 375 0.56 21.83 24.84
C ARG A 375 0.14 22.82 25.92
N VAL A 376 -1.06 22.67 26.46
CA VAL A 376 -1.63 23.66 27.37
C VAL A 376 -1.30 23.35 28.82
N GLY A 377 -1.22 22.07 29.17
CA GLY A 377 -1.18 21.68 30.57
C GLY A 377 0.03 22.19 31.34
N SER A 378 1.17 22.36 30.68
CA SER A 378 2.37 22.79 31.38
C SER A 378 2.19 24.14 32.06
N ALA A 379 1.27 24.97 31.58
CA ALA A 379 0.98 26.23 32.24
C ALA A 379 0.15 26.04 33.51
N ALA A 380 -0.51 24.91 33.66
CA ALA A 380 -1.39 24.67 34.80
C ALA A 380 -0.77 23.79 35.87
N GLN A 381 0.30 23.06 35.56
CA GLN A 381 0.87 22.11 36.50
C GLN A 381 1.15 22.77 37.84
N VAL A 382 0.98 22.01 38.92
CA VAL A 382 1.28 22.53 40.24
C VAL A 382 2.77 22.83 40.34
N LYS A 383 3.11 23.88 41.09
CA LYS A 383 4.48 24.37 41.15
C LYS A 383 5.42 23.31 41.70
N ALA A 384 5.04 22.73 42.85
CA ALA A 384 5.91 21.77 43.54
C ALA A 384 6.33 20.65 42.60
N LEU A 385 5.39 20.12 41.82
CA LEU A 385 5.72 19.01 40.94
C LEU A 385 6.55 19.49 39.74
N LYS A 386 6.21 20.66 39.19
CA LYS A 386 6.94 21.21 38.06
C LYS A 386 8.43 21.29 38.34
N GLN A 387 8.78 21.76 39.55
CA GLN A 387 10.17 22.02 39.86
C GLN A 387 11.04 20.80 39.56
N VAL A 388 10.58 19.61 39.97
CA VAL A 388 11.35 18.39 39.71
C VAL A 388 11.03 17.82 38.33
N ALA A 389 9.80 18.04 37.84
CA ALA A 389 9.38 17.42 36.59
C ALA A 389 10.24 17.88 35.43
N GLY A 390 10.75 19.11 35.49
CA GLY A 390 11.65 19.55 34.42
C GLY A 390 12.84 18.63 34.24
N SER A 391 13.57 18.39 35.32
CA SER A 391 14.74 17.51 35.25
C SER A 391 14.33 16.08 34.95
N LEU A 392 13.19 15.63 35.50
CA LEU A 392 12.70 14.30 35.16
C LEU A 392 12.56 14.14 33.65
N LYS A 393 11.93 15.11 33.00
CA LYS A 393 11.74 15.05 31.56
C LYS A 393 13.09 15.01 30.84
N LEU A 394 14.02 15.86 31.27
CA LEU A 394 15.31 15.91 30.58
C LEU A 394 16.03 14.57 30.67
N PHE A 395 16.09 13.99 31.88
CA PHE A 395 16.82 12.74 32.04
C PHE A 395 16.16 11.61 31.26
N LEU A 396 14.83 11.54 31.26
CA LEU A 396 14.19 10.49 30.47
C LEU A 396 14.43 10.70 28.97
N ALA A 397 14.49 11.95 28.53
CA ALA A 397 14.79 12.22 27.13
C ALA A 397 16.17 11.68 26.76
N GLN A 398 17.17 11.91 27.62
CA GLN A 398 18.49 11.33 27.35
C GLN A 398 18.44 9.81 27.36
N TYR A 399 17.74 9.24 28.35
CA TYR A 399 17.69 7.78 28.47
C TYR A 399 17.10 7.13 27.22
N ARG A 400 16.08 7.74 26.63
CA ARG A 400 15.48 7.10 25.46
C ARG A 400 16.50 6.96 24.33
N GLU A 401 17.31 8.00 24.11
CA GLU A 401 18.34 7.92 23.08
C GLU A 401 19.41 6.89 23.43
N VAL A 402 19.79 6.82 24.71
CA VAL A 402 20.89 5.93 25.09
C VAL A 402 20.45 4.48 25.26
N ALA A 403 19.14 4.21 25.31
CA ALA A 403 18.66 2.91 25.74
C ALA A 403 19.28 1.77 24.93
N ALA A 404 19.46 1.96 23.63
CA ALA A 404 19.90 0.86 22.78
C ALA A 404 21.26 0.29 23.21
N PHE A 405 22.05 1.07 23.95
CA PHE A 405 23.37 0.62 24.38
C PHE A 405 23.30 -0.40 25.51
N ALA A 406 22.12 -0.62 26.09
CA ALA A 406 22.05 -1.34 27.37
C ALA A 406 22.69 -2.71 27.30
N GLN A 407 22.57 -3.42 26.18
CA GLN A 407 23.08 -4.78 26.11
C GLN A 407 24.61 -4.82 26.09
N PHE A 408 25.24 -3.79 25.55
CA PHE A 408 26.68 -3.76 25.30
C PHE A 408 27.46 -3.19 26.48
N GLY A 409 26.94 -3.34 27.71
CA GLY A 409 27.40 -2.51 28.82
C GLY A 409 28.90 -2.52 29.05
N SER A 410 29.57 -3.64 28.78
CA SER A 410 30.97 -3.76 29.18
C SER A 410 31.85 -2.69 28.54
N ASP A 411 31.49 -2.22 27.34
CA ASP A 411 32.31 -1.29 26.58
C ASP A 411 31.62 0.04 26.36
N LEU A 412 31.03 0.61 27.41
CA LEU A 412 30.29 1.86 27.33
C LEU A 412 31.04 2.98 28.04
N ASP A 413 31.03 4.17 27.43
CA ASP A 413 31.56 5.35 28.09
C ASP A 413 30.77 5.61 29.36
N ALA A 414 31.48 6.05 30.41
CA ALA A 414 30.86 6.15 31.72
C ALA A 414 29.65 7.06 31.72
N SER A 415 29.63 8.09 30.87
CA SER A 415 28.47 8.98 30.83
C SER A 415 27.21 8.23 30.42
N THR A 416 27.31 7.38 29.39
CA THR A 416 26.14 6.63 28.94
C THR A 416 25.71 5.62 29.99
N LYS A 417 26.67 4.99 30.68
CA LYS A 417 26.31 4.01 31.70
C LYS A 417 25.62 4.68 32.88
N GLN A 418 26.09 5.86 33.28
CA GLN A 418 25.39 6.61 34.32
C GLN A 418 23.99 7.02 33.86
N THR A 419 23.87 7.43 32.60
CA THR A 419 22.55 7.77 32.06
C THR A 419 21.62 6.57 32.15
N LEU A 420 22.12 5.37 31.82
CA LEU A 420 21.30 4.18 31.94
C LEU A 420 20.91 3.93 33.39
N VAL A 421 21.87 4.05 34.31
CA VAL A 421 21.59 3.76 35.71
C VAL A 421 20.50 4.68 36.23
N ARG A 422 20.57 5.98 35.89
CA ARG A 422 19.57 6.92 36.37
C ARG A 422 18.22 6.74 35.65
N GLY A 423 18.25 6.62 34.32
CA GLY A 423 17.01 6.55 33.57
C GLY A 423 16.22 5.29 33.80
N GLU A 424 16.90 4.15 33.97
CA GLU A 424 16.19 2.91 34.26
C GLU A 424 15.45 3.03 35.59
N ARG A 425 16.10 3.61 36.59
CA ARG A 425 15.46 3.77 37.89
C ARG A 425 14.32 4.79 37.83
N LEU A 426 14.47 5.84 37.04
CA LEU A 426 13.35 6.76 36.85
C LEU A 426 12.17 6.05 36.20
N THR A 427 12.43 5.27 35.14
CA THR A 427 11.35 4.55 34.47
C THR A 427 10.67 3.56 35.39
N GLN A 428 11.45 2.85 36.20
CA GLN A 428 10.88 1.91 37.16
C GLN A 428 10.08 2.64 38.23
N LEU A 429 10.57 3.81 38.65
CA LEU A 429 9.89 4.58 39.69
C LEU A 429 8.51 5.04 39.22
N LEU A 430 8.32 5.21 37.92
CA LEU A 430 7.03 5.66 37.40
C LEU A 430 6.01 4.54 37.31
N LYS A 431 6.40 3.29 37.56
CA LYS A 431 5.43 2.21 37.61
C LYS A 431 4.43 2.46 38.72
N GLN A 432 3.19 2.03 38.50
CA GLN A 432 2.12 2.28 39.45
C GLN A 432 1.05 1.21 39.30
N ASN A 433 0.49 0.78 40.42
CA ASN A 433 -0.51 -0.28 40.40
C ASN A 433 -1.92 0.30 40.29
N GLN A 434 -2.84 -0.53 39.77
CA GLN A 434 -4.15 -0.06 39.37
C GLN A 434 -4.97 0.42 40.57
N TYR A 435 -5.85 1.39 40.30
CA TYR A 435 -6.78 1.92 41.30
C TYR A 435 -6.06 2.38 42.57
N SER A 436 -4.86 2.93 42.43
CA SER A 436 -4.08 3.41 43.58
C SER A 436 -3.47 4.77 43.26
N PRO A 437 -4.30 5.78 43.02
CA PRO A 437 -3.76 7.12 42.77
C PRO A 437 -3.05 7.68 43.98
N LEU A 438 -1.97 8.42 43.72
CA LEU A 438 -1.16 9.04 44.76
C LEU A 438 -1.46 10.53 44.84
N ALA A 439 -1.60 11.05 46.05
CA ALA A 439 -1.75 12.49 46.24
C ALA A 439 -0.46 13.22 45.84
N THR A 440 -0.60 14.51 45.57
CA THR A 440 0.54 15.29 45.09
C THR A 440 1.68 15.31 46.11
N GLU A 441 1.36 15.49 47.39
CA GLU A 441 2.41 15.54 48.41
C GLU A 441 3.05 14.17 48.63
N GLU A 442 2.47 13.11 48.09
CA GLU A 442 3.14 11.82 48.02
C GLU A 442 3.87 11.60 46.71
N GLN A 443 3.48 12.32 45.65
CA GLN A 443 4.20 12.22 44.38
C GLN A 443 5.53 12.95 44.44
N VAL A 444 5.50 14.22 44.85
CA VAL A 444 6.70 15.07 44.70
C VAL A 444 7.90 14.48 45.44
N PRO A 445 7.78 13.89 46.63
CA PRO A 445 8.99 13.36 47.27
C PRO A 445 9.61 12.22 46.49
N LEU A 446 8.79 11.36 45.89
CA LEU A 446 9.32 10.23 45.14
C LEU A 446 10.08 10.70 43.91
N ILE A 447 9.48 11.62 43.14
CA ILE A 447 10.15 12.17 41.98
C ILE A 447 11.42 12.90 42.40
N TYR A 448 11.37 13.59 43.54
CA TYR A 448 12.57 14.25 44.06
C TYR A 448 13.68 13.25 44.32
N ALA A 449 13.36 12.15 44.99
CA ALA A 449 14.37 11.15 45.29
C ALA A 449 14.93 10.53 44.02
N GLY A 450 14.06 10.24 43.05
CA GLY A 450 14.53 9.64 41.81
C GLY A 450 15.41 10.59 41.01
N VAL A 451 15.00 11.85 40.91
CA VAL A 451 15.68 12.81 40.04
C VAL A 451 17.06 13.16 40.58
N ASN A 452 17.16 13.41 41.89
CA ASN A 452 18.42 13.83 42.48
C ASN A 452 19.43 12.69 42.59
N GLY A 453 19.04 11.46 42.29
CA GLY A 453 19.98 10.37 42.14
C GLY A 453 20.24 9.55 43.38
N HIS A 454 19.47 9.72 44.45
CA HIS A 454 19.66 8.90 45.63
C HIS A 454 19.38 7.42 45.36
N LEU A 455 18.62 7.11 44.31
CA LEU A 455 18.33 5.72 43.98
C LEU A 455 19.51 5.01 43.31
N ASP A 456 20.55 5.75 42.91
CA ASP A 456 21.63 5.13 42.15
C ASP A 456 22.27 3.97 42.90
N GLY A 457 22.25 3.98 44.23
CA GLY A 457 22.79 2.90 45.02
C GLY A 457 21.81 1.79 45.33
N ILE A 458 20.57 1.90 44.86
CA ILE A 458 19.51 0.93 45.15
C ILE A 458 19.40 -0.05 44.01
N GLU A 459 19.39 -1.34 44.32
CA GLU A 459 19.17 -2.35 43.30
C GLU A 459 17.79 -2.15 42.69
N LEU A 460 17.69 -2.42 41.39
CA LEU A 460 16.46 -2.11 40.66
C LEU A 460 15.27 -2.86 41.23
N SER A 461 15.44 -4.15 41.55
CA SER A 461 14.32 -4.94 42.03
C SER A 461 13.73 -4.42 43.33
N ARG A 462 14.49 -3.62 44.07
CA ARG A 462 14.00 -3.07 45.33
C ARG A 462 13.20 -1.79 45.14
N ILE A 463 13.24 -1.19 43.94
CA ILE A 463 12.56 0.09 43.76
C ILE A 463 11.09 -0.01 44.15
N GLY A 464 10.44 -1.11 43.76
CA GLY A 464 9.03 -1.26 44.08
C GLY A 464 8.78 -1.23 45.57
N GLU A 465 9.66 -1.86 46.35
CA GLU A 465 9.53 -1.80 47.81
C GLU A 465 9.81 -0.41 48.32
N PHE A 466 10.74 0.30 47.67
CA PHE A 466 11.18 1.59 48.17
C PHE A 466 10.00 2.55 48.34
N GLU A 467 9.20 2.72 47.28
CA GLU A 467 8.24 3.80 47.23
C GLU A 467 7.36 3.82 48.48
N SER A 468 6.51 2.80 48.63
CA SER A 468 5.57 2.79 49.74
C SER A 468 6.28 2.87 51.07
N SER A 469 7.49 2.31 51.16
CA SER A 469 8.24 2.44 52.40
C SER A 469 8.59 3.91 52.64
N PHE A 470 9.22 4.55 51.66
CA PHE A 470 9.68 5.92 51.85
C PHE A 470 8.51 6.83 52.22
N LEU A 471 7.40 6.72 51.48
CA LEU A 471 6.23 7.52 51.79
C LEU A 471 5.81 7.32 53.25
N SER A 472 5.76 6.07 53.70
CA SER A 472 5.40 5.84 55.09
C SER A 472 6.38 6.53 56.02
N TYR A 473 7.68 6.42 55.72
CA TYR A 473 8.68 7.10 56.52
C TYR A 473 8.41 8.59 56.55
N LEU A 474 8.01 9.16 55.40
CA LEU A 474 7.66 10.57 55.38
C LEU A 474 6.40 10.84 56.19
N LYS A 475 5.38 9.99 56.06
CA LYS A 475 4.10 10.29 56.70
C LYS A 475 4.15 10.07 58.19
N SER A 476 5.00 9.16 58.67
CA SER A 476 5.14 8.95 60.11
C SER A 476 5.98 10.03 60.75
N ASN A 477 7.16 10.30 60.18
CA ASN A 477 8.09 11.24 60.80
C ASN A 477 7.75 12.69 60.50
N HIS A 478 7.41 13.00 59.24
CA HIS A 478 7.44 14.38 58.75
C HIS A 478 6.08 14.78 58.19
N ASN A 479 5.00 14.54 58.95
CA ASN A 479 3.71 15.05 58.52
C ASN A 479 3.72 16.56 58.39
N GLU A 480 4.48 17.25 59.25
CA GLU A 480 4.60 18.71 59.15
C GLU A 480 5.24 19.13 57.83
N LEU A 481 5.89 18.23 57.12
CA LEU A 481 6.49 18.53 55.83
C LEU A 481 5.48 18.30 54.70
N LEU A 482 4.90 17.11 54.64
CA LEU A 482 3.95 16.81 53.58
C LEU A 482 2.73 17.71 53.66
N THR A 483 2.26 18.02 54.87
CA THR A 483 1.11 18.91 54.99
C THR A 483 1.45 20.34 54.58
N GLU A 484 2.68 20.80 54.82
CA GLU A 484 3.07 22.11 54.32
C GLU A 484 3.13 22.11 52.80
N ILE A 485 3.67 21.04 52.21
CA ILE A 485 3.64 20.91 50.75
C ILE A 485 2.21 20.98 50.25
N ARG A 486 1.32 20.23 50.89
CA ARG A 486 -0.09 20.20 50.50
C ARG A 486 -0.70 21.59 50.57
N GLU A 487 -0.45 22.31 51.66
CA GLU A 487 -1.13 23.59 51.90
C GLU A 487 -0.58 24.69 51.02
N LYS A 488 0.75 24.80 50.92
CA LYS A 488 1.35 25.91 50.20
C LYS A 488 1.46 25.64 48.71
N GLY A 489 1.72 24.39 48.32
CA GLY A 489 1.81 24.02 46.93
C GLY A 489 3.12 24.34 46.24
N GLU A 490 4.07 24.97 46.94
CA GLU A 490 5.36 25.32 46.34
C GLU A 490 6.47 25.03 47.33
N LEU A 491 7.56 24.45 46.83
CA LEU A 491 8.72 24.13 47.65
C LEU A 491 9.61 25.36 47.79
N SER A 492 9.69 25.89 49.02
CA SER A 492 10.68 26.90 49.33
C SER A 492 12.06 26.26 49.48
N LYS A 493 13.08 27.12 49.62
CA LYS A 493 14.43 26.61 49.84
C LYS A 493 14.51 25.78 51.12
N GLU A 494 13.81 26.20 52.17
CA GLU A 494 13.77 25.41 53.39
C GLU A 494 13.20 24.03 53.12
N LEU A 495 12.12 23.95 52.34
CA LEU A 495 11.52 22.65 52.04
C LEU A 495 12.43 21.80 51.18
N LEU A 496 13.14 22.40 50.22
CA LEU A 496 14.08 21.62 49.41
C LEU A 496 15.20 21.06 50.27
N ALA A 497 15.73 21.87 51.19
CA ALA A 497 16.74 21.36 52.12
C ALA A 497 16.18 20.27 53.01
N SER A 498 14.93 20.42 53.45
CA SER A 498 14.31 19.42 54.30
C SER A 498 14.13 18.10 53.54
N LEU A 499 13.71 18.16 52.28
CA LEU A 499 13.61 16.94 51.49
C LEU A 499 14.96 16.31 51.27
N LYS A 500 15.99 17.11 51.02
CA LYS A 500 17.34 16.55 50.92
C LYS A 500 17.69 15.81 52.20
N SER A 501 17.40 16.42 53.35
CA SER A 501 17.73 15.80 54.63
C SER A 501 16.98 14.50 54.81
N ALA A 502 15.67 14.50 54.56
CA ALA A 502 14.86 13.31 54.79
C ALA A 502 15.25 12.19 53.83
N THR A 503 15.47 12.52 52.56
CA THR A 503 15.83 11.49 51.59
C THR A 503 17.20 10.89 51.90
N GLU A 504 18.16 11.73 52.27
CA GLU A 504 19.47 11.22 52.68
C GLU A 504 19.34 10.35 53.92
N SER A 505 18.55 10.79 54.90
CA SER A 505 18.37 10.02 56.12
C SER A 505 17.79 8.64 55.83
N PHE A 506 16.78 8.57 54.97
CA PHE A 506 16.14 7.29 54.70
C PHE A 506 17.02 6.39 53.84
N VAL A 507 17.65 6.95 52.80
CA VAL A 507 18.41 6.11 51.87
C VAL A 507 19.63 5.50 52.53
N ALA A 508 20.11 6.08 53.63
CA ALA A 508 21.15 5.44 54.41
C ALA A 508 20.68 4.11 55.01
N THR A 509 19.37 3.89 55.05
CA THR A 509 18.81 2.64 55.56
C THR A 509 17.59 2.23 54.74
N LEU B 27 -37.01 25.40 -31.01
CA LEU B 27 -35.76 25.06 -30.32
C LEU B 27 -34.82 24.27 -31.21
N ASN B 28 -34.95 24.44 -32.53
CA ASN B 28 -34.09 23.71 -33.45
C ASN B 28 -32.67 24.27 -33.43
N GLU B 29 -32.53 25.59 -33.45
CA GLU B 29 -31.24 26.25 -33.40
C GLU B 29 -30.95 26.90 -32.06
N THR B 30 -31.82 26.70 -31.07
CA THR B 30 -31.65 27.32 -29.77
C THR B 30 -32.31 26.44 -28.71
N GLY B 31 -31.90 26.63 -27.46
CA GLY B 31 -32.42 25.83 -26.36
C GLY B 31 -32.51 26.66 -25.10
N ARG B 32 -32.95 26.00 -24.02
CA ARG B 32 -32.98 26.60 -22.69
C ARG B 32 -32.44 25.61 -21.67
N VAL B 33 -31.78 26.14 -20.65
CA VAL B 33 -31.04 25.33 -19.68
C VAL B 33 -32.01 24.70 -18.68
N LEU B 34 -31.84 23.41 -18.43
CA LEU B 34 -32.64 22.71 -17.42
C LEU B 34 -31.99 22.73 -16.05
N ALA B 35 -30.68 22.53 -15.97
CA ALA B 35 -29.98 22.47 -14.69
C ALA B 35 -28.51 22.79 -14.92
N VAL B 36 -27.86 23.29 -13.88
CA VAL B 36 -26.45 23.64 -13.93
C VAL B 36 -25.79 23.24 -12.62
N GLY B 37 -24.60 22.69 -12.69
CA GLY B 37 -23.88 22.32 -11.48
C GLY B 37 -22.52 21.69 -11.75
N ASP B 38 -21.53 22.08 -10.94
CA ASP B 38 -20.19 21.51 -11.03
C ASP B 38 -19.64 21.59 -12.45
N GLY B 39 -19.90 22.73 -13.11
CA GLY B 39 -19.40 22.97 -14.44
C GLY B 39 -20.13 22.27 -15.56
N ILE B 40 -21.13 21.44 -15.26
CA ILE B 40 -21.90 20.74 -16.27
C ILE B 40 -23.30 21.33 -16.34
N ALA B 41 -23.78 21.57 -17.57
CA ALA B 41 -25.07 22.19 -17.81
C ALA B 41 -25.91 21.28 -18.69
N ARG B 42 -27.20 21.19 -18.41
CA ARG B 42 -28.13 20.39 -19.17
C ARG B 42 -29.09 21.31 -19.92
N VAL B 43 -29.18 21.11 -21.24
CA VAL B 43 -29.94 22.02 -22.11
C VAL B 43 -31.06 21.26 -22.77
N PHE B 44 -32.27 21.83 -22.72
CA PHE B 44 -33.41 21.31 -23.47
C PHE B 44 -33.45 21.96 -24.84
N GLY B 45 -33.76 21.16 -25.85
CA GLY B 45 -33.77 21.63 -27.22
C GLY B 45 -32.46 21.40 -27.96
N LEU B 46 -32.04 22.38 -28.76
CA LEU B 46 -30.83 22.25 -29.57
C LEU B 46 -30.88 21.00 -30.44
N ASN B 47 -32.00 20.84 -31.14
CA ASN B 47 -32.22 19.60 -31.90
C ASN B 47 -31.15 19.39 -32.96
N ASN B 48 -30.68 20.45 -33.61
CA ASN B 48 -29.80 20.34 -34.75
C ASN B 48 -28.33 20.56 -34.41
N ILE B 49 -27.98 20.58 -33.12
CA ILE B 49 -26.59 20.81 -32.75
C ILE B 49 -25.74 19.59 -33.10
N GLN B 50 -24.52 19.86 -33.56
CA GLN B 50 -23.55 18.80 -33.80
C GLN B 50 -22.84 18.43 -32.50
N ALA B 51 -22.34 17.20 -32.43
CA ALA B 51 -21.51 16.81 -31.31
C ALA B 51 -20.21 17.60 -31.33
N GLU B 52 -19.72 17.95 -30.14
CA GLU B 52 -18.52 18.78 -29.97
C GLU B 52 -18.70 20.19 -30.51
N GLU B 53 -19.92 20.59 -30.85
CA GLU B 53 -20.15 21.94 -31.34
C GLU B 53 -20.04 22.97 -30.20
N LEU B 54 -19.75 24.20 -30.58
CA LEU B 54 -19.65 25.30 -29.62
C LEU B 54 -21.00 25.99 -29.47
N VAL B 55 -21.34 26.35 -28.23
CA VAL B 55 -22.60 27.01 -27.93
C VAL B 55 -22.30 28.27 -27.12
N GLU B 56 -23.16 29.28 -27.28
CA GLU B 56 -23.02 30.56 -26.61
C GLU B 56 -24.19 30.73 -25.65
N PHE B 57 -23.90 30.93 -24.38
CA PHE B 57 -24.95 31.20 -23.41
C PHE B 57 -25.34 32.68 -23.46
N SER B 58 -26.48 32.99 -22.84
CA SER B 58 -27.02 34.33 -22.90
C SER B 58 -26.13 35.36 -22.20
N SER B 59 -25.28 34.92 -21.28
CA SER B 59 -24.34 35.81 -20.63
C SER B 59 -23.04 35.99 -21.40
N GLY B 60 -22.92 35.37 -22.58
CA GLY B 60 -21.73 35.45 -23.39
C GLY B 60 -20.71 34.38 -23.12
N VAL B 61 -20.79 33.67 -22.00
CA VAL B 61 -19.89 32.55 -21.78
C VAL B 61 -20.24 31.44 -22.77
N LYS B 62 -19.26 30.58 -23.04
CA LYS B 62 -19.37 29.59 -24.10
C LYS B 62 -19.12 28.20 -23.55
N GLY B 63 -19.58 27.21 -24.30
CA GLY B 63 -19.50 25.83 -23.84
C GLY B 63 -19.44 24.85 -24.99
N MET B 64 -19.05 23.62 -24.67
CA MET B 64 -18.91 22.54 -25.64
C MET B 64 -20.01 21.52 -25.43
N ALA B 65 -20.70 21.17 -26.51
CA ALA B 65 -21.76 20.16 -26.48
C ALA B 65 -21.11 18.79 -26.46
N LEU B 66 -21.01 18.19 -25.27
CA LEU B 66 -20.26 16.95 -25.08
C LEU B 66 -21.16 15.73 -25.20
N ASN B 67 -22.27 15.70 -24.45
CA ASN B 67 -23.20 14.59 -24.47
C ASN B 67 -24.47 14.99 -25.22
N LEU B 68 -24.83 14.22 -26.24
CA LEU B 68 -26.11 14.36 -26.94
C LEU B 68 -27.00 13.20 -26.53
N GLU B 69 -27.68 13.34 -25.40
CA GLU B 69 -28.69 12.36 -25.00
C GLU B 69 -30.01 12.69 -25.66
N PRO B 70 -30.94 11.74 -25.70
CA PRO B 70 -32.25 12.03 -26.29
C PRO B 70 -33.02 13.03 -25.43
N GLY B 71 -33.47 14.11 -26.07
CA GLY B 71 -34.26 15.11 -25.39
C GLY B 71 -33.48 16.15 -24.62
N GLN B 72 -32.18 15.94 -24.42
CA GLN B 72 -31.36 16.94 -23.74
C GLN B 72 -29.92 16.82 -24.21
N VAL B 73 -29.17 17.91 -24.03
CA VAL B 73 -27.77 18.00 -24.40
C VAL B 73 -26.95 18.34 -23.17
N GLY B 74 -25.78 17.71 -23.05
CA GLY B 74 -24.87 17.99 -21.96
C GLY B 74 -23.75 18.94 -22.35
N ILE B 75 -23.84 20.19 -21.94
CA ILE B 75 -22.80 21.17 -22.19
C ILE B 75 -21.78 21.12 -21.06
N VAL B 76 -20.51 21.34 -21.40
CA VAL B 76 -19.47 21.62 -20.40
C VAL B 76 -18.98 23.03 -20.63
N LEU B 77 -18.74 23.76 -19.55
CA LEU B 77 -18.66 25.21 -19.57
C LEU B 77 -17.21 25.67 -19.64
N PHE B 78 -16.89 26.51 -20.62
CA PHE B 78 -15.58 27.17 -20.69
C PHE B 78 -15.59 28.45 -19.86
N GLY B 79 -15.88 28.28 -18.57
CA GLY B 79 -15.89 29.42 -17.66
C GLY B 79 -16.51 29.03 -16.34
N SER B 80 -16.42 29.96 -15.40
CA SER B 80 -17.02 29.74 -14.09
C SER B 80 -18.53 29.57 -14.23
N ASP B 81 -19.06 28.51 -13.62
CA ASP B 81 -20.47 28.18 -13.77
C ASP B 81 -21.41 29.21 -13.15
N ARG B 82 -20.89 30.12 -12.31
CA ARG B 82 -21.71 31.23 -11.85
C ARG B 82 -22.34 32.00 -13.00
N LEU B 83 -21.70 31.97 -14.16
CA LEU B 83 -22.11 32.78 -15.29
C LEU B 83 -23.37 32.27 -15.98
N VAL B 84 -23.83 31.07 -15.64
CA VAL B 84 -25.00 30.47 -16.26
C VAL B 84 -26.00 30.10 -15.17
N LYS B 85 -27.26 30.39 -15.41
CA LYS B 85 -28.33 30.13 -14.45
C LYS B 85 -29.54 29.52 -15.15
N GLU B 86 -30.33 28.78 -14.39
CA GLU B 86 -31.42 28.00 -14.95
C GLU B 86 -32.41 28.88 -15.70
N GLY B 87 -32.92 28.36 -16.82
CA GLY B 87 -33.90 29.04 -17.62
C GLY B 87 -33.34 29.96 -18.69
N GLU B 88 -32.04 30.18 -18.71
CA GLU B 88 -31.45 31.05 -19.73
C GLU B 88 -31.42 30.35 -21.08
N LEU B 89 -31.48 31.14 -22.14
CA LEU B 89 -31.41 30.61 -23.50
C LEU B 89 -29.98 30.36 -23.93
N VAL B 90 -29.81 29.35 -24.76
CA VAL B 90 -28.52 28.96 -25.32
C VAL B 90 -28.62 29.00 -26.83
N LYS B 91 -27.67 29.67 -27.47
CA LYS B 91 -27.64 29.87 -28.91
C LYS B 91 -26.60 28.96 -29.54
N ARG B 92 -26.98 28.31 -30.64
CA ARG B 92 -26.05 27.48 -31.40
C ARG B 92 -25.07 28.35 -32.18
N THR B 93 -23.79 27.95 -32.16
CA THR B 93 -22.76 28.65 -32.91
C THR B 93 -22.62 28.13 -34.33
N GLY B 94 -22.89 26.85 -34.55
CA GLY B 94 -22.82 26.25 -35.88
C GLY B 94 -21.44 25.75 -36.27
N ASN B 95 -20.45 25.85 -35.39
CA ASN B 95 -19.08 25.47 -35.70
C ASN B 95 -18.56 24.52 -34.63
N ILE B 96 -17.79 23.52 -35.06
CA ILE B 96 -17.07 22.69 -34.10
C ILE B 96 -16.05 23.55 -33.37
N VAL B 97 -15.73 23.14 -32.13
CA VAL B 97 -14.76 23.88 -31.32
C VAL B 97 -13.51 24.11 -32.15
N ASP B 98 -13.13 25.37 -32.31
CA ASP B 98 -12.05 25.74 -33.22
C ASP B 98 -11.22 26.86 -32.61
N VAL B 99 -10.11 27.17 -33.27
CA VAL B 99 -9.18 28.21 -32.81
C VAL B 99 -8.57 28.91 -34.01
N PRO B 100 -8.24 30.21 -33.91
CA PRO B 100 -7.56 30.89 -35.02
C PRO B 100 -6.17 30.33 -35.27
N VAL B 101 -5.70 30.50 -36.51
CA VAL B 101 -4.36 30.10 -36.91
C VAL B 101 -3.84 31.09 -37.96
N GLY B 102 -2.52 31.18 -38.03
CA GLY B 102 -1.85 32.03 -39.00
C GLY B 102 -0.67 32.77 -38.42
N PRO B 103 0.04 33.53 -39.28
CA PRO B 103 1.22 34.26 -38.79
C PRO B 103 0.90 35.30 -37.73
N GLY B 104 -0.31 35.88 -37.77
CA GLY B 104 -0.61 36.98 -36.88
C GLY B 104 -0.55 36.65 -35.41
N LEU B 105 -0.70 35.37 -35.05
CA LEU B 105 -0.59 34.99 -33.65
C LEU B 105 0.84 35.13 -33.14
N LEU B 106 1.82 35.25 -34.03
CA LEU B 106 3.21 35.26 -33.63
C LEU B 106 3.50 36.47 -32.75
N GLY B 107 4.09 36.22 -31.58
CA GLY B 107 4.39 37.29 -30.64
C GLY B 107 3.24 37.72 -29.77
N ARG B 108 2.13 37.00 -29.79
CA ARG B 108 0.97 37.29 -28.96
C ARG B 108 0.88 36.32 -27.80
N VAL B 109 -0.01 36.63 -26.86
CA VAL B 109 -0.42 35.71 -25.82
C VAL B 109 -1.92 35.51 -25.96
N VAL B 110 -2.35 34.25 -25.99
CA VAL B 110 -3.76 33.92 -26.13
C VAL B 110 -4.14 32.84 -25.12
N ASP B 111 -5.38 32.87 -24.69
CA ASP B 111 -5.94 31.77 -23.92
C ASP B 111 -6.50 30.71 -24.86
N ALA B 112 -6.96 29.60 -24.27
CA ALA B 112 -7.64 28.60 -25.08
C ALA B 112 -8.86 29.22 -25.74
N LEU B 113 -9.18 28.71 -26.93
CA LEU B 113 -10.16 29.32 -27.82
C LEU B 113 -9.59 30.58 -28.46
N GLY B 114 -8.36 30.95 -28.11
CA GLY B 114 -7.63 31.95 -28.85
C GLY B 114 -8.08 33.39 -28.69
N ASN B 115 -8.52 33.79 -27.51
CA ASN B 115 -8.76 35.21 -27.30
C ASN B 115 -7.46 35.91 -26.89
N PRO B 116 -7.18 37.10 -27.42
CA PRO B 116 -5.94 37.79 -27.05
C PRO B 116 -6.02 38.37 -25.65
N ILE B 117 -5.20 37.84 -24.74
CA ILE B 117 -5.18 38.29 -23.35
C ILE B 117 -3.96 39.16 -23.04
N ASP B 118 -3.09 39.40 -24.01
CA ASP B 118 -1.92 40.25 -23.79
C ASP B 118 -2.29 41.72 -23.68
N GLY B 119 -3.53 42.09 -24.00
CA GLY B 119 -3.96 43.47 -23.94
C GLY B 119 -3.78 44.25 -25.23
N LYS B 120 -3.16 43.66 -26.24
CA LYS B 120 -3.03 44.31 -27.54
C LYS B 120 -4.27 44.05 -28.39
N GLY B 121 -4.25 44.54 -29.62
CA GLY B 121 -5.40 44.51 -30.49
C GLY B 121 -5.85 43.11 -30.84
N PRO B 122 -6.97 43.00 -31.55
CA PRO B 122 -7.49 41.68 -31.93
C PRO B 122 -6.51 40.91 -32.79
N ILE B 123 -6.59 39.58 -32.69
CA ILE B 123 -5.74 38.72 -33.51
C ILE B 123 -6.09 38.88 -34.98
N ASP B 124 -5.07 38.81 -35.83
CA ASP B 124 -5.25 38.65 -37.26
C ASP B 124 -4.90 37.22 -37.62
N ALA B 125 -5.79 36.54 -38.33
CA ALA B 125 -5.70 35.10 -38.53
C ALA B 125 -5.73 34.76 -40.02
N ALA B 126 -4.90 33.79 -40.40
CA ALA B 126 -4.97 33.22 -41.73
C ALA B 126 -6.13 32.23 -41.88
N GLY B 127 -6.66 31.73 -40.77
CA GLY B 127 -7.81 30.85 -40.85
C GLY B 127 -8.22 30.40 -39.46
N ARG B 128 -9.09 29.40 -39.42
CA ARG B 128 -9.46 28.75 -38.18
C ARG B 128 -9.44 27.24 -38.37
N SER B 129 -9.03 26.53 -37.32
CA SER B 129 -8.90 25.08 -37.38
C SER B 129 -9.53 24.45 -36.16
N ARG B 130 -10.13 23.28 -36.38
CA ARG B 130 -10.77 22.56 -35.28
C ARG B 130 -9.75 22.20 -34.20
N ALA B 131 -10.22 22.17 -32.97
CA ALA B 131 -9.32 21.93 -31.84
C ALA B 131 -8.74 20.53 -31.87
N GLN B 132 -9.47 19.55 -32.42
CA GLN B 132 -9.06 18.16 -32.32
C GLN B 132 -9.01 17.49 -33.69
N VAL B 133 -8.36 18.14 -34.66
CA VAL B 133 -8.13 17.51 -35.95
C VAL B 133 -7.36 16.21 -35.76
N LYS B 134 -7.66 15.21 -36.57
CA LYS B 134 -7.00 13.92 -36.46
C LYS B 134 -5.54 14.04 -36.88
N ALA B 135 -4.69 13.30 -36.18
CA ALA B 135 -3.26 13.25 -36.47
C ALA B 135 -3.01 12.72 -37.88
N PRO B 136 -1.93 13.14 -38.54
CA PRO B 136 -1.64 12.59 -39.87
C PRO B 136 -1.28 11.11 -39.80
N GLY B 137 -1.63 10.39 -40.86
CA GLY B 137 -1.48 8.94 -40.89
C GLY B 137 -0.06 8.48 -41.18
N ILE B 138 0.02 7.29 -41.77
CA ILE B 138 1.32 6.64 -41.97
C ILE B 138 2.06 7.25 -43.16
N LEU B 139 1.42 7.27 -44.31
CA LEU B 139 2.09 7.56 -45.57
C LEU B 139 2.65 8.98 -45.62
N PRO B 140 1.96 9.98 -45.08
CA PRO B 140 2.47 11.36 -45.19
C PRO B 140 3.82 11.60 -44.53
N ARG B 141 4.25 10.73 -43.62
CA ARG B 141 5.39 11.02 -42.76
C ARG B 141 6.72 10.55 -43.34
N ARG B 142 7.78 11.22 -42.92
CA ARG B 142 9.16 10.83 -43.16
C ARG B 142 9.83 10.60 -41.81
N SER B 143 10.84 9.73 -41.81
CA SER B 143 11.68 9.61 -40.62
C SER B 143 12.37 10.94 -40.34
N VAL B 144 12.57 11.25 -39.07
CA VAL B 144 13.03 12.57 -38.64
C VAL B 144 14.56 12.61 -38.79
N HIS B 145 15.03 13.47 -39.69
CA HIS B 145 16.43 13.52 -40.10
C HIS B 145 17.05 14.90 -40.00
N GLU B 146 16.48 15.80 -39.20
CA GLU B 146 17.04 17.14 -39.03
C GLU B 146 17.10 17.49 -37.55
N PRO B 147 18.11 18.24 -37.12
CA PRO B 147 18.28 18.51 -35.70
C PRO B 147 17.46 19.68 -35.19
N VAL B 148 17.04 19.59 -33.93
CA VAL B 148 16.62 20.74 -33.15
C VAL B 148 17.78 21.07 -32.22
N GLN B 149 18.54 22.12 -32.55
CA GLN B 149 19.72 22.47 -31.79
C GLN B 149 19.29 23.18 -30.51
N THR B 150 19.34 22.47 -29.39
CA THR B 150 18.87 23.03 -28.13
C THR B 150 19.86 24.02 -27.54
N GLY B 151 21.14 23.90 -27.88
CA GLY B 151 22.16 24.71 -27.26
C GLY B 151 22.60 24.22 -25.89
N LEU B 152 22.10 23.08 -25.44
CA LEU B 152 22.50 22.48 -24.18
C LEU B 152 23.43 21.31 -24.47
N LYS B 153 24.61 21.32 -23.86
CA LYS B 153 25.64 20.35 -24.21
C LYS B 153 25.16 18.92 -23.97
N ALA B 154 24.59 18.66 -22.80
CA ALA B 154 24.17 17.30 -22.48
C ALA B 154 23.09 16.82 -23.42
N VAL B 155 22.10 17.66 -23.73
CA VAL B 155 21.00 17.24 -24.60
C VAL B 155 21.49 17.06 -26.02
N ASP B 156 22.20 18.06 -26.55
CA ASP B 156 22.66 17.97 -27.93
C ASP B 156 23.62 16.81 -28.13
N ALA B 157 24.36 16.42 -27.10
CA ALA B 157 25.38 15.39 -27.26
C ALA B 157 24.85 14.00 -26.99
N LEU B 158 24.11 13.81 -25.90
CA LEU B 158 23.79 12.48 -25.40
C LEU B 158 22.34 12.06 -25.66
N VAL B 159 21.42 13.00 -25.85
CA VAL B 159 20.01 12.68 -26.06
C VAL B 159 19.44 13.69 -27.05
N PRO B 160 19.90 13.69 -28.30
CA PRO B 160 19.48 14.72 -29.25
C PRO B 160 18.00 14.60 -29.60
N ILE B 161 17.46 15.72 -30.09
CA ILE B 161 16.06 15.84 -30.49
C ILE B 161 16.02 16.15 -31.98
N GLY B 162 15.34 15.31 -32.74
CA GLY B 162 15.14 15.55 -34.16
C GLY B 162 13.84 16.30 -34.43
N ARG B 163 13.87 17.12 -35.48
CA ARG B 163 12.67 17.87 -35.85
C ARG B 163 11.52 16.92 -36.16
N GLY B 164 10.39 17.15 -35.52
CA GLY B 164 9.26 16.24 -35.62
C GLY B 164 9.21 15.18 -34.55
N GLN B 165 10.25 15.07 -33.74
CA GLN B 165 10.25 14.12 -32.63
C GLN B 165 9.33 14.59 -31.52
N ARG B 166 8.89 13.63 -30.70
CA ARG B 166 8.21 13.93 -29.45
C ARG B 166 9.13 13.47 -28.32
N GLU B 167 9.64 14.42 -27.54
CA GLU B 167 10.63 14.14 -26.52
C GLU B 167 10.10 14.61 -25.16
N LEU B 168 9.76 13.65 -24.31
CA LEU B 168 9.30 13.95 -22.98
C LEU B 168 10.39 14.62 -22.17
N ILE B 169 10.01 15.59 -21.33
CA ILE B 169 10.88 16.14 -20.30
C ILE B 169 10.23 15.82 -18.97
N ILE B 170 10.85 14.94 -18.18
CA ILE B 170 10.18 14.37 -17.02
C ILE B 170 11.06 14.56 -15.80
N GLY B 171 10.45 14.93 -14.69
CA GLY B 171 11.20 15.07 -13.46
C GLY B 171 10.32 15.60 -12.34
N ASP B 172 10.92 15.70 -11.16
CA ASP B 172 10.21 16.13 -9.97
C ASP B 172 10.07 17.65 -9.95
N ARG B 173 9.39 18.15 -8.92
CA ARG B 173 9.20 19.58 -8.75
C ARG B 173 10.54 20.30 -8.67
N GLN B 174 10.61 21.46 -9.33
CA GLN B 174 11.77 22.36 -9.27
C GLN B 174 13.06 21.59 -9.58
N THR B 175 13.13 21.12 -10.83
CA THR B 175 14.33 20.44 -11.31
C THR B 175 14.82 20.98 -12.66
N GLY B 176 14.34 22.14 -13.10
CA GLY B 176 14.84 22.74 -14.31
C GLY B 176 14.15 22.32 -15.59
N LYS B 177 12.99 21.68 -15.49
CA LYS B 177 12.27 21.23 -16.68
C LYS B 177 11.93 22.42 -17.58
N THR B 178 11.26 23.42 -17.01
CA THR B 178 10.93 24.61 -17.77
C THR B 178 12.19 25.31 -18.23
N ALA B 179 13.26 25.24 -17.44
CA ALA B 179 14.53 25.82 -17.87
C ALA B 179 15.04 25.15 -19.14
N VAL B 180 14.96 23.82 -19.22
CA VAL B 180 15.42 23.12 -20.41
C VAL B 180 14.59 23.55 -21.62
N ALA B 181 13.26 23.49 -21.47
CA ALA B 181 12.41 23.84 -22.61
C ALA B 181 12.61 25.29 -23.02
N LEU B 182 12.76 26.18 -22.05
CA LEU B 182 12.87 27.60 -22.33
C LEU B 182 14.21 27.94 -22.97
N ASP B 183 15.29 27.29 -22.55
CA ASP B 183 16.56 27.46 -23.22
C ASP B 183 16.48 26.97 -24.66
N THR B 184 15.78 25.85 -24.88
CA THR B 184 15.59 25.40 -26.26
C THR B 184 14.86 26.45 -27.08
N ILE B 185 13.81 27.06 -26.51
CA ILE B 185 13.09 28.10 -27.22
C ILE B 185 13.98 29.30 -27.49
N LEU B 186 14.77 29.72 -26.50
CA LEU B 186 15.60 30.90 -26.63
C LEU B 186 16.70 30.71 -27.66
N ASN B 187 17.18 29.48 -27.83
CA ASN B 187 18.35 29.25 -28.65
C ASN B 187 18.13 29.61 -30.12
N GLN B 188 16.90 29.53 -30.61
CA GLN B 188 16.66 29.60 -32.05
C GLN B 188 16.93 30.98 -32.64
N LYS B 189 17.29 31.96 -31.82
CA LYS B 189 17.44 33.33 -32.33
C LYS B 189 18.51 33.43 -33.40
N ARG B 190 19.52 32.57 -33.38
CA ARG B 190 20.60 32.71 -34.35
C ARG B 190 20.15 32.33 -35.77
N TRP B 191 19.07 31.57 -35.90
CA TRP B 191 18.50 31.25 -37.21
C TRP B 191 17.23 32.01 -37.53
N ASN B 192 16.39 32.28 -36.52
CA ASN B 192 15.09 32.88 -36.80
C ASN B 192 15.20 34.29 -37.36
N ASN B 193 16.36 34.93 -37.25
CA ASN B 193 16.55 36.25 -37.83
C ASN B 193 16.82 36.22 -39.33
N GLY B 194 17.12 35.06 -39.90
CA GLY B 194 17.45 34.95 -41.30
C GLY B 194 16.22 34.88 -42.18
N SER B 195 16.47 34.70 -43.48
CA SER B 195 15.41 34.51 -44.47
C SER B 195 15.17 33.04 -44.80
N ASP B 196 15.98 32.13 -44.27
CA ASP B 196 15.91 30.71 -44.61
C ASP B 196 14.80 30.03 -43.81
N GLU B 197 13.60 30.02 -44.40
CA GLU B 197 12.47 29.34 -43.78
C GLU B 197 12.72 27.86 -43.57
N SER B 198 13.66 27.26 -44.32
CA SER B 198 13.96 25.84 -44.15
C SER B 198 14.74 25.57 -42.87
N LYS B 199 15.38 26.58 -42.29
CA LYS B 199 16.15 26.41 -41.07
C LYS B 199 15.49 27.02 -39.85
N LYS B 200 14.57 27.96 -40.02
CA LYS B 200 13.88 28.59 -38.90
C LYS B 200 13.16 27.57 -38.04
N LEU B 201 12.76 27.96 -36.84
CA LEU B 201 11.95 27.11 -35.98
C LEU B 201 11.07 28.02 -35.13
N TYR B 202 9.79 28.11 -35.48
CA TYR B 202 8.85 28.88 -34.67
C TYR B 202 8.46 28.04 -33.45
N CYS B 203 7.98 28.71 -32.40
CA CYS B 203 7.78 28.04 -31.12
C CYS B 203 6.43 28.42 -30.50
N VAL B 204 5.75 27.43 -29.94
CA VAL B 204 4.54 27.62 -29.14
C VAL B 204 4.80 27.02 -27.76
N TYR B 205 4.41 27.74 -26.72
CA TYR B 205 4.57 27.28 -25.35
C TYR B 205 3.21 27.31 -24.67
N VAL B 206 2.82 26.19 -24.06
CA VAL B 206 1.46 26.00 -23.58
C VAL B 206 1.52 25.87 -22.06
N ALA B 207 1.07 26.91 -21.36
CA ALA B 207 1.04 26.93 -19.91
C ALA B 207 -0.30 26.38 -19.44
N VAL B 208 -0.27 25.24 -18.75
CA VAL B 208 -1.47 24.61 -18.18
C VAL B 208 -1.26 24.49 -16.68
N GLY B 209 -2.19 25.04 -15.91
CA GLY B 209 -2.12 24.94 -14.46
C GLY B 209 -1.03 25.77 -13.83
N GLN B 210 -0.31 26.57 -14.59
CA GLN B 210 0.73 27.42 -14.01
C GLN B 210 0.13 28.67 -13.41
N LYS B 211 0.82 29.21 -12.41
CA LYS B 211 0.43 30.49 -11.84
C LYS B 211 0.48 31.57 -12.91
N ARG B 212 -0.54 32.43 -12.92
CA ARG B 212 -0.59 33.50 -13.90
C ARG B 212 0.66 34.38 -13.83
N SER B 213 1.16 34.62 -12.62
CA SER B 213 2.37 35.41 -12.45
C SER B 213 3.56 34.73 -13.10
N THR B 214 3.64 33.39 -12.99
CA THR B 214 4.75 32.67 -13.62
C THR B 214 4.73 32.86 -15.13
N VAL B 215 3.54 32.77 -15.75
CA VAL B 215 3.46 32.98 -17.19
C VAL B 215 3.83 34.40 -17.55
N ALA B 216 3.41 35.37 -16.73
CA ALA B 216 3.77 36.76 -17.01
C ALA B 216 5.28 36.96 -16.94
N GLN B 217 5.93 36.37 -15.94
CA GLN B 217 7.38 36.52 -15.81
C GLN B 217 8.11 35.79 -16.94
N LEU B 218 7.58 34.64 -17.37
CA LEU B 218 8.20 33.95 -18.49
C LEU B 218 8.08 34.78 -19.77
N VAL B 219 6.93 35.42 -19.97
CA VAL B 219 6.77 36.31 -21.12
C VAL B 219 7.76 37.46 -21.04
N GLN B 220 7.95 38.02 -19.84
CA GLN B 220 8.93 39.09 -19.67
C GLN B 220 10.33 38.60 -20.02
N THR B 221 10.68 37.40 -19.58
CA THR B 221 11.99 36.83 -19.92
C THR B 221 12.14 36.71 -21.43
N LEU B 222 11.10 36.21 -22.11
CA LEU B 222 11.17 36.09 -23.56
C LEU B 222 11.31 37.45 -24.23
N GLU B 223 10.65 38.48 -23.69
CA GLU B 223 10.75 39.81 -24.29
C GLU B 223 12.13 40.43 -24.04
N GLN B 224 12.78 40.07 -22.94
CA GLN B 224 14.11 40.63 -22.67
C GLN B 224 15.18 40.02 -23.57
N HIS B 225 15.06 38.73 -23.88
CA HIS B 225 16.00 38.07 -24.78
C HIS B 225 15.59 38.22 -26.24
N ASP B 226 14.61 39.06 -26.56
CA ASP B 226 14.20 39.35 -27.93
C ASP B 226 13.68 38.12 -28.66
N ALA B 227 13.28 37.09 -27.92
CA ALA B 227 12.77 35.86 -28.53
C ALA B 227 11.28 35.89 -28.81
N MET B 228 10.54 36.82 -28.20
CA MET B 228 9.08 36.79 -28.31
C MET B 228 8.62 36.90 -29.76
N LYS B 229 9.38 37.58 -30.62
CA LYS B 229 8.88 37.91 -31.95
C LYS B 229 8.67 36.67 -32.81
N TYR B 230 9.19 35.51 -32.40
CA TYR B 230 9.02 34.28 -33.16
C TYR B 230 8.33 33.17 -32.36
N SER B 231 7.70 33.49 -31.23
CA SER B 231 7.06 32.50 -30.39
C SER B 231 5.63 32.91 -30.06
N ILE B 232 4.80 31.92 -29.77
CA ILE B 232 3.42 32.12 -29.34
C ILE B 232 3.25 31.49 -27.97
N ILE B 233 2.54 32.17 -27.09
CA ILE B 233 2.25 31.66 -25.74
C ILE B 233 0.76 31.38 -25.66
N VAL B 234 0.41 30.14 -25.31
CA VAL B 234 -0.96 29.75 -25.04
C VAL B 234 -1.06 29.46 -23.54
N ALA B 235 -2.02 30.09 -22.87
CA ALA B 235 -2.09 30.05 -21.43
C ALA B 235 -3.47 29.58 -20.98
N ALA B 236 -3.48 28.61 -20.07
CA ALA B 236 -4.68 28.19 -19.34
C ALA B 236 -4.26 28.16 -17.88
N THR B 237 -4.33 29.33 -17.24
CA THR B 237 -3.74 29.50 -15.92
C THR B 237 -4.54 28.74 -14.86
N ALA B 238 -3.99 28.73 -13.64
CA ALA B 238 -4.49 27.84 -12.60
C ALA B 238 -5.93 28.14 -12.22
N SER B 239 -6.40 29.37 -12.39
CA SER B 239 -7.78 29.71 -12.04
C SER B 239 -8.76 29.36 -13.16
N GLU B 240 -8.28 29.09 -14.36
CA GLU B 240 -9.17 28.83 -15.48
C GLU B 240 -10.00 27.58 -15.22
N ALA B 241 -11.26 27.61 -15.66
CA ALA B 241 -12.13 26.45 -15.50
C ALA B 241 -11.49 25.21 -16.10
N ALA B 242 -11.78 24.06 -15.51
CA ALA B 242 -11.13 22.82 -15.91
C ALA B 242 -11.23 22.54 -17.41
N PRO B 243 -12.36 22.76 -18.08
CA PRO B 243 -12.41 22.49 -19.52
C PRO B 243 -11.38 23.29 -20.30
N LEU B 244 -11.05 24.52 -19.91
CA LEU B 244 -10.04 25.28 -20.63
C LEU B 244 -8.66 24.67 -20.44
N GLN B 245 -8.34 24.21 -19.24
CA GLN B 245 -7.06 23.54 -19.03
C GLN B 245 -7.00 22.25 -19.84
N TYR B 246 -8.12 21.54 -19.94
CA TYR B 246 -8.19 20.36 -20.78
C TYR B 246 -8.00 20.70 -22.25
N LEU B 247 -8.57 21.82 -22.69
CA LEU B 247 -8.59 22.19 -24.10
C LEU B 247 -7.31 22.85 -24.58
N ALA B 248 -6.55 23.48 -23.70
CA ALA B 248 -5.43 24.31 -24.15
C ALA B 248 -4.43 23.56 -25.02
N PRO B 249 -3.94 22.38 -24.65
CA PRO B 249 -2.95 21.73 -25.50
C PRO B 249 -3.47 21.41 -26.89
N PHE B 250 -4.76 21.06 -27.02
CA PHE B 250 -5.30 20.72 -28.33
C PHE B 250 -5.33 21.95 -29.24
N THR B 251 -5.79 23.08 -28.70
CA THR B 251 -5.82 24.31 -29.50
C THR B 251 -4.41 24.76 -29.86
N ALA B 252 -3.47 24.61 -28.93
CA ALA B 252 -2.08 24.98 -29.24
C ALA B 252 -1.50 24.07 -30.32
N ALA B 253 -1.84 22.77 -30.26
CA ALA B 253 -1.42 21.87 -31.32
C ALA B 253 -2.01 22.29 -32.66
N SER B 254 -3.28 22.72 -32.65
CA SER B 254 -3.86 23.25 -33.88
C SER B 254 -3.11 24.47 -34.37
N ILE B 255 -2.65 25.32 -33.45
CA ILE B 255 -1.90 26.50 -33.83
C ILE B 255 -0.58 26.12 -34.48
N GLY B 256 0.11 25.11 -33.93
CA GLY B 256 1.35 24.65 -34.53
C GLY B 256 1.16 23.90 -35.84
N GLU B 257 0.01 23.24 -36.00
CA GLU B 257 -0.22 22.46 -37.20
C GLU B 257 -0.27 23.33 -38.44
N TRP B 258 -0.58 24.62 -38.31
CA TRP B 258 -0.56 25.47 -39.49
C TRP B 258 0.87 25.63 -40.02
N PHE B 259 1.83 25.83 -39.12
CA PHE B 259 3.23 25.80 -39.52
C PHE B 259 3.59 24.45 -40.11
N ARG B 260 3.17 23.37 -39.44
CA ARG B 260 3.47 22.04 -39.96
C ARG B 260 2.97 21.88 -41.40
N ASP B 261 1.75 22.32 -41.66
CA ASP B 261 1.06 22.02 -42.91
C ASP B 261 1.37 23.01 -44.02
N ASN B 262 1.97 24.16 -43.73
CA ASN B 262 2.37 25.11 -44.76
C ASN B 262 3.87 25.08 -45.03
N GLY B 263 4.53 23.97 -44.71
CA GLY B 263 5.93 23.82 -45.05
C GLY B 263 6.89 24.54 -44.14
N LYS B 264 6.45 24.97 -42.97
CA LYS B 264 7.32 25.59 -41.99
C LYS B 264 7.49 24.66 -40.79
N HIS B 265 8.44 25.00 -39.93
CA HIS B 265 8.84 24.14 -38.82
C HIS B 265 8.45 24.77 -37.50
N ALA B 266 7.79 24.00 -36.66
CA ALA B 266 7.30 24.47 -35.37
C ALA B 266 7.78 23.55 -34.26
N LEU B 267 7.85 24.14 -33.08
CA LEU B 267 8.14 23.47 -31.83
C LEU B 267 6.96 23.76 -30.91
N ILE B 268 6.55 22.78 -30.12
CA ILE B 268 5.48 22.99 -29.15
C ILE B 268 5.90 22.39 -27.82
N VAL B 269 5.86 23.19 -26.77
CA VAL B 269 6.15 22.76 -25.41
C VAL B 269 4.83 22.72 -24.65
N TYR B 270 4.56 21.59 -23.99
CA TYR B 270 3.42 21.48 -23.08
C TYR B 270 3.94 21.49 -21.65
N ASP B 271 3.58 22.52 -20.88
CA ASP B 271 4.06 22.71 -19.51
C ASP B 271 2.83 22.92 -18.64
N ASP B 272 2.26 21.83 -18.11
CA ASP B 272 2.71 20.47 -18.34
C ASP B 272 1.51 19.55 -18.43
N LEU B 273 1.71 18.36 -19.01
CA LEU B 273 0.61 17.46 -19.30
C LEU B 273 0.03 16.82 -18.05
N SER B 274 0.78 16.78 -16.95
CA SER B 274 0.24 16.23 -15.72
C SER B 274 -0.94 17.05 -15.21
N LYS B 275 -0.81 18.38 -15.26
CA LYS B 275 -1.91 19.24 -14.83
C LYS B 275 -3.08 19.18 -15.81
N GLN B 276 -2.81 18.95 -17.09
CA GLN B 276 -3.90 18.65 -18.01
C GLN B 276 -4.61 17.37 -17.61
N ALA B 277 -3.84 16.35 -17.21
CA ALA B 277 -4.46 15.10 -16.77
C ALA B 277 -5.32 15.31 -15.54
N VAL B 278 -4.85 16.14 -14.60
CA VAL B 278 -5.63 16.42 -13.40
C VAL B 278 -6.91 17.17 -13.75
N ALA B 279 -6.82 18.15 -14.65
CA ALA B 279 -8.02 18.87 -15.07
C ALA B 279 -9.01 17.94 -15.75
N TYR B 280 -8.51 17.03 -16.59
CA TYR B 280 -9.39 16.08 -17.24
C TYR B 280 -10.00 15.13 -16.23
N ARG B 281 -9.25 14.74 -15.20
CA ARG B 281 -9.81 13.93 -14.13
C ARG B 281 -10.97 14.64 -13.46
N GLN B 282 -10.78 15.92 -13.14
CA GLN B 282 -11.87 16.71 -12.59
C GLN B 282 -13.09 16.67 -13.50
N LEU B 283 -12.87 17.00 -14.78
CA LEU B 283 -13.97 17.10 -15.72
C LEU B 283 -14.70 15.76 -15.85
N SER B 284 -13.95 14.67 -15.92
CA SER B 284 -14.56 13.35 -16.09
C SER B 284 -15.33 12.95 -14.84
N LEU B 285 -14.77 13.17 -13.66
CA LEU B 285 -15.47 12.76 -12.44
C LEU B 285 -16.73 13.58 -12.23
N LEU B 286 -16.71 14.87 -12.55
CA LEU B 286 -17.94 15.65 -12.42
C LEU B 286 -19.00 15.22 -13.43
N LEU B 287 -18.60 14.56 -14.51
CA LEU B 287 -19.55 13.86 -15.37
C LEU B 287 -19.95 12.51 -14.79
N ARG B 288 -19.33 12.10 -13.68
CA ARG B 288 -19.62 10.84 -13.01
C ARG B 288 -19.34 9.63 -13.90
N ARG B 289 -18.34 9.74 -14.78
CA ARG B 289 -17.80 8.56 -15.41
C ARG B 289 -16.89 7.82 -14.43
N PRO B 290 -16.92 6.49 -14.39
CA PRO B 290 -16.28 5.77 -13.28
C PRO B 290 -14.79 6.04 -13.21
N PRO B 291 -14.23 6.14 -12.01
CA PRO B 291 -12.77 6.27 -11.89
C PRO B 291 -12.05 4.97 -12.19
N GLY B 292 -10.81 5.10 -12.63
CA GLY B 292 -9.97 3.94 -12.90
C GLY B 292 -8.76 3.85 -11.99
N ARG B 293 -7.65 3.33 -12.52
CA ARG B 293 -6.42 3.27 -11.75
C ARG B 293 -6.01 4.66 -11.30
N GLU B 294 -5.61 4.77 -10.04
CA GLU B 294 -5.20 6.05 -9.46
C GLU B 294 -6.26 7.12 -9.67
N ALA B 295 -7.53 6.69 -9.74
CA ALA B 295 -8.67 7.60 -9.85
C ALA B 295 -8.71 8.35 -11.18
N TYR B 296 -7.79 8.08 -12.09
CA TYR B 296 -7.91 8.62 -13.44
C TYR B 296 -8.91 7.79 -14.24
N PRO B 297 -9.59 8.42 -15.20
CA PRO B 297 -10.49 7.65 -16.07
C PRO B 297 -9.71 6.77 -17.03
N GLY B 298 -10.36 5.72 -17.50
CA GLY B 298 -9.72 4.83 -18.46
C GLY B 298 -9.38 5.52 -19.77
N ASP B 299 -10.00 6.66 -20.06
CA ASP B 299 -9.75 7.39 -21.29
C ASP B 299 -8.44 8.18 -21.28
N VAL B 300 -7.77 8.28 -20.12
CA VAL B 300 -6.68 9.24 -20.00
C VAL B 300 -5.54 8.95 -20.96
N PHE B 301 -5.35 7.69 -21.37
CA PHE B 301 -4.35 7.40 -22.39
C PHE B 301 -4.68 8.11 -23.70
N TYR B 302 -5.94 8.04 -24.11
CA TYR B 302 -6.38 8.60 -25.39
C TYR B 302 -6.20 10.11 -25.43
N LEU B 303 -6.38 10.79 -24.29
CA LEU B 303 -6.13 12.22 -24.22
C LEU B 303 -4.74 12.57 -24.75
N HIS B 304 -3.71 12.09 -24.07
CA HIS B 304 -2.35 12.44 -24.45
C HIS B 304 -1.95 11.80 -25.78
N SER B 305 -2.48 10.61 -26.10
CA SER B 305 -2.12 9.99 -27.36
C SER B 305 -2.58 10.82 -28.54
N ARG B 306 -3.85 11.24 -28.53
CA ARG B 306 -4.34 12.02 -29.65
C ARG B 306 -3.84 13.46 -29.60
N LEU B 307 -3.41 13.93 -28.43
CA LEU B 307 -2.70 15.20 -28.39
C LEU B 307 -1.35 15.09 -29.10
N LEU B 308 -0.55 14.08 -28.74
CA LEU B 308 0.84 14.03 -29.13
C LEU B 308 1.06 13.49 -30.54
N GLU B 309 0.23 12.55 -31.00
CA GLU B 309 0.45 12.00 -32.33
C GLU B 309 0.37 13.06 -33.42
N ARG B 310 -0.15 14.25 -33.12
CA ARG B 310 -0.19 15.32 -34.09
C ARG B 310 1.18 15.90 -34.38
N ALA B 311 2.16 15.69 -33.49
CA ALA B 311 3.54 16.07 -33.78
C ALA B 311 4.13 15.11 -34.79
N ALA B 312 4.71 15.66 -35.86
CA ALA B 312 5.18 14.84 -36.96
C ALA B 312 6.07 15.65 -37.87
N LYS B 313 6.71 14.96 -38.80
CA LYS B 313 7.34 15.57 -39.97
C LYS B 313 6.74 14.95 -41.22
N LEU B 314 6.24 15.80 -42.10
CA LEU B 314 5.58 15.35 -43.31
C LEU B 314 6.59 15.18 -44.45
N SER B 315 6.19 14.41 -45.46
CA SER B 315 7.09 14.02 -46.53
C SER B 315 7.32 15.19 -47.49
N GLU B 316 8.23 14.97 -48.45
CA GLU B 316 8.51 15.98 -49.46
C GLU B 316 7.26 16.33 -50.26
N LYS B 317 6.33 15.38 -50.42
CA LYS B 317 5.10 15.69 -51.12
C LYS B 317 4.26 16.71 -50.36
N GLU B 318 4.26 16.61 -49.03
CA GLU B 318 3.46 17.50 -48.19
C GLU B 318 4.17 18.81 -47.87
N GLY B 319 5.42 18.98 -48.29
CA GLY B 319 6.15 20.21 -48.06
C GLY B 319 7.16 20.18 -46.94
N SER B 320 7.48 19.01 -46.39
CA SER B 320 8.57 18.80 -45.44
C SER B 320 8.35 19.50 -44.10
N GLY B 321 7.15 19.96 -43.79
CA GLY B 321 6.91 20.61 -42.52
C GLY B 321 7.07 19.67 -41.35
N SER B 322 7.07 20.25 -40.15
CA SER B 322 7.21 19.46 -38.93
C SER B 322 6.67 20.25 -37.75
N LEU B 323 6.41 19.52 -36.65
CA LEU B 323 5.97 20.11 -35.39
C LEU B 323 6.57 19.30 -34.25
N THR B 324 7.63 19.83 -33.63
CA THR B 324 8.35 19.12 -32.58
C THR B 324 7.70 19.37 -31.24
N ALA B 325 7.39 18.30 -30.51
CA ALA B 325 6.73 18.40 -29.21
C ALA B 325 7.74 18.17 -28.09
N LEU B 326 7.60 18.94 -27.01
CA LEU B 326 8.39 18.78 -25.78
C LEU B 326 7.44 18.72 -24.59
N PRO B 327 6.78 17.59 -24.36
CA PRO B 327 5.83 17.50 -23.24
C PRO B 327 6.54 17.39 -21.91
N VAL B 328 6.10 18.17 -20.93
CA VAL B 328 6.65 18.16 -19.58
C VAL B 328 5.79 17.30 -18.68
N ILE B 329 6.42 16.54 -17.79
CA ILE B 329 5.75 15.74 -16.77
C ILE B 329 6.45 15.90 -15.43
N GLU B 330 5.65 16.04 -14.37
CA GLU B 330 6.13 16.24 -13.01
C GLU B 330 5.86 14.98 -12.20
N THR B 331 6.93 14.28 -11.83
CA THR B 331 6.81 13.05 -11.06
C THR B 331 6.81 13.34 -9.56
N GLN B 332 6.47 12.32 -8.78
CA GLN B 332 6.65 12.34 -7.34
C GLN B 332 7.81 11.43 -6.97
N GLY B 333 8.82 12.00 -6.30
CA GLY B 333 9.94 11.20 -5.83
C GLY B 333 10.63 10.40 -6.91
N GLY B 334 10.65 10.89 -8.16
CA GLY B 334 11.30 10.17 -9.23
C GLY B 334 10.59 8.90 -9.64
N ASP B 335 9.28 8.80 -9.39
CA ASP B 335 8.51 7.59 -9.67
C ASP B 335 8.11 7.60 -11.15
N VAL B 336 9.08 7.24 -12.00
CA VAL B 336 8.80 7.10 -13.43
C VAL B 336 7.84 5.95 -13.72
N SER B 337 7.58 5.10 -12.73
CA SER B 337 6.64 3.99 -12.89
C SER B 337 5.20 4.39 -12.64
N ALA B 338 4.94 5.63 -12.26
CA ALA B 338 3.57 6.06 -12.01
C ALA B 338 2.73 5.94 -13.28
N TYR B 339 1.41 5.98 -13.09
CA TYR B 339 0.48 5.69 -14.18
C TYR B 339 0.64 6.70 -15.32
N ILE B 340 0.51 7.99 -15.00
CA ILE B 340 0.60 9.01 -16.05
C ILE B 340 1.98 9.07 -16.68
N PRO B 341 3.08 9.08 -15.91
CA PRO B 341 4.40 9.06 -16.55
C PRO B 341 4.58 7.90 -17.52
N THR B 342 4.18 6.69 -17.11
CA THR B 342 4.33 5.55 -18.00
C THR B 342 3.47 5.69 -19.24
N ASN B 343 2.24 6.17 -19.07
CA ASN B 343 1.36 6.33 -20.23
C ASN B 343 1.94 7.33 -21.21
N VAL B 344 2.53 8.42 -20.72
CA VAL B 344 3.14 9.39 -21.62
C VAL B 344 4.37 8.80 -22.28
N ILE B 345 5.21 8.10 -21.51
CA ILE B 345 6.39 7.47 -22.10
C ILE B 345 5.97 6.47 -23.16
N SER B 346 4.81 5.83 -22.99
CA SER B 346 4.33 4.91 -24.01
C SER B 346 3.99 5.62 -25.32
N ILE B 347 3.88 6.94 -25.30
CA ILE B 347 3.54 7.71 -26.49
C ILE B 347 4.77 8.39 -27.08
N THR B 348 5.51 9.14 -26.26
CA THR B 348 6.66 9.87 -26.76
C THR B 348 7.75 8.92 -27.22
N ASP B 349 8.61 9.43 -28.10
CA ASP B 349 9.70 8.63 -28.66
C ASP B 349 10.88 8.50 -27.70
N GLY B 350 11.00 9.38 -26.72
CA GLY B 350 12.04 9.24 -25.72
C GLY B 350 11.77 10.20 -24.57
N GLN B 351 12.66 10.16 -23.58
CA GLN B 351 12.48 11.01 -22.41
C GLN B 351 13.82 11.54 -21.94
N ILE B 352 13.79 12.75 -21.41
CA ILE B 352 14.91 13.39 -20.74
C ILE B 352 14.52 13.45 -19.27
N PHE B 353 15.23 12.69 -18.44
CA PHE B 353 14.89 12.53 -17.04
C PHE B 353 15.79 13.41 -16.19
N LEU B 354 15.19 14.34 -15.46
CA LEU B 354 15.91 15.25 -14.58
C LEU B 354 15.71 14.76 -13.15
N GLU B 355 16.81 14.51 -12.45
CA GLU B 355 16.78 13.90 -11.13
C GLU B 355 17.13 14.94 -10.08
N ALA B 356 16.29 15.03 -9.04
CA ALA B 356 16.54 15.98 -7.97
C ALA B 356 17.85 15.69 -7.24
N GLU B 357 18.16 14.40 -7.07
CA GLU B 357 19.36 14.04 -6.31
C GLU B 357 20.63 14.57 -6.96
N LEU B 358 20.58 14.94 -8.24
CA LEU B 358 21.69 15.60 -8.90
C LEU B 358 21.51 17.11 -9.00
N PHE B 359 20.27 17.59 -9.08
CA PHE B 359 20.04 19.03 -9.10
C PHE B 359 20.49 19.65 -7.79
N TYR B 360 20.11 19.03 -6.67
CA TYR B 360 20.79 19.31 -5.40
C TYR B 360 22.13 18.61 -5.40
N LYS B 361 23.14 19.28 -4.87
CA LYS B 361 24.56 18.99 -5.11
C LYS B 361 25.03 19.51 -6.47
N GLY B 362 24.23 20.36 -7.10
CA GLY B 362 24.75 21.33 -8.05
C GLY B 362 25.04 20.86 -9.46
N ILE B 363 24.60 19.68 -9.88
CA ILE B 363 24.69 19.32 -11.28
C ILE B 363 23.45 19.85 -11.99
N ARG B 364 23.65 20.80 -12.90
CA ARG B 364 22.57 21.42 -13.64
C ARG B 364 22.95 21.43 -15.12
N PRO B 365 22.03 21.04 -16.04
CA PRO B 365 20.60 20.79 -15.86
C PRO B 365 20.24 19.41 -15.29
N ALA B 366 21.19 18.74 -14.65
CA ALA B 366 20.90 17.53 -13.87
C ALA B 366 20.37 16.39 -14.75
N ILE B 367 20.83 16.30 -15.99
CA ILE B 367 20.33 15.25 -16.89
C ILE B 367 20.86 13.91 -16.41
N ASN B 368 19.96 13.06 -15.91
CA ASN B 368 20.29 11.68 -15.59
C ASN B 368 20.40 10.89 -16.88
N VAL B 369 21.63 10.53 -17.26
CA VAL B 369 21.85 9.83 -18.52
C VAL B 369 21.51 8.34 -18.44
N GLY B 370 21.28 7.82 -17.24
CA GLY B 370 20.92 6.41 -17.13
C GLY B 370 19.54 6.12 -17.70
N LEU B 371 18.57 6.99 -17.41
CA LEU B 371 17.20 6.77 -17.84
C LEU B 371 16.87 7.51 -19.14
N SER B 372 17.63 8.53 -19.50
CA SER B 372 17.33 9.31 -20.69
C SER B 372 17.68 8.52 -21.95
N VAL B 373 16.79 8.56 -22.94
CA VAL B 373 17.00 7.88 -24.22
C VAL B 373 16.30 8.66 -25.31
N SER B 374 16.78 8.51 -26.54
CA SER B 374 16.19 9.16 -27.72
C SER B 374 16.13 8.12 -28.83
N ARG B 375 14.93 7.58 -29.08
CA ARG B 375 14.79 6.47 -30.01
C ARG B 375 14.98 6.87 -31.47
N VAL B 376 15.00 8.16 -31.79
CA VAL B 376 15.27 8.60 -33.16
C VAL B 376 16.34 9.68 -33.13
N GLY B 377 17.19 9.67 -32.10
CA GLY B 377 18.10 10.77 -31.89
C GLY B 377 19.31 10.74 -32.82
N SER B 378 19.96 9.59 -32.93
CA SER B 378 21.28 9.53 -33.53
C SER B 378 21.28 9.92 -35.01
N ALA B 379 20.12 9.96 -35.66
CA ALA B 379 20.05 10.43 -37.04
C ALA B 379 19.90 11.94 -37.13
N ALA B 380 19.59 12.61 -36.02
CA ALA B 380 19.35 14.05 -36.05
C ALA B 380 20.63 14.85 -35.93
N GLN B 381 21.62 14.35 -35.19
CA GLN B 381 22.80 15.16 -34.88
C GLN B 381 23.56 15.55 -36.14
N VAL B 382 24.12 16.76 -36.12
CA VAL B 382 25.10 17.14 -37.12
C VAL B 382 26.31 16.25 -36.98
N LYS B 383 26.88 15.84 -38.13
CA LYS B 383 27.87 14.77 -38.10
C LYS B 383 29.08 15.14 -37.26
N ALA B 384 29.44 16.43 -37.18
CA ALA B 384 30.57 16.82 -36.35
C ALA B 384 30.35 16.42 -34.90
N LEU B 385 29.18 16.77 -34.36
CA LEU B 385 28.89 16.48 -32.96
C LEU B 385 28.77 14.99 -32.72
N LYS B 386 28.20 14.26 -33.68
CA LYS B 386 28.14 12.80 -33.57
C LYS B 386 29.54 12.20 -33.57
N GLN B 387 30.43 12.74 -34.40
CA GLN B 387 31.81 12.25 -34.45
C GLN B 387 32.49 12.45 -33.10
N VAL B 388 32.59 13.69 -32.64
CA VAL B 388 33.33 13.96 -31.42
C VAL B 388 32.66 13.29 -30.22
N ALA B 389 31.32 13.26 -30.21
CA ALA B 389 30.57 12.65 -29.12
C ALA B 389 30.47 11.13 -29.23
N GLY B 390 31.30 10.50 -30.06
CA GLY B 390 31.21 9.08 -30.30
C GLY B 390 31.13 8.22 -29.06
N SER B 391 30.02 7.52 -28.90
CA SER B 391 29.83 6.50 -27.85
C SER B 391 29.87 7.10 -26.45
N LEU B 392 29.63 8.41 -26.32
CA LEU B 392 29.59 9.00 -24.99
C LEU B 392 28.49 8.40 -24.15
N LYS B 393 27.36 8.04 -24.77
CA LYS B 393 26.24 7.50 -24.03
C LYS B 393 26.61 6.18 -23.35
N LEU B 394 27.54 5.43 -23.94
CA LEU B 394 28.06 4.22 -23.30
C LEU B 394 29.15 4.57 -22.28
N PHE B 395 30.01 5.53 -22.61
CA PHE B 395 31.09 5.92 -21.70
C PHE B 395 30.54 6.35 -20.35
N LEU B 396 29.49 7.17 -20.37
CA LEU B 396 28.94 7.68 -19.11
C LEU B 396 28.07 6.66 -18.39
N ALA B 397 27.66 5.59 -19.08
CA ALA B 397 27.04 4.47 -18.38
C ALA B 397 28.08 3.55 -17.75
N GLN B 398 29.27 3.47 -18.36
CA GLN B 398 30.39 2.75 -17.74
C GLN B 398 30.93 3.52 -16.54
N TYR B 399 30.95 4.85 -16.64
CA TYR B 399 31.35 5.67 -15.51
C TYR B 399 30.43 5.43 -14.32
N ARG B 400 29.15 5.17 -14.58
CA ARG B 400 28.24 4.82 -13.50
C ARG B 400 28.68 3.54 -12.80
N GLU B 401 29.08 2.53 -13.57
CA GLU B 401 29.54 1.28 -12.97
C GLU B 401 30.79 1.52 -12.14
N VAL B 402 31.69 2.38 -12.62
CA VAL B 402 32.90 2.68 -11.87
C VAL B 402 32.55 3.41 -10.57
N ALA B 403 31.67 4.41 -10.66
CA ALA B 403 31.36 5.24 -9.51
C ALA B 403 30.66 4.45 -8.42
N ALA B 404 29.87 3.44 -8.80
CA ALA B 404 29.16 2.63 -7.81
C ALA B 404 30.10 1.92 -6.86
N PHE B 405 31.38 1.76 -7.24
CA PHE B 405 32.34 1.07 -6.40
C PHE B 405 33.70 1.78 -6.43
N LEU B 412 43.43 2.78 -5.65
CA LEU B 412 42.39 2.18 -6.47
C LEU B 412 42.98 1.59 -7.74
N ASP B 413 42.21 0.73 -8.40
CA ASP B 413 42.66 0.12 -9.66
C ASP B 413 42.91 1.23 -10.68
N ALA B 414 44.13 1.23 -11.24
CA ALA B 414 44.55 2.36 -12.07
C ALA B 414 43.64 2.54 -13.29
N SER B 415 43.10 1.46 -13.84
CA SER B 415 42.17 1.60 -14.96
C SER B 415 40.88 2.28 -14.52
N THR B 416 40.30 1.81 -13.42
CA THR B 416 39.12 2.46 -12.88
C THR B 416 39.43 3.90 -12.48
N LYS B 417 40.66 4.15 -12.01
CA LYS B 417 41.04 5.52 -11.67
C LYS B 417 41.08 6.42 -12.90
N GLN B 418 41.65 5.92 -14.00
CA GLN B 418 41.65 6.67 -15.25
C GLN B 418 40.23 7.01 -15.68
N THR B 419 39.36 6.00 -15.70
CA THR B 419 37.99 6.23 -16.11
C THR B 419 37.26 7.14 -15.13
N LEU B 420 37.62 7.08 -13.85
CA LEU B 420 36.99 7.93 -12.84
C LEU B 420 37.39 9.39 -13.01
N VAL B 421 38.67 9.64 -13.30
CA VAL B 421 39.10 11.01 -13.56
C VAL B 421 38.37 11.55 -14.78
N ARG B 422 38.31 10.75 -15.85
CA ARG B 422 37.60 11.19 -17.04
C ARG B 422 36.13 11.45 -16.75
N GLY B 423 35.48 10.56 -16.02
CA GLY B 423 34.08 10.72 -15.68
C GLY B 423 33.80 11.99 -14.91
N GLU B 424 34.58 12.23 -13.85
CA GLU B 424 34.37 13.44 -13.07
C GLU B 424 34.55 14.70 -13.92
N ARG B 425 35.64 14.75 -14.69
CA ARG B 425 35.89 15.97 -15.46
C ARG B 425 34.90 16.11 -16.61
N LEU B 426 34.40 15.00 -17.15
CA LEU B 426 33.41 15.06 -18.21
C LEU B 426 32.06 15.54 -17.70
N THR B 427 31.63 15.01 -16.55
CA THR B 427 30.39 15.51 -15.95
C THR B 427 30.50 16.98 -15.62
N GLN B 428 31.66 17.41 -15.11
CA GLN B 428 31.88 18.85 -14.96
C GLN B 428 31.76 19.57 -16.30
N LEU B 429 32.29 18.96 -17.36
CA LEU B 429 32.25 19.58 -18.67
C LEU B 429 30.81 19.77 -19.16
N LEU B 430 29.90 18.89 -18.75
CA LEU B 430 28.52 19.00 -19.23
C LEU B 430 27.71 20.08 -18.53
N LYS B 431 28.12 20.54 -17.35
CA LYS B 431 27.38 21.60 -16.66
C LYS B 431 27.21 22.82 -17.56
N GLN B 432 26.10 23.53 -17.40
CA GLN B 432 25.83 24.71 -18.20
C GLN B 432 24.96 25.67 -17.41
N ASN B 433 25.13 26.96 -17.71
CA ASN B 433 24.43 28.04 -17.01
C ASN B 433 23.16 28.44 -17.75
N GLN B 434 22.18 28.91 -16.99
CA GLN B 434 20.87 29.26 -17.54
C GLN B 434 20.99 30.47 -18.47
N TYR B 435 20.20 30.46 -19.54
CA TYR B 435 20.18 31.52 -20.55
C TYR B 435 21.54 31.77 -21.20
N SER B 436 22.37 30.74 -21.34
CA SER B 436 23.63 30.85 -22.08
C SER B 436 23.77 29.66 -23.02
N PRO B 437 22.98 29.62 -24.10
CA PRO B 437 23.00 28.46 -25.01
C PRO B 437 24.19 28.51 -25.96
N LEU B 438 25.06 27.51 -25.86
CA LEU B 438 26.19 27.40 -26.77
C LEU B 438 25.72 27.03 -28.16
N ALA B 439 26.27 27.70 -29.17
CA ALA B 439 26.14 27.23 -30.54
C ALA B 439 26.90 25.91 -30.71
N THR B 440 26.41 25.07 -31.63
CA THR B 440 27.05 23.78 -31.84
C THR B 440 28.50 23.93 -32.30
N GLU B 441 28.78 24.95 -33.11
CA GLU B 441 30.15 25.18 -33.55
C GLU B 441 31.07 25.39 -32.37
N GLU B 442 30.55 25.89 -31.26
CA GLU B 442 31.34 26.06 -30.05
C GLU B 442 31.27 24.84 -29.13
N GLN B 443 30.18 24.07 -29.20
CA GLN B 443 30.09 22.84 -28.42
C GLN B 443 31.09 21.81 -28.91
N VAL B 444 31.31 21.74 -30.23
CA VAL B 444 32.13 20.66 -30.78
C VAL B 444 33.53 20.65 -30.18
N PRO B 445 34.27 21.76 -30.14
CA PRO B 445 35.62 21.71 -29.54
C PRO B 445 35.63 21.24 -28.10
N LEU B 446 34.64 21.63 -27.30
CA LEU B 446 34.63 21.24 -25.89
C LEU B 446 34.52 19.74 -25.74
N ILE B 447 33.55 19.13 -26.43
CA ILE B 447 33.39 17.68 -26.34
C ILE B 447 34.58 16.96 -26.96
N TYR B 448 35.14 17.53 -28.03
CA TYR B 448 36.39 17.02 -28.57
C TYR B 448 37.47 16.93 -27.51
N ALA B 449 37.72 18.04 -26.81
CA ALA B 449 38.76 18.06 -25.78
C ALA B 449 38.44 17.05 -24.69
N GLY B 450 37.19 17.01 -24.24
CA GLY B 450 36.83 16.13 -23.14
C GLY B 450 36.94 14.66 -23.49
N VAL B 451 36.57 14.30 -24.72
CA VAL B 451 36.54 12.89 -25.11
C VAL B 451 37.93 12.41 -25.46
N ASN B 452 38.68 13.19 -26.24
CA ASN B 452 40.00 12.76 -26.69
C ASN B 452 41.10 13.02 -25.66
N GLY B 453 40.76 13.53 -24.48
CA GLY B 453 41.59 13.33 -23.30
C GLY B 453 42.42 14.49 -22.83
N HIS B 454 42.37 15.65 -23.50
CA HIS B 454 43.23 16.75 -23.08
C HIS B 454 42.87 17.28 -21.69
N LEU B 455 41.61 17.16 -21.29
CA LEU B 455 41.19 17.72 -20.01
C LEU B 455 41.80 17.01 -18.81
N ASP B 456 42.56 15.93 -19.02
CA ASP B 456 43.37 15.40 -17.94
C ASP B 456 44.39 16.41 -17.44
N GLY B 457 44.72 17.42 -18.25
CA GLY B 457 45.69 18.42 -17.85
C GLY B 457 45.16 19.55 -16.99
N ILE B 458 43.84 19.64 -16.82
CA ILE B 458 43.21 20.72 -16.07
C ILE B 458 42.47 20.12 -14.88
N GLU B 459 42.75 20.64 -13.69
CA GLU B 459 41.99 20.20 -12.51
C GLU B 459 40.53 20.59 -12.67
N LEU B 460 39.64 19.72 -12.16
CA LEU B 460 38.23 19.81 -12.52
C LEU B 460 37.61 21.14 -12.12
N SER B 461 38.00 21.69 -10.96
CA SER B 461 37.33 22.88 -10.46
C SER B 461 37.44 24.06 -11.39
N ARG B 462 38.40 24.05 -12.30
CA ARG B 462 38.62 25.15 -13.23
C ARG B 462 38.04 24.90 -14.61
N ILE B 463 37.34 23.78 -14.81
CA ILE B 463 36.87 23.45 -16.15
C ILE B 463 36.00 24.58 -16.71
N GLY B 464 35.08 25.10 -15.90
CA GLY B 464 34.26 26.20 -16.39
C GLY B 464 35.13 27.36 -16.83
N GLU B 465 36.09 27.76 -15.99
CA GLU B 465 37.05 28.78 -16.39
C GLU B 465 37.67 28.40 -17.72
N PHE B 466 38.17 27.18 -17.81
CA PHE B 466 38.76 26.71 -19.06
C PHE B 466 37.86 27.08 -20.23
N GLU B 467 36.60 26.68 -20.18
CA GLU B 467 35.71 26.93 -21.30
C GLU B 467 35.73 28.40 -21.67
N SER B 468 35.51 29.28 -20.69
CA SER B 468 35.35 30.69 -20.99
C SER B 468 36.60 31.24 -21.67
N SER B 469 37.78 30.74 -21.28
CA SER B 469 38.99 31.13 -21.99
C SER B 469 39.05 30.45 -23.34
N PHE B 470 38.89 29.13 -23.36
CA PHE B 470 39.15 28.37 -24.58
C PHE B 470 38.34 28.88 -25.73
N LEU B 471 37.02 29.01 -25.54
CA LEU B 471 36.17 29.47 -26.63
C LEU B 471 36.59 30.86 -27.10
N SER B 472 36.87 31.76 -26.16
CA SER B 472 37.31 33.09 -26.57
C SER B 472 38.56 32.98 -27.44
N TYR B 473 39.50 32.14 -27.03
CA TYR B 473 40.68 31.89 -27.85
C TYR B 473 40.28 31.48 -29.25
N LEU B 474 39.41 30.47 -29.36
CA LEU B 474 39.01 30.00 -30.68
C LEU B 474 38.26 31.07 -31.45
N LYS B 475 37.58 31.99 -30.75
CA LYS B 475 36.87 33.05 -31.45
C LYS B 475 37.79 34.14 -31.96
N SER B 476 39.01 34.26 -31.42
CA SER B 476 39.94 35.28 -31.85
C SER B 476 41.17 34.72 -32.56
N ASN B 477 41.51 33.45 -32.33
CA ASN B 477 42.58 32.77 -33.04
C ASN B 477 41.98 31.71 -33.94
N HIS B 478 42.37 31.72 -35.22
CA HIS B 478 41.88 30.77 -36.22
C HIS B 478 40.39 30.52 -36.07
N ASN B 479 39.59 31.59 -36.23
CA ASN B 479 38.15 31.44 -36.39
C ASN B 479 37.79 30.49 -37.53
N GLU B 480 38.76 30.21 -38.41
CA GLU B 480 38.57 29.29 -39.52
C GLU B 480 37.85 28.02 -39.08
N LEU B 481 38.25 27.49 -37.92
CA LEU B 481 37.67 26.24 -37.43
C LEU B 481 36.17 26.38 -37.22
N LEU B 482 35.74 27.44 -36.54
CA LEU B 482 34.32 27.64 -36.29
C LEU B 482 33.56 27.87 -37.59
N THR B 483 34.15 28.58 -38.55
CA THR B 483 33.47 28.79 -39.83
C THR B 483 33.27 27.47 -40.57
N GLU B 484 34.32 26.64 -40.60
CA GLU B 484 34.21 25.35 -41.26
C GLU B 484 33.17 24.47 -40.58
N ILE B 485 33.18 24.42 -39.24
CA ILE B 485 32.22 23.59 -38.53
C ILE B 485 30.80 24.11 -38.74
N ARG B 486 30.64 25.43 -38.79
CA ARG B 486 29.30 26.00 -38.98
C ARG B 486 28.76 25.67 -40.36
N GLU B 487 29.57 25.88 -41.41
CA GLU B 487 29.05 25.71 -42.76
C GLU B 487 28.97 24.24 -43.16
N LYS B 488 30.03 23.47 -42.91
CA LYS B 488 30.10 22.11 -43.41
C LYS B 488 29.33 21.14 -42.53
N GLY B 489 29.36 21.34 -41.21
CA GLY B 489 28.67 20.46 -40.29
C GLY B 489 29.31 19.10 -40.07
N GLU B 490 30.43 18.82 -40.74
CA GLU B 490 31.12 17.55 -40.58
C GLU B 490 32.62 17.80 -40.62
N LEU B 491 33.36 16.95 -39.92
CA LEU B 491 34.81 17.10 -39.79
C LEU B 491 35.51 16.12 -40.73
N SER B 492 36.28 16.67 -41.67
CA SER B 492 37.24 15.86 -42.40
C SER B 492 38.48 15.64 -41.54
N LYS B 493 39.34 14.72 -41.98
CA LYS B 493 40.58 14.49 -41.24
C LYS B 493 41.41 15.75 -41.17
N GLU B 494 41.33 16.63 -42.18
CA GLU B 494 41.99 17.93 -42.09
C GLU B 494 41.43 18.74 -40.94
N LEU B 495 40.10 18.84 -40.87
CA LEU B 495 39.47 19.56 -39.76
C LEU B 495 39.76 18.88 -38.43
N LEU B 496 39.70 17.55 -38.41
CA LEU B 496 39.93 16.80 -37.18
C LEU B 496 41.34 17.07 -36.64
N ALA B 497 42.34 16.99 -37.51
CA ALA B 497 43.72 17.23 -37.10
C ALA B 497 43.94 18.68 -36.72
N SER B 498 43.33 19.61 -37.46
CA SER B 498 43.44 21.03 -37.10
C SER B 498 42.91 21.27 -35.70
N LEU B 499 41.77 20.65 -35.37
CA LEU B 499 41.19 20.86 -34.04
C LEU B 499 42.04 20.19 -32.97
N LYS B 500 42.61 19.01 -33.24
CA LYS B 500 43.55 18.42 -32.30
C LYS B 500 44.72 19.37 -32.04
N SER B 501 45.36 19.84 -33.10
CA SER B 501 46.56 20.65 -32.95
C SER B 501 46.25 21.96 -32.24
N ALA B 502 45.12 22.60 -32.55
CA ALA B 502 44.78 23.84 -31.88
C ALA B 502 44.43 23.63 -30.42
N THR B 503 43.75 22.52 -30.08
CA THR B 503 43.44 22.28 -28.68
C THR B 503 44.71 21.94 -27.91
N GLU B 504 45.67 21.27 -28.56
CA GLU B 504 46.98 21.10 -27.94
C GLU B 504 47.68 22.43 -27.75
N SER B 505 47.61 23.32 -28.76
CA SER B 505 48.23 24.62 -28.67
C SER B 505 47.62 25.48 -27.58
N PHE B 506 46.40 25.15 -27.14
CA PHE B 506 45.82 25.82 -25.98
C PHE B 506 46.18 25.13 -24.68
N VAL B 507 45.96 23.81 -24.58
CA VAL B 507 46.12 23.12 -23.31
C VAL B 507 47.54 23.18 -22.79
N ALA B 508 48.52 23.38 -23.67
CA ALA B 508 49.90 23.57 -23.22
C ALA B 508 50.07 24.79 -22.34
N THR B 509 49.10 25.71 -22.36
CA THR B 509 49.15 26.92 -21.55
C THR B 509 47.75 27.28 -21.07
N ASN C 26 -49.12 -18.21 -24.97
CA ASN C 26 -49.32 -17.18 -23.97
C ASN C 26 -48.03 -16.93 -23.20
N LEU C 27 -47.97 -15.82 -22.47
CA LEU C 27 -46.75 -15.42 -21.80
C LEU C 27 -46.43 -16.26 -20.56
N ASN C 28 -47.21 -17.29 -20.27
CA ASN C 28 -46.88 -18.17 -19.15
C ASN C 28 -45.75 -19.12 -19.51
N GLU C 29 -45.91 -19.86 -20.61
CA GLU C 29 -44.91 -20.84 -21.02
C GLU C 29 -43.87 -20.28 -21.97
N THR C 30 -44.03 -19.04 -22.45
CA THR C 30 -43.11 -18.44 -23.40
C THR C 30 -42.89 -16.98 -23.02
N GLY C 31 -41.89 -16.37 -23.65
CA GLY C 31 -41.53 -15.01 -23.36
C GLY C 31 -41.05 -14.25 -24.59
N ARG C 32 -40.91 -12.94 -24.42
CA ARG C 32 -40.52 -12.02 -25.48
C ARG C 32 -39.29 -11.24 -25.01
N VAL C 33 -38.27 -11.19 -25.86
CA VAL C 33 -37.02 -10.55 -25.47
C VAL C 33 -37.20 -9.04 -25.45
N LEU C 34 -36.82 -8.41 -24.33
CA LEU C 34 -36.89 -6.96 -24.19
C LEU C 34 -35.60 -6.28 -24.66
N ALA C 35 -34.47 -6.67 -24.09
CA ALA C 35 -33.18 -6.09 -24.42
C ALA C 35 -32.13 -7.18 -24.28
N VAL C 36 -31.09 -7.12 -25.11
CA VAL C 36 -30.08 -8.17 -25.13
C VAL C 36 -28.74 -7.56 -25.48
N GLY C 37 -27.70 -8.06 -24.81
CA GLY C 37 -26.34 -7.59 -25.05
C GLY C 37 -25.38 -8.09 -23.99
N ASP C 38 -24.09 -8.15 -24.32
CA ASP C 38 -23.06 -8.63 -23.40
C ASP C 38 -23.37 -10.02 -22.88
N GLY C 39 -24.15 -10.81 -23.62
CA GLY C 39 -24.48 -12.15 -23.20
C GLY C 39 -25.66 -12.25 -22.25
N ILE C 40 -26.33 -11.14 -21.95
CA ILE C 40 -27.47 -11.13 -21.04
C ILE C 40 -28.69 -10.68 -21.81
N ALA C 41 -29.82 -11.33 -21.55
CA ALA C 41 -31.09 -11.04 -22.22
C ALA C 41 -32.17 -10.88 -21.17
N ARG C 42 -32.75 -9.69 -21.11
CA ARG C 42 -33.94 -9.47 -20.31
C ARG C 42 -35.16 -9.87 -21.13
N VAL C 43 -36.00 -10.73 -20.56
CA VAL C 43 -37.14 -11.31 -21.27
C VAL C 43 -38.42 -10.99 -20.51
N PHE C 44 -39.46 -10.63 -21.26
CA PHE C 44 -40.79 -10.41 -20.72
C PHE C 44 -41.60 -11.69 -20.80
N GLY C 45 -42.49 -11.87 -19.82
CA GLY C 45 -43.29 -13.07 -19.75
C GLY C 45 -42.65 -14.18 -18.93
N LEU C 46 -42.76 -15.42 -19.41
CA LEU C 46 -42.21 -16.58 -18.68
C LEU C 46 -42.71 -16.58 -17.24
N ASN C 47 -44.00 -16.29 -17.06
CA ASN C 47 -44.54 -16.08 -15.72
C ASN C 47 -44.33 -17.29 -14.82
N ASN C 48 -44.36 -18.50 -15.39
CA ASN C 48 -44.28 -19.72 -14.60
C ASN C 48 -42.87 -20.26 -14.46
N ILE C 49 -41.86 -19.61 -15.04
CA ILE C 49 -40.52 -20.19 -15.06
C ILE C 49 -39.95 -20.25 -13.64
N GLN C 50 -39.18 -21.29 -13.37
CA GLN C 50 -38.52 -21.46 -12.09
C GLN C 50 -37.17 -20.74 -12.10
N ALA C 51 -36.68 -20.41 -10.91
CA ALA C 51 -35.34 -19.87 -10.77
C ALA C 51 -34.31 -20.89 -11.21
N GLU C 52 -33.29 -20.43 -11.91
CA GLU C 52 -32.19 -21.25 -12.43
C GLU C 52 -32.62 -22.22 -13.51
N GLU C 53 -33.82 -22.06 -14.07
CA GLU C 53 -34.31 -22.98 -15.08
C GLU C 53 -33.68 -22.69 -16.44
N LEU C 54 -33.71 -23.70 -17.31
CA LEU C 54 -33.15 -23.62 -18.66
C LEU C 54 -34.22 -23.21 -19.66
N VAL C 55 -33.81 -22.44 -20.67
CA VAL C 55 -34.71 -21.93 -21.70
C VAL C 55 -34.05 -22.05 -23.06
N GLU C 56 -34.87 -22.14 -24.10
CA GLU C 56 -34.40 -22.20 -25.48
C GLU C 56 -34.90 -20.98 -26.24
N PHE C 57 -33.98 -20.22 -26.83
CA PHE C 57 -34.37 -19.14 -27.71
C PHE C 57 -34.76 -19.68 -29.07
N SER C 58 -35.63 -18.94 -29.77
CA SER C 58 -36.11 -19.40 -31.06
C SER C 58 -34.96 -19.61 -32.05
N SER C 59 -33.85 -18.90 -31.85
CA SER C 59 -32.68 -19.04 -32.70
C SER C 59 -31.80 -20.22 -32.30
N GLY C 60 -32.25 -21.05 -31.36
CA GLY C 60 -31.57 -22.27 -31.00
C GLY C 60 -30.57 -22.15 -29.87
N VAL C 61 -30.12 -20.95 -29.52
CA VAL C 61 -29.20 -20.81 -28.40
C VAL C 61 -29.96 -21.00 -27.09
N LYS C 62 -29.30 -21.62 -26.12
CA LYS C 62 -29.89 -21.91 -24.83
C LYS C 62 -29.44 -20.89 -23.79
N GLY C 63 -30.22 -20.78 -22.72
CA GLY C 63 -29.93 -19.82 -21.67
C GLY C 63 -30.43 -20.29 -20.33
N MET C 64 -29.96 -19.62 -19.28
CA MET C 64 -30.30 -19.95 -17.91
C MET C 64 -30.88 -18.71 -17.22
N ALA C 65 -32.03 -18.88 -16.57
CA ALA C 65 -32.66 -17.77 -15.87
C ALA C 65 -32.03 -17.62 -14.49
N LEU C 66 -31.51 -16.43 -14.19
CA LEU C 66 -30.88 -16.18 -12.91
C LEU C 66 -31.50 -15.02 -12.15
N ASN C 67 -32.14 -14.07 -12.82
CA ASN C 67 -32.91 -13.01 -12.17
C ASN C 67 -34.38 -13.16 -12.52
N LEU C 68 -35.21 -13.26 -11.48
CA LEU C 68 -36.65 -13.09 -11.61
C LEU C 68 -37.02 -11.78 -10.95
N GLU C 69 -37.66 -10.90 -11.70
CA GLU C 69 -38.06 -9.58 -11.19
C GLU C 69 -39.49 -9.32 -11.63
N PRO C 70 -40.17 -8.37 -10.98
CA PRO C 70 -41.62 -8.31 -11.09
C PRO C 70 -42.15 -8.21 -12.51
N GLY C 71 -41.33 -7.81 -13.48
CA GLY C 71 -41.77 -7.77 -14.85
C GLY C 71 -40.69 -8.16 -15.85
N GLN C 72 -39.65 -8.82 -15.38
CA GLN C 72 -38.50 -9.13 -16.22
C GLN C 72 -37.84 -10.42 -15.74
N VAL C 73 -37.20 -11.12 -16.67
CA VAL C 73 -36.39 -12.29 -16.36
C VAL C 73 -34.99 -12.04 -16.91
N GLY C 74 -34.00 -12.15 -16.05
CA GLY C 74 -32.62 -12.01 -16.48
C GLY C 74 -32.02 -13.34 -16.88
N ILE C 75 -31.98 -13.62 -18.18
CA ILE C 75 -31.47 -14.89 -18.69
C ILE C 75 -30.06 -14.67 -19.22
N VAL C 76 -29.15 -15.56 -18.87
CA VAL C 76 -27.76 -15.49 -19.31
C VAL C 76 -27.53 -16.56 -20.34
N LEU C 77 -26.85 -16.20 -21.42
CA LEU C 77 -26.82 -17.02 -22.62
C LEU C 77 -25.62 -17.97 -22.61
N PHE C 78 -25.89 -19.25 -22.90
CA PHE C 78 -24.82 -20.22 -23.11
C PHE C 78 -24.34 -20.15 -24.55
N GLY C 79 -23.97 -18.96 -25.01
CA GLY C 79 -23.48 -18.84 -26.38
C GLY C 79 -23.36 -17.38 -26.76
N SER C 80 -22.92 -17.17 -28.00
CA SER C 80 -22.80 -15.82 -28.52
C SER C 80 -24.18 -15.20 -28.68
N ASP C 81 -24.35 -13.99 -28.13
CA ASP C 81 -25.63 -13.31 -28.21
C ASP C 81 -25.94 -12.76 -29.59
N ARG C 82 -24.98 -12.80 -30.52
CA ARG C 82 -25.20 -12.26 -31.86
C ARG C 82 -26.39 -12.90 -32.56
N LEU C 83 -26.75 -14.13 -32.19
CA LEU C 83 -27.86 -14.83 -32.83
C LEU C 83 -29.20 -14.53 -32.18
N VAL C 84 -29.24 -13.73 -31.12
CA VAL C 84 -30.47 -13.33 -30.47
C VAL C 84 -30.83 -11.92 -30.91
N LYS C 85 -32.12 -11.68 -31.14
CA LYS C 85 -32.61 -10.40 -31.62
C LYS C 85 -33.78 -9.93 -30.77
N GLU C 86 -33.87 -8.62 -30.58
CA GLU C 86 -34.98 -8.06 -29.81
C GLU C 86 -36.31 -8.46 -30.43
N GLY C 87 -37.29 -8.77 -29.58
CA GLY C 87 -38.56 -9.28 -30.03
C GLY C 87 -38.58 -10.76 -30.32
N GLU C 88 -37.44 -11.44 -30.20
CA GLU C 88 -37.41 -12.88 -30.40
C GLU C 88 -38.23 -13.59 -29.34
N LEU C 89 -38.72 -14.78 -29.68
CA LEU C 89 -39.50 -15.60 -28.76
C LEU C 89 -38.60 -16.55 -27.99
N VAL C 90 -38.98 -16.85 -26.76
CA VAL C 90 -38.23 -17.73 -25.88
C VAL C 90 -39.17 -18.79 -25.30
N LYS C 91 -38.73 -20.04 -25.30
CA LYS C 91 -39.53 -21.16 -24.83
C LYS C 91 -38.95 -21.73 -23.55
N ARG C 92 -39.80 -21.89 -22.54
CA ARG C 92 -39.40 -22.56 -21.31
C ARG C 92 -39.11 -24.03 -21.57
N THR C 93 -38.00 -24.52 -21.00
CA THR C 93 -37.63 -25.92 -21.18
C THR C 93 -38.40 -26.84 -20.24
N GLY C 94 -38.60 -26.40 -18.99
CA GLY C 94 -39.15 -27.26 -17.96
C GLY C 94 -38.14 -28.09 -17.23
N ASN C 95 -36.85 -27.77 -17.37
CA ASN C 95 -35.77 -28.51 -16.72
C ASN C 95 -34.84 -27.52 -16.05
N ILE C 96 -34.50 -27.78 -14.78
CA ILE C 96 -33.39 -27.08 -14.18
C ILE C 96 -32.08 -27.71 -14.66
N VAL C 97 -31.03 -26.90 -14.75
CA VAL C 97 -29.82 -27.31 -15.45
C VAL C 97 -29.31 -28.63 -14.88
N ASP C 98 -29.04 -29.59 -15.76
CA ASP C 98 -28.61 -30.92 -15.35
C ASP C 98 -27.69 -31.50 -16.42
N VAL C 99 -26.99 -32.57 -16.06
CA VAL C 99 -25.98 -33.15 -16.94
C VAL C 99 -26.05 -34.67 -16.88
N PRO C 100 -25.64 -35.33 -17.95
CA PRO C 100 -25.58 -36.80 -17.94
C PRO C 100 -24.49 -37.32 -17.02
N VAL C 101 -24.74 -38.50 -16.46
CA VAL C 101 -23.79 -39.17 -15.58
C VAL C 101 -23.87 -40.67 -15.81
N GLY C 102 -22.74 -41.34 -15.61
CA GLY C 102 -22.63 -42.76 -15.80
C GLY C 102 -21.19 -43.17 -16.02
N PRO C 103 -20.96 -44.47 -16.24
CA PRO C 103 -19.59 -44.93 -16.54
C PRO C 103 -19.15 -44.64 -17.95
N GLY C 104 -20.08 -44.31 -18.85
CA GLY C 104 -19.73 -44.05 -20.24
C GLY C 104 -18.91 -42.81 -20.48
N LEU C 105 -18.86 -41.90 -19.51
CA LEU C 105 -18.07 -40.69 -19.67
C LEU C 105 -16.57 -40.93 -19.53
N LEU C 106 -16.16 -42.10 -19.04
CA LEU C 106 -14.75 -42.37 -18.87
C LEU C 106 -14.04 -42.40 -20.21
N GLY C 107 -12.89 -41.73 -20.29
CA GLY C 107 -12.13 -41.68 -21.53
C GLY C 107 -12.64 -40.68 -22.54
N ARG C 108 -13.37 -39.66 -22.10
CA ARG C 108 -14.00 -38.70 -22.99
C ARG C 108 -13.70 -37.28 -22.54
N VAL C 109 -13.93 -36.34 -23.45
CA VAL C 109 -13.83 -34.91 -23.16
C VAL C 109 -15.21 -34.30 -23.41
N VAL C 110 -15.71 -33.56 -22.44
CA VAL C 110 -17.04 -32.96 -22.52
C VAL C 110 -16.96 -31.48 -22.18
N ASP C 111 -17.84 -30.70 -22.79
CA ASP C 111 -18.00 -29.30 -22.41
C ASP C 111 -18.80 -29.22 -21.10
N ALA C 112 -19.10 -27.98 -20.69
CA ALA C 112 -19.73 -27.80 -19.38
C ALA C 112 -21.07 -28.52 -19.30
N LEU C 113 -21.87 -28.43 -20.36
CA LEU C 113 -23.18 -29.07 -20.37
C LEU C 113 -23.13 -30.52 -20.82
N GLY C 114 -21.97 -31.16 -20.73
CA GLY C 114 -21.87 -32.59 -20.93
C GLY C 114 -21.89 -33.07 -22.36
N ASN C 115 -21.93 -32.17 -23.33
CA ASN C 115 -21.88 -32.60 -24.73
C ASN C 115 -20.46 -33.02 -25.08
N PRO C 116 -20.28 -34.10 -25.85
CA PRO C 116 -18.93 -34.50 -26.26
C PRO C 116 -18.32 -33.49 -27.20
N ILE C 117 -17.05 -33.14 -26.95
CA ILE C 117 -16.30 -32.26 -27.84
C ILE C 117 -15.04 -32.91 -28.38
N ASP C 118 -14.68 -34.11 -27.91
CA ASP C 118 -13.59 -34.84 -28.53
C ASP C 118 -13.95 -35.33 -29.92
N GLY C 119 -15.25 -35.39 -30.24
CA GLY C 119 -15.67 -35.85 -31.55
C GLY C 119 -15.62 -37.35 -31.75
N LYS C 120 -15.54 -38.13 -30.67
CA LYS C 120 -15.47 -39.58 -30.77
C LYS C 120 -16.85 -40.25 -30.70
N GLY C 121 -17.92 -39.50 -30.89
CA GLY C 121 -19.26 -40.07 -30.95
C GLY C 121 -20.07 -39.83 -29.69
N PRO C 122 -21.33 -40.28 -29.71
CA PRO C 122 -22.22 -40.01 -28.58
C PRO C 122 -21.70 -40.59 -27.28
N ILE C 123 -22.33 -40.17 -26.19
CA ILE C 123 -21.95 -40.57 -24.83
C ILE C 123 -23.09 -41.39 -24.24
N ASP C 124 -22.77 -42.57 -23.71
CA ASP C 124 -23.73 -43.36 -22.96
C ASP C 124 -23.88 -42.81 -21.56
N ALA C 125 -25.12 -42.78 -21.07
CA ALA C 125 -25.44 -42.20 -19.78
C ALA C 125 -26.28 -43.17 -18.95
N ALA C 126 -25.92 -43.28 -17.67
CA ALA C 126 -26.74 -44.01 -16.73
C ALA C 126 -27.91 -43.17 -16.21
N GLY C 127 -27.81 -41.86 -16.30
CA GLY C 127 -28.90 -41.01 -15.89
C GLY C 127 -28.51 -39.55 -16.02
N ARG C 128 -29.32 -38.68 -15.42
CA ARG C 128 -29.01 -37.26 -15.36
C ARG C 128 -29.07 -36.78 -13.91
N SER C 129 -28.27 -35.77 -13.62
CA SER C 129 -28.21 -35.19 -12.28
C SER C 129 -28.16 -33.68 -12.38
N ARG C 130 -28.88 -33.02 -11.47
CA ARG C 130 -28.92 -31.56 -11.46
C ARG C 130 -27.53 -30.99 -11.19
N ALA C 131 -27.28 -29.81 -11.75
CA ALA C 131 -25.95 -29.21 -11.65
C ALA C 131 -25.58 -28.93 -10.20
N GLN C 132 -26.51 -28.34 -9.44
CA GLN C 132 -26.28 -28.02 -8.04
C GLN C 132 -27.15 -28.92 -7.18
N VAL C 133 -26.54 -29.50 -6.15
CA VAL C 133 -27.18 -30.52 -5.33
C VAL C 133 -26.75 -30.33 -3.88
N LYS C 134 -27.60 -30.76 -2.96
CA LYS C 134 -27.28 -30.65 -1.55
C LYS C 134 -26.11 -31.57 -1.19
N ALA C 135 -25.14 -31.04 -0.47
CA ALA C 135 -24.01 -31.84 -0.04
C ALA C 135 -24.45 -32.89 0.99
N PRO C 136 -23.74 -34.01 1.08
CA PRO C 136 -24.07 -34.99 2.12
C PRO C 136 -23.98 -34.37 3.51
N GLY C 137 -24.92 -34.74 4.36
CA GLY C 137 -25.06 -34.13 5.67
C GLY C 137 -24.09 -34.66 6.69
N ILE C 138 -24.40 -34.37 7.95
CA ILE C 138 -23.55 -34.79 9.06
C ILE C 138 -23.68 -36.29 9.31
N LEU C 139 -24.89 -36.83 9.16
CA LEU C 139 -25.11 -38.24 9.47
C LEU C 139 -24.38 -39.18 8.52
N PRO C 140 -24.51 -39.05 7.19
CA PRO C 140 -23.98 -40.10 6.31
C PRO C 140 -22.47 -40.20 6.26
N ARG C 141 -21.74 -39.18 6.71
CA ARG C 141 -20.30 -39.13 6.49
C ARG C 141 -19.55 -40.08 7.43
N ARG C 142 -18.27 -40.26 7.11
CA ARG C 142 -17.35 -41.08 7.89
C ARG C 142 -16.02 -40.35 8.01
N SER C 143 -15.21 -40.80 8.95
CA SER C 143 -13.86 -40.25 9.10
C SER C 143 -13.05 -40.47 7.82
N VAL C 144 -12.20 -39.50 7.50
CA VAL C 144 -11.27 -39.64 6.38
C VAL C 144 -10.28 -40.75 6.73
N HIS C 145 -10.34 -41.86 6.00
CA HIS C 145 -9.92 -43.15 6.50
C HIS C 145 -8.81 -43.84 5.70
N GLU C 146 -8.48 -43.38 4.49
CA GLU C 146 -7.55 -44.11 3.65
C GLU C 146 -6.86 -43.13 2.69
N PRO C 147 -5.71 -43.52 2.12
CA PRO C 147 -4.86 -42.55 1.39
C PRO C 147 -5.27 -42.26 -0.04
N VAL C 148 -4.92 -41.04 -0.48
CA VAL C 148 -4.75 -40.74 -1.90
C VAL C 148 -3.25 -40.68 -2.16
N GLN C 149 -2.67 -41.77 -2.65
CA GLN C 149 -1.24 -41.79 -2.94
C GLN C 149 -0.96 -41.00 -4.21
N THR C 150 -0.26 -39.87 -4.07
CA THR C 150 0.00 -38.98 -5.19
C THR C 150 1.26 -39.32 -5.96
N GLY C 151 2.17 -40.08 -5.37
CA GLY C 151 3.44 -40.37 -6.02
C GLY C 151 4.47 -39.27 -5.91
N LEU C 152 4.18 -38.20 -5.17
CA LEU C 152 5.15 -37.14 -4.92
C LEU C 152 5.70 -37.31 -3.52
N LYS C 153 7.03 -37.37 -3.41
CA LYS C 153 7.66 -37.62 -2.13
C LYS C 153 7.25 -36.58 -1.09
N ALA C 154 7.34 -35.30 -1.45
CA ALA C 154 7.03 -34.24 -0.50
C ALA C 154 5.59 -34.33 -0.02
N VAL C 155 4.64 -34.49 -0.94
CA VAL C 155 3.24 -34.49 -0.56
C VAL C 155 2.90 -35.73 0.26
N ASP C 156 3.34 -36.90 -0.20
CA ASP C 156 3.01 -38.14 0.49
C ASP C 156 3.69 -38.23 1.85
N ALA C 157 4.85 -37.59 2.01
CA ALA C 157 5.59 -37.72 3.25
C ALA C 157 5.17 -36.66 4.27
N LEU C 158 5.00 -35.42 3.85
CA LEU C 158 4.78 -34.31 4.79
C LEU C 158 3.33 -33.90 4.91
N VAL C 159 2.59 -33.83 3.81
CA VAL C 159 1.23 -33.30 3.82
C VAL C 159 0.30 -34.27 3.10
N PRO C 160 0.00 -35.43 3.70
CA PRO C 160 -0.79 -36.44 2.99
C PRO C 160 -2.20 -35.96 2.68
N ILE C 161 -2.76 -36.53 1.62
CA ILE C 161 -4.15 -36.28 1.21
C ILE C 161 -4.92 -37.58 1.39
N GLY C 162 -6.02 -37.50 2.12
CA GLY C 162 -6.88 -38.66 2.33
C GLY C 162 -8.07 -38.67 1.39
N ARG C 163 -8.61 -39.86 1.15
CA ARG C 163 -9.76 -39.99 0.27
C ARG C 163 -10.99 -39.37 0.92
N GLY C 164 -11.60 -38.41 0.24
CA GLY C 164 -12.65 -37.60 0.79
C GLY C 164 -12.20 -36.23 1.27
N GLN C 165 -10.89 -36.01 1.38
CA GLN C 165 -10.37 -34.73 1.78
C GLN C 165 -10.52 -33.71 0.66
N ARG C 166 -10.37 -32.44 1.02
CA ARG C 166 -10.22 -31.36 0.04
C ARG C 166 -8.87 -30.69 0.26
N GLU C 167 -8.08 -30.60 -0.79
CA GLU C 167 -6.72 -30.08 -0.70
C GLU C 167 -6.55 -28.94 -1.71
N LEU C 168 -6.54 -27.71 -1.21
CA LEU C 168 -6.28 -26.55 -2.04
C LEU C 168 -4.82 -26.57 -2.49
N ILE C 169 -4.59 -26.42 -3.79
CA ILE C 169 -3.25 -26.25 -4.35
C ILE C 169 -3.15 -24.81 -4.80
N ILE C 170 -2.29 -24.02 -4.16
CA ILE C 170 -2.33 -22.57 -4.33
C ILE C 170 -0.93 -22.06 -4.63
N GLY C 171 -0.86 -21.15 -5.60
CA GLY C 171 0.42 -20.54 -5.93
C GLY C 171 0.33 -19.72 -7.19
N ASP C 172 1.38 -18.94 -7.42
CA ASP C 172 1.39 -17.96 -8.50
C ASP C 172 1.52 -18.64 -9.86
N ARG C 173 1.49 -17.83 -10.91
CA ARG C 173 1.55 -18.35 -12.27
C ARG C 173 2.81 -19.16 -12.50
N GLN C 174 2.67 -20.25 -13.24
CA GLN C 174 3.81 -21.08 -13.66
C GLN C 174 4.65 -21.50 -12.47
N THR C 175 4.00 -22.17 -11.51
CA THR C 175 4.69 -22.69 -10.32
C THR C 175 4.50 -24.19 -10.14
N GLY C 176 3.95 -24.88 -11.13
CA GLY C 176 3.83 -26.32 -11.06
C GLY C 176 2.53 -26.86 -10.50
N LYS C 177 1.51 -26.02 -10.35
CA LYS C 177 0.23 -26.47 -9.80
C LYS C 177 -0.35 -27.59 -10.64
N THR C 178 -0.49 -27.33 -11.95
CA THR C 178 -1.07 -28.33 -12.84
C THR C 178 -0.20 -29.57 -12.88
N ALA C 179 1.12 -29.39 -12.81
CA ALA C 179 2.02 -30.55 -12.77
C ALA C 179 1.74 -31.42 -11.55
N VAL C 180 1.52 -30.80 -10.39
CA VAL C 180 1.24 -31.57 -9.19
C VAL C 180 -0.05 -32.35 -9.34
N ALA C 181 -1.11 -31.66 -9.77
CA ALA C 181 -2.40 -32.35 -9.92
C ALA C 181 -2.31 -33.46 -10.97
N LEU C 182 -1.58 -33.21 -12.04
CA LEU C 182 -1.50 -34.17 -13.14
C LEU C 182 -0.67 -35.38 -12.74
N ASP C 183 0.37 -35.18 -11.93
CA ASP C 183 1.08 -36.30 -11.34
C ASP C 183 0.18 -37.11 -10.43
N THR C 184 -0.63 -36.43 -9.62
CA THR C 184 -1.58 -37.15 -8.78
C THR C 184 -2.51 -38.02 -9.62
N ILE C 185 -2.91 -37.53 -10.78
CA ILE C 185 -3.74 -38.34 -11.66
C ILE C 185 -2.95 -39.48 -12.27
N LEU C 186 -1.74 -39.21 -12.75
CA LEU C 186 -0.96 -40.24 -13.44
C LEU C 186 -0.58 -41.39 -12.52
N ASN C 187 -0.46 -41.12 -11.22
CA ASN C 187 0.04 -42.14 -10.31
C ASN C 187 -0.91 -43.32 -10.12
N GLN C 188 -2.20 -43.16 -10.43
CA GLN C 188 -3.19 -44.17 -10.07
C GLN C 188 -3.14 -45.41 -10.96
N LYS C 189 -2.36 -45.39 -12.03
CA LYS C 189 -2.32 -46.54 -12.94
C LYS C 189 -1.87 -47.81 -12.23
N ARG C 190 -1.16 -47.69 -11.11
CA ARG C 190 -0.70 -48.89 -10.40
C ARG C 190 -1.86 -49.70 -9.84
N TRP C 191 -3.01 -49.07 -9.59
CA TRP C 191 -4.18 -49.73 -9.04
C TRP C 191 -5.37 -49.76 -9.97
N ASN C 192 -5.57 -48.73 -10.80
CA ASN C 192 -6.75 -48.69 -11.65
C ASN C 192 -6.79 -49.85 -12.64
N ASN C 193 -5.62 -50.41 -12.97
CA ASN C 193 -5.60 -51.60 -13.80
C ASN C 193 -5.93 -52.87 -13.02
N GLY C 194 -5.92 -52.81 -11.69
CA GLY C 194 -6.13 -53.98 -10.87
C GLY C 194 -7.59 -54.40 -10.80
N SER C 195 -7.83 -55.49 -10.07
CA SER C 195 -9.17 -56.05 -9.96
C SER C 195 -10.01 -55.33 -8.90
N ASP C 196 -9.41 -54.97 -7.78
CA ASP C 196 -10.15 -54.53 -6.59
C ASP C 196 -10.62 -53.09 -6.80
N GLU C 197 -11.93 -52.92 -7.00
CA GLU C 197 -12.49 -51.59 -7.24
C GLU C 197 -12.46 -50.71 -6.00
N SER C 198 -12.37 -51.29 -4.80
CA SER C 198 -12.24 -50.47 -3.59
C SER C 198 -10.91 -49.75 -3.53
N LYS C 199 -9.97 -50.11 -4.41
CA LYS C 199 -8.65 -49.51 -4.44
C LYS C 199 -8.50 -48.49 -5.57
N LYS C 200 -9.33 -48.60 -6.61
CA LYS C 200 -9.26 -47.72 -7.76
C LYS C 200 -9.53 -46.27 -7.35
N LEU C 201 -9.33 -45.36 -8.32
CA LEU C 201 -9.64 -43.95 -8.12
C LEU C 201 -9.85 -43.32 -9.50
N TYR C 202 -11.10 -42.95 -9.79
CA TYR C 202 -11.44 -42.37 -11.08
C TYR C 202 -11.24 -40.86 -11.02
N CYS C 203 -10.62 -40.29 -12.05
CA CYS C 203 -10.17 -38.90 -12.03
C CYS C 203 -11.01 -38.06 -12.97
N VAL C 204 -11.60 -36.98 -12.43
CA VAL C 204 -12.28 -35.96 -13.22
C VAL C 204 -11.41 -34.70 -13.19
N TYR C 205 -11.20 -34.11 -14.36
CA TYR C 205 -10.42 -32.88 -14.49
C TYR C 205 -11.30 -31.78 -15.05
N VAL C 206 -11.28 -30.61 -14.41
CA VAL C 206 -12.15 -29.49 -14.78
C VAL C 206 -11.27 -28.33 -15.17
N ALA C 207 -11.22 -28.02 -16.47
CA ALA C 207 -10.42 -26.92 -17.00
C ALA C 207 -11.33 -25.71 -17.18
N VAL C 208 -11.06 -24.64 -16.44
CA VAL C 208 -11.87 -23.43 -16.46
C VAL C 208 -10.98 -22.28 -16.90
N GLY C 209 -11.40 -21.57 -17.96
CA GLY C 209 -10.69 -20.38 -18.38
C GLY C 209 -9.36 -20.63 -19.04
N GLN C 210 -9.09 -21.85 -19.49
CA GLN C 210 -7.85 -22.18 -20.16
C GLN C 210 -8.03 -22.16 -21.68
N LYS C 211 -6.92 -21.90 -22.38
CA LYS C 211 -6.94 -21.97 -23.83
C LYS C 211 -7.02 -23.41 -24.29
N ARG C 212 -7.77 -23.64 -25.37
CA ARG C 212 -8.08 -25.00 -25.80
C ARG C 212 -6.82 -25.85 -25.99
N SER C 213 -5.76 -25.25 -26.55
CA SER C 213 -4.57 -26.03 -26.83
C SER C 213 -3.93 -26.59 -25.57
N THR C 214 -4.13 -25.96 -24.42
CA THR C 214 -3.64 -26.54 -23.18
C THR C 214 -4.38 -27.83 -22.87
N VAL C 215 -5.72 -27.83 -23.02
CA VAL C 215 -6.48 -29.05 -22.84
C VAL C 215 -6.05 -30.11 -23.85
N ALA C 216 -5.75 -29.69 -25.08
CA ALA C 216 -5.29 -30.63 -26.09
C ALA C 216 -3.98 -31.30 -25.65
N GLN C 217 -3.05 -30.51 -25.11
CA GLN C 217 -1.81 -31.11 -24.64
C GLN C 217 -2.06 -32.00 -23.43
N LEU C 218 -2.99 -31.63 -22.56
CA LEU C 218 -3.29 -32.47 -21.41
C LEU C 218 -3.81 -33.83 -21.87
N VAL C 219 -4.74 -33.86 -22.82
CA VAL C 219 -5.24 -35.14 -23.30
C VAL C 219 -4.15 -35.91 -24.03
N GLN C 220 -3.28 -35.20 -24.75
CA GLN C 220 -2.16 -35.90 -25.40
C GLN C 220 -1.23 -36.53 -24.38
N THR C 221 -0.99 -35.85 -23.27
CA THR C 221 -0.15 -36.40 -22.21
C THR C 221 -0.83 -37.61 -21.56
N LEU C 222 -2.12 -37.48 -21.26
CA LEU C 222 -2.85 -38.58 -20.64
C LEU C 222 -2.96 -39.79 -21.55
N GLU C 223 -2.87 -39.59 -22.87
CA GLU C 223 -2.83 -40.72 -23.79
C GLU C 223 -1.43 -41.27 -24.00
N GLN C 224 -0.41 -40.42 -23.97
CA GLN C 224 0.97 -40.89 -24.05
C GLN C 224 1.28 -41.82 -22.89
N HIS C 225 0.95 -41.41 -21.67
CA HIS C 225 1.05 -42.28 -20.50
C HIS C 225 -0.06 -43.33 -20.46
N ASP C 226 -0.96 -43.34 -21.43
CA ASP C 226 -2.07 -44.28 -21.47
C ASP C 226 -2.87 -44.23 -20.17
N ALA C 227 -3.03 -43.02 -19.65
CA ALA C 227 -3.69 -42.85 -18.35
C ALA C 227 -5.20 -42.76 -18.49
N MET C 228 -5.70 -42.09 -19.52
CA MET C 228 -7.11 -41.75 -19.52
C MET C 228 -7.99 -42.91 -20.00
N LYS C 229 -7.79 -44.09 -19.41
CA LYS C 229 -8.85 -45.09 -19.37
C LYS C 229 -9.82 -44.78 -18.24
N TYR C 230 -9.31 -44.15 -17.18
CA TYR C 230 -10.04 -43.90 -15.95
C TYR C 230 -10.23 -42.41 -15.67
N SER C 231 -10.14 -41.57 -16.69
CA SER C 231 -10.24 -40.13 -16.52
C SER C 231 -11.42 -39.56 -17.29
N ILE C 232 -11.97 -38.47 -16.77
CA ILE C 232 -12.97 -37.67 -17.47
C ILE C 232 -12.48 -36.22 -17.47
N ILE C 233 -12.56 -35.57 -18.63
CA ILE C 233 -12.13 -34.20 -18.80
C ILE C 233 -13.35 -33.33 -19.08
N VAL C 234 -13.59 -32.36 -18.20
CA VAL C 234 -14.64 -31.37 -18.38
C VAL C 234 -13.97 -30.04 -18.70
N ALA C 235 -14.35 -29.43 -19.82
CA ALA C 235 -13.67 -28.24 -20.33
C ALA C 235 -14.66 -27.10 -20.52
N ALA C 236 -14.28 -25.92 -20.02
CA ALA C 236 -14.96 -24.67 -20.31
C ALA C 236 -13.85 -23.66 -20.63
N THR C 237 -13.47 -23.60 -21.90
CA THR C 237 -12.32 -22.84 -22.31
C THR C 237 -12.64 -21.35 -22.39
N ALA C 238 -11.58 -20.54 -22.43
CA ALA C 238 -11.71 -19.11 -22.17
C ALA C 238 -12.71 -18.44 -23.09
N SER C 239 -12.80 -18.88 -24.35
CA SER C 239 -13.69 -18.21 -25.28
C SER C 239 -15.16 -18.48 -24.96
N GLU C 240 -15.46 -19.64 -24.39
CA GLU C 240 -16.84 -20.00 -24.12
C GLU C 240 -17.45 -19.03 -23.11
N ALA C 241 -18.71 -18.68 -23.33
CA ALA C 241 -19.34 -17.59 -22.60
C ALA C 241 -19.20 -17.78 -21.10
N ALA C 242 -19.28 -16.66 -20.38
CA ALA C 242 -19.09 -16.68 -18.93
C ALA C 242 -19.98 -17.68 -18.22
N PRO C 243 -21.27 -17.84 -18.57
CA PRO C 243 -22.10 -18.82 -17.86
C PRO C 243 -21.52 -20.22 -17.88
N LEU C 244 -20.92 -20.66 -18.99
CA LEU C 244 -20.35 -22.00 -19.03
C LEU C 244 -19.13 -22.13 -18.13
N GLN C 245 -18.25 -21.13 -18.14
CA GLN C 245 -17.09 -21.18 -17.25
C GLN C 245 -17.54 -21.19 -15.79
N TYR C 246 -18.60 -20.45 -15.49
CA TYR C 246 -19.23 -20.54 -14.17
C TYR C 246 -19.72 -21.94 -13.88
N LEU C 247 -20.48 -22.52 -14.80
CA LEU C 247 -21.27 -23.71 -14.51
C LEU C 247 -20.42 -24.97 -14.51
N ALA C 248 -19.24 -24.94 -15.13
CA ALA C 248 -18.44 -26.15 -15.29
C ALA C 248 -18.16 -26.89 -13.99
N PRO C 249 -17.68 -26.26 -12.92
CA PRO C 249 -17.32 -27.05 -11.73
C PRO C 249 -18.50 -27.78 -11.13
N PHE C 250 -19.68 -27.18 -11.10
CA PHE C 250 -20.84 -27.85 -10.51
C PHE C 250 -21.23 -29.07 -11.34
N THR C 251 -21.22 -28.93 -12.67
CA THR C 251 -21.54 -30.06 -13.53
C THR C 251 -20.53 -31.18 -13.39
N ALA C 252 -19.24 -30.85 -13.29
CA ALA C 252 -18.24 -31.89 -13.09
C ALA C 252 -18.41 -32.56 -11.74
N ALA C 253 -18.75 -31.78 -10.71
CA ALA C 253 -19.05 -32.36 -9.41
C ALA C 253 -20.19 -33.35 -9.53
N SER C 254 -21.25 -32.98 -10.26
CA SER C 254 -22.35 -33.92 -10.47
C SER C 254 -21.86 -35.17 -11.20
N ILE C 255 -20.93 -35.01 -12.14
CA ILE C 255 -20.41 -36.16 -12.87
C ILE C 255 -19.65 -37.09 -11.92
N GLY C 256 -18.95 -36.52 -10.94
CA GLY C 256 -18.23 -37.37 -9.98
C GLY C 256 -19.12 -37.98 -8.92
N GLU C 257 -20.20 -37.28 -8.57
CA GLU C 257 -21.04 -37.77 -7.49
C GLU C 257 -21.69 -39.10 -7.80
N TRP C 258 -21.82 -39.46 -9.09
CA TRP C 258 -22.34 -40.78 -9.41
C TRP C 258 -21.37 -41.87 -8.96
N PHE C 259 -20.07 -41.69 -9.22
CA PHE C 259 -19.07 -42.57 -8.63
C PHE C 259 -19.18 -42.58 -7.12
N ARG C 260 -19.24 -41.38 -6.51
CA ARG C 260 -19.31 -41.32 -5.05
C ARG C 260 -20.46 -42.17 -4.52
N ASP C 261 -21.67 -41.95 -5.05
CA ASP C 261 -22.87 -42.55 -4.49
C ASP C 261 -22.99 -44.03 -4.84
N ASN C 262 -22.37 -44.50 -5.92
CA ASN C 262 -22.41 -45.91 -6.25
C ASN C 262 -21.28 -46.70 -5.60
N GLY C 263 -20.54 -46.10 -4.67
CA GLY C 263 -19.51 -46.83 -3.97
C GLY C 263 -18.18 -46.88 -4.68
N LYS C 264 -17.92 -45.96 -5.60
CA LYS C 264 -16.68 -45.91 -6.35
C LYS C 264 -15.93 -44.63 -5.99
N HIS C 265 -14.66 -44.76 -5.63
CA HIS C 265 -13.85 -43.62 -5.24
C HIS C 265 -13.51 -42.78 -6.47
N ALA C 266 -13.57 -41.46 -6.30
CA ALA C 266 -13.24 -40.54 -7.39
C ALA C 266 -12.57 -39.29 -6.84
N LEU C 267 -11.89 -38.58 -7.73
CA LEU C 267 -11.13 -37.38 -7.39
C LEU C 267 -11.33 -36.34 -8.48
N ILE C 268 -11.72 -35.13 -8.08
CA ILE C 268 -11.93 -34.01 -8.99
C ILE C 268 -10.80 -33.02 -8.80
N VAL C 269 -10.19 -32.60 -9.90
CA VAL C 269 -9.26 -31.48 -9.92
C VAL C 269 -9.96 -30.29 -10.56
N TYR C 270 -9.94 -29.14 -9.89
CA TYR C 270 -10.42 -27.89 -10.46
C TYR C 270 -9.21 -27.02 -10.80
N ASP C 271 -9.01 -26.77 -12.10
CA ASP C 271 -7.92 -25.95 -12.60
C ASP C 271 -8.56 -24.86 -13.47
N ASP C 272 -8.92 -23.72 -12.88
CA ASP C 272 -8.83 -23.45 -11.44
C ASP C 272 -10.05 -22.63 -11.02
N LEU C 273 -10.32 -22.63 -9.71
CA LEU C 273 -11.54 -21.99 -9.21
C LEU C 273 -11.47 -20.47 -9.25
N SER C 274 -10.26 -19.89 -9.32
CA SER C 274 -10.15 -18.44 -9.39
C SER C 274 -10.80 -17.91 -10.66
N LYS C 275 -10.59 -18.59 -11.78
CA LYS C 275 -11.21 -18.15 -13.03
C LYS C 275 -12.71 -18.38 -13.01
N GLN C 276 -13.18 -19.39 -12.27
CA GLN C 276 -14.61 -19.51 -12.05
C GLN C 276 -15.16 -18.32 -11.28
N ALA C 277 -14.44 -17.86 -10.26
CA ALA C 277 -14.87 -16.68 -9.54
C ALA C 277 -14.89 -15.46 -10.45
N VAL C 278 -13.90 -15.34 -11.33
CA VAL C 278 -13.89 -14.23 -12.29
C VAL C 278 -15.11 -14.31 -13.20
N ALA C 279 -15.43 -15.52 -13.67
CA ALA C 279 -16.61 -15.70 -14.52
C ALA C 279 -17.87 -15.29 -13.80
N TYR C 280 -18.00 -15.68 -12.52
CA TYR C 280 -19.17 -15.27 -11.76
C TYR C 280 -19.21 -13.76 -11.57
N ARG C 281 -18.06 -13.13 -11.35
CA ARG C 281 -18.05 -11.68 -11.24
C ARG C 281 -18.60 -11.04 -12.51
N GLN C 282 -18.10 -11.47 -13.68
CA GLN C 282 -18.66 -10.98 -14.93
C GLN C 282 -20.16 -11.21 -15.00
N LEU C 283 -20.59 -12.44 -14.73
CA LEU C 283 -21.98 -12.82 -14.90
C LEU C 283 -22.89 -11.97 -14.02
N SER C 284 -22.54 -11.84 -12.75
CA SER C 284 -23.37 -11.09 -11.81
C SER C 284 -23.34 -9.60 -12.13
N LEU C 285 -22.18 -9.06 -12.52
CA LEU C 285 -22.13 -7.63 -12.83
C LEU C 285 -22.98 -7.31 -14.04
N LEU C 286 -22.97 -8.16 -15.06
CA LEU C 286 -23.78 -7.89 -16.24
C LEU C 286 -25.27 -8.06 -15.98
N LEU C 287 -25.64 -8.81 -14.93
CA LEU C 287 -27.02 -8.78 -14.44
C LEU C 287 -27.30 -7.56 -13.59
N ARG C 288 -26.28 -6.75 -13.30
CA ARG C 288 -26.40 -5.53 -12.50
C ARG C 288 -26.87 -5.84 -11.08
N ARG C 289 -26.42 -6.95 -10.50
CA ARG C 289 -26.56 -7.13 -9.07
C ARG C 289 -25.54 -6.25 -8.34
N PRO C 290 -25.87 -5.81 -7.13
CA PRO C 290 -24.93 -4.96 -6.37
C PRO C 290 -23.59 -5.65 -6.18
N PRO C 291 -22.47 -4.97 -6.46
CA PRO C 291 -21.17 -5.59 -6.24
C PRO C 291 -20.81 -5.68 -4.76
N GLY C 292 -19.78 -6.49 -4.49
CA GLY C 292 -19.18 -6.57 -3.17
C GLY C 292 -17.74 -6.11 -3.18
N ARG C 293 -16.90 -6.69 -2.33
CA ARG C 293 -15.49 -6.35 -2.33
C ARG C 293 -14.83 -6.80 -3.63
N GLU C 294 -13.94 -5.95 -4.15
CA GLU C 294 -13.22 -6.25 -5.39
C GLU C 294 -14.18 -6.55 -6.52
N ALA C 295 -15.38 -5.97 -6.45
CA ALA C 295 -16.40 -6.13 -7.48
C ALA C 295 -16.91 -7.57 -7.61
N TYR C 296 -16.43 -8.48 -6.77
CA TYR C 296 -17.07 -9.78 -6.69
C TYR C 296 -18.43 -9.66 -6.02
N PRO C 297 -19.44 -10.43 -6.42
CA PRO C 297 -20.74 -10.41 -5.75
C PRO C 297 -20.63 -10.96 -4.35
N GLY C 298 -21.58 -10.62 -3.47
CA GLY C 298 -21.57 -11.09 -2.08
C GLY C 298 -21.51 -12.61 -1.98
N ASP C 299 -22.25 -13.32 -2.82
CA ASP C 299 -22.30 -14.78 -2.83
C ASP C 299 -20.97 -15.47 -3.18
N VAL C 300 -19.87 -14.78 -3.43
CA VAL C 300 -18.65 -15.44 -3.92
C VAL C 300 -18.06 -16.44 -2.92
N PHE C 301 -18.26 -16.26 -1.62
CA PHE C 301 -17.95 -17.31 -0.65
C PHE C 301 -18.93 -18.47 -0.76
N TYR C 302 -20.22 -18.19 -0.92
CA TYR C 302 -21.23 -19.23 -1.05
C TYR C 302 -20.96 -20.11 -2.26
N LEU C 303 -20.46 -19.53 -3.34
CA LEU C 303 -20.18 -20.24 -4.55
C LEU C 303 -19.19 -21.38 -4.36
N HIS C 304 -18.04 -21.10 -3.77
CA HIS C 304 -17.02 -22.10 -3.51
C HIS C 304 -17.37 -23.01 -2.36
N SER C 305 -18.02 -22.52 -1.31
CA SER C 305 -18.37 -23.36 -0.19
C SER C 305 -19.36 -24.43 -0.59
N ARG C 306 -20.46 -24.10 -1.29
CA ARG C 306 -21.40 -25.13 -1.73
C ARG C 306 -20.82 -26.10 -2.75
N LEU C 307 -19.88 -25.65 -3.58
CA LEU C 307 -19.13 -26.54 -4.47
C LEU C 307 -18.31 -27.56 -3.69
N LEU C 308 -17.47 -27.09 -2.78
CA LEU C 308 -16.46 -27.93 -2.13
C LEU C 308 -17.04 -28.86 -1.07
N GLU C 309 -18.11 -28.51 -0.36
CA GLU C 309 -18.73 -29.43 0.60
C GLU C 309 -19.26 -30.72 -0.04
N ARG C 310 -19.35 -30.82 -1.38
CA ARG C 310 -19.84 -32.04 -2.03
C ARG C 310 -18.82 -33.16 -1.98
N ALA C 311 -17.55 -32.84 -1.70
CA ALA C 311 -16.55 -33.87 -1.46
C ALA C 311 -16.83 -34.54 -0.11
N ALA C 312 -16.82 -35.87 -0.09
CA ALA C 312 -17.16 -36.58 1.13
C ALA C 312 -16.72 -38.03 1.04
N LYS C 313 -16.45 -38.62 2.21
CA LYS C 313 -16.29 -40.05 2.38
C LYS C 313 -17.53 -40.60 3.06
N LEU C 314 -18.31 -41.38 2.32
CA LEU C 314 -19.59 -41.85 2.83
C LEU C 314 -19.40 -43.06 3.75
N SER C 315 -20.32 -43.19 4.70
CA SER C 315 -20.26 -44.27 5.67
C SER C 315 -20.64 -45.60 5.02
N GLU C 316 -20.47 -46.68 5.80
CA GLU C 316 -20.77 -48.01 5.29
C GLU C 316 -22.24 -48.16 4.90
N LYS C 317 -23.14 -47.41 5.55
CA LYS C 317 -24.54 -47.47 5.18
C LYS C 317 -24.76 -46.94 3.76
N GLU C 318 -23.99 -45.93 3.36
CA GLU C 318 -24.18 -45.24 2.09
C GLU C 318 -23.23 -45.73 1.00
N GLY C 319 -22.71 -46.95 1.13
CA GLY C 319 -21.92 -47.57 0.08
C GLY C 319 -20.43 -47.32 0.13
N SER C 320 -19.94 -46.55 1.10
CA SER C 320 -18.52 -46.38 1.40
C SER C 320 -17.75 -45.63 0.31
N GLY C 321 -18.41 -45.15 -0.74
CA GLY C 321 -17.70 -44.40 -1.76
C GLY C 321 -17.29 -43.02 -1.28
N SER C 322 -16.34 -42.43 -2.01
CA SER C 322 -15.80 -41.14 -1.61
C SER C 322 -15.49 -40.29 -2.84
N LEU C 323 -15.63 -38.98 -2.67
CA LEU C 323 -15.24 -38.00 -3.67
C LEU C 323 -14.25 -37.03 -3.06
N THR C 324 -13.07 -36.93 -3.66
CA THR C 324 -11.99 -36.06 -3.19
C THR C 324 -11.90 -34.85 -4.11
N ALA C 325 -11.48 -33.70 -3.55
CA ALA C 325 -11.35 -32.48 -4.32
C ALA C 325 -9.94 -31.90 -4.22
N LEU C 326 -9.43 -31.40 -5.34
CA LEU C 326 -8.18 -30.64 -5.41
C LEU C 326 -8.47 -29.33 -6.13
N PRO C 327 -8.82 -28.26 -5.40
CA PRO C 327 -9.06 -26.96 -6.03
C PRO C 327 -7.74 -26.19 -6.18
N VAL C 328 -7.46 -25.73 -7.40
CA VAL C 328 -6.27 -24.93 -7.66
C VAL C 328 -6.64 -23.46 -7.55
N ILE C 329 -5.70 -22.65 -7.08
CA ILE C 329 -5.89 -21.22 -6.92
C ILE C 329 -4.59 -20.49 -7.29
N GLU C 330 -4.74 -19.36 -7.97
CA GLU C 330 -3.62 -18.51 -8.35
C GLU C 330 -3.62 -17.25 -7.50
N THR C 331 -2.47 -16.95 -6.90
CA THR C 331 -2.30 -15.74 -6.11
C THR C 331 -1.46 -14.75 -6.91
N GLN C 332 -2.02 -13.56 -7.14
CA GLN C 332 -1.30 -12.54 -7.89
C GLN C 332 -0.19 -11.96 -7.03
N GLY C 333 1.03 -11.97 -7.56
CA GLY C 333 2.17 -11.45 -6.82
C GLY C 333 2.44 -12.17 -5.51
N GLY C 334 1.95 -13.41 -5.37
CA GLY C 334 2.13 -14.13 -4.13
C GLY C 334 1.23 -13.68 -3.00
N ASP C 335 0.22 -12.86 -3.29
CA ASP C 335 -0.66 -12.28 -2.27
C ASP C 335 -1.69 -13.34 -1.82
N VAL C 336 -1.25 -14.17 -0.87
CA VAL C 336 -2.16 -15.16 -0.28
C VAL C 336 -3.27 -14.51 0.53
N SER C 337 -3.16 -13.21 0.81
CA SER C 337 -4.15 -12.50 1.62
C SER C 337 -5.36 -12.03 0.82
N ALA C 338 -5.32 -12.16 -0.50
CA ALA C 338 -6.40 -11.66 -1.35
C ALA C 338 -7.72 -12.32 -0.97
N TYR C 339 -8.81 -11.82 -1.57
CA TYR C 339 -10.15 -12.22 -1.16
C TYR C 339 -10.43 -13.68 -1.49
N ILE C 340 -10.33 -14.06 -2.76
CA ILE C 340 -10.66 -15.41 -3.19
C ILE C 340 -9.70 -16.41 -2.57
N PRO C 341 -8.39 -16.16 -2.58
CA PRO C 341 -7.48 -17.05 -1.86
C PRO C 341 -7.86 -17.22 -0.40
N THR C 342 -8.26 -16.12 0.26
CA THR C 342 -8.67 -16.20 1.66
C THR C 342 -9.87 -17.12 1.82
N ASN C 343 -10.88 -16.96 0.96
CA ASN C 343 -12.08 -17.79 1.08
C ASN C 343 -11.74 -19.26 0.89
N VAL C 344 -10.99 -19.58 -0.16
CA VAL C 344 -10.73 -20.99 -0.43
C VAL C 344 -9.83 -21.59 0.63
N ILE C 345 -8.88 -20.81 1.16
CA ILE C 345 -8.07 -21.29 2.28
C ILE C 345 -8.98 -21.58 3.49
N SER C 346 -9.96 -20.70 3.73
CA SER C 346 -10.87 -20.92 4.84
C SER C 346 -11.70 -22.18 4.65
N ILE C 347 -12.09 -22.51 3.43
CA ILE C 347 -13.02 -23.61 3.21
C ILE C 347 -12.30 -24.95 3.25
N THR C 348 -11.23 -25.10 2.48
CA THR C 348 -10.63 -26.42 2.30
C THR C 348 -9.96 -26.90 3.57
N ASP C 349 -9.82 -28.24 3.68
CA ASP C 349 -9.19 -28.83 4.86
C ASP C 349 -7.69 -28.60 4.87
N GLY C 350 -7.03 -28.80 3.74
CA GLY C 350 -5.58 -28.72 3.67
C GLY C 350 -5.13 -27.79 2.57
N GLN C 351 -3.93 -27.23 2.75
CA GLN C 351 -3.38 -26.26 1.81
C GLN C 351 -1.98 -26.70 1.39
N ILE C 352 -1.69 -26.55 0.11
CA ILE C 352 -0.37 -26.84 -0.45
C ILE C 352 0.09 -25.60 -1.18
N PHE C 353 1.17 -25.00 -0.68
CA PHE C 353 1.67 -23.73 -1.19
C PHE C 353 2.90 -23.98 -2.06
N LEU C 354 2.86 -23.49 -3.28
CA LEU C 354 3.98 -23.55 -4.21
C LEU C 354 4.60 -22.16 -4.28
N GLU C 355 5.90 -22.07 -4.01
CA GLU C 355 6.60 -20.80 -3.98
C GLU C 355 7.44 -20.64 -5.24
N ALA C 356 7.33 -19.48 -5.87
CA ALA C 356 8.13 -19.22 -7.08
C ALA C 356 9.62 -19.26 -6.76
N GLU C 357 10.01 -18.69 -5.62
CA GLU C 357 11.43 -18.62 -5.30
C GLU C 357 12.04 -20.00 -5.19
N LEU C 358 11.36 -20.92 -4.50
CA LEU C 358 11.90 -22.26 -4.33
C LEU C 358 12.07 -22.97 -5.67
N PHE C 359 11.23 -22.65 -6.65
CA PHE C 359 11.31 -23.32 -7.93
C PHE C 359 12.66 -23.09 -8.60
N TYR C 360 13.17 -21.86 -8.53
CA TYR C 360 14.43 -21.53 -9.17
C TYR C 360 15.62 -22.10 -8.42
N LYS C 361 15.51 -22.28 -7.10
CA LYS C 361 16.58 -22.88 -6.33
C LYS C 361 16.76 -24.36 -6.62
N GLY C 362 16.02 -24.92 -7.56
CA GLY C 362 16.07 -26.35 -7.82
C GLY C 362 15.22 -27.18 -6.89
N ILE C 363 14.42 -26.55 -6.04
CA ILE C 363 13.49 -27.26 -5.18
C ILE C 363 12.19 -27.38 -5.97
N ARG C 364 12.09 -28.43 -6.78
CA ARG C 364 10.94 -28.66 -7.64
C ARG C 364 10.50 -30.10 -7.51
N PRO C 365 9.23 -30.36 -7.15
CA PRO C 365 8.12 -29.43 -6.95
C PRO C 365 8.36 -28.43 -5.82
N ALA C 366 7.74 -27.25 -5.94
CA ALA C 366 8.11 -26.06 -5.18
C ALA C 366 7.33 -25.93 -3.88
N ILE C 367 6.95 -27.06 -3.28
CA ILE C 367 6.07 -27.06 -2.10
C ILE C 367 6.77 -26.31 -0.97
N ASN C 368 6.18 -25.20 -0.54
CA ASN C 368 6.61 -24.50 0.66
C ASN C 368 6.14 -25.29 1.87
N VAL C 369 7.01 -26.13 2.41
CA VAL C 369 6.60 -27.05 3.46
C VAL C 369 6.22 -26.36 4.76
N GLY C 370 6.59 -25.09 4.93
CA GLY C 370 6.23 -24.37 6.13
C GLY C 370 4.76 -23.99 6.15
N LEU C 371 4.30 -23.35 5.08
CA LEU C 371 2.90 -22.95 5.01
C LEU C 371 1.98 -24.14 4.77
N SER C 372 2.45 -25.14 4.04
CA SER C 372 1.61 -26.28 3.68
C SER C 372 1.22 -27.09 4.90
N VAL C 373 -0.04 -27.49 4.96
CA VAL C 373 -0.55 -28.30 6.07
C VAL C 373 -1.66 -29.20 5.54
N SER C 374 -1.80 -30.38 6.14
CA SER C 374 -2.89 -31.29 5.86
C SER C 374 -3.66 -31.52 7.15
N ARG C 375 -4.87 -31.00 7.22
CA ARG C 375 -5.61 -30.97 8.47
C ARG C 375 -6.22 -32.33 8.81
N VAL C 376 -6.33 -33.22 7.84
CA VAL C 376 -6.67 -34.61 8.14
C VAL C 376 -5.52 -35.29 8.87
N GLY C 377 -4.29 -34.97 8.48
CA GLY C 377 -3.12 -35.44 9.19
C GLY C 377 -2.79 -36.91 8.96
N SER C 378 -1.99 -37.43 9.90
CA SER C 378 -1.39 -38.74 9.75
C SER C 378 -2.41 -39.87 9.66
N ALA C 379 -3.66 -39.62 10.03
CA ALA C 379 -4.69 -40.65 9.87
C ALA C 379 -4.82 -41.07 8.41
N ALA C 380 -4.51 -40.16 7.47
CA ALA C 380 -4.65 -40.47 6.06
C ALA C 380 -3.40 -41.10 5.45
N GLN C 381 -2.28 -41.08 6.16
CA GLN C 381 -1.02 -41.54 5.59
C GLN C 381 -0.91 -43.06 5.62
N VAL C 382 -0.13 -43.61 4.70
CA VAL C 382 0.19 -45.03 4.75
C VAL C 382 1.14 -45.28 5.92
N LYS C 383 0.86 -46.34 6.68
CA LYS C 383 1.48 -46.44 8.01
C LYS C 383 2.98 -46.60 7.92
N ALA C 384 3.50 -47.34 6.94
CA ALA C 384 4.95 -47.46 6.79
C ALA C 384 5.59 -46.09 6.58
N LEU C 385 5.05 -45.31 5.64
CA LEU C 385 5.58 -43.99 5.38
C LEU C 385 5.38 -43.08 6.59
N LYS C 386 4.31 -43.31 7.36
CA LYS C 386 4.13 -42.58 8.61
C LYS C 386 5.23 -42.92 9.60
N GLN C 387 5.63 -44.20 9.65
CA GLN C 387 6.69 -44.61 10.57
C GLN C 387 8.01 -43.97 10.21
N VAL C 388 8.38 -44.02 8.93
CA VAL C 388 9.71 -43.51 8.56
C VAL C 388 9.72 -41.99 8.49
N ALA C 389 8.61 -41.38 8.08
CA ALA C 389 8.56 -39.94 7.86
C ALA C 389 8.34 -39.13 9.13
N GLY C 390 8.27 -39.77 10.30
CA GLY C 390 7.81 -39.08 11.49
C GLY C 390 8.66 -37.87 11.84
N SER C 391 9.98 -38.02 11.79
CA SER C 391 10.89 -36.94 12.20
C SER C 391 11.32 -36.04 11.05
N LEU C 392 10.99 -36.41 9.81
CA LEU C 392 11.34 -35.57 8.67
C LEU C 392 10.82 -34.14 8.85
N LYS C 393 9.56 -34.03 9.31
CA LYS C 393 8.96 -32.71 9.49
C LYS C 393 9.70 -31.91 10.56
N LEU C 394 10.14 -32.58 11.64
CA LEU C 394 10.91 -31.90 12.67
C LEU C 394 12.28 -31.47 12.13
N PHE C 395 12.95 -32.36 11.39
CA PHE C 395 14.22 -31.98 10.78
C PHE C 395 14.07 -30.71 9.96
N LEU C 396 13.05 -30.66 9.10
CA LEU C 396 12.91 -29.50 8.24
C LEU C 396 12.50 -28.26 9.03
N ALA C 397 11.69 -28.43 10.08
CA ALA C 397 11.34 -27.30 10.92
C ALA C 397 12.56 -26.70 11.61
N GLN C 398 13.44 -27.56 12.12
CA GLN C 398 14.68 -27.08 12.72
C GLN C 398 15.56 -26.41 11.68
N TYR C 399 15.63 -27.00 10.49
CA TYR C 399 16.42 -26.44 9.40
C TYR C 399 15.96 -25.04 9.06
N ARG C 400 14.65 -24.82 8.97
CA ARG C 400 14.15 -23.51 8.58
C ARG C 400 14.65 -22.42 9.53
N GLU C 401 14.91 -22.76 10.79
CA GLU C 401 15.45 -21.78 11.73
C GLU C 401 16.97 -21.68 11.62
N VAL C 402 17.65 -22.83 11.59
CA VAL C 402 19.11 -22.82 11.68
C VAL C 402 19.71 -22.25 10.40
N ALA C 403 19.17 -22.62 9.24
CA ALA C 403 19.66 -22.07 7.98
C ALA C 403 19.42 -20.57 7.90
N ALA C 404 18.27 -20.11 8.38
CA ALA C 404 18.00 -18.67 8.41
C ALA C 404 19.01 -17.96 9.30
N PHE C 405 19.33 -18.55 10.45
CA PHE C 405 20.34 -17.95 11.32
C PHE C 405 21.69 -17.90 10.61
N ALA C 406 22.10 -19.02 10.00
CA ALA C 406 23.40 -19.08 9.35
C ALA C 406 23.49 -18.12 8.17
N GLN C 407 22.36 -17.82 7.52
CA GLN C 407 22.39 -16.95 6.36
C GLN C 407 22.94 -15.57 6.69
N PHE C 408 22.88 -15.17 7.96
CA PHE C 408 23.40 -13.86 8.38
C PHE C 408 24.92 -13.80 8.34
N GLY C 409 25.61 -14.93 8.19
CA GLY C 409 27.05 -14.95 8.13
C GLY C 409 27.76 -15.29 9.42
N SER C 410 27.02 -15.44 10.53
CA SER C 410 27.65 -15.81 11.79
C SER C 410 27.83 -17.32 11.87
N ASP C 411 28.87 -17.73 12.61
CA ASP C 411 29.14 -19.15 12.84
C ASP C 411 28.42 -19.63 14.10
N LEU C 412 28.39 -20.94 14.29
CA LEU C 412 27.63 -21.54 15.38
C LEU C 412 28.20 -22.92 15.71
N ASP C 413 27.76 -23.43 16.86
CA ASP C 413 28.24 -24.73 17.34
C ASP C 413 27.90 -25.84 16.36
N ALA C 414 28.61 -26.97 16.51
CA ALA C 414 28.49 -28.08 15.57
C ALA C 414 27.11 -28.73 15.57
N SER C 415 26.34 -28.60 16.65
CA SER C 415 24.99 -29.16 16.64
C SER C 415 24.12 -28.48 15.59
N THR C 416 24.18 -27.15 15.53
CA THR C 416 23.49 -26.43 14.46
C THR C 416 24.03 -26.85 13.10
N LYS C 417 25.34 -27.13 13.01
CA LYS C 417 25.89 -27.63 11.76
C LYS C 417 25.30 -28.98 11.38
N GLN C 418 25.08 -29.87 12.35
CA GLN C 418 24.48 -31.16 12.03
C GLN C 418 23.05 -30.98 11.54
N THR C 419 22.28 -30.14 12.24
CA THR C 419 20.91 -29.88 11.78
C THR C 419 20.92 -29.30 10.37
N LEU C 420 21.83 -28.37 10.10
CA LEU C 420 21.92 -27.75 8.78
C LEU C 420 22.26 -28.79 7.71
N VAL C 421 23.25 -29.65 7.99
CA VAL C 421 23.69 -30.62 6.99
C VAL C 421 22.57 -31.60 6.68
N ARG C 422 21.97 -32.18 7.72
CA ARG C 422 20.94 -33.18 7.48
C ARG C 422 19.73 -32.53 6.80
N GLY C 423 19.37 -31.32 7.20
CA GLY C 423 18.26 -30.64 6.54
C GLY C 423 18.55 -30.34 5.09
N GLU C 424 19.78 -29.96 4.76
CA GLU C 424 20.14 -29.73 3.36
C GLU C 424 20.00 -31.02 2.56
N ARG C 425 20.51 -32.12 3.08
CA ARG C 425 20.35 -33.39 2.38
C ARG C 425 18.89 -33.77 2.22
N LEU C 426 18.08 -33.57 3.26
CA LEU C 426 16.66 -33.92 3.17
C LEU C 426 15.96 -33.06 2.13
N THR C 427 16.20 -31.75 2.15
CA THR C 427 15.58 -30.87 1.16
C THR C 427 15.99 -31.27 -0.25
N GLN C 428 17.25 -31.68 -0.43
CA GLN C 428 17.65 -32.18 -1.74
C GLN C 428 16.98 -33.50 -2.07
N LEU C 429 16.58 -34.26 -1.04
CA LEU C 429 15.99 -35.57 -1.28
C LEU C 429 14.58 -35.47 -1.84
N LEU C 430 13.85 -34.41 -1.52
CA LEU C 430 12.46 -34.30 -1.94
C LEU C 430 12.30 -33.91 -3.40
N LYS C 431 13.33 -33.34 -4.03
CA LYS C 431 13.23 -32.96 -5.43
C LYS C 431 12.90 -34.16 -6.30
N GLN C 432 12.10 -33.94 -7.35
CA GLN C 432 11.56 -35.04 -8.14
C GLN C 432 11.37 -34.61 -9.59
N ASN C 433 11.61 -35.55 -10.50
CA ASN C 433 11.38 -35.33 -11.92
C ASN C 433 9.88 -35.26 -12.22
N GLN C 434 9.51 -34.43 -13.20
CA GLN C 434 8.12 -34.33 -13.61
C GLN C 434 7.67 -35.60 -14.34
N TYR C 435 6.39 -35.93 -14.20
CA TYR C 435 5.75 -37.09 -14.81
C TYR C 435 6.40 -38.42 -14.40
N SER C 436 7.12 -38.45 -13.28
CA SER C 436 7.68 -39.69 -12.75
C SER C 436 7.18 -39.88 -11.32
N PRO C 437 6.03 -40.51 -11.12
CA PRO C 437 5.54 -40.76 -9.76
C PRO C 437 6.14 -42.02 -9.16
N LEU C 438 6.49 -41.92 -7.88
CA LEU C 438 7.13 -43.01 -7.16
C LEU C 438 6.11 -43.69 -6.24
N ALA C 439 6.09 -45.02 -6.27
CA ALA C 439 5.25 -45.76 -5.35
C ALA C 439 5.79 -45.61 -3.93
N THR C 440 4.90 -45.83 -2.95
CA THR C 440 5.31 -45.75 -1.56
C THR C 440 6.39 -46.77 -1.24
N GLU C 441 6.38 -47.92 -1.92
CA GLU C 441 7.46 -48.88 -1.74
C GLU C 441 8.81 -48.32 -2.15
N GLU C 442 8.83 -47.27 -2.95
CA GLU C 442 10.06 -46.57 -3.31
C GLU C 442 10.28 -45.32 -2.49
N GLN C 443 9.22 -44.68 -2.01
CA GLN C 443 9.39 -43.53 -1.14
C GLN C 443 9.94 -43.94 0.22
N VAL C 444 9.51 -45.10 0.73
CA VAL C 444 9.91 -45.51 2.08
C VAL C 444 11.42 -45.62 2.21
N PRO C 445 12.13 -46.32 1.33
CA PRO C 445 13.59 -46.39 1.48
C PRO C 445 14.26 -45.03 1.48
N LEU C 446 13.81 -44.12 0.62
CA LEU C 446 14.47 -42.82 0.52
C LEU C 446 14.29 -42.01 1.80
N ILE C 447 13.05 -41.92 2.29
CA ILE C 447 12.81 -41.14 3.50
C ILE C 447 13.45 -41.83 4.70
N TYR C 448 13.49 -43.16 4.72
CA TYR C 448 14.23 -43.88 5.75
C TYR C 448 15.69 -43.45 5.76
N ALA C 449 16.33 -43.50 4.59
CA ALA C 449 17.73 -43.10 4.51
C ALA C 449 17.92 -41.66 4.95
N GLY C 450 16.97 -40.80 4.61
CA GLY C 450 17.08 -39.40 5.01
C GLY C 450 17.00 -39.21 6.51
N VAL C 451 15.99 -39.81 7.14
CA VAL C 451 15.76 -39.54 8.56
C VAL C 451 16.72 -40.32 9.43
N ASN C 452 16.80 -41.64 9.21
CA ASN C 452 17.61 -42.48 10.08
C ASN C 452 19.10 -42.21 9.94
N GLY C 453 19.52 -41.69 8.79
CA GLY C 453 20.93 -41.50 8.50
C GLY C 453 21.45 -42.56 7.54
N HIS C 454 22.74 -42.43 7.23
CA HIS C 454 23.39 -43.18 6.17
C HIS C 454 23.08 -42.62 4.80
N LEU C 455 22.55 -41.40 4.75
CA LEU C 455 22.41 -40.65 3.50
C LEU C 455 22.82 -39.19 3.71
N ASP C 456 23.51 -38.88 4.80
CA ASP C 456 23.97 -37.53 5.10
C ASP C 456 25.44 -37.31 4.75
N GLY C 457 26.15 -38.36 4.30
CA GLY C 457 27.55 -38.22 3.99
C GLY C 457 27.81 -37.89 2.54
N ILE C 458 26.87 -38.22 1.66
CA ILE C 458 27.08 -38.03 0.23
C ILE C 458 27.15 -36.54 -0.10
N GLU C 459 27.91 -36.21 -1.14
CA GLU C 459 27.99 -34.84 -1.60
C GLU C 459 26.62 -34.37 -2.07
N LEU C 460 26.31 -33.09 -1.80
CA LEU C 460 24.97 -32.59 -2.09
C LEU C 460 24.63 -32.66 -3.57
N SER C 461 25.63 -32.45 -4.44
CA SER C 461 25.34 -32.41 -5.87
C SER C 461 24.94 -33.79 -6.40
N ARG C 462 25.44 -34.86 -5.80
CA ARG C 462 25.27 -36.21 -6.33
C ARG C 462 24.16 -36.99 -5.63
N ILE C 463 23.37 -36.34 -4.77
CA ILE C 463 22.23 -37.02 -4.17
C ILE C 463 21.32 -37.56 -5.25
N GLY C 464 21.12 -36.79 -6.31
CA GLY C 464 20.29 -37.26 -7.42
C GLY C 464 20.83 -38.53 -8.04
N GLU C 465 22.15 -38.67 -8.09
CA GLU C 465 22.73 -39.93 -8.54
C GLU C 465 22.42 -41.05 -7.54
N PHE C 466 22.49 -40.74 -6.25
CA PHE C 466 22.20 -41.75 -5.23
C PHE C 466 20.76 -42.23 -5.33
N GLU C 467 19.81 -41.29 -5.30
CA GLU C 467 18.41 -41.66 -5.22
C GLU C 467 18.02 -42.55 -6.39
N SER C 468 18.51 -42.24 -7.59
CA SER C 468 18.19 -43.06 -8.74
C SER C 468 18.78 -44.46 -8.61
N SER C 469 20.03 -44.55 -8.14
CA SER C 469 20.70 -45.85 -8.09
C SER C 469 20.17 -46.71 -6.95
N PHE C 470 19.92 -46.11 -5.79
CA PHE C 470 19.54 -46.89 -4.62
C PHE C 470 18.34 -47.77 -4.91
N LEU C 471 17.27 -47.19 -5.46
CA LEU C 471 16.11 -47.99 -5.82
C LEU C 471 16.50 -49.07 -6.82
N SER C 472 17.26 -48.70 -7.85
CA SER C 472 17.65 -49.69 -8.85
C SER C 472 18.41 -50.84 -8.20
N TYR C 473 19.07 -50.57 -7.08
CA TYR C 473 19.73 -51.64 -6.33
C TYR C 473 18.70 -52.47 -5.56
N LEU C 474 17.83 -51.80 -4.80
CA LEU C 474 16.88 -52.52 -3.97
C LEU C 474 15.96 -53.40 -4.80
N LYS C 475 15.62 -52.96 -6.01
CA LYS C 475 14.70 -53.73 -6.83
C LYS C 475 15.27 -55.08 -7.25
N SER C 476 16.58 -55.30 -7.12
CA SER C 476 17.19 -56.58 -7.44
C SER C 476 17.79 -57.26 -6.23
N ASN C 477 18.63 -56.55 -5.47
CA ASN C 477 19.37 -57.17 -4.38
C ASN C 477 18.55 -57.30 -3.11
N HIS C 478 17.41 -56.61 -3.01
CA HIS C 478 16.61 -56.58 -1.78
C HIS C 478 15.12 -56.65 -2.07
N ASN C 479 14.73 -57.41 -3.11
CA ASN C 479 13.36 -57.36 -3.61
C ASN C 479 12.33 -57.70 -2.55
N GLU C 480 12.66 -58.62 -1.63
CA GLU C 480 11.70 -59.05 -0.63
C GLU C 480 11.27 -57.87 0.25
N LEU C 481 12.20 -57.00 0.59
CA LEU C 481 11.87 -55.86 1.43
C LEU C 481 10.83 -54.96 0.75
N LEU C 482 11.02 -54.70 -0.54
CA LEU C 482 10.05 -53.92 -1.28
C LEU C 482 8.69 -54.62 -1.31
N THR C 483 8.69 -55.94 -1.55
CA THR C 483 7.43 -56.67 -1.60
C THR C 483 6.68 -56.54 -0.29
N GLU C 484 7.39 -56.69 0.84
CA GLU C 484 6.73 -56.59 2.14
C GLU C 484 6.30 -55.16 2.44
N ILE C 485 7.11 -54.16 2.08
CA ILE C 485 6.70 -52.78 2.30
C ILE C 485 5.40 -52.49 1.57
N ARG C 486 5.26 -53.02 0.35
CA ARG C 486 4.00 -52.82 -0.36
C ARG C 486 2.85 -53.58 0.30
N GLU C 487 3.00 -54.90 0.42
CA GLU C 487 1.83 -55.74 0.69
C GLU C 487 1.37 -55.65 2.14
N LYS C 488 2.30 -55.65 3.10
CA LYS C 488 1.90 -55.57 4.50
C LYS C 488 1.80 -54.14 5.00
N GLY C 489 2.31 -53.16 4.26
CA GLY C 489 2.02 -51.76 4.51
C GLY C 489 2.58 -51.20 5.79
N GLU C 490 3.22 -52.01 6.63
CA GLU C 490 3.76 -51.54 7.89
C GLU C 490 5.11 -52.20 8.13
N LEU C 491 5.98 -51.49 8.84
CA LEU C 491 7.35 -51.93 9.06
C LEU C 491 7.48 -52.47 10.47
N SER C 492 7.75 -53.77 10.58
CA SER C 492 8.10 -54.36 11.87
C SER C 492 9.54 -54.00 12.23
N LYS C 493 9.93 -54.34 13.45
CA LYS C 493 11.32 -54.12 13.85
C LYS C 493 12.28 -54.87 12.93
N GLU C 494 11.89 -56.06 12.48
CA GLU C 494 12.74 -56.82 11.58
C GLU C 494 12.98 -56.05 10.28
N LEU C 495 11.93 -55.44 9.72
CA LEU C 495 12.10 -54.68 8.48
C LEU C 495 12.92 -53.42 8.71
N LEU C 496 12.72 -52.74 9.84
CA LEU C 496 13.55 -51.56 10.12
C LEU C 496 15.02 -51.94 10.24
N ALA C 497 15.32 -53.05 10.92
CA ALA C 497 16.70 -53.51 10.99
C ALA C 497 17.23 -53.90 9.62
N SER C 498 16.39 -54.53 8.80
CA SER C 498 16.81 -54.91 7.45
C SER C 498 17.15 -53.68 6.63
N LEU C 499 16.31 -52.65 6.68
CA LEU C 499 16.61 -51.43 5.93
C LEU C 499 17.81 -50.70 6.50
N LYS C 500 18.01 -50.73 7.81
CA LYS C 500 19.25 -50.22 8.39
C LYS C 500 20.45 -50.91 7.75
N SER C 501 20.42 -52.24 7.73
CA SER C 501 21.53 -53.00 7.14
C SER C 501 21.72 -52.65 5.67
N ALA C 502 20.62 -52.60 4.92
CA ALA C 502 20.72 -52.32 3.49
C ALA C 502 21.28 -50.93 3.21
N THR C 503 20.84 -49.93 3.99
CA THR C 503 21.32 -48.58 3.78
C THR C 503 22.81 -48.49 4.11
N GLU C 504 23.22 -49.07 5.25
CA GLU C 504 24.64 -49.05 5.60
C GLU C 504 25.46 -49.77 4.54
N SER C 505 24.95 -50.90 4.04
CA SER C 505 25.67 -51.66 3.02
C SER C 505 25.83 -50.85 1.75
N PHE C 506 24.74 -50.25 1.26
CA PHE C 506 24.77 -49.61 -0.04
C PHE C 506 25.57 -48.31 0.00
N VAL C 507 25.34 -47.49 1.02
CA VAL C 507 25.99 -46.18 1.03
C VAL C 507 27.49 -46.31 1.11
N ALA C 508 27.99 -47.41 1.69
CA ALA C 508 29.44 -47.62 1.74
C ALA C 508 30.04 -47.75 0.36
N THR C 509 29.24 -48.05 -0.66
CA THR C 509 29.74 -48.18 -2.02
C THR C 509 29.95 -46.80 -2.65
N ILE D 9 -54.10 -15.45 4.91
CA ILE D 9 -53.53 -14.18 4.46
C ILE D 9 -52.22 -14.43 3.72
N THR D 10 -52.24 -15.39 2.81
CA THR D 10 -51.04 -15.78 2.09
C THR D 10 -50.57 -14.66 1.18
N GLY D 11 -49.27 -14.38 1.20
CA GLY D 11 -48.66 -13.52 0.21
C GLY D 11 -48.35 -14.26 -1.08
N LYS D 12 -47.74 -13.54 -2.00
CA LYS D 12 -47.32 -14.11 -3.29
C LYS D 12 -45.94 -13.61 -3.64
N VAL D 13 -45.08 -14.52 -4.11
CA VAL D 13 -43.72 -14.12 -4.49
C VAL D 13 -43.80 -13.22 -5.71
N THR D 14 -42.90 -12.22 -5.76
CA THR D 14 -42.81 -11.31 -6.89
C THR D 14 -41.44 -11.29 -7.55
N ALA D 15 -40.36 -11.44 -6.78
CA ALA D 15 -39.02 -11.42 -7.34
C ALA D 15 -38.12 -12.35 -6.55
N VAL D 16 -37.20 -13.02 -7.25
CA VAL D 16 -36.22 -13.90 -6.64
C VAL D 16 -34.86 -13.59 -7.24
N ILE D 17 -33.89 -13.29 -6.39
CA ILE D 17 -32.51 -13.07 -6.81
C ILE D 17 -31.60 -13.68 -5.76
N GLY D 18 -30.77 -14.64 -6.16
CA GLY D 18 -29.85 -15.28 -5.25
C GLY D 18 -30.55 -15.77 -4.00
N ALA D 19 -30.08 -15.27 -2.84
CA ALA D 19 -30.66 -15.64 -1.55
C ALA D 19 -31.86 -14.77 -1.17
N ILE D 20 -32.21 -13.77 -1.96
CA ILE D 20 -33.21 -12.77 -1.59
C ILE D 20 -34.51 -13.05 -2.32
N VAL D 21 -35.63 -12.95 -1.61
CA VAL D 21 -36.95 -13.18 -2.19
C VAL D 21 -37.88 -12.05 -1.74
N ASP D 22 -38.65 -11.52 -2.68
CA ASP D 22 -39.61 -10.46 -2.39
C ASP D 22 -41.03 -11.01 -2.44
N VAL D 23 -41.87 -10.60 -1.50
CA VAL D 23 -43.22 -11.11 -1.34
C VAL D 23 -44.20 -9.96 -1.23
N HIS D 24 -45.40 -10.14 -1.76
CA HIS D 24 -46.44 -9.12 -1.75
C HIS D 24 -47.67 -9.63 -1.00
N PHE D 25 -48.28 -8.76 -0.20
CA PHE D 25 -49.46 -9.10 0.60
C PHE D 25 -50.60 -8.17 0.24
N GLU D 26 -51.78 -8.74 0.01
CA GLU D 26 -52.96 -7.93 -0.27
C GLU D 26 -53.59 -7.35 0.98
N GLN D 27 -53.39 -7.97 2.13
CA GLN D 27 -54.05 -7.52 3.36
C GLN D 27 -53.48 -6.17 3.79
N SER D 28 -54.26 -5.48 4.64
CA SER D 28 -53.78 -4.23 5.24
C SER D 28 -52.60 -4.48 6.17
N GLU D 29 -52.51 -5.68 6.74
CA GLU D 29 -51.48 -6.01 7.72
C GLU D 29 -50.40 -6.85 7.05
N LEU D 30 -49.17 -6.34 7.05
CA LEU D 30 -48.03 -7.09 6.59
C LEU D 30 -47.45 -7.93 7.72
N PRO D 31 -46.67 -8.96 7.41
CA PRO D 31 -45.87 -9.60 8.46
C PRO D 31 -44.84 -8.64 9.02
N ALA D 32 -44.65 -8.70 10.33
CA ALA D 32 -43.67 -7.84 10.97
C ALA D 32 -42.26 -8.27 10.57
N ILE D 33 -41.33 -7.33 10.65
CA ILE D 33 -39.95 -7.62 10.29
C ILE D 33 -39.40 -8.71 11.19
N LEU D 34 -38.66 -9.65 10.60
CA LEU D 34 -38.12 -10.86 11.22
C LEU D 34 -39.18 -11.93 11.48
N ASN D 35 -40.41 -11.77 11.00
CA ASN D 35 -41.36 -12.87 11.00
C ASN D 35 -40.90 -13.95 10.03
N ALA D 36 -41.32 -15.18 10.29
CA ALA D 36 -40.96 -16.31 9.43
C ALA D 36 -42.13 -16.64 8.51
N LEU D 37 -41.90 -16.49 7.21
CA LEU D 37 -42.81 -16.96 6.19
C LEU D 37 -42.36 -18.34 5.75
N GLU D 38 -43.28 -19.14 5.22
CA GLU D 38 -42.93 -20.47 4.75
C GLU D 38 -43.60 -20.77 3.43
N ILE D 39 -42.89 -21.52 2.59
CA ILE D 39 -43.35 -21.93 1.27
C ILE D 39 -43.30 -23.45 1.21
N LYS D 40 -44.44 -24.07 0.91
CA LYS D 40 -44.53 -25.51 0.82
C LYS D 40 -43.99 -25.98 -0.53
N THR D 41 -43.16 -27.02 -0.50
CA THR D 41 -42.64 -27.65 -1.71
C THR D 41 -42.29 -29.09 -1.36
N PRO D 42 -42.24 -29.99 -2.35
CA PRO D 42 -41.94 -31.40 -2.03
C PRO D 42 -40.61 -31.60 -1.35
N GLN D 43 -39.65 -30.71 -1.53
CA GLN D 43 -38.33 -30.84 -0.92
C GLN D 43 -38.29 -30.32 0.51
N GLY D 44 -39.44 -30.17 1.16
CA GLY D 44 -39.50 -29.56 2.48
C GLY D 44 -39.68 -28.06 2.41
N LYS D 45 -40.40 -27.49 3.38
CA LYS D 45 -40.76 -26.09 3.31
C LYS D 45 -39.52 -25.19 3.35
N LEU D 46 -39.52 -24.19 2.47
CA LEU D 46 -38.52 -23.13 2.54
C LEU D 46 -39.00 -22.06 3.51
N VAL D 47 -38.10 -21.56 4.35
CA VAL D 47 -38.43 -20.53 5.33
C VAL D 47 -37.77 -19.23 4.91
N LEU D 48 -38.56 -18.16 4.86
CA LEU D 48 -38.10 -16.82 4.50
C LEU D 48 -38.19 -15.92 5.73
N GLU D 49 -37.10 -15.23 6.05
CA GLU D 49 -37.09 -14.29 7.16
C GLU D 49 -37.25 -12.88 6.60
N VAL D 50 -38.26 -12.16 7.07
CA VAL D 50 -38.54 -10.82 6.55
C VAL D 50 -37.46 -9.87 7.07
N ALA D 51 -36.77 -9.22 6.15
CA ALA D 51 -35.68 -8.32 6.49
C ALA D 51 -36.00 -6.85 6.26
N GLN D 52 -36.82 -6.52 5.27
CA GLN D 52 -37.18 -5.13 5.01
C GLN D 52 -38.62 -5.04 4.52
N HIS D 53 -39.19 -3.87 4.66
CA HIS D 53 -40.42 -3.50 3.97
C HIS D 53 -40.05 -2.52 2.86
N LEU D 54 -40.31 -2.90 1.62
CA LEU D 54 -39.99 -2.05 0.47
C LEU D 54 -41.07 -1.01 0.21
N GLY D 55 -42.14 -1.01 0.99
CA GLY D 55 -43.28 -0.16 0.70
C GLY D 55 -44.16 -0.78 -0.37
N GLU D 56 -45.36 -0.23 -0.50
CA GLU D 56 -46.36 -0.74 -1.43
C GLU D 56 -46.62 -2.23 -1.17
N ASN D 57 -46.75 -2.57 0.11
CA ASN D 57 -47.14 -3.91 0.54
C ASN D 57 -46.16 -4.99 0.07
N THR D 58 -44.92 -4.63 -0.20
CA THR D 58 -43.89 -5.59 -0.61
C THR D 58 -42.81 -5.68 0.47
N VAL D 59 -42.46 -6.91 0.83
CA VAL D 59 -41.47 -7.18 1.86
C VAL D 59 -40.34 -7.99 1.26
N ARG D 60 -39.11 -7.68 1.65
CA ARG D 60 -37.92 -8.32 1.14
C ARG D 60 -37.33 -9.21 2.23
N THR D 61 -37.06 -10.47 1.88
CA THR D 61 -36.79 -11.52 2.84
C THR D 61 -35.57 -12.31 2.42
N ILE D 62 -34.95 -12.97 3.39
CA ILE D 62 -33.74 -13.76 3.19
C ILE D 62 -34.11 -15.23 3.28
N ALA D 63 -33.67 -16.03 2.31
CA ALA D 63 -33.96 -17.45 2.28
C ALA D 63 -33.09 -18.21 3.25
N MET D 64 -33.68 -19.23 3.89
CA MET D 64 -32.96 -20.17 4.74
C MET D 64 -32.62 -21.46 4.03
N ASP D 65 -32.98 -21.59 2.75
CA ASP D 65 -32.70 -22.80 1.99
C ASP D 65 -32.56 -22.40 0.52
N GLY D 66 -32.11 -23.34 -0.28
CA GLY D 66 -31.87 -23.07 -1.69
C GLY D 66 -33.08 -22.49 -2.38
N THR D 67 -32.91 -21.34 -3.03
CA THR D 67 -34.00 -20.66 -3.69
C THR D 67 -34.34 -21.24 -5.05
N GLU D 68 -33.49 -22.12 -5.60
CA GLU D 68 -33.79 -22.71 -6.89
C GLU D 68 -35.13 -23.43 -6.85
N GLY D 69 -35.89 -23.29 -7.93
CA GLY D 69 -37.19 -23.91 -8.04
C GLY D 69 -38.36 -23.04 -7.65
N LEU D 70 -38.12 -21.84 -7.13
CA LEU D 70 -39.22 -20.95 -6.79
C LEU D 70 -39.87 -20.39 -8.06
N VAL D 71 -41.11 -19.93 -7.90
CA VAL D 71 -41.92 -19.47 -9.02
C VAL D 71 -42.56 -18.14 -8.64
N ARG D 72 -42.61 -17.20 -9.58
CA ARG D 72 -43.31 -15.95 -9.32
C ARG D 72 -44.79 -16.23 -9.13
N GLY D 73 -45.38 -15.58 -8.15
CA GLY D 73 -46.76 -15.85 -7.79
C GLY D 73 -46.95 -17.03 -6.88
N GLU D 74 -45.88 -17.67 -6.43
CA GLU D 74 -46.00 -18.79 -5.49
C GLU D 74 -46.56 -18.29 -4.17
N LYS D 75 -47.53 -19.03 -3.64
CA LYS D 75 -48.21 -18.60 -2.43
C LYS D 75 -47.31 -18.77 -1.22
N VAL D 76 -47.31 -17.76 -0.35
CA VAL D 76 -46.43 -17.70 0.82
C VAL D 76 -47.29 -17.52 2.07
N LEU D 77 -46.98 -18.29 3.11
CA LEU D 77 -47.79 -18.35 4.32
C LEU D 77 -47.03 -17.72 5.48
N ASP D 78 -47.69 -16.80 6.19
CA ASP D 78 -47.11 -16.19 7.38
C ASP D 78 -47.41 -17.05 8.60
N THR D 79 -46.37 -17.38 9.38
CA THR D 79 -46.55 -18.15 10.60
C THR D 79 -46.90 -17.28 11.80
N GLY D 80 -46.84 -15.96 11.69
CA GLY D 80 -47.23 -15.07 12.76
C GLY D 80 -46.15 -14.79 13.79
N GLY D 81 -44.93 -15.30 13.60
CA GLY D 81 -43.86 -15.03 14.52
C GLY D 81 -42.51 -15.43 13.96
N PRO D 82 -41.44 -15.08 14.68
CA PRO D 82 -40.10 -15.41 14.18
C PRO D 82 -39.84 -16.91 14.11
N ILE D 83 -38.65 -17.29 13.66
CA ILE D 83 -38.26 -18.69 13.69
C ILE D 83 -38.34 -19.20 15.12
N SER D 84 -38.93 -20.38 15.30
CA SER D 84 -39.32 -20.88 16.62
C SER D 84 -38.67 -22.24 16.87
N VAL D 85 -37.58 -22.23 17.63
CA VAL D 85 -36.83 -23.47 17.92
C VAL D 85 -37.50 -24.22 19.06
N PRO D 86 -37.39 -25.55 19.13
CA PRO D 86 -37.73 -26.25 20.36
C PRO D 86 -36.68 -25.98 21.44
N VAL D 87 -37.10 -26.10 22.69
CA VAL D 87 -36.25 -25.82 23.83
C VAL D 87 -36.54 -26.84 24.94
N GLY D 88 -35.64 -26.90 25.90
CA GLY D 88 -35.75 -27.78 27.04
C GLY D 88 -34.74 -28.91 26.97
N ARG D 89 -34.90 -29.84 27.90
CA ARG D 89 -34.03 -31.02 27.94
C ARG D 89 -34.22 -31.91 26.71
N GLU D 90 -35.34 -31.75 25.99
CA GLU D 90 -35.60 -32.58 24.83
C GLU D 90 -34.59 -32.37 23.72
N THR D 91 -33.97 -31.20 23.63
CA THR D 91 -33.01 -30.91 22.58
C THR D 91 -31.62 -31.46 22.86
N LEU D 92 -31.41 -32.05 24.04
CA LEU D 92 -30.11 -32.63 24.36
C LEU D 92 -29.90 -33.93 23.62
N GLY D 93 -28.69 -34.15 23.15
CA GLY D 93 -28.34 -35.40 22.50
C GLY D 93 -28.87 -35.56 21.09
N ARG D 94 -29.12 -34.46 20.39
CA ARG D 94 -29.52 -34.55 18.99
C ARG D 94 -29.26 -33.23 18.31
N ILE D 95 -29.15 -33.27 16.98
CA ILE D 95 -28.67 -32.17 16.16
C ILE D 95 -29.87 -31.51 15.47
N ILE D 96 -29.92 -30.18 15.52
CA ILE D 96 -30.96 -29.40 14.86
C ILE D 96 -30.32 -28.40 13.91
N ASN D 97 -31.07 -28.03 12.88
CA ASN D 97 -30.64 -27.02 11.92
C ASN D 97 -31.20 -25.65 12.30
N VAL D 98 -31.03 -24.67 11.41
CA VAL D 98 -31.34 -23.29 11.76
C VAL D 98 -32.82 -23.11 12.08
N ILE D 99 -33.69 -23.70 11.25
CA ILE D 99 -35.14 -23.53 11.47
C ILE D 99 -35.67 -24.43 12.58
N GLY D 100 -34.80 -25.16 13.27
CA GLY D 100 -35.23 -25.97 14.39
C GLY D 100 -35.72 -27.36 14.04
N GLU D 101 -35.53 -27.80 12.79
CA GLU D 101 -35.85 -29.17 12.47
C GLU D 101 -34.66 -30.08 12.78
N PRO D 102 -34.90 -31.33 13.13
CA PRO D 102 -33.78 -32.25 13.38
C PRO D 102 -33.13 -32.71 12.08
N ILE D 103 -31.81 -32.79 12.10
CA ILE D 103 -31.05 -33.35 10.99
C ILE D 103 -30.30 -34.57 11.50
N ASP D 104 -30.87 -35.21 12.53
CA ASP D 104 -30.28 -36.38 13.17
C ASP D 104 -31.06 -37.65 12.90
N GLU D 105 -32.03 -37.63 11.99
CA GLU D 105 -33.02 -38.69 11.90
C GLU D 105 -33.59 -38.89 13.29
N ARG D 106 -33.79 -40.14 13.72
CA ARG D 106 -34.18 -40.47 15.08
C ARG D 106 -35.47 -39.76 15.53
N GLY D 107 -36.25 -39.25 14.58
CA GLY D 107 -37.59 -38.77 14.86
C GLY D 107 -37.69 -37.34 15.35
N PRO D 108 -38.93 -36.88 15.54
CA PRO D 108 -39.15 -35.47 15.90
C PRO D 108 -38.69 -35.12 17.30
N ILE D 109 -38.46 -33.83 17.51
CA ILE D 109 -38.10 -33.33 18.85
C ILE D 109 -39.40 -32.88 19.51
N LYS D 110 -40.09 -33.84 20.12
CA LYS D 110 -41.24 -33.51 20.95
C LYS D 110 -40.80 -32.68 22.15
N SER D 111 -41.57 -31.65 22.48
CA SER D 111 -41.22 -30.79 23.60
C SER D 111 -42.45 -30.04 24.07
N LYS D 112 -42.38 -29.55 25.31
CA LYS D 112 -43.47 -28.74 25.86
C LYS D 112 -43.53 -27.36 25.22
N LEU D 113 -42.39 -26.82 24.78
CA LEU D 113 -42.32 -25.42 24.40
C LEU D 113 -41.48 -25.23 23.15
N ARG D 114 -41.85 -24.22 22.37
CA ARG D 114 -41.01 -23.64 21.32
C ARG D 114 -40.88 -22.15 21.58
N LYS D 115 -39.77 -21.56 21.13
CA LYS D 115 -39.44 -20.20 21.51
C LYS D 115 -38.80 -19.46 20.35
N PRO D 116 -39.07 -18.15 20.21
CA PRO D 116 -38.44 -17.37 19.14
C PRO D 116 -36.93 -17.24 19.33
N ILE D 117 -36.22 -17.14 18.21
CA ILE D 117 -34.77 -16.97 18.28
C ILE D 117 -34.36 -15.50 18.41
N HIS D 118 -35.26 -14.57 18.13
CA HIS D 118 -35.00 -13.14 18.33
C HIS D 118 -35.58 -12.71 19.68
N ALA D 119 -34.73 -12.20 20.55
CA ALA D 119 -35.16 -11.71 21.85
C ALA D 119 -34.18 -10.64 22.33
N ASP D 120 -34.64 -9.81 23.26
CA ASP D 120 -33.88 -8.67 23.72
C ASP D 120 -32.81 -9.07 24.73
N PRO D 121 -31.68 -8.37 24.75
CA PRO D 121 -30.68 -8.64 25.78
C PRO D 121 -31.23 -8.31 27.15
N PRO D 122 -30.72 -8.96 28.19
CA PRO D 122 -31.14 -8.60 29.55
C PRO D 122 -30.79 -7.16 29.87
N SER D 123 -31.61 -6.54 30.73
CA SER D 123 -31.42 -5.15 31.09
C SER D 123 -30.15 -4.97 31.92
N PHE D 124 -29.83 -3.70 32.21
CA PHE D 124 -28.68 -3.41 33.06
C PHE D 124 -28.89 -3.91 34.48
N ALA D 125 -30.11 -3.74 35.01
CA ALA D 125 -30.38 -4.17 36.37
C ALA D 125 -30.23 -5.67 36.53
N GLU D 126 -30.36 -6.43 35.43
CA GLU D 126 -30.31 -7.88 35.49
C GLU D 126 -28.90 -8.44 35.43
N GLN D 127 -27.89 -7.61 35.14
CA GLN D 127 -26.51 -8.09 35.10
C GLN D 127 -26.04 -8.52 36.47
N SER D 128 -25.06 -9.42 36.49
CA SER D 128 -24.45 -9.87 37.74
C SER D 128 -23.02 -10.28 37.42
N THR D 129 -22.05 -9.44 37.79
CA THR D 129 -20.65 -9.65 37.45
C THR D 129 -19.87 -10.02 38.71
N SER D 130 -19.13 -11.12 38.64
CA SER D 130 -18.22 -11.52 39.70
C SER D 130 -17.01 -12.20 39.09
N ALA D 131 -15.89 -12.11 39.78
CA ALA D 131 -14.64 -12.70 39.33
C ALA D 131 -14.53 -14.11 39.89
N GLU D 132 -14.67 -15.11 39.02
CA GLU D 132 -14.50 -16.51 39.40
C GLU D 132 -13.79 -17.22 38.25
N ILE D 133 -12.86 -18.10 38.60
CA ILE D 133 -11.85 -18.60 37.67
C ILE D 133 -12.19 -20.03 37.28
N LEU D 134 -12.23 -20.28 35.97
CA LEU D 134 -12.62 -21.58 35.41
C LEU D 134 -11.35 -22.37 35.09
N GLU D 135 -10.98 -23.27 35.99
CA GLU D 135 -9.80 -24.11 35.81
C GLU D 135 -9.94 -25.01 34.58
N THR D 136 -9.13 -24.77 33.56
CA THR D 136 -9.22 -25.52 32.31
C THR D 136 -8.32 -26.74 32.27
N GLY D 137 -7.24 -26.77 33.04
CA GLY D 137 -6.26 -27.82 32.93
C GLY D 137 -5.26 -27.64 31.82
N ILE D 138 -5.15 -26.44 31.25
CA ILE D 138 -4.23 -26.15 30.16
C ILE D 138 -3.25 -25.08 30.64
N LYS D 139 -1.95 -25.36 30.50
CA LYS D 139 -0.93 -24.52 31.12
C LYS D 139 -1.12 -23.05 30.78
N VAL D 140 -1.00 -22.71 29.49
CA VAL D 140 -0.85 -21.32 29.11
C VAL D 140 -2.08 -20.52 29.51
N VAL D 141 -3.27 -21.09 29.34
CA VAL D 141 -4.50 -20.37 29.69
C VAL D 141 -4.59 -20.17 31.20
N ASP D 142 -4.48 -21.26 31.97
CA ASP D 142 -4.61 -21.16 33.41
C ASP D 142 -3.55 -20.26 34.02
N LEU D 143 -2.42 -20.08 33.34
CA LEU D 143 -1.33 -19.28 33.90
C LEU D 143 -1.42 -17.81 33.48
N LEU D 144 -1.50 -17.55 32.18
CA LEU D 144 -1.31 -16.21 31.66
C LEU D 144 -2.60 -15.54 31.18
N ALA D 145 -3.71 -16.29 31.08
CA ALA D 145 -4.99 -15.72 30.66
C ALA D 145 -6.12 -16.57 31.19
N PRO D 146 -6.34 -16.56 32.51
CA PRO D 146 -7.36 -17.43 33.10
C PRO D 146 -8.74 -17.12 32.56
N TYR D 147 -9.51 -18.18 32.31
CA TYR D 147 -10.90 -18.04 31.88
C TYR D 147 -11.80 -17.77 33.07
N ALA D 148 -12.76 -16.87 32.89
CA ALA D 148 -13.71 -16.53 33.94
C ALA D 148 -14.98 -17.35 33.78
N ARG D 149 -15.40 -17.99 34.86
CA ARG D 149 -16.67 -18.70 34.87
C ARG D 149 -17.80 -17.70 34.67
N GLY D 150 -18.51 -17.81 33.55
CA GLY D 150 -19.53 -16.86 33.19
C GLY D 150 -19.09 -15.78 32.22
N GLY D 151 -17.80 -15.68 31.91
CA GLY D 151 -17.34 -14.73 30.93
C GLY D 151 -17.54 -15.21 29.51
N LYS D 152 -17.23 -14.33 28.56
CA LYS D 152 -17.19 -14.67 27.14
C LYS D 152 -15.73 -14.77 26.72
N ILE D 153 -15.36 -15.93 26.19
CA ILE D 153 -13.95 -16.31 26.02
C ILE D 153 -13.68 -16.47 24.54
N GLY D 154 -12.75 -15.69 24.01
CA GLY D 154 -12.49 -15.64 22.59
C GLY D 154 -11.24 -16.43 22.22
N LEU D 155 -11.32 -17.13 21.09
CA LEU D 155 -10.21 -17.85 20.48
C LEU D 155 -9.89 -17.20 19.14
N PHE D 156 -8.67 -16.70 18.98
CA PHE D 156 -8.34 -15.90 17.82
C PHE D 156 -7.16 -16.51 17.05
N GLY D 157 -7.28 -16.52 15.74
CA GLY D 157 -6.20 -17.03 14.90
C GLY D 157 -6.70 -17.26 13.49
N GLY D 158 -5.74 -17.38 12.58
CA GLY D 158 -6.04 -17.63 11.18
C GLY D 158 -6.31 -19.09 10.89
N ALA D 159 -6.17 -19.48 9.62
CA ALA D 159 -6.46 -20.86 9.23
C ALA D 159 -5.43 -21.82 9.81
N GLY D 160 -5.91 -22.92 10.36
CA GLY D 160 -5.04 -24.03 10.71
C GLY D 160 -4.09 -23.80 11.86
N VAL D 161 -4.43 -22.91 12.80
CA VAL D 161 -3.58 -22.72 13.97
C VAL D 161 -3.96 -23.61 15.15
N GLY D 162 -5.16 -24.20 15.13
CA GLY D 162 -5.52 -25.17 16.15
C GLY D 162 -6.75 -24.85 16.97
N LYS D 163 -7.58 -23.91 16.50
CA LYS D 163 -8.73 -23.49 17.29
C LYS D 163 -9.71 -24.63 17.51
N THR D 164 -10.02 -25.39 16.46
CA THR D 164 -11.00 -26.46 16.59
C THR D 164 -10.53 -27.50 17.59
N VAL D 165 -9.25 -27.89 17.51
CA VAL D 165 -8.71 -28.86 18.46
C VAL D 165 -8.77 -28.30 19.88
N PHE D 166 -8.49 -27.00 20.03
CA PHE D 166 -8.49 -26.40 21.35
C PHE D 166 -9.87 -26.45 21.97
N ILE D 167 -10.90 -26.12 21.18
CA ILE D 167 -12.27 -26.18 21.69
C ILE D 167 -12.67 -27.62 21.97
N GLN D 168 -12.22 -28.56 21.15
CA GLN D 168 -12.50 -29.96 21.43
C GLN D 168 -11.92 -30.36 22.77
N GLU D 169 -10.71 -29.91 23.07
CA GLU D 169 -10.10 -30.24 24.36
C GLU D 169 -10.81 -29.54 25.51
N LEU D 170 -11.30 -28.32 25.30
CA LEU D 170 -12.09 -27.68 26.35
C LEU D 170 -13.37 -28.47 26.63
N ILE D 171 -14.05 -28.91 25.58
CA ILE D 171 -15.26 -29.71 25.78
C ILE D 171 -14.91 -31.00 26.51
N ASN D 172 -13.78 -31.61 26.16
CA ASN D 172 -13.35 -32.83 26.83
C ASN D 172 -13.09 -32.58 28.32
N ASN D 173 -12.35 -31.51 28.63
CA ASN D 173 -11.94 -31.27 30.01
C ASN D 173 -13.11 -30.81 30.88
N ILE D 174 -13.89 -29.85 30.39
CA ILE D 174 -14.88 -29.17 31.22
C ILE D 174 -16.24 -29.83 31.07
N ALA D 175 -16.77 -29.86 29.84
CA ALA D 175 -18.18 -30.19 29.65
C ALA D 175 -18.50 -31.60 30.14
N LYS D 176 -17.61 -32.56 29.89
CA LYS D 176 -17.89 -33.94 30.26
C LYS D 176 -18.16 -34.06 31.75
N ALA D 177 -17.29 -33.49 32.58
CA ALA D 177 -17.45 -33.55 34.02
C ALA D 177 -18.30 -32.41 34.56
N HIS D 178 -18.30 -31.26 33.89
CA HIS D 178 -19.00 -30.09 34.40
C HIS D 178 -20.49 -30.41 34.59
N GLY D 179 -21.06 -29.88 35.68
CA GLY D 179 -22.34 -30.38 36.15
C GLY D 179 -23.55 -29.94 35.36
N GLY D 180 -23.46 -28.79 34.69
CA GLY D 180 -24.58 -28.27 33.93
C GLY D 180 -24.64 -28.81 32.51
N PHE D 181 -25.63 -28.35 31.77
CA PHE D 181 -25.80 -28.72 30.38
C PHE D 181 -24.87 -27.89 29.51
N SER D 182 -24.93 -28.09 28.20
CA SER D 182 -24.10 -27.34 27.28
C SER D 182 -24.76 -27.30 25.91
N VAL D 183 -24.36 -26.32 25.10
CA VAL D 183 -24.81 -26.20 23.72
C VAL D 183 -23.60 -25.91 22.85
N PHE D 184 -23.46 -26.67 21.76
CA PHE D 184 -22.45 -26.40 20.74
C PHE D 184 -23.15 -25.92 19.47
N THR D 185 -22.81 -24.72 19.03
CA THR D 185 -23.35 -24.14 17.81
C THR D 185 -22.23 -24.03 16.78
N GLY D 186 -22.42 -24.68 15.65
CA GLY D 186 -21.47 -24.62 14.56
C GLY D 186 -21.98 -23.71 13.47
N VAL D 187 -21.40 -22.51 13.38
CA VAL D 187 -21.91 -21.45 12.53
C VAL D 187 -21.11 -21.45 11.24
N GLY D 188 -21.75 -21.79 10.12
CA GLY D 188 -21.10 -21.68 8.84
C GLY D 188 -19.80 -22.45 8.76
N GLU D 189 -19.80 -23.69 9.25
CA GLU D 189 -18.58 -24.47 9.37
C GLU D 189 -18.74 -25.86 8.76
N ARG D 190 -17.60 -26.54 8.65
CA ARG D 190 -17.45 -27.75 7.85
C ARG D 190 -18.37 -28.88 8.34
N THR D 191 -18.93 -29.61 7.37
CA THR D 191 -19.70 -30.80 7.70
C THR D 191 -18.80 -31.88 8.31
N ARG D 192 -17.57 -32.00 7.80
CA ARG D 192 -16.65 -33.01 8.29
C ARG D 192 -16.36 -32.82 9.77
N GLU D 193 -16.08 -31.57 10.16
CA GLU D 193 -15.83 -31.29 11.56
C GLU D 193 -17.05 -31.59 12.42
N GLY D 194 -18.24 -31.31 11.90
CA GLY D 194 -19.44 -31.64 12.65
C GLY D 194 -19.59 -33.14 12.86
N ASN D 195 -19.32 -33.93 11.82
CA ASN D 195 -19.40 -35.38 11.98
C ASN D 195 -18.36 -35.89 12.96
N ASP D 196 -17.14 -35.35 12.88
CA ASP D 196 -16.09 -35.75 13.82
C ASP D 196 -16.50 -35.41 15.25
N LEU D 197 -17.07 -34.22 15.45
CA LEU D 197 -17.52 -33.83 16.78
C LEU D 197 -18.61 -34.76 17.29
N TYR D 198 -19.58 -35.08 16.43
CA TYR D 198 -20.67 -35.95 16.85
C TYR D 198 -20.15 -37.32 17.26
N ARG D 199 -19.27 -37.89 16.45
CA ARG D 199 -18.76 -39.24 16.73
C ARG D 199 -17.84 -39.23 17.95
N GLU D 200 -17.03 -38.19 18.11
CA GLU D 200 -16.21 -38.06 19.31
C GLU D 200 -17.08 -38.00 20.56
N MET D 201 -18.09 -37.13 20.56
CA MET D 201 -18.94 -36.99 21.73
C MET D 201 -19.82 -38.20 21.95
N LYS D 202 -20.02 -39.04 20.94
CA LYS D 202 -20.64 -40.34 21.20
C LYS D 202 -19.65 -41.27 21.89
N GLU D 203 -18.38 -41.26 21.46
CA GLU D 203 -17.37 -42.07 22.14
C GLU D 203 -17.25 -41.68 23.62
N THR D 204 -17.10 -40.39 23.89
CA THR D 204 -16.80 -39.93 25.24
C THR D 204 -18.02 -39.89 26.16
N GLY D 205 -19.15 -40.45 25.73
CA GLY D 205 -20.30 -40.60 26.58
C GLY D 205 -21.11 -39.35 26.84
N VAL D 206 -20.68 -38.19 26.34
CA VAL D 206 -21.46 -36.98 26.55
C VAL D 206 -22.84 -37.12 25.91
N ILE D 207 -22.93 -37.86 24.81
CA ILE D 207 -24.20 -38.16 24.16
C ILE D 207 -24.47 -39.64 24.30
N ASN D 208 -25.63 -39.98 24.83
CA ASN D 208 -26.11 -41.36 24.90
C ASN D 208 -27.42 -41.44 24.15
N LEU D 209 -27.47 -42.31 23.14
CA LEU D 209 -28.65 -42.39 22.28
C LEU D 209 -29.86 -42.98 23.00
N GLU D 210 -29.67 -43.60 24.16
CA GLU D 210 -30.78 -44.18 24.92
C GLU D 210 -30.64 -43.84 26.40
N GLY D 211 -30.19 -42.63 26.69
CA GLY D 211 -30.02 -42.23 28.07
C GLY D 211 -29.86 -40.73 28.20
N GLU D 212 -29.51 -40.30 29.41
CA GLU D 212 -29.31 -38.88 29.65
C GLU D 212 -28.14 -38.35 28.81
N SER D 213 -28.28 -37.10 28.36
CA SER D 213 -27.27 -36.46 27.55
C SER D 213 -27.07 -35.03 28.05
N LYS D 214 -25.87 -34.50 27.82
CA LYS D 214 -25.48 -33.23 28.42
C LYS D 214 -25.02 -32.18 27.41
N VAL D 215 -25.23 -32.39 26.12
CA VAL D 215 -24.90 -31.39 25.12
C VAL D 215 -25.98 -31.37 24.05
N ALA D 216 -26.42 -30.18 23.69
CA ALA D 216 -27.24 -29.97 22.50
C ALA D 216 -26.32 -29.57 21.35
N LEU D 217 -26.68 -29.99 20.15
CA LEU D 217 -25.89 -29.70 18.95
C LEU D 217 -26.76 -28.94 17.96
N VAL D 218 -26.27 -27.79 17.51
CA VAL D 218 -26.95 -26.98 16.50
C VAL D 218 -25.93 -26.67 15.41
N PHE D 219 -26.15 -27.18 14.22
CA PHE D 219 -25.21 -27.01 13.11
C PHE D 219 -25.88 -26.30 11.94
N GLY D 220 -25.32 -25.16 11.56
CA GLY D 220 -25.57 -24.60 10.26
C GLY D 220 -24.32 -24.82 9.43
N GLN D 221 -24.39 -25.77 8.50
CA GLN D 221 -23.21 -26.19 7.76
C GLN D 221 -22.94 -25.26 6.58
N MET D 222 -21.69 -25.24 6.14
CA MET D 222 -21.23 -24.23 5.19
C MET D 222 -22.07 -24.18 3.92
N ASN D 223 -22.60 -25.31 3.47
CA ASN D 223 -23.34 -25.32 2.22
C ASN D 223 -24.70 -24.65 2.32
N GLU D 224 -25.14 -24.28 3.51
CA GLU D 224 -26.43 -23.62 3.66
C GLU D 224 -26.34 -22.15 3.26
N PRO D 225 -27.43 -21.56 2.77
CA PRO D 225 -27.37 -20.20 2.24
C PRO D 225 -26.94 -19.20 3.30
N PRO D 226 -26.61 -17.97 2.90
CA PRO D 226 -26.13 -16.97 3.86
C PRO D 226 -27.09 -16.71 5.02
N GLY D 227 -28.39 -16.69 4.77
CA GLY D 227 -29.33 -16.38 5.84
C GLY D 227 -29.26 -17.38 6.98
N ALA D 228 -29.22 -18.66 6.63
CA ALA D 228 -29.09 -19.69 7.67
C ALA D 228 -27.76 -19.56 8.39
N ARG D 229 -26.68 -19.36 7.64
CA ARG D 229 -25.37 -19.22 8.26
C ARG D 229 -25.34 -18.03 9.20
N ALA D 230 -26.20 -17.04 8.97
CA ALA D 230 -26.32 -15.92 9.91
C ALA D 230 -27.14 -16.32 11.14
N ARG D 231 -28.36 -16.79 10.92
CA ARG D 231 -29.31 -16.97 12.01
C ARG D 231 -29.05 -18.20 12.88
N VAL D 232 -28.19 -19.13 12.46
CA VAL D 232 -27.92 -20.29 13.31
C VAL D 232 -27.28 -19.87 14.63
N ALA D 233 -26.51 -18.79 14.60
CA ALA D 233 -25.89 -18.28 15.82
C ALA D 233 -26.95 -17.90 16.85
N LEU D 234 -28.02 -17.26 16.40
CA LEU D 234 -29.16 -17.00 17.29
C LEU D 234 -29.89 -18.30 17.63
N THR D 235 -29.90 -19.25 16.71
CA THR D 235 -30.65 -20.49 16.91
C THR D 235 -30.15 -21.23 18.14
N GLY D 236 -28.85 -21.49 18.21
CA GLY D 236 -28.30 -22.16 19.38
C GLY D 236 -28.34 -21.30 20.64
N LEU D 237 -28.07 -20.01 20.47
CA LEU D 237 -28.09 -19.09 21.60
C LEU D 237 -29.44 -19.12 22.31
N THR D 238 -30.52 -19.33 21.56
CA THR D 238 -31.84 -19.35 22.20
C THR D 238 -32.01 -20.56 23.12
N ILE D 239 -31.48 -21.72 22.75
CA ILE D 239 -31.56 -22.87 23.64
C ILE D 239 -30.70 -22.63 24.87
N ALA D 240 -29.53 -22.02 24.68
CA ALA D 240 -28.72 -21.65 25.84
C ALA D 240 -29.50 -20.71 26.75
N GLU D 241 -30.23 -19.76 26.16
CA GLU D 241 -31.03 -18.83 26.96
C GLU D 241 -32.11 -19.55 27.73
N TYR D 242 -32.78 -20.52 27.11
CA TYR D 242 -33.82 -21.24 27.85
C TYR D 242 -33.22 -21.98 29.03
N PHE D 243 -32.07 -22.64 28.84
CA PHE D 243 -31.43 -23.26 30.00
C PHE D 243 -31.13 -22.24 31.08
N ARG D 244 -30.60 -21.08 30.70
CA ARG D 244 -30.24 -20.08 31.70
C ARG D 244 -31.46 -19.61 32.49
N ASP D 245 -32.51 -19.16 31.81
CA ASP D 245 -33.55 -18.36 32.44
C ASP D 245 -34.71 -19.18 32.99
N GLU D 246 -34.84 -20.46 32.64
CA GLU D 246 -35.90 -21.29 33.20
C GLU D 246 -35.34 -22.46 33.98
N GLU D 247 -34.39 -23.18 33.38
CA GLU D 247 -33.84 -24.36 34.04
C GLU D 247 -32.92 -24.00 35.20
N GLY D 248 -32.36 -22.79 35.21
CA GLY D 248 -31.49 -22.35 36.28
C GLY D 248 -30.11 -22.95 36.29
N GLN D 249 -29.82 -23.86 35.38
CA GLN D 249 -28.51 -24.51 35.34
C GLN D 249 -27.44 -23.56 34.83
N ASP D 250 -26.20 -23.81 35.24
CA ASP D 250 -25.06 -23.22 34.55
C ASP D 250 -24.93 -23.86 33.17
N VAL D 251 -24.39 -23.10 32.23
CA VAL D 251 -24.34 -23.53 30.84
C VAL D 251 -22.99 -23.15 30.23
N LEU D 252 -22.48 -24.03 29.39
CA LEU D 252 -21.37 -23.73 28.49
C LEU D 252 -21.93 -23.64 27.08
N LEU D 253 -21.70 -22.52 26.41
CA LEU D 253 -22.18 -22.31 25.05
C LEU D 253 -20.96 -22.15 24.14
N PHE D 254 -20.72 -23.14 23.30
CA PHE D 254 -19.57 -23.14 22.40
C PHE D 254 -20.02 -22.72 21.01
N ILE D 255 -19.25 -21.85 20.37
CA ILE D 255 -19.57 -21.30 19.07
C ILE D 255 -18.35 -21.43 18.18
N ASP D 256 -18.54 -22.00 16.98
CA ASP D 256 -17.46 -22.21 16.02
C ASP D 256 -18.07 -22.17 14.62
N ASN D 257 -17.77 -21.14 13.81
CA ASN D 257 -16.85 -20.03 14.09
C ASN D 257 -17.62 -18.72 13.94
N ILE D 258 -17.55 -17.87 14.97
CA ILE D 258 -18.44 -16.71 14.99
C ILE D 258 -18.09 -15.69 13.92
N PHE D 259 -16.87 -15.73 13.38
CA PHE D 259 -16.60 -14.93 12.19
C PHE D 259 -17.64 -15.21 11.11
N ARG D 260 -18.05 -16.47 10.97
CA ARG D 260 -19.03 -16.81 9.96
C ARG D 260 -20.33 -16.05 10.16
N PHE D 261 -20.67 -15.71 11.40
CA PHE D 261 -21.85 -14.89 11.63
C PHE D 261 -21.69 -13.51 11.02
N THR D 262 -20.54 -12.88 11.23
CA THR D 262 -20.26 -11.61 10.58
C THR D 262 -20.23 -11.78 9.07
N GLN D 263 -19.42 -12.72 8.58
CA GLN D 263 -19.24 -12.89 7.15
C GLN D 263 -20.57 -13.12 6.46
N ALA D 264 -21.41 -13.99 7.02
CA ALA D 264 -22.72 -14.23 6.41
C ALA D 264 -23.51 -12.94 6.29
N GLY D 265 -23.51 -12.13 7.34
CA GLY D 265 -24.24 -10.88 7.28
C GLY D 265 -23.75 -9.99 6.15
N SER D 266 -22.47 -10.07 5.81
CA SER D 266 -21.95 -9.30 4.70
C SER D 266 -22.55 -9.77 3.38
N GLU D 267 -22.66 -11.08 3.19
CA GLU D 267 -23.07 -11.59 1.88
C GLU D 267 -24.47 -11.14 1.52
N VAL D 268 -25.40 -11.18 2.48
CA VAL D 268 -26.74 -10.67 2.23
C VAL D 268 -26.73 -9.16 2.12
N SER D 269 -25.82 -8.49 2.83
CA SER D 269 -25.88 -7.04 2.94
C SER D 269 -25.92 -6.37 1.57
N ALA D 270 -25.09 -6.84 0.64
CA ALA D 270 -25.07 -6.23 -0.68
C ALA D 270 -26.42 -6.37 -1.37
N LEU D 271 -27.02 -7.57 -1.29
CA LEU D 271 -28.27 -7.80 -2.00
C LEU D 271 -29.43 -7.06 -1.34
N LEU D 272 -29.31 -6.73 -0.06
CA LEU D 272 -30.36 -5.98 0.63
C LEU D 272 -30.32 -4.49 0.30
N GLY D 273 -29.46 -4.06 -0.63
CA GLY D 273 -29.43 -2.68 -1.04
C GLY D 273 -28.67 -1.74 -0.13
N ARG D 274 -27.79 -2.27 0.72
CA ARG D 274 -26.97 -1.45 1.58
C ARG D 274 -25.65 -1.11 0.89
N ILE D 275 -25.13 0.08 1.19
CA ILE D 275 -23.80 0.45 0.69
C ILE D 275 -22.75 -0.34 1.49
N PRO D 276 -21.75 -0.93 0.84
CA PRO D 276 -20.74 -1.67 1.60
C PRO D 276 -19.91 -0.74 2.46
N SER D 277 -19.57 -1.22 3.67
CA SER D 277 -18.74 -0.46 4.59
C SER D 277 -17.27 -0.68 4.28
N ALA D 278 -16.40 -0.29 5.21
CA ALA D 278 -14.96 -0.47 5.02
C ALA D 278 -14.64 -1.91 4.69
N VAL D 279 -13.77 -2.11 3.70
CA VAL D 279 -13.34 -3.43 3.24
C VAL D 279 -14.52 -4.37 3.12
N GLY D 280 -15.67 -3.84 2.73
CA GLY D 280 -16.78 -4.65 2.26
C GLY D 280 -17.72 -5.21 3.31
N TYR D 281 -17.48 -4.96 4.59
CA TYR D 281 -18.40 -5.46 5.59
C TYR D 281 -19.68 -4.62 5.60
N GLN D 282 -20.72 -5.20 6.20
CA GLN D 282 -22.02 -4.54 6.25
C GLN D 282 -21.95 -3.31 7.15
N PRO D 283 -22.79 -2.30 6.88
CA PRO D 283 -22.81 -1.14 7.79
C PRO D 283 -23.18 -1.52 9.21
N THR D 284 -24.07 -2.48 9.39
CA THR D 284 -24.61 -2.86 10.69
C THR D 284 -23.67 -3.78 11.47
N LEU D 285 -22.40 -3.90 11.07
CA LEU D 285 -21.52 -4.89 11.68
C LEU D 285 -21.52 -4.77 13.19
N ALA D 286 -21.31 -3.56 13.72
CA ALA D 286 -21.18 -3.40 15.15
C ALA D 286 -22.48 -3.74 15.88
N THR D 287 -23.61 -3.27 15.37
CA THR D 287 -24.86 -3.48 16.09
C THR D 287 -25.40 -4.90 15.89
N ASP D 288 -25.14 -5.54 14.76
CA ASP D 288 -25.45 -6.95 14.64
C ASP D 288 -24.60 -7.77 15.61
N MET D 289 -23.31 -7.46 15.70
CA MET D 289 -22.44 -8.14 16.65
C MET D 289 -22.98 -7.96 18.07
N GLY D 290 -23.40 -6.75 18.41
CA GLY D 290 -23.94 -6.51 19.74
C GLY D 290 -25.23 -7.27 19.99
N LEU D 291 -26.17 -7.20 19.04
CA LEU D 291 -27.45 -7.88 19.23
C LEU D 291 -27.25 -9.37 19.39
N LEU D 292 -26.21 -9.93 18.80
CA LEU D 292 -25.88 -11.33 19.08
C LEU D 292 -25.25 -11.48 20.45
N GLN D 293 -24.12 -10.80 20.67
CA GLN D 293 -23.27 -11.10 21.81
C GLN D 293 -23.92 -10.77 23.14
N GLU D 294 -24.60 -9.63 23.24
CA GLU D 294 -25.04 -9.14 24.54
C GLU D 294 -26.20 -9.96 25.11
N ARG D 295 -26.79 -10.85 24.32
CA ARG D 295 -27.72 -11.82 24.89
C ARG D 295 -26.99 -12.82 25.77
N ILE D 296 -25.72 -13.08 25.48
CA ILE D 296 -24.89 -14.00 26.26
C ILE D 296 -24.37 -13.23 27.47
N THR D 297 -24.89 -13.55 28.65
CA THR D 297 -24.39 -12.92 29.88
C THR D 297 -24.93 -13.69 31.07
N THR D 298 -24.28 -13.49 32.21
CA THR D 298 -24.67 -14.15 33.46
C THR D 298 -25.61 -13.23 34.22
N THR D 299 -26.89 -13.32 33.90
CA THR D 299 -27.88 -12.59 34.67
C THR D 299 -27.88 -13.09 36.11
N LYS D 300 -28.65 -12.42 36.96
CA LYS D 300 -28.81 -12.89 38.32
C LYS D 300 -29.52 -14.23 38.39
N LYS D 301 -30.11 -14.68 37.28
CA LYS D 301 -30.90 -15.90 37.25
C LYS D 301 -30.09 -17.15 36.93
N GLY D 302 -28.93 -16.99 36.30
CA GLY D 302 -28.13 -18.14 35.92
C GLY D 302 -26.88 -17.69 35.20
N SER D 303 -26.01 -18.67 34.95
CA SER D 303 -24.69 -18.42 34.36
C SER D 303 -24.54 -19.15 33.04
N VAL D 304 -24.12 -18.42 32.01
CA VAL D 304 -23.68 -18.99 30.74
C VAL D 304 -22.23 -18.61 30.53
N THR D 305 -21.38 -19.61 30.30
CA THR D 305 -19.97 -19.40 29.97
C THR D 305 -19.76 -19.76 28.50
N SER D 306 -19.33 -18.78 27.71
CA SER D 306 -19.23 -18.95 26.27
C SER D 306 -17.78 -18.94 25.84
N VAL D 307 -17.36 -20.00 25.15
CA VAL D 307 -16.07 -20.06 24.45
C VAL D 307 -16.38 -20.03 22.96
N GLN D 308 -15.88 -19.00 22.27
CA GLN D 308 -16.23 -18.76 20.87
C GLN D 308 -14.97 -18.53 20.04
N ALA D 309 -14.88 -19.25 18.93
CA ALA D 309 -13.75 -19.12 18.02
C ALA D 309 -13.96 -17.97 17.05
N VAL D 310 -12.87 -17.29 16.70
CA VAL D 310 -12.89 -16.21 15.74
C VAL D 310 -11.83 -16.48 14.66
N TYR D 311 -12.28 -16.57 13.41
CA TYR D 311 -11.34 -16.65 12.29
C TYR D 311 -10.77 -15.27 12.00
N VAL D 312 -9.45 -15.21 11.84
CA VAL D 312 -8.76 -13.94 11.57
C VAL D 312 -8.28 -13.98 10.11
N PRO D 313 -8.94 -13.27 9.19
CA PRO D 313 -8.49 -13.30 7.80
C PRO D 313 -7.04 -12.87 7.66
N ALA D 314 -6.28 -13.63 6.89
CA ALA D 314 -4.89 -13.30 6.58
C ALA D 314 -4.08 -13.00 7.84
N ASP D 315 -4.47 -13.59 8.96
CA ASP D 315 -3.78 -13.46 10.23
C ASP D 315 -3.75 -12.03 10.75
N ASP D 316 -4.53 -11.13 10.15
CA ASP D 316 -4.52 -9.71 10.51
C ASP D 316 -5.51 -9.47 11.64
N LEU D 317 -4.99 -9.30 12.86
CA LEU D 317 -5.86 -9.02 14.00
C LEU D 317 -6.57 -7.68 13.90
N THR D 318 -6.13 -6.79 13.01
CA THR D 318 -6.76 -5.49 12.85
C THR D 318 -7.93 -5.50 11.88
N ASP D 319 -8.24 -6.65 11.28
CA ASP D 319 -9.36 -6.73 10.37
C ASP D 319 -10.64 -6.34 11.11
N PRO D 320 -11.53 -5.56 10.49
CA PRO D 320 -12.67 -5.01 11.26
C PRO D 320 -13.50 -6.06 11.98
N ALA D 321 -13.58 -7.30 11.48
CA ALA D 321 -14.39 -8.31 12.16
C ALA D 321 -13.77 -8.72 13.48
N PRO D 322 -12.57 -9.32 13.52
CA PRO D 322 -11.94 -9.59 14.82
C PRO D 322 -11.77 -8.34 15.68
N ALA D 323 -11.43 -7.20 15.07
CA ALA D 323 -11.23 -5.99 15.83
C ALA D 323 -12.51 -5.54 16.53
N THR D 324 -13.66 -5.73 15.87
CA THR D 324 -14.93 -5.42 16.50
C THR D 324 -15.31 -6.48 17.51
N THR D 325 -14.88 -7.72 17.29
CA THR D 325 -15.22 -8.81 18.21
C THR D 325 -14.47 -8.68 19.54
N PHE D 326 -13.25 -8.17 19.53
CA PHE D 326 -12.47 -8.08 20.76
C PHE D 326 -13.23 -7.36 21.88
N ALA D 327 -14.03 -6.34 21.53
CA ALA D 327 -14.61 -5.50 22.58
C ALA D 327 -15.52 -6.28 23.52
N HIS D 328 -16.00 -7.46 23.12
CA HIS D 328 -17.02 -8.17 23.86
C HIS D 328 -16.47 -9.29 24.74
N LEU D 329 -15.15 -9.41 24.88
CA LEU D 329 -14.53 -10.60 25.43
C LEU D 329 -13.86 -10.31 26.76
N ASP D 330 -14.03 -11.22 27.72
CA ASP D 330 -13.32 -11.14 28.99
C ASP D 330 -11.91 -11.69 28.86
N ALA D 331 -11.70 -12.72 28.05
CA ALA D 331 -10.39 -13.33 27.87
C ALA D 331 -10.14 -13.57 26.39
N THR D 332 -8.93 -13.27 25.95
CA THR D 332 -8.53 -13.42 24.54
C THR D 332 -7.39 -14.42 24.46
N THR D 333 -7.64 -15.56 23.82
CA THR D 333 -6.65 -16.58 23.53
C THR D 333 -6.22 -16.40 22.08
N VAL D 334 -5.31 -15.46 21.85
CA VAL D 334 -4.77 -15.21 20.52
C VAL D 334 -3.78 -16.32 20.18
N LEU D 335 -4.13 -17.16 19.22
CA LEU D 335 -3.17 -18.10 18.65
C LEU D 335 -2.43 -17.41 17.51
N SER D 336 -1.19 -17.82 17.28
CA SER D 336 -0.29 -17.11 16.38
C SER D 336 0.25 -18.03 15.30
N ARG D 337 0.33 -17.50 14.08
CA ARG D 337 1.02 -18.20 13.00
C ARG D 337 2.44 -18.57 13.42
N GLY D 338 3.18 -17.58 13.95
CA GLY D 338 4.59 -17.81 14.22
C GLY D 338 4.83 -18.95 15.20
N ILE D 339 4.11 -18.93 16.33
CA ILE D 339 4.35 -19.95 17.35
C ILE D 339 4.07 -21.34 16.80
N SER D 340 3.01 -21.46 15.99
CA SER D 340 2.72 -22.74 15.35
C SER D 340 3.83 -23.12 14.36
N GLU D 341 4.40 -22.13 13.67
CA GLU D 341 5.46 -22.42 12.72
C GLU D 341 6.72 -22.92 13.42
N LEU D 342 6.95 -22.47 14.65
CA LEU D 342 8.07 -22.98 15.44
C LEU D 342 7.87 -24.43 15.86
N GLY D 343 6.76 -25.07 15.49
CA GLY D 343 6.46 -26.39 15.99
C GLY D 343 5.98 -26.40 17.41
N ILE D 344 5.48 -25.27 17.91
CA ILE D 344 5.04 -25.13 19.30
C ILE D 344 3.52 -25.05 19.30
N TYR D 345 2.87 -26.06 19.86
CA TYR D 345 1.44 -26.10 20.03
C TYR D 345 1.10 -26.09 21.52
N PRO D 346 -0.04 -25.51 21.94
CA PRO D 346 -1.19 -25.03 21.17
C PRO D 346 -1.02 -23.68 20.48
N ALA D 347 0.21 -23.18 20.41
CA ALA D 347 0.53 -21.99 19.60
C ALA D 347 -0.10 -20.72 20.14
N VAL D 348 -0.45 -20.69 21.44
CA VAL D 348 -0.99 -19.47 22.02
C VAL D 348 0.11 -18.43 22.17
N ASP D 349 -0.16 -17.22 21.73
CA ASP D 349 0.80 -16.12 21.90
C ASP D 349 0.84 -15.73 23.38
N PRO D 350 1.94 -15.97 24.09
CA PRO D 350 1.95 -15.68 25.53
C PRO D 350 1.81 -14.20 25.85
N LEU D 351 2.09 -13.31 24.91
CA LEU D 351 2.04 -11.87 25.16
C LEU D 351 0.72 -11.24 24.74
N ASP D 352 0.21 -11.60 23.55
CA ASP D 352 -1.02 -10.98 23.07
C ASP D 352 -2.25 -11.49 23.79
N SER D 353 -2.24 -12.74 24.23
CA SER D 353 -3.38 -13.29 24.95
C SER D 353 -3.50 -12.64 26.33
N LYS D 354 -4.72 -12.26 26.70
CA LYS D 354 -4.96 -11.48 27.90
C LYS D 354 -6.26 -11.92 28.53
N SER D 355 -6.45 -11.59 29.80
CA SER D 355 -7.66 -11.97 30.50
C SER D 355 -7.99 -10.96 31.59
N ARG D 356 -9.29 -10.75 31.78
CA ARG D 356 -9.78 -9.87 32.84
C ARG D 356 -9.28 -10.29 34.22
N LEU D 357 -9.22 -11.60 34.48
CA LEU D 357 -9.00 -12.09 35.83
C LEU D 357 -7.54 -12.13 36.24
N LEU D 358 -6.60 -11.80 35.36
CA LEU D 358 -5.19 -11.78 35.74
C LEU D 358 -5.00 -10.59 36.67
N ASP D 359 -5.36 -10.80 37.94
CA ASP D 359 -5.39 -9.72 38.93
C ASP D 359 -5.12 -10.33 40.29
N ALA D 360 -4.15 -9.77 41.01
CA ALA D 360 -3.78 -10.32 42.31
C ALA D 360 -4.98 -10.42 43.24
N ALA D 361 -5.96 -9.53 43.07
CA ALA D 361 -7.15 -9.55 43.91
C ALA D 361 -8.03 -10.77 43.64
N VAL D 362 -7.79 -11.51 42.56
CA VAL D 362 -8.60 -12.65 42.18
C VAL D 362 -7.81 -13.95 42.28
N VAL D 363 -6.69 -14.04 41.56
CA VAL D 363 -5.91 -15.29 41.52
C VAL D 363 -4.93 -15.42 42.66
N GLY D 364 -4.86 -14.44 43.57
CA GLY D 364 -3.85 -14.46 44.61
C GLY D 364 -2.56 -13.81 44.16
N GLN D 365 -1.82 -13.22 45.09
CA GLN D 365 -0.65 -12.43 44.71
C GLN D 365 0.43 -13.29 44.05
N GLU D 366 0.62 -14.51 44.55
CA GLU D 366 1.70 -15.37 44.04
C GLU D 366 1.50 -15.68 42.57
N HIS D 367 0.28 -16.07 42.19
CA HIS D 367 -0.02 -16.40 40.81
C HIS D 367 0.24 -15.21 39.89
N TYR D 368 -0.23 -14.03 40.31
CA TYR D 368 -0.02 -12.82 39.53
C TYR D 368 1.46 -12.51 39.36
N ASP D 369 2.23 -12.66 40.45
CA ASP D 369 3.67 -12.40 40.36
C ASP D 369 4.32 -13.33 39.35
N VAL D 370 4.02 -14.63 39.44
CA VAL D 370 4.63 -15.60 38.53
C VAL D 370 4.29 -15.24 37.09
N ALA D 371 3.02 -14.96 36.81
CA ALA D 371 2.61 -14.67 35.44
C ALA D 371 3.27 -13.40 34.92
N SER D 372 3.36 -12.37 35.76
CA SER D 372 3.97 -11.12 35.32
C SER D 372 5.44 -11.32 35.00
N LYS D 373 6.15 -12.07 35.85
CA LYS D 373 7.56 -12.31 35.57
C LYS D 373 7.75 -13.13 34.31
N VAL D 374 6.87 -14.10 34.08
CA VAL D 374 6.93 -14.87 32.83
C VAL D 374 6.80 -13.94 31.63
N GLN D 375 5.79 -13.06 31.66
CA GLN D 375 5.61 -12.13 30.55
C GLN D 375 6.85 -11.26 30.36
N GLU D 376 7.43 -10.79 31.47
CA GLU D 376 8.63 -9.95 31.36
C GLU D 376 9.76 -10.68 30.67
N THR D 377 10.00 -11.94 31.04
CA THR D 377 11.09 -12.69 30.41
C THR D 377 10.83 -12.87 28.92
N LEU D 378 9.61 -13.25 28.56
CA LEU D 378 9.33 -13.48 27.14
C LEU D 378 9.46 -12.19 26.33
N GLN D 379 9.01 -11.07 26.89
CA GLN D 379 9.15 -9.80 26.17
C GLN D 379 10.61 -9.41 26.02
N THR D 380 11.42 -9.67 27.04
CA THR D 380 12.85 -9.40 26.92
C THR D 380 13.46 -10.24 25.80
N TYR D 381 13.10 -11.52 25.73
CA TYR D 381 13.62 -12.38 24.67
C TYR D 381 13.25 -11.84 23.30
N LYS D 382 11.99 -11.46 23.12
CA LYS D 382 11.58 -10.92 21.82
C LYS D 382 12.32 -9.61 21.51
N SER D 383 12.57 -8.78 22.52
CA SER D 383 13.32 -7.56 22.27
C SER D 383 14.76 -7.85 21.89
N LEU D 384 15.33 -8.94 22.40
CA LEU D 384 16.73 -9.28 22.12
C LEU D 384 16.92 -10.00 20.79
N GLN D 385 15.87 -10.62 20.25
CA GLN D 385 16.05 -11.46 19.08
C GLN D 385 16.71 -10.73 17.90
N ASP D 386 16.38 -9.44 17.70
CA ASP D 386 16.98 -8.74 16.57
C ASP D 386 18.48 -8.55 16.75
N ILE D 387 18.91 -8.21 17.97
CA ILE D 387 20.34 -8.13 18.26
C ILE D 387 20.99 -9.48 18.02
N ILE D 388 20.35 -10.55 18.50
CA ILE D 388 20.92 -11.88 18.33
C ILE D 388 21.08 -12.21 16.85
N ALA D 389 20.10 -11.81 16.03
CA ALA D 389 20.18 -12.11 14.60
C ALA D 389 21.27 -11.30 13.91
N ILE D 390 21.39 -10.02 14.26
CA ILE D 390 22.27 -9.15 13.48
C ILE D 390 23.73 -9.29 13.92
N LEU D 391 23.98 -9.38 15.23
CA LEU D 391 25.34 -9.41 15.75
C LEU D 391 25.75 -10.72 16.39
N GLY D 392 24.82 -11.64 16.63
CA GLY D 392 25.15 -12.91 17.23
C GLY D 392 24.76 -12.98 18.69
N MET D 393 24.68 -14.23 19.19
CA MET D 393 24.14 -14.46 20.52
C MET D 393 25.07 -13.93 21.61
N ASP D 394 26.36 -14.24 21.52
CA ASP D 394 27.28 -13.96 22.62
C ASP D 394 27.60 -12.49 22.78
N GLU D 395 27.06 -11.61 21.91
CA GLU D 395 27.24 -10.18 22.13
C GLU D 395 26.58 -9.74 23.43
N LEU D 396 25.59 -10.48 23.90
CA LEU D 396 24.83 -10.09 25.08
C LEU D 396 25.65 -10.26 26.35
N SER D 397 25.22 -9.54 27.39
CA SER D 397 25.79 -9.73 28.71
C SER D 397 25.38 -11.07 29.30
N GLU D 398 26.06 -11.47 30.37
CA GLU D 398 25.73 -12.73 31.02
C GLU D 398 24.30 -12.72 31.56
N GLN D 399 23.85 -11.58 32.10
CA GLN D 399 22.50 -11.51 32.62
C GLN D 399 21.48 -11.57 31.49
N ASP D 400 21.72 -10.84 30.40
CA ASP D 400 20.84 -10.94 29.23
C ASP D 400 20.83 -12.35 28.69
N LYS D 401 21.99 -13.00 28.62
CA LYS D 401 22.05 -14.38 28.14
C LYS D 401 21.25 -15.31 29.04
N LEU D 402 21.32 -15.11 30.36
CA LEU D 402 20.55 -15.94 31.27
C LEU D 402 19.05 -15.70 31.10
N THR D 403 18.65 -14.44 30.90
CA THR D 403 17.24 -14.16 30.63
C THR D 403 16.80 -14.83 29.34
N VAL D 404 17.65 -14.83 28.32
CA VAL D 404 17.29 -15.50 27.07
C VAL D 404 17.13 -16.99 27.29
N GLU D 405 18.04 -17.61 28.05
CA GLU D 405 17.96 -19.04 28.29
C GLU D 405 16.67 -19.39 29.02
N ARG D 406 16.37 -18.70 30.11
CA ARG D 406 15.16 -18.99 30.86
C ARG D 406 13.91 -18.65 30.04
N ALA D 407 13.98 -17.60 29.22
CA ALA D 407 12.84 -17.26 28.37
C ALA D 407 12.57 -18.35 27.35
N ARG D 408 13.62 -18.92 26.75
CA ARG D 408 13.44 -20.01 25.81
C ARG D 408 12.85 -21.24 26.51
N LYS D 409 13.37 -21.57 27.70
CA LYS D 409 12.84 -22.70 28.45
C LYS D 409 11.37 -22.49 28.79
N ILE D 410 11.02 -21.27 29.21
CA ILE D 410 9.62 -20.96 29.50
C ILE D 410 8.78 -21.07 28.23
N GLN D 411 9.29 -20.52 27.12
CA GLN D 411 8.53 -20.50 25.87
C GLN D 411 8.19 -21.91 25.41
N ARG D 412 9.09 -22.87 25.63
CA ARG D 412 8.78 -24.24 25.27
C ARG D 412 8.04 -24.99 26.36
N PHE D 413 8.21 -24.62 27.63
CA PHE D 413 7.47 -25.27 28.70
C PHE D 413 5.98 -24.99 28.61
N LEU D 414 5.58 -23.92 27.94
CA LEU D 414 4.15 -23.62 27.80
C LEU D 414 3.44 -24.62 26.90
N SER D 415 4.17 -25.39 26.11
CA SER D 415 3.55 -26.36 25.23
C SER D 415 2.94 -27.50 26.06
N GLN D 416 1.90 -28.12 25.49
CA GLN D 416 1.18 -29.17 26.19
C GLN D 416 0.46 -30.05 25.19
N PRO D 417 0.50 -31.36 25.32
CA PRO D 417 -0.31 -32.22 24.45
C PRO D 417 -1.75 -32.27 24.92
N PHE D 418 -2.63 -32.59 23.96
CA PHE D 418 -4.05 -32.77 24.22
C PHE D 418 -4.44 -34.18 23.86
N ALA D 419 -5.47 -34.70 24.52
CA ALA D 419 -5.96 -36.03 24.16
C ALA D 419 -6.42 -36.06 22.71
N VAL D 420 -7.15 -35.04 22.28
CA VAL D 420 -7.60 -34.99 20.90
C VAL D 420 -6.44 -34.76 19.95
N ALA D 421 -5.31 -34.26 20.46
CA ALA D 421 -4.11 -34.12 19.65
C ALA D 421 -3.42 -35.45 19.39
N GLU D 422 -3.86 -36.54 20.03
CA GLU D 422 -3.15 -37.81 19.89
C GLU D 422 -3.01 -38.24 18.43
N VAL D 423 -4.02 -37.95 17.59
CA VAL D 423 -3.93 -38.35 16.19
C VAL D 423 -2.82 -37.58 15.49
N PHE D 424 -2.60 -36.33 15.86
CA PHE D 424 -1.54 -35.52 15.25
C PHE D 424 -0.17 -35.81 15.85
N THR D 425 -0.10 -36.12 17.15
CA THR D 425 1.17 -36.21 17.85
C THR D 425 1.59 -37.63 18.19
N GLY D 426 0.65 -38.53 18.48
CA GLY D 426 1.00 -39.81 19.03
C GLY D 426 1.46 -39.77 20.46
N ILE D 427 1.33 -38.63 21.12
CA ILE D 427 1.75 -38.45 22.51
C ILE D 427 0.50 -38.46 23.37
N PRO D 428 0.39 -39.34 24.37
CA PRO D 428 -0.85 -39.40 25.15
C PRO D 428 -1.20 -38.06 25.78
N GLY D 429 -2.49 -37.74 25.75
CA GLY D 429 -2.94 -36.45 26.27
C GLY D 429 -2.63 -36.31 27.74
N LYS D 430 -2.34 -35.08 28.16
CA LYS D 430 -1.99 -34.77 29.53
C LYS D 430 -2.76 -33.55 30.03
N LEU D 431 -3.18 -33.60 31.29
CA LEU D 431 -3.97 -32.54 31.91
C LEU D 431 -3.21 -32.04 33.14
N VAL D 432 -2.79 -30.78 33.09
CA VAL D 432 -2.03 -30.14 34.16
C VAL D 432 -2.89 -29.04 34.75
N ARG D 433 -3.20 -29.15 36.04
CA ARG D 433 -4.14 -28.22 36.66
C ARG D 433 -3.41 -27.04 37.31
N LEU D 434 -4.21 -26.09 37.80
CA LEU D 434 -3.73 -24.73 38.02
C LEU D 434 -2.57 -24.65 39.01
N LYS D 435 -2.84 -25.01 40.28
CA LYS D 435 -1.84 -24.77 41.32
C LYS D 435 -0.54 -25.49 41.02
N ASP D 436 -0.63 -26.70 40.45
CA ASP D 436 0.57 -27.40 40.01
C ASP D 436 1.32 -26.59 38.96
N THR D 437 0.59 -25.96 38.04
CA THR D 437 1.25 -25.17 37.01
C THR D 437 1.98 -23.97 37.61
N VAL D 438 1.33 -23.30 38.57
CA VAL D 438 1.96 -22.15 39.22
C VAL D 438 3.24 -22.60 39.94
N ALA D 439 3.13 -23.69 40.71
CA ALA D 439 4.30 -24.21 41.40
C ALA D 439 5.41 -24.56 40.42
N SER D 440 5.05 -25.10 39.26
CA SER D 440 6.04 -25.46 38.26
C SER D 440 6.75 -24.23 37.72
N PHE D 441 6.00 -23.19 37.34
CA PHE D 441 6.61 -22.05 36.68
C PHE D 441 7.43 -21.19 37.64
N LYS D 442 6.97 -21.03 38.88
CA LYS D 442 7.76 -20.26 39.83
C LYS D 442 9.16 -20.86 39.97
N ALA D 443 9.27 -22.18 39.98
CA ALA D 443 10.58 -22.81 40.05
C ALA D 443 11.44 -22.45 38.86
N VAL D 444 10.85 -22.44 37.66
CA VAL D 444 11.61 -22.10 36.47
C VAL D 444 12.18 -20.69 36.59
N LEU D 445 11.34 -19.75 37.02
CA LEU D 445 11.86 -18.39 37.17
C LEU D 445 12.93 -18.32 38.24
N GLU D 446 12.87 -19.18 39.25
CA GLU D 446 13.86 -19.18 40.31
C GLU D 446 15.21 -19.74 39.87
N GLY D 447 15.28 -20.36 38.69
CA GLY D 447 16.52 -20.94 38.23
C GLY D 447 16.82 -22.33 38.74
N LYS D 448 15.84 -23.01 39.34
CA LYS D 448 16.06 -24.34 39.87
C LYS D 448 16.36 -25.37 38.79
N TYR D 449 16.15 -25.04 37.52
CA TYR D 449 16.34 -26.00 36.43
C TYR D 449 17.17 -25.42 35.30
N ASP D 450 18.10 -24.51 35.60
CA ASP D 450 19.04 -24.03 34.58
C ASP D 450 19.89 -25.16 34.02
N ASN D 451 20.04 -26.26 34.77
CA ASN D 451 20.84 -27.39 34.34
C ASN D 451 20.09 -28.35 33.41
N ILE D 452 18.82 -28.09 33.14
CA ILE D 452 17.98 -28.97 32.33
C ILE D 452 17.95 -28.44 30.91
N PRO D 453 18.14 -29.29 29.89
CA PRO D 453 18.13 -28.80 28.51
C PRO D 453 16.73 -28.42 28.05
N GLU D 454 16.68 -27.62 26.99
CA GLU D 454 15.40 -27.14 26.47
C GLU D 454 14.48 -28.30 26.12
N HIS D 455 15.01 -29.33 25.44
CA HIS D 455 14.15 -30.39 24.93
C HIS D 455 13.48 -31.18 26.04
N ALA D 456 13.96 -31.07 27.27
CA ALA D 456 13.28 -31.71 28.39
C ALA D 456 12.04 -30.93 28.85
N PHE D 457 11.93 -29.66 28.45
CA PHE D 457 10.73 -28.89 28.76
C PHE D 457 9.63 -29.10 27.72
N TYR D 458 10.00 -29.51 26.51
CA TYR D 458 9.05 -29.56 25.41
C TYR D 458 8.05 -30.69 25.62
N MET D 459 6.76 -30.35 25.55
CA MET D 459 5.67 -31.33 25.49
C MET D 459 5.76 -32.35 26.61
N VAL D 460 5.58 -31.87 27.85
CA VAL D 460 5.55 -32.75 29.01
C VAL D 460 4.64 -32.14 30.06
N GLY D 461 4.07 -33.00 30.89
CA GLY D 461 3.03 -32.63 31.83
C GLY D 461 3.48 -32.04 33.15
N GLY D 462 4.22 -30.94 33.12
CA GLY D 462 4.62 -30.27 34.35
C GLY D 462 5.99 -30.68 34.84
N ILE D 463 6.44 -29.98 35.87
CA ILE D 463 7.83 -30.09 36.31
C ILE D 463 8.12 -31.49 36.83
N GLU D 464 7.18 -32.08 37.59
CA GLU D 464 7.37 -33.43 38.08
C GLU D 464 7.58 -34.42 36.94
N ASP D 465 7.10 -34.12 35.75
CA ASP D 465 7.39 -34.90 34.57
C ASP D 465 8.58 -34.34 33.79
N VAL D 466 8.90 -33.05 33.97
CA VAL D 466 10.10 -32.50 33.33
C VAL D 466 11.34 -33.20 33.87
N VAL D 467 11.38 -33.46 35.17
CA VAL D 467 12.53 -34.17 35.74
C VAL D 467 12.63 -35.58 35.16
N ALA D 468 11.48 -36.26 35.04
CA ALA D 468 11.49 -37.60 34.46
C ALA D 468 11.97 -37.57 33.01
N LYS D 469 11.55 -36.57 32.24
CA LYS D 469 12.02 -36.48 30.86
C LYS D 469 13.50 -36.12 30.79
N ALA D 470 14.00 -35.35 31.76
CA ALA D 470 15.44 -35.12 31.83
C ALA D 470 16.17 -36.42 32.07
N GLU D 471 15.64 -37.27 32.94
CA GLU D 471 16.22 -38.59 33.14
C GLU D 471 16.16 -39.41 31.86
N LYS D 472 15.05 -39.31 31.12
CA LYS D 472 14.90 -40.05 29.88
C LYS D 472 15.95 -39.63 28.85
N LEU D 473 16.18 -38.32 28.73
CA LEU D 473 17.21 -37.85 27.82
C LEU D 473 18.60 -38.23 28.32
N ALA D 474 18.78 -38.34 29.63
CA ALA D 474 20.07 -38.75 30.17
C ALA D 474 20.40 -40.21 29.86
N ALA D 475 19.41 -41.00 29.46
CA ALA D 475 19.63 -42.40 29.14
C ALA D 475 20.55 -42.55 27.94
N PRO E 8 -38.14 42.56 -3.67
CA PRO E 8 -37.27 41.48 -3.20
C PRO E 8 -37.60 40.13 -3.84
N ILE E 9 -36.77 39.12 -3.56
CA ILE E 9 -36.94 37.78 -4.11
C ILE E 9 -36.88 36.79 -2.95
N THR E 10 -37.79 35.83 -2.95
CA THR E 10 -37.92 34.90 -1.82
C THR E 10 -38.28 33.51 -2.33
N GLY E 11 -37.99 32.53 -1.48
CA GLY E 11 -38.26 31.13 -1.78
C GLY E 11 -38.58 30.39 -0.50
N LYS E 12 -38.77 29.08 -0.61
CA LYS E 12 -39.08 28.23 0.53
C LYS E 12 -38.14 27.05 0.59
N VAL E 13 -37.70 26.69 1.80
CA VAL E 13 -36.89 25.51 1.98
C VAL E 13 -37.72 24.28 1.65
N THR E 14 -37.10 23.29 1.00
CA THR E 14 -37.79 22.07 0.62
C THR E 14 -37.03 20.80 0.96
N ALA E 15 -35.75 20.87 1.32
CA ALA E 15 -35.02 19.69 1.75
C ALA E 15 -33.89 20.13 2.69
N VAL E 16 -33.58 19.26 3.64
CA VAL E 16 -32.50 19.51 4.59
C VAL E 16 -31.79 18.19 4.86
N ILE E 17 -30.49 18.13 4.55
CA ILE E 17 -29.67 16.95 4.80
C ILE E 17 -28.34 17.42 5.34
N GLY E 18 -28.03 17.08 6.58
CA GLY E 18 -26.79 17.54 7.18
C GLY E 18 -26.64 19.03 6.99
N ALA E 19 -25.52 19.42 6.37
CA ALA E 19 -25.25 20.83 6.06
C ALA E 19 -25.82 21.26 4.72
N ILE E 20 -26.50 20.39 3.99
CA ILE E 20 -27.00 20.67 2.65
C ILE E 20 -28.47 21.03 2.73
N VAL E 21 -28.88 22.09 2.04
CA VAL E 21 -30.26 22.55 2.06
C VAL E 21 -30.68 22.91 0.65
N ASP E 22 -31.87 22.47 0.23
CA ASP E 22 -32.41 22.79 -1.08
C ASP E 22 -33.57 23.77 -0.93
N VAL E 23 -33.60 24.76 -1.81
CA VAL E 23 -34.57 25.85 -1.73
C VAL E 23 -35.29 25.97 -3.07
N HIS E 24 -36.60 26.23 -3.00
CA HIS E 24 -37.48 26.23 -4.17
C HIS E 24 -38.07 27.61 -4.34
N PHE E 25 -38.04 28.14 -5.56
CA PHE E 25 -38.43 29.51 -5.86
C PHE E 25 -39.59 29.52 -6.86
N GLU E 26 -40.81 29.46 -6.35
CA GLU E 26 -41.97 29.77 -7.16
C GLU E 26 -41.94 31.24 -7.55
N GLN E 27 -42.66 31.58 -8.62
CA GLN E 27 -42.55 32.89 -9.23
C GLN E 27 -41.09 33.16 -9.58
N SER E 28 -40.53 32.28 -10.39
CA SER E 28 -39.09 32.05 -10.38
C SER E 28 -38.32 33.22 -10.99
N GLU E 29 -37.31 33.68 -10.25
CA GLU E 29 -36.17 34.42 -10.77
C GLU E 29 -35.00 34.02 -9.87
N LEU E 30 -34.26 33.01 -10.31
CA LEU E 30 -33.43 32.26 -9.38
C LEU E 30 -32.19 33.06 -8.97
N PRO E 31 -31.68 32.83 -7.77
CA PRO E 31 -30.35 33.32 -7.44
C PRO E 31 -29.29 32.58 -8.24
N ALA E 32 -28.27 33.31 -8.66
CA ALA E 32 -27.16 32.67 -9.36
C ALA E 32 -26.33 31.84 -8.38
N ILE E 33 -25.52 30.94 -8.93
CA ILE E 33 -24.70 30.09 -8.09
C ILE E 33 -23.73 30.95 -7.29
N LEU E 34 -23.50 30.55 -6.05
CA LEU E 34 -22.67 31.25 -5.06
C LEU E 34 -23.37 32.47 -4.47
N ASN E 35 -24.61 32.75 -4.83
CA ASN E 35 -25.37 33.78 -4.13
C ASN E 35 -25.62 33.37 -2.69
N ALA E 36 -25.74 34.37 -1.81
CA ALA E 36 -25.99 34.12 -0.39
C ALA E 36 -27.48 34.31 -0.10
N LEU E 37 -28.09 33.26 0.43
CA LEU E 37 -29.46 33.29 0.95
C LEU E 37 -29.38 33.38 2.47
N GLU E 38 -30.40 33.97 3.08
CA GLU E 38 -30.41 34.09 4.54
C GLU E 38 -31.78 33.77 5.11
N ILE E 39 -31.77 33.17 6.30
CA ILE E 39 -32.97 32.78 7.03
C ILE E 39 -32.90 33.38 8.43
N LYS E 40 -34.01 33.97 8.87
CA LYS E 40 -34.09 34.66 10.16
C LYS E 40 -34.52 33.66 11.25
N THR E 41 -33.61 32.76 11.58
CA THR E 41 -33.85 31.77 12.62
C THR E 41 -33.77 32.44 13.99
N PRO E 42 -34.18 31.75 15.05
CA PRO E 42 -34.05 32.32 16.40
C PRO E 42 -32.61 32.62 16.77
N GLN E 43 -31.64 32.01 16.10
CA GLN E 43 -30.24 32.34 16.34
C GLN E 43 -29.87 33.72 15.82
N GLY E 44 -30.76 34.38 15.09
CA GLY E 44 -30.51 35.71 14.56
C GLY E 44 -30.24 35.73 13.07
N LYS E 45 -29.46 34.78 12.58
CA LYS E 45 -29.26 34.63 11.14
C LYS E 45 -28.68 33.26 10.83
N LEU E 46 -29.04 32.75 9.66
CA LEU E 46 -28.39 31.58 9.08
C LEU E 46 -28.18 31.85 7.60
N VAL E 47 -27.00 31.52 7.08
CA VAL E 47 -26.63 31.85 5.70
C VAL E 47 -26.43 30.57 4.92
N LEU E 48 -27.07 30.49 3.74
CA LEU E 48 -26.93 29.39 2.80
C LEU E 48 -26.19 29.91 1.58
N GLU E 49 -25.29 29.09 1.02
CA GLU E 49 -24.59 29.45 -0.20
C GLU E 49 -25.01 28.50 -1.32
N VAL E 50 -25.49 29.06 -2.42
CA VAL E 50 -26.02 28.25 -3.51
C VAL E 50 -24.87 27.55 -4.22
N ALA E 51 -24.91 26.22 -4.23
CA ALA E 51 -23.88 25.42 -4.88
C ALA E 51 -24.30 24.87 -6.23
N GLN E 52 -25.60 24.65 -6.45
CA GLN E 52 -26.05 24.05 -7.71
C GLN E 52 -27.48 24.49 -8.02
N HIS E 53 -27.86 24.33 -9.28
CA HIS E 53 -29.25 24.42 -9.71
C HIS E 53 -29.71 23.02 -10.10
N LEU E 54 -30.75 22.54 -9.42
CA LEU E 54 -31.24 21.18 -9.62
C LEU E 54 -32.32 21.08 -10.68
N GLY E 55 -32.80 22.19 -11.21
CA GLY E 55 -33.90 22.19 -12.15
C GLY E 55 -35.24 22.29 -11.46
N GLU E 56 -36.24 22.73 -12.23
CA GLU E 56 -37.58 22.96 -11.71
C GLU E 56 -37.56 24.00 -10.59
N ASN E 57 -36.87 25.11 -10.85
CA ASN E 57 -36.86 26.25 -9.94
C ASN E 57 -36.35 25.86 -8.55
N THR E 58 -35.39 24.94 -8.49
CA THR E 58 -34.85 24.47 -7.23
C THR E 58 -33.33 24.59 -7.23
N VAL E 59 -32.77 24.97 -6.09
CA VAL E 59 -31.33 25.18 -5.94
C VAL E 59 -30.84 24.38 -4.74
N ARG E 60 -29.60 23.93 -4.82
CA ARG E 60 -28.94 23.21 -3.73
C ARG E 60 -27.84 24.07 -3.15
N THR E 61 -27.77 24.14 -1.82
CA THR E 61 -26.96 25.12 -1.12
C THR E 61 -26.26 24.47 0.06
N ILE E 62 -25.17 25.12 0.49
CA ILE E 62 -24.41 24.71 1.66
C ILE E 62 -24.67 25.69 2.79
N ALA E 63 -24.90 25.17 4.00
CA ALA E 63 -25.15 26.02 5.15
C ALA E 63 -23.84 26.53 5.74
N MET E 64 -23.84 27.80 6.15
CA MET E 64 -22.75 28.39 6.90
C MET E 64 -22.91 28.22 8.40
N ASP E 65 -23.99 27.57 8.85
CA ASP E 65 -24.27 27.40 10.26
C ASP E 65 -25.05 26.12 10.46
N GLY E 66 -25.10 25.66 11.71
CA GLY E 66 -25.80 24.43 12.03
C GLY E 66 -27.25 24.44 11.59
N THR E 67 -27.65 23.42 10.84
CA THR E 67 -28.99 23.34 10.28
C THR E 67 -30.03 22.87 11.29
N GLU E 68 -29.66 22.70 12.56
CA GLU E 68 -30.58 22.15 13.54
C GLU E 68 -31.87 22.97 13.59
N GLY E 69 -33.00 22.28 13.53
CA GLY E 69 -34.29 22.91 13.71
C GLY E 69 -34.86 23.63 12.51
N LEU E 70 -34.27 23.45 11.33
CA LEU E 70 -34.91 23.97 10.13
C LEU E 70 -36.19 23.19 9.84
N VAL E 71 -37.14 23.86 9.21
CA VAL E 71 -38.45 23.29 8.89
C VAL E 71 -38.70 23.45 7.41
N ARG E 72 -39.24 22.41 6.78
CA ARG E 72 -39.59 22.49 5.38
C ARG E 72 -40.64 23.56 5.15
N GLY E 73 -40.42 24.41 4.15
CA GLY E 73 -41.34 25.49 3.83
C GLY E 73 -41.01 26.82 4.47
N GLU E 74 -39.93 26.93 5.23
CA GLU E 74 -39.55 28.21 5.81
C GLU E 74 -39.10 29.18 4.73
N LYS E 75 -39.48 30.44 4.89
CA LYS E 75 -39.19 31.45 3.88
C LYS E 75 -37.73 31.87 3.92
N VAL E 76 -37.16 32.08 2.75
CA VAL E 76 -35.75 32.43 2.58
C VAL E 76 -35.67 33.63 1.64
N LEU E 77 -34.74 34.54 1.92
CA LEU E 77 -34.57 35.77 1.14
C LEU E 77 -33.22 35.75 0.43
N ASP E 78 -33.22 36.14 -0.85
CA ASP E 78 -31.99 36.26 -1.62
C ASP E 78 -31.40 37.65 -1.43
N THR E 79 -30.15 37.71 -0.94
CA THR E 79 -29.48 38.98 -0.72
C THR E 79 -29.05 39.65 -2.02
N GLY E 80 -29.13 38.97 -3.16
CA GLY E 80 -28.80 39.57 -4.43
C GLY E 80 -27.33 39.50 -4.83
N GLY E 81 -26.49 38.87 -4.02
CA GLY E 81 -25.09 38.71 -4.35
C GLY E 81 -24.40 37.70 -3.47
N PRO E 82 -23.12 37.44 -3.75
CA PRO E 82 -22.37 36.47 -2.93
C PRO E 82 -22.24 36.97 -1.51
N ILE E 83 -21.71 36.10 -0.65
CA ILE E 83 -21.39 36.51 0.70
C ILE E 83 -20.53 37.77 0.63
N SER E 84 -20.94 38.81 1.35
CA SER E 84 -20.34 40.14 1.21
C SER E 84 -19.78 40.58 2.56
N VAL E 85 -18.47 40.78 2.61
CA VAL E 85 -17.81 41.18 3.86
C VAL E 85 -17.66 42.69 3.90
N PRO E 86 -17.64 43.31 5.08
CA PRO E 86 -17.19 44.70 5.16
C PRO E 86 -15.69 44.79 4.95
N VAL E 87 -15.24 45.96 4.48
CA VAL E 87 -13.85 46.18 4.14
C VAL E 87 -13.43 47.57 4.62
N GLY E 88 -12.14 47.85 4.50
CA GLY E 88 -11.58 49.13 4.87
C GLY E 88 -10.89 49.09 6.22
N ARG E 89 -10.37 50.26 6.59
CA ARG E 89 -9.63 50.42 7.83
C ARG E 89 -10.50 50.15 9.05
N GLU E 90 -11.82 50.21 8.91
CA GLU E 90 -12.70 50.00 10.06
C GLU E 90 -12.57 48.58 10.60
N THR E 91 -12.23 47.62 9.75
CA THR E 91 -12.14 46.23 10.18
C THR E 91 -10.89 45.93 10.98
N LEU E 92 -9.95 46.86 11.06
CA LEU E 92 -8.68 46.59 11.72
C LEU E 92 -8.89 46.37 13.21
N GLY E 93 -8.28 45.32 13.75
CA GLY E 93 -8.44 44.94 15.14
C GLY E 93 -9.74 44.25 15.46
N ARG E 94 -10.67 44.17 14.52
CA ARG E 94 -11.93 43.47 14.71
C ARG E 94 -11.78 42.00 14.39
N ILE E 95 -12.56 41.16 15.08
CA ILE E 95 -12.66 39.74 14.78
C ILE E 95 -13.95 39.51 14.03
N ILE E 96 -13.86 38.87 12.87
CA ILE E 96 -15.01 38.69 11.98
C ILE E 96 -15.10 37.22 11.61
N ASN E 97 -16.32 36.68 11.60
CA ASN E 97 -16.57 35.33 11.17
C ASN E 97 -16.73 35.28 9.65
N VAL E 98 -17.02 34.09 9.13
CA VAL E 98 -17.07 33.90 7.68
C VAL E 98 -18.12 34.80 7.05
N ILE E 99 -19.30 34.90 7.68
CA ILE E 99 -20.41 35.63 7.07
C ILE E 99 -20.30 37.13 7.25
N GLY E 100 -19.22 37.62 7.86
CA GLY E 100 -18.99 39.05 7.97
C GLY E 100 -19.60 39.72 9.18
N GLU E 101 -19.94 38.98 10.22
CA GLU E 101 -20.46 39.63 11.43
C GLU E 101 -19.38 39.67 12.49
N PRO E 102 -19.30 40.75 13.28
CA PRO E 102 -18.30 40.80 14.35
C PRO E 102 -18.60 39.78 15.44
N ILE E 103 -17.54 39.12 15.92
CA ILE E 103 -17.66 38.18 17.03
C ILE E 103 -16.80 38.61 18.21
N ASP E 104 -16.50 39.91 18.31
CA ASP E 104 -15.80 40.47 19.47
C ASP E 104 -16.72 41.26 20.38
N GLU E 105 -18.02 41.33 20.06
CA GLU E 105 -18.99 42.02 20.90
C GLU E 105 -18.65 43.50 21.08
N ARG E 106 -17.79 44.04 20.23
CA ARG E 106 -17.54 45.48 20.22
C ARG E 106 -18.63 46.27 19.51
N GLY E 107 -19.59 45.59 18.87
CA GLY E 107 -20.64 46.27 18.16
C GLY E 107 -20.46 46.18 16.65
N PRO E 108 -21.41 46.77 15.91
CA PRO E 108 -21.39 46.65 14.45
C PRO E 108 -20.17 47.33 13.85
N ILE E 109 -19.71 46.78 12.72
CA ILE E 109 -18.57 47.31 11.98
C ILE E 109 -19.13 48.36 11.02
N LYS E 110 -18.85 49.64 11.30
CA LYS E 110 -19.38 50.73 10.49
C LYS E 110 -18.54 51.00 9.25
N SER E 111 -18.32 49.98 8.43
CA SER E 111 -17.68 50.19 7.14
C SER E 111 -18.69 50.72 6.13
N LYS E 112 -18.24 51.65 5.28
CA LYS E 112 -19.11 52.20 4.26
C LYS E 112 -19.29 51.28 3.06
N LEU E 113 -18.38 50.34 2.86
CA LEU E 113 -18.38 49.48 1.67
C LEU E 113 -18.42 48.01 2.08
N ARG E 114 -19.08 47.21 1.26
CA ARG E 114 -19.05 45.75 1.38
C ARG E 114 -18.67 45.15 0.04
N LYS E 115 -17.90 44.07 0.08
CA LYS E 115 -17.31 43.48 -1.11
C LYS E 115 -17.62 42.00 -1.17
N PRO E 116 -17.94 41.46 -2.34
CA PRO E 116 -18.11 40.02 -2.48
C PRO E 116 -16.83 39.26 -2.19
N ILE E 117 -16.97 38.09 -1.56
CA ILE E 117 -15.81 37.25 -1.29
C ILE E 117 -15.40 36.45 -2.53
N HIS E 118 -16.27 36.33 -3.52
CA HIS E 118 -15.95 35.67 -4.78
C HIS E 118 -15.70 36.72 -5.85
N ALA E 119 -14.51 36.69 -6.46
CA ALA E 119 -14.16 37.63 -7.51
C ALA E 119 -13.07 37.03 -8.39
N ASP E 120 -12.94 37.58 -9.59
CA ASP E 120 -11.96 37.08 -10.53
C ASP E 120 -10.57 37.60 -10.17
N PRO E 121 -9.51 36.81 -10.40
CA PRO E 121 -8.15 37.32 -10.20
C PRO E 121 -7.87 38.48 -11.14
N PRO E 122 -6.82 39.27 -10.88
CA PRO E 122 -6.45 40.34 -11.81
C PRO E 122 -6.09 39.78 -13.17
N SER E 123 -6.34 40.59 -14.19
CA SER E 123 -6.07 40.17 -15.57
C SER E 123 -4.59 39.83 -15.75
N PHE E 124 -4.30 39.14 -16.86
CA PHE E 124 -2.91 38.86 -17.20
C PHE E 124 -2.15 40.13 -17.51
N ALA E 125 -2.83 41.17 -18.02
CA ALA E 125 -2.15 42.42 -18.34
C ALA E 125 -1.70 43.17 -17.10
N GLU E 126 -2.32 42.90 -15.95
CA GLU E 126 -2.00 43.63 -14.73
C GLU E 126 -0.92 42.96 -13.88
N GLN E 127 -0.57 41.72 -14.17
CA GLN E 127 0.48 41.05 -13.42
C GLN E 127 1.79 41.83 -13.50
N SER E 128 2.49 41.91 -12.37
CA SER E 128 3.81 42.51 -12.35
C SER E 128 4.79 41.62 -13.10
N THR E 129 5.53 42.21 -14.04
CA THR E 129 6.39 41.43 -14.94
C THR E 129 7.62 40.87 -14.24
N SER E 130 8.03 41.44 -13.11
CA SER E 130 9.32 41.12 -12.52
C SER E 130 9.18 40.84 -11.03
N ALA E 131 9.91 39.85 -10.55
CA ALA E 131 9.92 39.48 -9.14
C ALA E 131 10.73 40.47 -8.32
N GLU E 132 10.40 40.57 -7.03
CA GLU E 132 11.10 41.46 -6.11
C GLU E 132 10.81 41.01 -4.69
N ILE E 133 11.52 41.64 -3.74
CA ILE E 133 11.72 41.09 -2.40
C ILE E 133 11.11 41.99 -1.34
N LEU E 134 10.47 41.38 -0.35
CA LEU E 134 10.09 42.08 0.88
C LEU E 134 11.28 42.14 1.83
N GLU E 135 11.39 43.24 2.57
CA GLU E 135 12.30 43.32 3.71
C GLU E 135 11.53 42.90 4.95
N THR E 136 11.65 41.63 5.34
CA THR E 136 10.97 41.16 6.54
C THR E 136 11.59 41.71 7.81
N GLY E 137 12.82 42.24 7.74
CA GLY E 137 13.52 42.67 8.92
C GLY E 137 14.08 41.56 9.76
N ILE E 138 14.03 40.32 9.29
CA ILE E 138 14.55 39.16 10.00
C ILE E 138 15.76 38.66 9.21
N LYS E 139 16.91 38.56 9.88
CA LYS E 139 18.17 38.34 9.18
C LYS E 139 18.13 37.02 8.40
N VAL E 140 17.76 35.93 9.06
CA VAL E 140 17.85 34.62 8.41
C VAL E 140 16.98 34.59 7.16
N VAL E 141 15.78 35.16 7.24
CA VAL E 141 14.86 35.13 6.10
C VAL E 141 15.40 36.02 4.98
N ASP E 142 15.68 37.28 5.30
CA ASP E 142 16.12 38.22 4.28
C ASP E 142 17.43 37.80 3.63
N LEU E 143 18.21 36.94 4.29
CA LEU E 143 19.47 36.48 3.72
C LEU E 143 19.31 35.18 2.92
N LEU E 144 18.82 34.13 3.58
CA LEU E 144 18.91 32.79 3.01
C LEU E 144 17.61 32.31 2.38
N ALA E 145 16.49 33.02 2.60
CA ALA E 145 15.22 32.65 1.99
C ALA E 145 14.34 33.89 1.85
N PRO E 146 14.74 34.87 1.06
CA PRO E 146 13.98 36.12 0.98
C PRO E 146 12.55 35.88 0.50
N TYR E 147 11.62 36.63 1.07
CA TYR E 147 10.21 36.50 0.73
C TYR E 147 9.87 37.29 -0.51
N ALA E 148 9.13 36.66 -1.42
CA ALA E 148 8.72 37.32 -2.65
C ALA E 148 7.59 38.30 -2.36
N ARG E 149 7.64 39.48 -2.98
CA ARG E 149 6.55 40.42 -2.88
C ARG E 149 5.34 39.87 -3.61
N GLY E 150 4.26 39.65 -2.87
CA GLY E 150 3.06 39.04 -3.41
C GLY E 150 3.12 37.54 -3.57
N GLY E 151 4.21 36.90 -3.16
CA GLY E 151 4.33 35.47 -3.28
C GLY E 151 3.64 34.72 -2.15
N LYS E 152 3.64 33.40 -2.27
CA LYS E 152 3.10 32.51 -1.25
C LYS E 152 4.27 31.87 -0.52
N ILE E 153 4.35 32.11 0.79
CA ILE E 153 5.46 31.62 1.61
C ILE E 153 4.92 30.54 2.53
N GLY E 154 5.45 29.32 2.40
CA GLY E 154 5.01 28.21 3.21
C GLY E 154 5.81 28.12 4.49
N LEU E 155 5.10 28.10 5.62
CA LEU E 155 5.71 28.04 6.94
C LEU E 155 5.48 26.64 7.52
N PHE E 156 6.56 25.98 7.92
CA PHE E 156 6.51 24.59 8.37
C PHE E 156 7.08 24.50 9.78
N GLY E 157 6.68 23.48 10.51
CA GLY E 157 7.30 23.19 11.79
C GLY E 157 6.33 22.51 12.74
N GLY E 158 6.90 22.06 13.86
CA GLY E 158 6.11 21.46 14.92
C GLY E 158 5.63 22.49 15.93
N ALA E 159 4.87 22.00 16.91
CA ALA E 159 4.28 22.87 17.92
C ALA E 159 5.34 23.47 18.84
N GLY E 160 5.08 24.68 19.31
CA GLY E 160 5.87 25.31 20.35
C GLY E 160 7.13 26.01 19.88
N VAL E 161 7.53 25.84 18.62
CA VAL E 161 8.79 26.42 18.15
C VAL E 161 8.72 27.92 17.92
N GLY E 162 7.54 28.52 18.05
CA GLY E 162 7.39 29.95 17.94
C GLY E 162 6.69 30.44 16.68
N LYS E 163 5.92 29.59 16.00
CA LYS E 163 5.27 30.01 14.76
C LYS E 163 4.38 31.21 14.99
N THR E 164 3.63 31.23 16.09
CA THR E 164 2.78 32.38 16.39
C THR E 164 3.62 33.61 16.69
N VAL E 165 4.71 33.45 17.44
CA VAL E 165 5.58 34.58 17.72
C VAL E 165 6.24 35.08 16.44
N PHE E 166 6.61 34.15 15.56
CA PHE E 166 7.19 34.55 14.27
C PHE E 166 6.19 35.34 13.45
N ILE E 167 4.93 34.89 13.42
CA ILE E 167 3.89 35.59 12.67
C ILE E 167 3.65 36.97 13.26
N GLN E 168 3.63 37.08 14.58
CA GLN E 168 3.47 38.39 15.21
C GLN E 168 4.66 39.29 14.89
N GLU E 169 5.87 38.71 14.83
CA GLU E 169 7.04 39.48 14.45
C GLU E 169 6.87 40.06 13.05
N LEU E 170 6.40 39.24 12.12
CA LEU E 170 6.14 39.74 10.77
C LEU E 170 5.07 40.83 10.78
N ILE E 171 4.00 40.61 11.54
CA ILE E 171 2.92 41.59 11.61
C ILE E 171 3.45 42.93 12.09
N ASN E 172 4.28 42.91 13.12
CA ASN E 172 4.88 44.15 13.64
C ASN E 172 5.81 44.77 12.61
N ASN E 173 6.70 43.97 12.01
CA ASN E 173 7.75 44.51 11.18
C ASN E 173 7.20 45.11 9.89
N ILE E 174 6.13 44.54 9.33
CA ILE E 174 5.63 45.06 8.07
C ILE E 174 5.12 46.49 8.23
N ALA E 175 4.52 46.81 9.37
CA ALA E 175 4.03 48.17 9.59
C ALA E 175 5.18 49.17 9.62
N LYS E 176 6.35 48.77 10.10
CA LYS E 176 7.50 49.66 10.10
C LYS E 176 8.16 49.75 8.74
N ALA E 177 8.30 48.59 8.06
CA ALA E 177 9.05 48.56 6.81
C ALA E 177 8.30 49.27 5.69
N HIS E 178 7.00 49.04 5.58
CA HIS E 178 6.21 49.53 4.47
C HIS E 178 5.03 50.39 4.89
N GLY E 179 4.69 50.44 6.17
CA GLY E 179 3.46 51.08 6.58
C GLY E 179 2.22 50.28 6.25
N GLY E 180 2.37 48.99 5.94
CA GLY E 180 1.24 48.19 5.51
C GLY E 180 0.49 47.56 6.68
N PHE E 181 -0.78 47.28 6.44
CA PHE E 181 -1.61 46.58 7.41
C PHE E 181 -1.44 45.08 7.21
N SER E 182 -2.31 44.27 7.82
CA SER E 182 -2.23 42.84 7.65
C SER E 182 -3.57 42.22 8.03
N VAL E 183 -3.79 40.99 7.54
CA VAL E 183 -4.99 40.23 7.86
C VAL E 183 -4.59 38.80 8.19
N PHE E 184 -5.02 38.33 9.35
CA PHE E 184 -4.74 36.97 9.82
C PHE E 184 -6.02 36.16 9.71
N THR E 185 -5.97 35.07 8.96
CA THR E 185 -7.11 34.18 8.75
C THR E 185 -6.82 32.86 9.43
N GLY E 186 -7.70 32.48 10.35
CA GLY E 186 -7.63 31.20 11.01
C GLY E 186 -8.68 30.25 10.48
N VAL E 187 -8.24 29.33 9.62
CA VAL E 187 -9.10 28.35 8.96
C VAL E 187 -9.07 27.10 9.83
N GLY E 188 -10.23 26.70 10.34
CA GLY E 188 -10.25 25.54 11.23
C GLY E 188 -9.39 25.74 12.46
N GLU E 189 -9.22 26.97 12.91
CA GLU E 189 -8.42 27.24 14.09
C GLU E 189 -9.16 26.80 15.34
N ARG E 190 -8.42 26.25 16.30
CA ARG E 190 -9.01 25.92 17.58
C ARG E 190 -9.51 27.19 18.27
N THR E 191 -10.70 27.09 18.88
CA THR E 191 -11.26 28.25 19.56
C THR E 191 -10.33 28.74 20.66
N ARG E 192 -9.72 27.81 21.39
CA ARG E 192 -8.73 28.18 22.39
C ARG E 192 -7.58 28.96 21.76
N GLU E 193 -7.07 28.50 20.62
CA GLU E 193 -5.97 29.20 19.97
C GLU E 193 -6.41 30.57 19.47
N GLY E 194 -7.65 30.70 19.00
CA GLY E 194 -8.14 32.00 18.60
C GLY E 194 -8.18 32.98 19.76
N ASN E 195 -8.69 32.51 20.91
CA ASN E 195 -8.70 33.35 22.10
C ASN E 195 -7.28 33.73 22.51
N ASP E 196 -6.36 32.77 22.47
CA ASP E 196 -4.98 33.05 22.85
C ASP E 196 -4.36 34.06 21.89
N LEU E 197 -4.60 33.92 20.59
CA LEU E 197 -4.06 34.88 19.64
C LEU E 197 -4.59 36.27 19.89
N TYR E 198 -5.89 36.40 20.14
CA TYR E 198 -6.47 37.71 20.39
C TYR E 198 -5.90 38.33 21.66
N ARG E 199 -5.84 37.56 22.74
CA ARG E 199 -5.32 38.08 24.00
C ARG E 199 -3.84 38.43 23.89
N GLU E 200 -3.06 37.60 23.19
CA GLU E 200 -1.63 37.88 23.01
C GLU E 200 -1.42 39.12 22.16
N MET E 201 -2.20 39.28 21.08
CA MET E 201 -2.06 40.46 20.23
C MET E 201 -2.43 41.72 21.00
N LYS E 202 -3.41 41.65 21.89
CA LYS E 202 -3.63 42.78 22.78
C LYS E 202 -2.44 43.00 23.69
N GLU E 203 -1.88 41.93 24.24
CA GLU E 203 -0.77 42.04 25.18
C GLU E 203 0.47 42.65 24.53
N THR E 204 0.67 42.46 23.23
CA THR E 204 1.86 42.95 22.54
C THR E 204 1.61 44.21 21.72
N GLY E 205 0.36 44.68 21.65
CA GLY E 205 0.08 46.00 21.13
C GLY E 205 -0.19 46.12 19.65
N VAL E 206 -0.10 45.04 18.88
CA VAL E 206 -0.49 45.12 17.47
C VAL E 206 -1.98 45.32 17.31
N ILE E 207 -2.76 45.09 18.36
CA ILE E 207 -4.18 45.44 18.41
C ILE E 207 -4.39 46.34 19.61
N ASN E 208 -5.26 47.33 19.46
CA ASN E 208 -5.52 48.27 20.54
C ASN E 208 -6.99 48.71 20.45
N LEU E 209 -7.74 48.47 21.51
CA LEU E 209 -9.18 48.71 21.50
C LEU E 209 -9.54 50.17 21.71
N GLU E 210 -8.62 51.00 22.18
CA GLU E 210 -8.85 52.43 22.30
C GLU E 210 -8.11 53.24 21.24
N GLY E 211 -6.93 52.81 20.83
CA GLY E 211 -6.15 53.51 19.83
C GLY E 211 -6.41 53.00 18.43
N GLU E 212 -5.34 52.76 17.67
CA GLU E 212 -5.41 52.26 16.31
C GLU E 212 -4.77 50.88 16.24
N SER E 213 -5.28 50.04 15.34
CA SER E 213 -4.88 48.65 15.23
C SER E 213 -4.23 48.39 13.89
N LYS E 214 -3.39 47.36 13.84
CA LYS E 214 -2.63 47.02 12.64
C LYS E 214 -3.20 45.83 11.88
N VAL E 215 -3.60 44.76 12.57
CA VAL E 215 -3.98 43.50 11.95
C VAL E 215 -5.46 43.27 12.15
N ALA E 216 -6.15 42.91 11.06
CA ALA E 216 -7.51 42.41 11.14
C ALA E 216 -7.48 40.90 11.33
N LEU E 217 -8.49 40.38 12.01
CA LEU E 217 -8.60 38.95 12.31
C LEU E 217 -9.88 38.40 11.69
N VAL E 218 -9.77 37.26 11.00
CA VAL E 218 -10.93 36.54 10.49
C VAL E 218 -10.78 35.09 10.94
N PHE E 219 -11.73 34.63 11.76
CA PHE E 219 -11.67 33.30 12.35
C PHE E 219 -12.85 32.46 11.87
N GLY E 220 -12.54 31.33 11.24
CA GLY E 220 -13.50 30.25 11.08
C GLY E 220 -13.10 29.13 12.01
N GLN E 221 -13.83 28.97 13.11
CA GLN E 221 -13.45 28.00 14.13
C GLN E 221 -13.74 26.58 13.66
N MET E 222 -13.07 25.62 14.31
CA MET E 222 -13.23 24.22 13.93
C MET E 222 -14.68 23.77 13.96
N ASN E 223 -15.47 24.27 14.91
CA ASN E 223 -16.83 23.76 15.10
C ASN E 223 -17.81 24.31 14.07
N GLU E 224 -17.38 25.18 13.16
CA GLU E 224 -18.25 25.65 12.10
C GLU E 224 -18.42 24.58 11.02
N PRO E 225 -19.58 24.52 10.37
CA PRO E 225 -19.81 23.50 9.35
C PRO E 225 -18.78 23.57 8.24
N PRO E 226 -18.70 22.55 7.39
CA PRO E 226 -17.66 22.54 6.36
C PRO E 226 -17.71 23.75 5.43
N GLY E 227 -18.90 24.22 5.07
CA GLY E 227 -18.99 25.33 4.12
C GLY E 227 -18.33 26.58 4.64
N ALA E 228 -18.64 26.95 5.89
CA ALA E 228 -18.00 28.11 6.50
C ALA E 228 -16.50 27.90 6.62
N ARG E 229 -16.09 26.71 7.06
CA ARG E 229 -14.69 26.42 7.27
C ARG E 229 -13.90 26.44 5.96
N ALA E 230 -14.59 26.28 4.83
CA ALA E 230 -13.95 26.45 3.53
C ALA E 230 -13.93 27.92 3.12
N ARG E 231 -15.10 28.57 3.12
CA ARG E 231 -15.21 29.92 2.60
C ARG E 231 -14.48 30.96 3.45
N VAL E 232 -14.10 30.62 4.69
CA VAL E 232 -13.48 31.62 5.55
C VAL E 232 -12.17 32.12 4.97
N ALA E 233 -11.44 31.27 4.24
CA ALA E 233 -10.20 31.71 3.64
C ALA E 233 -10.45 32.85 2.65
N LEU E 234 -11.45 32.69 1.80
CA LEU E 234 -11.80 33.76 0.87
C LEU E 234 -12.34 34.97 1.59
N THR E 235 -13.07 34.74 2.69
CA THR E 235 -13.57 35.85 3.51
C THR E 235 -12.42 36.71 3.99
N GLY E 236 -11.36 36.08 4.49
CA GLY E 236 -10.18 36.84 4.90
C GLY E 236 -9.48 37.47 3.73
N LEU E 237 -9.34 36.73 2.63
CA LEU E 237 -8.63 37.24 1.46
C LEU E 237 -9.23 38.55 0.95
N THR E 238 -10.56 38.67 1.01
CA THR E 238 -11.19 39.84 0.41
C THR E 238 -10.76 41.14 1.09
N ILE E 239 -10.46 41.10 2.38
CA ILE E 239 -10.04 42.31 3.09
C ILE E 239 -8.72 42.81 2.52
N ALA E 240 -7.73 41.91 2.41
CA ALA E 240 -6.46 42.28 1.82
C ALA E 240 -6.63 42.68 0.37
N GLU E 241 -7.58 42.05 -0.33
CA GLU E 241 -7.84 42.45 -1.71
C GLU E 241 -8.33 43.90 -1.78
N TYR E 242 -9.20 44.31 -0.85
CA TYR E 242 -9.60 45.71 -0.82
C TYR E 242 -8.43 46.61 -0.51
N PHE E 243 -7.63 46.26 0.49
CA PHE E 243 -6.46 47.10 0.81
C PHE E 243 -5.56 47.28 -0.42
N ARG E 244 -5.27 46.19 -1.13
CA ARG E 244 -4.43 46.29 -2.31
C ARG E 244 -5.07 47.17 -3.38
N ASP E 245 -6.33 46.86 -3.73
CA ASP E 245 -6.95 47.47 -4.91
C ASP E 245 -7.47 48.88 -4.68
N GLU E 246 -7.60 49.33 -3.44
CA GLU E 246 -8.20 50.63 -3.17
C GLU E 246 -7.34 51.55 -2.32
N GLU E 247 -6.25 51.06 -1.74
CA GLU E 247 -5.34 51.93 -0.99
C GLU E 247 -3.86 51.69 -1.27
N GLY E 248 -3.49 50.60 -1.93
CA GLY E 248 -2.14 50.45 -2.45
C GLY E 248 -1.11 49.91 -1.48
N GLN E 249 -1.49 49.59 -0.25
CA GLN E 249 -0.52 49.03 0.69
C GLN E 249 -0.09 47.63 0.25
N ASP E 250 1.16 47.30 0.57
CA ASP E 250 1.61 45.91 0.51
C ASP E 250 1.13 45.21 1.77
N VAL E 251 0.33 44.16 1.60
CA VAL E 251 -0.41 43.56 2.72
C VAL E 251 -0.01 42.11 2.88
N LEU E 252 -0.01 41.66 4.12
CA LEU E 252 0.29 40.27 4.46
C LEU E 252 -1.00 39.56 4.85
N LEU E 253 -1.36 38.54 4.09
CA LEU E 253 -2.52 37.69 4.38
C LEU E 253 -2.00 36.39 4.98
N PHE E 254 -1.92 36.34 6.30
CA PHE E 254 -1.53 35.11 6.97
C PHE E 254 -2.69 34.12 6.93
N ILE E 255 -2.38 32.85 6.67
CA ILE E 255 -3.37 31.78 6.68
C ILE E 255 -2.87 30.65 7.56
N ASP E 256 -3.71 30.21 8.49
CA ASP E 256 -3.39 29.06 9.34
C ASP E 256 -4.68 28.31 9.61
N ASN E 257 -4.86 27.09 9.08
CA ASN E 257 -3.89 26.29 8.31
C ASN E 257 -4.48 25.95 6.94
N ILE E 258 -3.65 26.02 5.91
CA ILE E 258 -4.13 25.79 4.54
C ILE E 258 -4.59 24.35 4.33
N PHE E 259 -3.94 23.39 5.00
CA PHE E 259 -4.41 22.01 4.90
C PHE E 259 -5.86 21.89 5.30
N ARG E 260 -6.28 22.63 6.33
CA ARG E 260 -7.67 22.56 6.74
C ARG E 260 -8.58 23.24 5.72
N PHE E 261 -8.07 24.21 4.96
CA PHE E 261 -8.82 24.69 3.80
C PHE E 261 -9.07 23.55 2.81
N THR E 262 -8.03 22.80 2.49
CA THR E 262 -8.20 21.67 1.56
C THR E 262 -9.18 20.65 2.13
N GLN E 263 -9.05 20.35 3.43
CA GLN E 263 -9.90 19.35 4.06
C GLN E 263 -11.36 19.78 4.07
N ALA E 264 -11.63 21.06 4.38
CA ALA E 264 -12.99 21.56 4.34
C ALA E 264 -13.55 21.50 2.93
N GLY E 265 -12.73 21.84 1.94
CA GLY E 265 -13.16 21.66 0.57
C GLY E 265 -13.54 20.23 0.27
N SER E 266 -12.74 19.28 0.77
CA SER E 266 -13.04 17.87 0.55
C SER E 266 -14.38 17.47 1.17
N GLU E 267 -14.63 17.94 2.40
CA GLU E 267 -15.90 17.61 3.04
C GLU E 267 -17.08 18.20 2.28
N VAL E 268 -16.96 19.47 1.87
CA VAL E 268 -18.01 20.09 1.10
C VAL E 268 -18.27 19.33 -0.19
N SER E 269 -17.20 18.91 -0.86
CA SER E 269 -17.34 18.11 -2.07
C SER E 269 -18.11 16.82 -1.78
N ALA E 270 -17.72 16.13 -0.71
CA ALA E 270 -18.37 14.85 -0.41
C ALA E 270 -19.85 15.04 -0.13
N LEU E 271 -20.22 16.08 0.63
CA LEU E 271 -21.63 16.27 0.95
C LEU E 271 -22.44 16.63 -0.29
N LEU E 272 -21.83 17.27 -1.29
CA LEU E 272 -22.54 17.57 -2.52
C LEU E 272 -22.71 16.36 -3.43
N GLY E 273 -22.20 15.20 -3.04
CA GLY E 273 -22.37 13.98 -3.82
C GLY E 273 -21.35 13.75 -4.90
N ARG E 274 -20.26 14.50 -4.91
CA ARG E 274 -19.25 14.34 -5.95
C ARG E 274 -18.40 13.10 -5.69
N ILE E 275 -17.99 12.43 -6.75
CA ILE E 275 -17.15 11.24 -6.61
C ILE E 275 -15.75 11.66 -6.16
N PRO E 276 -15.21 11.10 -5.08
CA PRO E 276 -13.92 11.56 -4.57
C PRO E 276 -12.78 11.27 -5.53
N SER E 277 -11.77 12.13 -5.48
CA SER E 277 -10.53 11.94 -6.23
C SER E 277 -9.57 11.03 -5.47
N ALA E 278 -8.31 11.00 -5.91
CA ALA E 278 -7.30 10.15 -5.27
C ALA E 278 -7.28 10.33 -3.76
N VAL E 279 -6.97 9.24 -3.05
CA VAL E 279 -6.88 9.20 -1.59
C VAL E 279 -8.06 9.93 -0.95
N GLY E 280 -9.20 9.96 -1.66
CA GLY E 280 -10.43 10.46 -1.08
C GLY E 280 -10.58 11.96 -1.08
N TYR E 281 -9.64 12.72 -1.59
CA TYR E 281 -9.85 14.16 -1.70
C TYR E 281 -10.90 14.46 -2.76
N GLN E 282 -11.35 15.71 -2.74
CA GLN E 282 -12.34 16.17 -3.70
C GLN E 282 -11.79 16.07 -5.11
N PRO E 283 -12.65 15.93 -6.11
CA PRO E 283 -12.30 16.42 -7.44
C PRO E 283 -12.29 17.94 -7.41
N THR E 284 -11.85 18.55 -8.51
CA THR E 284 -11.68 19.99 -8.59
C THR E 284 -10.84 20.50 -7.41
N LEU E 285 -9.89 19.69 -6.97
CA LEU E 285 -8.95 20.12 -5.95
C LEU E 285 -8.04 21.23 -6.48
N ALA E 286 -7.46 21.01 -7.66
CA ALA E 286 -6.50 21.97 -8.20
C ALA E 286 -7.14 23.33 -8.42
N THR E 287 -8.30 23.37 -9.08
CA THR E 287 -8.93 24.65 -9.36
C THR E 287 -9.53 25.27 -8.11
N ASP E 288 -9.97 24.44 -7.17
CA ASP E 288 -10.44 24.97 -5.89
C ASP E 288 -9.33 25.70 -5.17
N MET E 289 -8.12 25.13 -5.19
CA MET E 289 -6.98 25.84 -4.62
C MET E 289 -6.63 27.08 -5.45
N GLY E 290 -6.70 26.96 -6.78
CA GLY E 290 -6.29 28.05 -7.63
C GLY E 290 -7.14 29.29 -7.46
N LEU E 291 -8.45 29.12 -7.29
CA LEU E 291 -9.31 30.28 -7.11
C LEU E 291 -8.93 31.06 -5.86
N LEU E 292 -8.37 30.37 -4.85
CA LEU E 292 -7.87 31.07 -3.67
C LEU E 292 -6.51 31.70 -3.95
N GLN E 293 -5.57 30.92 -4.49
CA GLN E 293 -4.18 31.33 -4.53
C GLN E 293 -3.90 32.37 -5.61
N GLU E 294 -4.58 32.29 -6.75
CA GLU E 294 -4.28 33.21 -7.85
C GLU E 294 -4.57 34.66 -7.47
N ARG E 295 -5.58 34.88 -6.62
CA ARG E 295 -5.92 36.24 -6.22
C ARG E 295 -4.80 36.91 -5.42
N ILE E 296 -3.91 36.10 -4.84
CA ILE E 296 -2.80 36.61 -4.05
C ILE E 296 -1.64 36.93 -4.98
N THR E 297 -1.56 38.17 -5.45
CA THR E 297 -0.54 38.55 -6.43
C THR E 297 -0.39 40.06 -6.45
N THR E 298 0.69 40.51 -7.10
CA THR E 298 1.00 41.92 -7.20
C THR E 298 0.28 42.55 -8.39
N THR E 299 0.01 43.85 -8.28
CA THR E 299 -0.59 44.61 -9.38
C THR E 299 0.12 45.94 -9.57
N LYS E 300 -0.44 46.80 -10.42
CA LYS E 300 0.14 48.12 -10.62
C LYS E 300 0.20 48.92 -9.33
N LYS E 301 -0.72 48.65 -8.40
CA LYS E 301 -0.86 49.45 -7.18
C LYS E 301 -0.10 48.83 -6.01
N GLY E 302 -0.38 47.58 -5.69
CA GLY E 302 0.26 46.95 -4.55
C GLY E 302 0.21 45.45 -4.68
N SER E 303 0.41 44.77 -3.55
CA SER E 303 0.43 43.32 -3.53
C SER E 303 -0.14 42.82 -2.21
N VAL E 304 -0.69 41.61 -2.26
CA VAL E 304 -1.05 40.86 -1.06
C VAL E 304 -0.07 39.70 -0.96
N THR E 305 0.87 39.79 -0.04
CA THR E 305 1.73 38.66 0.27
C THR E 305 1.02 37.76 1.28
N SER E 306 1.29 36.46 1.19
CA SER E 306 0.62 35.49 2.03
C SER E 306 1.63 34.56 2.66
N VAL E 307 1.56 34.43 3.99
CA VAL E 307 2.36 33.48 4.75
C VAL E 307 1.40 32.41 5.26
N GLN E 308 1.58 31.19 4.78
CA GLN E 308 0.59 30.13 4.96
C GLN E 308 1.21 28.98 5.73
N ALA E 309 0.60 28.61 6.85
CA ALA E 309 1.07 27.47 7.64
C ALA E 309 0.57 26.18 7.01
N VAL E 310 1.49 25.23 6.80
CA VAL E 310 1.21 24.01 6.05
C VAL E 310 1.41 22.81 6.96
N TYR E 311 0.37 22.00 7.11
CA TYR E 311 0.46 20.69 7.73
C TYR E 311 0.45 19.61 6.66
N VAL E 312 1.40 18.68 6.76
CA VAL E 312 1.54 17.59 5.81
C VAL E 312 1.26 16.29 6.54
N PRO E 313 0.23 15.53 6.16
CA PRO E 313 -0.08 14.30 6.90
C PRO E 313 1.01 13.25 6.75
N ALA E 314 1.19 12.46 7.81
CA ALA E 314 2.10 11.32 7.80
C ALA E 314 3.52 11.73 7.40
N ASP E 315 3.86 13.01 7.53
CA ASP E 315 5.14 13.53 7.10
C ASP E 315 5.40 13.25 5.63
N ASP E 316 4.33 13.06 4.86
CA ASP E 316 4.41 12.69 3.45
C ASP E 316 4.35 13.96 2.60
N LEU E 317 5.48 14.32 2.00
CA LEU E 317 5.52 15.47 1.11
C LEU E 317 4.82 15.22 -0.22
N THR E 318 4.44 13.98 -0.52
CA THR E 318 3.85 13.63 -1.80
C THR E 318 2.33 13.56 -1.77
N ASP E 319 1.71 13.67 -0.61
CA ASP E 319 0.26 13.58 -0.54
C ASP E 319 -0.37 14.66 -1.42
N PRO E 320 -1.50 14.38 -2.09
CA PRO E 320 -2.01 15.34 -3.07
C PRO E 320 -2.25 16.73 -2.52
N ALA E 321 -2.67 16.87 -1.25
CA ALA E 321 -2.88 18.20 -0.71
C ALA E 321 -1.57 18.96 -0.55
N PRO E 322 -0.57 18.42 0.15
CA PRO E 322 0.74 19.09 0.15
C PRO E 322 1.31 19.34 -1.24
N ALA E 323 1.16 18.40 -2.16
CA ALA E 323 1.70 18.62 -3.50
C ALA E 323 1.02 19.79 -4.19
N THR E 324 -0.30 19.84 -4.14
CA THR E 324 -1.03 20.94 -4.78
C THR E 324 -0.72 22.26 -4.08
N THR E 325 -0.40 22.22 -2.79
CA THR E 325 -0.01 23.45 -2.09
C THR E 325 1.40 23.89 -2.49
N PHE E 326 2.35 22.96 -2.54
CA PHE E 326 3.71 23.30 -2.93
C PHE E 326 3.76 23.83 -4.35
N ALA E 327 2.84 23.37 -5.20
CA ALA E 327 2.86 23.84 -6.59
C ALA E 327 2.76 25.36 -6.66
N HIS E 328 2.15 25.99 -5.66
CA HIS E 328 1.93 27.43 -5.69
C HIS E 328 2.95 28.23 -4.89
N LEU E 329 3.62 27.61 -3.93
CA LEU E 329 4.50 28.36 -3.03
C LEU E 329 5.72 28.91 -3.76
N ASP E 330 6.10 30.14 -3.41
CA ASP E 330 7.33 30.74 -3.89
C ASP E 330 8.51 30.51 -2.95
N ALA E 331 8.24 30.33 -1.66
CA ALA E 331 9.31 30.09 -0.69
C ALA E 331 8.75 29.23 0.43
N THR E 332 9.66 28.56 1.14
CA THR E 332 9.29 27.74 2.29
C THR E 332 10.18 28.10 3.47
N THR E 333 9.56 28.25 4.64
CA THR E 333 10.28 28.54 5.87
C THR E 333 10.04 27.38 6.83
N VAL E 334 11.12 26.72 7.26
CA VAL E 334 11.04 25.50 8.03
C VAL E 334 11.57 25.80 9.44
N LEU E 335 10.69 25.73 10.42
CA LEU E 335 11.07 25.81 11.82
C LEU E 335 11.28 24.41 12.37
N SER E 336 12.21 24.27 13.31
CA SER E 336 12.62 22.98 13.81
C SER E 336 12.66 22.98 15.33
N ARG E 337 12.11 21.93 15.92
CA ARG E 337 12.21 21.75 17.37
C ARG E 337 13.67 21.60 17.80
N GLY E 338 14.44 20.80 17.05
CA GLY E 338 15.84 20.62 17.39
C GLY E 338 16.62 21.92 17.38
N ILE E 339 16.37 22.75 16.37
CA ILE E 339 17.09 24.03 16.28
C ILE E 339 16.73 24.92 17.46
N SER E 340 15.46 24.87 17.90
CA SER E 340 15.08 25.60 19.10
C SER E 340 15.77 25.05 20.34
N GLU E 341 15.96 23.73 20.40
CA GLU E 341 16.67 23.14 21.52
C GLU E 341 18.12 23.61 21.57
N LEU E 342 18.71 23.90 20.40
CA LEU E 342 20.06 24.44 20.34
C LEU E 342 20.13 25.91 20.75
N GLY E 343 19.03 26.49 21.22
CA GLY E 343 19.01 27.88 21.59
C GLY E 343 18.95 28.84 20.43
N ILE E 344 18.79 28.34 19.21
CA ILE E 344 18.65 29.21 18.05
C ILE E 344 17.22 29.74 17.99
N TYR E 345 17.09 31.04 17.74
CA TYR E 345 15.82 31.75 17.88
C TYR E 345 15.83 32.90 16.89
N PRO E 346 14.85 33.01 15.98
CA PRO E 346 13.54 32.35 15.84
C PRO E 346 13.55 30.92 15.29
N ALA E 347 14.70 30.26 15.34
CA ALA E 347 14.77 28.82 15.07
C ALA E 347 14.41 28.45 13.64
N VAL E 348 14.69 29.34 12.70
CA VAL E 348 14.51 29.00 11.29
C VAL E 348 15.68 28.14 10.84
N ASP E 349 15.39 26.93 10.37
CA ASP E 349 16.43 26.09 9.80
C ASP E 349 16.98 26.78 8.55
N PRO E 350 18.28 27.12 8.51
CA PRO E 350 18.79 27.88 7.36
C PRO E 350 19.00 27.06 6.10
N LEU E 351 18.96 25.73 6.17
CA LEU E 351 19.23 24.89 5.02
C LEU E 351 18.00 24.19 4.47
N ASP E 352 17.03 23.84 5.31
CA ASP E 352 15.76 23.34 4.78
C ASP E 352 14.93 24.45 4.17
N SER E 353 14.99 25.65 4.75
CA SER E 353 14.28 26.79 4.18
C SER E 353 14.86 27.14 2.82
N LYS E 354 13.99 27.45 1.87
CA LYS E 354 14.41 27.68 0.49
C LYS E 354 13.45 28.64 -0.18
N SER E 355 13.93 29.38 -1.17
CA SER E 355 13.14 30.40 -1.83
C SER E 355 13.35 30.35 -3.34
N ARG E 356 12.26 30.53 -4.08
CA ARG E 356 12.36 30.63 -5.53
C ARG E 356 13.18 31.84 -5.96
N LEU E 357 13.16 32.91 -5.18
CA LEU E 357 13.75 34.17 -5.59
C LEU E 357 15.16 34.40 -5.04
N LEU E 358 15.76 33.39 -4.41
CA LEU E 358 17.18 33.47 -4.08
C LEU E 358 17.94 33.29 -5.39
N ASP E 359 17.94 34.35 -6.19
CA ASP E 359 18.37 34.28 -7.57
C ASP E 359 19.20 35.50 -7.90
N ALA E 360 20.32 35.27 -8.61
CA ALA E 360 21.21 36.37 -9.00
C ALA E 360 20.44 37.45 -9.75
N ALA E 361 19.51 37.05 -10.62
CA ALA E 361 18.78 38.01 -11.43
C ALA E 361 17.85 38.89 -10.61
N VAL E 362 17.59 38.54 -9.36
CA VAL E 362 16.68 39.30 -8.52
C VAL E 362 17.45 40.22 -7.59
N VAL E 363 18.33 39.66 -6.77
CA VAL E 363 18.93 40.38 -5.65
C VAL E 363 20.34 40.88 -5.95
N GLY E 364 20.95 40.46 -7.05
CA GLY E 364 22.29 40.92 -7.38
C GLY E 364 23.38 40.10 -6.71
N GLN E 365 24.59 40.23 -7.26
CA GLN E 365 25.68 39.37 -6.85
C GLN E 365 26.09 39.61 -5.40
N GLU E 366 26.15 40.86 -4.95
CA GLU E 366 26.62 41.13 -3.60
C GLU E 366 25.74 40.42 -2.57
N HIS E 367 24.47 40.20 -2.88
CA HIS E 367 23.60 39.45 -1.99
C HIS E 367 23.66 37.96 -2.31
N TYR E 368 23.54 37.60 -3.59
CA TYR E 368 23.44 36.20 -3.97
C TYR E 368 24.68 35.41 -3.57
N ASP E 369 25.86 35.93 -3.89
CA ASP E 369 27.08 35.18 -3.61
C ASP E 369 27.33 35.08 -2.11
N VAL E 370 27.02 36.14 -1.36
CA VAL E 370 27.19 36.09 0.08
C VAL E 370 26.26 35.02 0.68
N ALA E 371 25.00 35.00 0.24
CA ALA E 371 24.07 34.01 0.74
C ALA E 371 24.52 32.59 0.37
N SER E 372 24.96 32.41 -0.87
CA SER E 372 25.43 31.10 -1.30
C SER E 372 26.64 30.65 -0.49
N LYS E 373 27.55 31.58 -0.21
CA LYS E 373 28.72 31.23 0.60
C LYS E 373 28.29 30.86 2.02
N VAL E 374 27.32 31.56 2.59
CA VAL E 374 26.84 31.20 3.92
C VAL E 374 26.25 29.80 3.91
N GLN E 375 25.43 29.50 2.89
CA GLN E 375 24.83 28.17 2.80
C GLN E 375 25.89 27.10 2.63
N GLU E 376 26.88 27.35 1.77
CA GLU E 376 27.95 26.38 1.57
C GLU E 376 28.75 26.18 2.86
N THR E 377 29.02 27.26 3.58
CA THR E 377 29.70 27.15 4.86
C THR E 377 28.92 26.24 5.80
N LEU E 378 27.63 26.51 5.97
CA LEU E 378 26.84 25.72 6.90
C LEU E 378 26.74 24.27 6.45
N GLN E 379 26.63 24.03 5.14
CA GLN E 379 26.48 22.66 4.66
C GLN E 379 27.77 21.87 4.83
N THR E 380 28.91 22.47 4.48
CA THR E 380 30.19 21.81 4.68
C THR E 380 30.46 21.59 6.16
N TYR E 381 30.07 22.54 7.02
CA TYR E 381 30.18 22.32 8.45
C TYR E 381 29.29 21.18 8.90
N LYS E 382 28.08 21.08 8.34
CA LYS E 382 27.20 19.97 8.68
C LYS E 382 27.85 18.64 8.33
N SER E 383 28.52 18.57 7.19
CA SER E 383 29.22 17.35 6.83
C SER E 383 30.41 17.09 7.75
N LEU E 384 31.16 18.15 8.09
CA LEU E 384 32.36 17.98 8.91
C LEU E 384 32.01 17.54 10.32
N GLN E 385 30.92 18.07 10.87
CA GLN E 385 30.52 17.72 12.23
C GLN E 385 30.30 16.22 12.37
N ASP E 386 29.86 15.56 11.29
CA ASP E 386 29.61 14.12 11.34
C ASP E 386 30.85 13.37 11.80
N ILE E 387 32.03 13.86 11.46
CA ILE E 387 33.29 13.27 11.92
C ILE E 387 33.77 13.94 13.20
N ILE E 388 33.64 15.27 13.28
CA ILE E 388 34.21 16.01 14.40
C ILE E 388 33.57 15.58 15.72
N ALA E 389 32.27 15.30 15.72
CA ALA E 389 31.59 14.97 16.97
C ALA E 389 32.12 13.69 17.59
N ILE E 390 32.69 12.79 16.78
CA ILE E 390 33.24 11.55 17.29
C ILE E 390 34.74 11.65 17.51
N LEU E 391 35.47 12.20 16.54
CA LEU E 391 36.92 12.27 16.62
C LEU E 391 37.43 13.44 17.44
N GLY E 392 36.58 14.40 17.76
CA GLY E 392 36.99 15.56 18.52
C GLY E 392 37.64 16.62 17.63
N MET E 393 37.73 17.84 18.19
CA MET E 393 38.28 18.96 17.44
C MET E 393 39.74 18.72 17.05
N ASP E 394 40.48 17.94 17.85
CA ASP E 394 41.89 17.72 17.56
C ASP E 394 42.10 17.00 16.22
N GLU E 395 41.10 16.28 15.73
CA GLU E 395 41.21 15.60 14.45
C GLU E 395 40.94 16.52 13.26
N LEU E 396 40.49 17.74 13.50
CA LEU E 396 40.15 18.66 12.42
C LEU E 396 41.41 19.20 11.75
N SER E 397 41.37 19.32 10.44
CA SER E 397 42.46 19.93 9.69
C SER E 397 42.51 21.43 9.96
N GLU E 398 43.64 22.05 9.58
CA GLU E 398 43.78 23.48 9.79
C GLU E 398 42.75 24.26 8.99
N GLN E 399 42.58 23.93 7.70
CA GLN E 399 41.59 24.61 6.89
C GLN E 399 40.18 24.17 7.25
N ASP E 400 39.99 22.88 7.53
CA ASP E 400 38.68 22.41 7.97
C ASP E 400 38.20 23.20 9.19
N LYS E 401 39.05 23.29 10.22
CA LYS E 401 38.69 24.07 11.39
C LYS E 401 38.57 25.56 11.06
N LEU E 402 39.40 26.07 10.16
CA LEU E 402 39.30 27.47 9.79
C LEU E 402 37.93 27.77 9.19
N THR E 403 37.32 26.79 8.52
CA THR E 403 35.94 26.95 8.08
C THR E 403 34.96 26.76 9.23
N VAL E 404 35.14 25.69 10.01
CA VAL E 404 34.13 25.29 10.99
C VAL E 404 33.92 26.35 12.05
N GLU E 405 35.00 26.98 12.51
CA GLU E 405 34.85 27.97 13.58
C GLU E 405 33.97 29.12 13.13
N ARG E 406 34.25 29.68 11.95
CA ARG E 406 33.45 30.79 11.46
C ARG E 406 32.08 30.32 11.01
N ALA E 407 31.95 29.03 10.64
CA ALA E 407 30.64 28.47 10.35
C ALA E 407 29.74 28.52 11.58
N ARG E 408 30.27 28.06 12.72
CA ARG E 408 29.49 28.11 13.95
C ARG E 408 29.22 29.55 14.37
N LYS E 409 30.19 30.44 14.15
CA LYS E 409 29.96 31.85 14.45
C LYS E 409 28.80 32.39 13.63
N ILE E 410 28.73 32.05 12.35
CA ILE E 410 27.62 32.48 11.51
C ILE E 410 26.32 31.86 11.99
N GLN E 411 26.35 30.56 12.28
CA GLN E 411 25.14 29.87 12.73
C GLN E 411 24.55 30.58 13.96
N ARG E 412 25.40 30.97 14.90
CA ARG E 412 24.90 31.74 16.03
C ARG E 412 24.41 33.11 15.61
N PHE E 413 25.11 33.75 14.66
CA PHE E 413 24.78 35.13 14.32
C PHE E 413 23.40 35.27 13.69
N LEU E 414 22.77 34.18 13.27
CA LEU E 414 21.46 34.27 12.63
C LEU E 414 20.34 34.58 13.62
N SER E 415 20.52 34.29 14.90
CA SER E 415 19.48 34.55 15.88
C SER E 415 19.24 36.05 16.03
N GLN E 416 18.03 36.41 16.47
CA GLN E 416 17.59 37.79 16.48
C GLN E 416 16.57 38.02 17.59
N PRO E 417 16.54 39.21 18.17
CA PRO E 417 15.40 39.60 19.02
C PRO E 417 14.35 40.37 18.23
N PHE E 418 13.15 40.41 18.81
CA PHE E 418 12.01 41.08 18.20
C PHE E 418 11.35 42.03 19.18
N ALA E 419 10.74 43.09 18.66
CA ALA E 419 10.00 44.02 19.49
C ALA E 419 8.85 43.33 20.21
N VAL E 420 8.18 42.38 19.54
CA VAL E 420 7.08 41.67 20.17
C VAL E 420 7.56 40.65 21.19
N ALA E 421 8.83 40.25 21.13
CA ALA E 421 9.39 39.27 22.04
C ALA E 421 10.32 39.88 23.07
N GLU E 422 10.54 41.20 23.04
CA GLU E 422 11.52 41.81 23.94
C GLU E 422 11.19 41.58 25.41
N VAL E 423 9.92 41.37 25.75
CA VAL E 423 9.55 41.17 27.14
C VAL E 423 10.23 39.92 27.70
N PHE E 424 10.49 38.93 26.85
CA PHE E 424 10.96 37.63 27.28
C PHE E 424 12.47 37.47 27.23
N THR E 425 13.14 38.19 26.33
CA THR E 425 14.60 38.26 26.33
C THR E 425 15.12 39.57 26.90
N GLY E 426 14.25 40.57 27.07
CA GLY E 426 14.67 41.83 27.63
C GLY E 426 15.27 42.78 26.62
N ILE E 427 16.08 42.25 25.71
CA ILE E 427 16.80 43.11 24.77
C ILE E 427 15.80 43.79 23.83
N PRO E 428 15.84 45.11 23.67
CA PRO E 428 14.99 45.75 22.64
C PRO E 428 15.29 45.23 21.25
N GLY E 429 14.24 44.78 20.57
CA GLY E 429 14.39 44.17 19.26
C GLY E 429 14.81 45.15 18.18
N LYS E 430 15.18 44.59 17.04
CA LYS E 430 15.70 45.36 15.91
C LYS E 430 15.05 44.93 14.61
N LEU E 431 14.72 45.91 13.76
CA LEU E 431 14.36 45.66 12.38
C LEU E 431 15.63 45.83 11.55
N VAL E 432 16.29 44.72 11.25
CA VAL E 432 17.57 44.74 10.53
C VAL E 432 17.26 44.82 9.04
N ARG E 433 17.48 45.99 8.45
CA ARG E 433 17.16 46.19 7.05
C ARG E 433 18.06 45.30 6.17
N LEU E 434 17.69 45.22 4.89
CA LEU E 434 18.32 44.26 3.99
C LEU E 434 19.79 44.58 3.74
N LYS E 435 20.10 45.86 3.46
CA LYS E 435 21.49 46.24 3.21
C LYS E 435 22.37 45.89 4.40
N ASP E 436 21.92 46.21 5.62
CA ASP E 436 22.72 45.90 6.80
C ASP E 436 22.88 44.39 6.97
N THR E 437 21.84 43.63 6.61
CA THR E 437 21.92 42.18 6.70
C THR E 437 23.02 41.64 5.79
N VAL E 438 23.06 42.12 4.54
CA VAL E 438 24.10 41.69 3.61
C VAL E 438 25.47 42.15 4.09
N ALA E 439 25.56 43.40 4.56
CA ALA E 439 26.84 43.97 4.95
C ALA E 439 27.47 43.21 6.10
N SER E 440 26.67 42.81 7.09
CA SER E 440 27.23 42.08 8.23
C SER E 440 27.92 40.81 7.77
N PHE E 441 27.30 40.07 6.85
CA PHE E 441 27.90 38.82 6.42
C PHE E 441 29.02 39.03 5.42
N LYS E 442 29.00 40.12 4.65
CA LYS E 442 30.19 40.48 3.88
C LYS E 442 31.37 40.68 4.81
N ALA E 443 31.16 41.42 5.90
CA ALA E 443 32.23 41.64 6.87
C ALA E 443 32.68 40.34 7.48
N VAL E 444 31.73 39.46 7.85
CA VAL E 444 32.10 38.23 8.54
C VAL E 444 32.86 37.31 7.60
N LEU E 445 32.44 37.21 6.34
CA LEU E 445 33.14 36.34 5.39
C LEU E 445 34.51 36.89 5.03
N GLU E 446 34.68 38.21 5.11
CA GLU E 446 36.00 38.83 4.93
C GLU E 446 36.87 38.67 6.18
N GLY E 447 36.34 38.08 7.25
CA GLY E 447 37.12 37.82 8.43
C GLY E 447 37.44 39.03 9.27
N LYS E 448 36.76 40.16 9.07
CA LYS E 448 37.03 41.34 9.87
C LYS E 448 36.86 41.06 11.37
N TYR E 449 35.97 40.14 11.72
CA TYR E 449 35.65 39.84 13.11
C TYR E 449 35.85 38.35 13.42
N ASP E 450 36.82 37.73 12.77
CA ASP E 450 37.08 36.31 13.00
C ASP E 450 37.49 36.03 14.44
N ASN E 451 38.03 37.03 15.14
CA ASN E 451 38.56 36.81 16.48
C ASN E 451 37.50 36.82 17.57
N ILE E 452 36.30 37.28 17.26
CA ILE E 452 35.34 37.66 18.29
C ILE E 452 34.77 36.41 18.96
N PRO E 453 34.52 36.42 20.28
CA PRO E 453 33.87 35.27 20.91
C PRO E 453 32.39 35.16 20.56
N GLU E 454 31.82 33.99 20.86
CA GLU E 454 30.49 33.65 20.39
C GLU E 454 29.46 34.70 20.81
N HIS E 455 29.39 35.00 22.11
CA HIS E 455 28.29 35.79 22.63
C HIS E 455 28.30 37.24 22.20
N ALA E 456 29.39 37.71 21.57
CA ALA E 456 29.46 39.11 21.14
C ALA E 456 28.62 39.38 19.91
N PHE E 457 28.34 38.36 19.11
CA PHE E 457 27.49 38.49 17.94
C PHE E 457 26.15 37.80 18.12
N TYR E 458 26.14 36.74 18.92
CA TYR E 458 24.92 36.00 19.21
C TYR E 458 23.88 36.93 19.83
N MET E 459 22.64 36.81 19.36
CA MET E 459 21.46 37.45 19.93
C MET E 459 21.40 38.96 19.74
N VAL E 460 22.18 39.55 18.84
CA VAL E 460 21.91 40.92 18.40
C VAL E 460 22.08 41.00 16.90
N GLY E 461 21.92 42.21 16.34
CA GLY E 461 21.97 42.37 14.91
C GLY E 461 22.42 43.77 14.53
N GLY E 462 22.75 43.92 13.25
CA GLY E 462 23.33 45.15 12.75
C GLY E 462 24.83 45.17 12.95
N ILE E 463 25.59 45.48 11.89
CA ILE E 463 27.05 45.41 11.98
C ILE E 463 27.58 46.42 12.99
N GLU E 464 27.12 47.67 12.93
CA GLU E 464 27.61 48.67 13.86
C GLU E 464 27.18 48.36 15.29
N ASP E 465 25.91 48.04 15.49
CA ASP E 465 25.42 47.71 16.82
C ASP E 465 26.11 46.46 17.36
N VAL E 466 26.33 45.46 16.51
CA VAL E 466 26.95 44.23 17.01
C VAL E 466 28.41 44.48 17.36
N VAL E 467 29.09 45.33 16.59
CA VAL E 467 30.46 45.71 16.97
C VAL E 467 30.45 46.44 18.31
N ALA E 468 29.48 47.33 18.50
CA ALA E 468 29.37 48.04 19.76
C ALA E 468 29.19 47.07 20.92
N LYS E 469 28.32 46.07 20.75
CA LYS E 469 28.14 45.08 21.80
C LYS E 469 29.40 44.24 22.01
N ALA E 470 30.10 43.90 20.94
CA ALA E 470 31.30 43.09 21.08
C ALA E 470 32.34 43.83 21.91
N GLU E 471 32.47 45.13 21.68
CA GLU E 471 33.46 45.92 22.43
C GLU E 471 33.20 45.83 23.93
N LYS E 472 31.95 46.03 24.34
CA LYS E 472 31.62 45.99 25.76
C LYS E 472 31.69 44.57 26.32
N LEU E 473 31.27 43.57 25.54
CA LEU E 473 31.33 42.20 26.03
C LEU E 473 32.76 41.79 26.32
N ALA E 474 33.68 42.11 25.41
CA ALA E 474 35.08 41.78 25.67
C ALA E 474 35.63 42.59 26.84
N ALA E 475 35.21 43.84 26.95
CA ALA E 475 35.68 44.71 28.03
C ALA E 475 34.56 45.65 28.49
N THR F 7 -35.38 -3.10 -50.44
CA THR F 7 -35.08 -1.77 -49.92
C THR F 7 -34.17 -1.87 -48.69
N PRO F 8 -33.29 -0.88 -48.51
CA PRO F 8 -32.36 -0.93 -47.38
C PRO F 8 -33.07 -0.71 -46.05
N ILE F 9 -32.50 -1.31 -45.01
CA ILE F 9 -32.96 -1.09 -43.64
C ILE F 9 -32.28 0.17 -43.12
N THR F 10 -33.08 1.18 -42.77
CA THR F 10 -32.54 2.46 -42.34
C THR F 10 -33.20 2.91 -41.04
N GLY F 11 -32.46 3.71 -40.29
CA GLY F 11 -32.93 4.26 -39.02
C GLY F 11 -32.35 5.64 -38.80
N LYS F 12 -32.47 6.18 -37.59
CA LYS F 12 -31.97 7.52 -37.29
C LYS F 12 -31.21 7.52 -35.97
N VAL F 13 -30.19 8.36 -35.89
CA VAL F 13 -29.43 8.50 -34.65
C VAL F 13 -30.28 9.24 -33.62
N THR F 14 -30.24 8.76 -32.38
CA THR F 14 -30.96 9.39 -31.28
C THR F 14 -30.06 9.98 -30.22
N ALA F 15 -28.87 9.40 -30.00
CA ALA F 15 -27.96 9.90 -28.97
C ALA F 15 -26.52 9.68 -29.41
N VAL F 16 -25.64 10.58 -28.99
CA VAL F 16 -24.21 10.46 -29.23
C VAL F 16 -23.47 10.82 -27.95
N ILE F 17 -22.63 9.92 -27.46
CA ILE F 17 -21.79 10.16 -26.30
C ILE F 17 -20.43 9.55 -26.57
N GLY F 18 -19.40 10.38 -26.68
CA GLY F 18 -18.08 9.86 -26.98
C GLY F 18 -18.10 9.00 -28.22
N ALA F 19 -17.63 7.77 -28.07
CA ALA F 19 -17.56 6.82 -29.17
C ALA F 19 -18.83 5.98 -29.32
N ILE F 20 -19.85 6.19 -28.49
CA ILE F 20 -21.05 5.37 -28.50
C ILE F 20 -22.17 6.15 -29.17
N VAL F 21 -22.85 5.52 -30.12
CA VAL F 21 -23.96 6.12 -30.85
C VAL F 21 -25.16 5.20 -30.76
N ASP F 22 -26.31 5.74 -30.38
CA ASP F 22 -27.54 4.97 -30.29
C ASP F 22 -28.43 5.30 -31.49
N VAL F 23 -29.00 4.26 -32.10
CA VAL F 23 -29.82 4.39 -33.29
C VAL F 23 -31.21 3.85 -32.98
N HIS F 24 -32.21 4.38 -33.67
CA HIS F 24 -33.59 3.96 -33.50
C HIS F 24 -34.19 3.71 -34.88
N PHE F 25 -34.86 2.57 -35.03
CA PHE F 25 -35.41 2.13 -36.31
C PHE F 25 -36.93 2.13 -36.26
N GLU F 26 -37.56 2.74 -37.27
CA GLU F 26 -39.01 2.75 -37.33
C GLU F 26 -39.56 1.36 -37.63
N GLN F 27 -38.84 0.56 -38.41
CA GLN F 27 -39.27 -0.79 -38.73
C GLN F 27 -38.86 -1.76 -37.62
N SER F 28 -39.40 -2.98 -37.71
CA SER F 28 -39.06 -4.04 -36.78
C SER F 28 -37.90 -4.91 -37.25
N GLU F 29 -37.42 -4.72 -38.48
CA GLU F 29 -36.32 -5.49 -39.03
C GLU F 29 -34.97 -4.99 -38.51
N LEU F 30 -34.79 -5.12 -37.19
CA LEU F 30 -33.62 -4.56 -36.53
C LEU F 30 -32.35 -5.20 -37.06
N PRO F 31 -31.24 -4.45 -37.09
CA PRO F 31 -29.95 -5.06 -37.43
C PRO F 31 -29.48 -6.02 -36.34
N ALA F 32 -28.81 -7.08 -36.76
CA ALA F 32 -28.24 -8.03 -35.81
C ALA F 32 -27.03 -7.42 -35.12
N ILE F 33 -26.74 -7.93 -33.92
CA ILE F 33 -25.58 -7.45 -33.18
C ILE F 33 -24.31 -7.81 -33.93
N LEU F 34 -23.33 -6.90 -33.89
CA LEU F 34 -22.07 -6.94 -34.62
C LEU F 34 -22.23 -6.56 -36.10
N ASN F 35 -23.43 -6.19 -36.55
CA ASN F 35 -23.58 -5.68 -37.91
C ASN F 35 -22.95 -4.30 -38.04
N ALA F 36 -22.55 -3.96 -39.26
CA ALA F 36 -21.98 -2.65 -39.56
C ALA F 36 -23.04 -1.75 -40.19
N LEU F 37 -23.04 -0.48 -39.76
CA LEU F 37 -23.95 0.54 -40.27
C LEU F 37 -23.13 1.69 -40.82
N GLU F 38 -23.70 2.40 -41.80
CA GLU F 38 -23.00 3.48 -42.49
C GLU F 38 -23.73 4.80 -42.30
N ILE F 39 -22.97 5.86 -42.06
CA ILE F 39 -23.48 7.23 -42.01
C ILE F 39 -22.69 8.06 -43.01
N LYS F 40 -23.39 8.77 -43.90
CA LYS F 40 -22.71 9.49 -44.96
C LYS F 40 -22.26 10.87 -44.50
N THR F 41 -21.43 10.93 -43.47
CA THR F 41 -20.82 12.20 -43.08
C THR F 41 -19.99 12.72 -44.24
N PRO F 42 -19.98 14.04 -44.49
CA PRO F 42 -19.38 14.54 -45.73
C PRO F 42 -17.91 14.16 -45.89
N GLN F 43 -17.17 14.02 -44.80
CA GLN F 43 -15.75 13.72 -44.88
C GLN F 43 -15.46 12.28 -45.29
N GLY F 44 -16.47 11.47 -45.56
CA GLY F 44 -16.29 10.06 -45.85
C GLY F 44 -17.07 9.23 -44.85
N LYS F 45 -17.76 8.21 -45.37
CA LYS F 45 -18.77 7.52 -44.59
C LYS F 45 -18.20 6.91 -43.31
N LEU F 46 -18.87 7.19 -42.19
CA LEU F 46 -18.54 6.61 -40.90
C LEU F 46 -19.18 5.24 -40.76
N VAL F 47 -18.47 4.33 -40.10
CA VAL F 47 -18.94 2.97 -39.85
C VAL F 47 -19.21 2.81 -38.35
N LEU F 48 -20.42 2.38 -38.01
CA LEU F 48 -20.80 2.04 -36.65
C LEU F 48 -20.92 0.53 -36.54
N GLU F 49 -20.57 -0.02 -35.38
CA GLU F 49 -20.77 -1.44 -35.10
C GLU F 49 -21.78 -1.60 -33.98
N VAL F 50 -22.81 -2.40 -34.23
CA VAL F 50 -23.85 -2.64 -33.23
C VAL F 50 -23.24 -3.40 -32.05
N ALA F 51 -23.35 -2.83 -30.87
CA ALA F 51 -22.89 -3.48 -29.64
C ALA F 51 -24.01 -4.13 -28.85
N GLN F 52 -25.18 -3.50 -28.77
CA GLN F 52 -26.25 -4.00 -27.91
C GLN F 52 -27.60 -3.66 -28.52
N HIS F 53 -28.62 -4.38 -28.07
CA HIS F 53 -30.01 -4.01 -28.28
C HIS F 53 -30.57 -3.49 -26.97
N LEU F 54 -31.08 -2.25 -26.99
CA LEU F 54 -31.53 -1.59 -25.77
C LEU F 54 -33.02 -1.73 -25.52
N GLY F 55 -33.79 -2.23 -26.48
CA GLY F 55 -35.23 -2.24 -26.38
C GLY F 55 -35.83 -0.97 -26.94
N GLU F 56 -37.16 -0.99 -27.11
CA GLU F 56 -37.86 0.09 -27.77
C GLU F 56 -37.31 0.32 -29.18
N ASN F 57 -36.84 -0.76 -29.80
CA ASN F 57 -36.26 -0.70 -31.14
C ASN F 57 -35.09 0.28 -31.19
N THR F 58 -34.32 0.36 -30.11
CA THR F 58 -33.10 1.16 -30.06
C THR F 58 -31.90 0.23 -29.95
N VAL F 59 -30.87 0.53 -30.73
CA VAL F 59 -29.67 -0.31 -30.84
C VAL F 59 -28.46 0.56 -30.56
N ARG F 60 -27.59 0.10 -29.67
CA ARG F 60 -26.42 0.86 -29.23
C ARG F 60 -25.20 0.36 -29.97
N THR F 61 -24.39 1.27 -30.50
CA THR F 61 -23.34 0.94 -31.44
C THR F 61 -22.05 1.68 -31.07
N ILE F 62 -20.93 1.13 -31.53
CA ILE F 62 -19.60 1.71 -31.32
C ILE F 62 -19.13 2.30 -32.63
N ALA F 63 -18.68 3.55 -32.59
CA ALA F 63 -18.21 4.24 -33.79
C ALA F 63 -16.77 3.87 -34.08
N MET F 64 -16.48 3.60 -35.35
CA MET F 64 -15.13 3.30 -35.82
C MET F 64 -14.35 4.53 -36.26
N ASP F 65 -14.86 5.72 -35.97
CA ASP F 65 -14.21 6.95 -36.38
C ASP F 65 -14.77 8.07 -35.52
N GLY F 66 -14.14 9.25 -35.61
CA GLY F 66 -14.57 10.36 -34.79
C GLY F 66 -16.06 10.64 -34.94
N THR F 67 -16.73 10.85 -33.82
CA THR F 67 -18.16 11.09 -33.79
C THR F 67 -18.51 12.56 -33.92
N GLU F 68 -17.51 13.44 -34.05
CA GLU F 68 -17.79 14.85 -34.24
C GLU F 68 -18.60 15.06 -35.53
N GLY F 69 -19.43 16.10 -35.50
CA GLY F 69 -20.26 16.43 -36.64
C GLY F 69 -21.53 15.63 -36.78
N LEU F 70 -21.74 14.61 -35.95
CA LEU F 70 -23.00 13.89 -35.97
C LEU F 70 -24.12 14.77 -35.42
N VAL F 71 -25.31 14.60 -35.99
CA VAL F 71 -26.48 15.35 -35.57
C VAL F 71 -27.60 14.36 -35.29
N ARG F 72 -28.30 14.57 -34.17
CA ARG F 72 -29.42 13.70 -33.83
C ARG F 72 -30.46 13.77 -34.94
N GLY F 73 -30.88 12.60 -35.41
CA GLY F 73 -31.78 12.50 -36.55
C GLY F 73 -31.12 12.23 -37.87
N GLU F 74 -29.79 12.11 -37.92
CA GLU F 74 -29.12 11.73 -39.15
C GLU F 74 -29.45 10.28 -39.52
N LYS F 75 -29.61 10.03 -40.81
CA LYS F 75 -29.97 8.70 -41.26
C LYS F 75 -28.82 7.72 -41.06
N VAL F 76 -29.17 6.45 -40.91
CA VAL F 76 -28.22 5.36 -40.76
C VAL F 76 -28.73 4.20 -41.61
N LEU F 77 -27.80 3.49 -42.25
CA LEU F 77 -28.16 2.39 -43.15
C LEU F 77 -27.39 1.14 -42.75
N ASP F 78 -28.09 0.01 -42.67
CA ASP F 78 -27.49 -1.26 -42.28
C ASP F 78 -26.86 -1.93 -43.50
N THR F 79 -25.58 -2.30 -43.38
CA THR F 79 -24.88 -2.97 -44.47
C THR F 79 -25.34 -4.40 -44.65
N GLY F 80 -25.95 -5.01 -43.63
CA GLY F 80 -26.42 -6.38 -43.74
C GLY F 80 -25.45 -7.44 -43.29
N GLY F 81 -24.33 -7.05 -42.67
CA GLY F 81 -23.39 -8.02 -42.16
C GLY F 81 -22.32 -7.36 -41.30
N PRO F 82 -21.43 -8.16 -40.72
CA PRO F 82 -20.35 -7.59 -39.91
C PRO F 82 -19.39 -6.79 -40.78
N ILE F 83 -18.50 -6.06 -40.10
CA ILE F 83 -17.43 -5.35 -40.78
C ILE F 83 -16.66 -6.40 -41.60
N SER F 84 -16.64 -6.22 -42.92
CA SER F 84 -16.07 -7.20 -43.84
C SER F 84 -14.81 -6.64 -44.45
N VAL F 85 -13.72 -7.41 -44.38
CA VAL F 85 -12.40 -6.95 -44.80
C VAL F 85 -11.90 -7.80 -45.95
N PRO F 86 -11.09 -7.25 -46.86
CA PRO F 86 -10.51 -8.07 -47.92
C PRO F 86 -9.56 -9.12 -47.37
N VAL F 87 -9.46 -10.24 -48.09
CA VAL F 87 -8.51 -11.29 -47.78
C VAL F 87 -8.04 -11.90 -49.08
N GLY F 88 -6.84 -12.49 -49.05
CA GLY F 88 -6.28 -13.13 -50.22
C GLY F 88 -4.82 -12.80 -50.43
N ARG F 89 -4.20 -13.45 -51.41
CA ARG F 89 -2.80 -13.18 -51.71
C ARG F 89 -2.58 -11.74 -52.14
N GLU F 90 -3.61 -11.08 -52.67
CA GLU F 90 -3.49 -9.68 -53.02
C GLU F 90 -3.31 -8.78 -51.81
N THR F 91 -3.66 -9.27 -50.61
CA THR F 91 -3.51 -8.47 -49.40
C THR F 91 -2.05 -8.26 -49.02
N LEU F 92 -1.14 -9.06 -49.54
CA LEU F 92 0.26 -8.95 -49.19
C LEU F 92 0.88 -7.71 -49.83
N GLY F 93 1.78 -7.05 -49.10
CA GLY F 93 2.38 -5.83 -49.59
C GLY F 93 1.51 -4.61 -49.53
N ARG F 94 0.41 -4.66 -48.78
CA ARG F 94 -0.55 -3.56 -48.71
C ARG F 94 -0.80 -3.21 -47.25
N ILE F 95 -1.23 -1.96 -47.03
CA ILE F 95 -1.61 -1.48 -45.71
C ILE F 95 -3.11 -1.21 -45.73
N ILE F 96 -3.83 -1.76 -44.76
CA ILE F 96 -5.28 -1.67 -44.72
C ILE F 96 -5.73 -1.14 -43.36
N ASN F 97 -6.86 -0.43 -43.38
CA ASN F 97 -7.45 0.16 -42.20
C ASN F 97 -8.35 -0.85 -41.49
N VAL F 98 -8.82 -0.49 -40.30
CA VAL F 98 -9.70 -1.37 -39.53
C VAL F 98 -10.94 -1.73 -40.34
N ILE F 99 -11.50 -0.75 -41.05
CA ILE F 99 -12.65 -1.00 -41.91
C ILE F 99 -12.29 -1.87 -43.10
N GLY F 100 -10.99 -2.08 -43.34
CA GLY F 100 -10.54 -2.82 -44.50
C GLY F 100 -10.12 -1.95 -45.67
N GLU F 101 -10.25 -0.63 -45.56
CA GLU F 101 -9.90 0.25 -46.66
C GLU F 101 -8.38 0.39 -46.79
N PRO F 102 -7.87 0.50 -48.02
CA PRO F 102 -6.45 0.80 -48.19
C PRO F 102 -6.10 2.17 -47.64
N ILE F 103 -4.87 2.30 -47.12
CA ILE F 103 -4.39 3.58 -46.64
C ILE F 103 -2.98 3.86 -47.15
N ASP F 104 -2.48 3.00 -48.05
CA ASP F 104 -1.22 3.25 -48.72
C ASP F 104 -1.40 4.04 -50.02
N GLU F 105 -2.63 4.43 -50.34
CA GLU F 105 -2.94 5.29 -51.48
C GLU F 105 -2.60 4.65 -52.82
N ARG F 106 -2.28 3.36 -52.84
CA ARG F 106 -1.99 2.66 -54.09
C ARG F 106 -3.24 2.17 -54.80
N GLY F 107 -4.43 2.38 -54.24
CA GLY F 107 -5.66 2.03 -54.90
C GLY F 107 -6.35 0.79 -54.35
N PRO F 108 -7.54 0.51 -54.87
CA PRO F 108 -8.36 -0.57 -54.29
C PRO F 108 -7.66 -1.92 -54.33
N ILE F 109 -7.91 -2.72 -53.30
CA ILE F 109 -7.44 -4.10 -53.25
C ILE F 109 -8.37 -4.96 -54.09
N LYS F 110 -7.81 -5.63 -55.08
CA LYS F 110 -8.59 -6.45 -56.02
C LYS F 110 -8.74 -7.90 -55.57
N SER F 111 -9.24 -8.12 -54.35
CA SER F 111 -9.40 -9.47 -53.85
C SER F 111 -10.70 -10.10 -54.37
N LYS F 112 -10.67 -11.41 -54.57
CA LYS F 112 -11.85 -12.13 -55.00
C LYS F 112 -12.83 -12.43 -53.86
N LEU F 113 -12.39 -12.31 -52.61
CA LEU F 113 -13.22 -12.63 -51.47
C LEU F 113 -13.13 -11.52 -50.43
N ARG F 114 -14.11 -11.51 -49.53
CA ARG F 114 -14.18 -10.52 -48.46
C ARG F 114 -14.89 -11.17 -47.28
N LYS F 115 -14.28 -11.12 -46.10
CA LYS F 115 -14.75 -11.97 -45.02
C LYS F 115 -14.97 -11.16 -43.74
N PRO F 116 -15.89 -11.61 -42.88
CA PRO F 116 -16.17 -10.86 -41.65
C PRO F 116 -15.06 -11.01 -40.62
N ILE F 117 -14.92 -10.00 -39.77
CA ILE F 117 -13.87 -10.01 -38.74
C ILE F 117 -14.26 -10.79 -37.50
N HIS F 118 -15.54 -11.13 -37.33
CA HIS F 118 -16.00 -11.90 -36.17
C HIS F 118 -16.28 -13.34 -36.61
N ALA F 119 -15.68 -14.29 -35.90
CA ALA F 119 -15.82 -15.70 -36.27
C ALA F 119 -15.63 -16.56 -35.03
N ASP F 120 -16.08 -17.81 -35.14
CA ASP F 120 -15.93 -18.75 -34.04
C ASP F 120 -14.51 -19.31 -34.01
N PRO F 121 -13.94 -19.51 -32.82
CA PRO F 121 -12.65 -20.18 -32.74
C PRO F 121 -12.74 -21.59 -33.28
N PRO F 122 -11.63 -22.15 -33.75
CA PRO F 122 -11.65 -23.55 -34.21
C PRO F 122 -11.93 -24.51 -33.07
N SER F 123 -12.64 -25.59 -33.39
CA SER F 123 -13.14 -26.52 -32.38
C SER F 123 -11.98 -27.30 -31.75
N PHE F 124 -12.32 -28.01 -30.67
CA PHE F 124 -11.34 -28.84 -29.98
C PHE F 124 -10.83 -29.96 -30.85
N ALA F 125 -11.66 -30.49 -31.75
CA ALA F 125 -11.23 -31.56 -32.63
C ALA F 125 -10.20 -31.10 -33.64
N GLU F 126 -10.02 -29.79 -33.79
CA GLU F 126 -9.11 -29.24 -34.79
C GLU F 126 -7.79 -28.76 -34.20
N GLN F 127 -7.72 -28.57 -32.88
CA GLN F 127 -6.46 -28.16 -32.27
C GLN F 127 -5.38 -29.20 -32.54
N SER F 128 -4.16 -28.73 -32.78
CA SER F 128 -3.00 -29.59 -32.99
C SER F 128 -1.85 -29.10 -32.13
N THR F 129 -1.15 -30.05 -31.50
CA THR F 129 -0.08 -29.75 -30.57
C THR F 129 1.21 -30.41 -31.05
N SER F 130 2.29 -29.64 -31.11
CA SER F 130 3.59 -30.15 -31.49
C SER F 130 4.68 -29.25 -30.91
N ALA F 131 5.85 -29.83 -30.69
CA ALA F 131 6.98 -29.14 -30.09
C ALA F 131 8.08 -28.99 -31.14
N GLU F 132 8.53 -27.75 -31.34
CA GLU F 132 9.68 -27.48 -32.22
C GLU F 132 10.19 -26.09 -31.91
N ILE F 133 11.44 -26.00 -31.46
CA ILE F 133 11.99 -24.72 -31.05
C ILE F 133 12.27 -23.85 -32.26
N LEU F 134 11.85 -22.58 -32.18
CA LEU F 134 12.15 -21.57 -33.19
C LEU F 134 13.44 -20.86 -32.78
N GLU F 135 14.54 -21.17 -33.46
CA GLU F 135 15.83 -20.60 -33.12
C GLU F 135 15.80 -19.12 -33.48
N THR F 136 15.64 -18.26 -32.46
CA THR F 136 15.51 -16.84 -32.69
C THR F 136 16.85 -16.17 -32.98
N GLY F 137 17.94 -16.71 -32.43
CA GLY F 137 19.22 -16.03 -32.46
C GLY F 137 19.47 -15.11 -31.29
N ILE F 138 18.65 -15.17 -30.24
CA ILE F 138 18.78 -14.32 -29.07
C ILE F 138 19.10 -15.22 -27.89
N LYS F 139 20.17 -14.90 -27.16
CA LYS F 139 20.74 -15.83 -26.20
C LYS F 139 19.74 -16.16 -25.09
N VAL F 140 19.22 -15.13 -24.42
CA VAL F 140 18.38 -15.38 -23.23
C VAL F 140 17.13 -16.14 -23.61
N VAL F 141 16.52 -15.81 -24.76
CA VAL F 141 15.34 -16.52 -25.21
C VAL F 141 15.68 -17.96 -25.56
N ASP F 142 16.69 -18.14 -26.41
CA ASP F 142 17.05 -19.48 -26.86
C ASP F 142 17.49 -20.37 -25.71
N LEU F 143 17.91 -19.79 -24.58
CA LEU F 143 18.38 -20.58 -23.45
C LEU F 143 17.27 -20.83 -22.42
N LEU F 144 16.70 -19.77 -21.87
CA LEU F 144 15.88 -19.88 -20.67
C LEU F 144 14.39 -19.93 -20.94
N ALA F 145 13.93 -19.51 -22.13
CA ALA F 145 12.52 -19.54 -22.48
C ALA F 145 12.38 -19.71 -23.98
N PRO F 146 12.76 -20.88 -24.51
CA PRO F 146 12.76 -21.07 -25.96
C PRO F 146 11.38 -20.85 -26.56
N TYR F 147 11.36 -20.23 -27.73
CA TYR F 147 10.13 -20.06 -28.49
C TYR F 147 9.84 -21.31 -29.30
N ALA F 148 8.60 -21.43 -29.77
CA ALA F 148 8.13 -22.63 -30.45
C ALA F 148 7.40 -22.25 -31.73
N ARG F 149 7.71 -22.95 -32.82
CA ARG F 149 6.93 -22.80 -34.04
C ARG F 149 5.51 -23.30 -33.80
N GLY F 150 4.54 -22.56 -34.32
CA GLY F 150 3.15 -22.87 -34.07
C GLY F 150 2.66 -22.48 -32.69
N GLY F 151 3.52 -21.96 -31.84
CA GLY F 151 3.14 -21.55 -30.50
C GLY F 151 2.79 -20.07 -30.44
N LYS F 152 2.44 -19.63 -29.24
CA LYS F 152 2.03 -18.26 -28.97
C LYS F 152 3.01 -17.64 -27.99
N ILE F 153 3.59 -16.51 -28.37
CA ILE F 153 4.70 -15.90 -27.64
C ILE F 153 4.27 -14.52 -27.16
N GLY F 154 4.68 -14.17 -25.95
CA GLY F 154 4.31 -12.89 -25.36
C GLY F 154 5.48 -12.13 -24.77
N LEU F 155 5.61 -10.86 -25.14
CA LEU F 155 6.67 -9.98 -24.66
C LEU F 155 6.07 -8.97 -23.68
N PHE F 156 6.00 -9.37 -22.41
CA PHE F 156 5.50 -8.47 -21.39
C PHE F 156 6.54 -7.42 -21.03
N GLY F 157 6.08 -6.21 -20.78
CA GLY F 157 7.00 -5.15 -20.39
C GLY F 157 6.29 -3.83 -20.17
N GLY F 158 6.94 -2.97 -19.40
CA GLY F 158 6.43 -1.65 -19.12
C GLY F 158 6.72 -0.67 -20.26
N ALA F 159 6.55 0.61 -19.94
CA ALA F 159 6.74 1.65 -20.93
C ALA F 159 8.22 1.88 -21.21
N GLY F 160 8.60 1.86 -22.47
CA GLY F 160 9.96 2.18 -22.87
C GLY F 160 11.02 1.22 -22.37
N VAL F 161 10.76 -0.09 -22.43
CA VAL F 161 11.68 -1.09 -21.92
C VAL F 161 12.14 -2.05 -23.01
N GLY F 162 11.82 -1.78 -24.28
CA GLY F 162 12.43 -2.50 -25.38
C GLY F 162 11.53 -3.44 -26.14
N LYS F 163 10.22 -3.46 -25.88
CA LYS F 163 9.35 -4.44 -26.53
C LYS F 163 9.39 -4.29 -28.06
N THR F 164 9.31 -3.05 -28.56
CA THR F 164 9.20 -2.85 -29.99
C THR F 164 10.50 -3.20 -30.71
N VAL F 165 11.64 -2.81 -30.14
CA VAL F 165 12.92 -3.22 -30.72
C VAL F 165 13.03 -4.74 -30.72
N PHE F 166 12.51 -5.40 -29.68
CA PHE F 166 12.55 -6.85 -29.63
C PHE F 166 11.74 -7.46 -30.77
N ILE F 167 10.52 -6.96 -30.99
CA ILE F 167 9.71 -7.48 -32.09
C ILE F 167 10.41 -7.21 -33.43
N GLN F 168 11.01 -6.04 -33.57
CA GLN F 168 11.68 -5.72 -34.83
C GLN F 168 12.86 -6.66 -35.07
N GLU F 169 13.60 -7.01 -34.01
CA GLU F 169 14.68 -7.97 -34.16
C GLU F 169 14.14 -9.35 -34.53
N LEU F 170 13.04 -9.76 -33.91
CA LEU F 170 12.45 -11.05 -34.26
C LEU F 170 12.03 -11.08 -35.72
N ILE F 171 11.44 -9.99 -36.21
CA ILE F 171 11.08 -9.91 -37.62
C ILE F 171 12.33 -9.95 -38.49
N ASN F 172 13.35 -9.19 -38.09
CA ASN F 172 14.59 -9.11 -38.87
C ASN F 172 15.24 -10.48 -39.01
N ASN F 173 15.13 -11.33 -37.98
CA ASN F 173 15.75 -12.65 -38.02
C ASN F 173 14.87 -13.70 -38.68
N ILE F 174 13.61 -13.81 -38.25
CA ILE F 174 12.76 -14.94 -38.60
C ILE F 174 12.03 -14.71 -39.91
N ALA F 175 11.42 -13.53 -40.08
CA ALA F 175 10.46 -13.34 -41.15
C ALA F 175 11.06 -13.54 -42.53
N LYS F 176 12.36 -13.27 -42.70
CA LYS F 176 12.98 -13.47 -44.00
C LYS F 176 13.31 -14.94 -44.24
N ALA F 177 13.70 -15.66 -43.19
CA ALA F 177 14.00 -17.07 -43.34
C ALA F 177 12.75 -17.92 -43.50
N HIS F 178 11.65 -17.51 -42.87
CA HIS F 178 10.44 -18.31 -42.88
C HIS F 178 9.80 -18.25 -44.26
N GLY F 179 9.31 -19.40 -44.73
CA GLY F 179 8.77 -19.48 -46.08
C GLY F 179 7.33 -19.03 -46.21
N GLY F 180 6.57 -19.18 -45.13
CA GLY F 180 5.19 -18.76 -45.14
C GLY F 180 5.03 -17.26 -45.03
N PHE F 181 3.79 -16.81 -45.23
CA PHE F 181 3.46 -15.39 -45.20
C PHE F 181 3.46 -14.87 -43.77
N SER F 182 3.46 -13.55 -43.65
CA SER F 182 3.44 -12.87 -42.36
C SER F 182 2.36 -11.80 -42.35
N VAL F 183 1.81 -11.55 -41.17
CA VAL F 183 0.90 -10.43 -40.95
C VAL F 183 1.35 -9.67 -39.72
N PHE F 184 1.52 -8.35 -39.86
CA PHE F 184 1.80 -7.47 -38.75
C PHE F 184 0.54 -6.67 -38.45
N THR F 185 0.14 -6.65 -37.17
CA THR F 185 -1.09 -6.01 -36.72
C THR F 185 -0.73 -5.00 -35.65
N GLY F 186 -0.49 -3.75 -36.06
CA GLY F 186 -0.22 -2.69 -35.11
C GLY F 186 -1.50 -2.21 -34.44
N VAL F 187 -1.66 -2.57 -33.18
CA VAL F 187 -2.85 -2.23 -32.40
C VAL F 187 -2.42 -1.18 -31.39
N GLY F 188 -2.74 0.09 -31.66
CA GLY F 188 -2.42 1.16 -30.74
C GLY F 188 -0.95 1.48 -30.62
N GLU F 189 -0.15 1.12 -31.62
CA GLU F 189 1.25 1.54 -31.64
C GLU F 189 1.36 2.98 -32.14
N ARG F 190 2.54 3.55 -31.95
CA ARG F 190 2.78 4.92 -32.43
C ARG F 190 3.03 4.91 -33.93
N THR F 191 2.45 5.91 -34.61
CA THR F 191 2.41 5.90 -36.07
C THR F 191 3.81 5.84 -36.67
N ARG F 192 4.74 6.62 -36.10
CA ARG F 192 6.10 6.60 -36.59
C ARG F 192 6.66 5.19 -36.64
N GLU F 193 6.29 4.35 -35.66
CA GLU F 193 6.76 2.98 -35.67
C GLU F 193 6.27 2.22 -36.89
N GLY F 194 5.01 2.42 -37.27
CA GLY F 194 4.51 1.78 -38.48
C GLY F 194 5.19 2.28 -39.73
N ASN F 195 5.40 3.60 -39.82
CA ASN F 195 6.12 4.14 -40.97
C ASN F 195 7.53 3.57 -41.07
N ASP F 196 8.23 3.50 -39.94
CA ASP F 196 9.57 2.94 -39.94
C ASP F 196 9.56 1.47 -40.33
N LEU F 197 8.57 0.72 -39.85
CA LEU F 197 8.46 -0.69 -40.24
C LEU F 197 8.27 -0.81 -41.74
N TYR F 198 7.41 0.03 -42.33
CA TYR F 198 7.18 -0.02 -43.77
C TYR F 198 8.46 0.29 -44.53
N ARG F 199 9.19 1.31 -44.08
CA ARG F 199 10.47 1.65 -44.71
C ARG F 199 11.46 0.48 -44.64
N GLU F 200 11.63 -0.07 -43.43
CA GLU F 200 12.59 -1.16 -43.26
C GLU F 200 12.23 -2.36 -44.13
N MET F 201 10.94 -2.71 -44.17
CA MET F 201 10.53 -3.87 -44.95
C MET F 201 10.72 -3.62 -46.44
N LYS F 202 10.61 -2.37 -46.89
CA LYS F 202 10.95 -2.09 -48.29
C LYS F 202 12.46 -2.14 -48.52
N GLU F 203 13.25 -1.78 -47.49
CA GLU F 203 14.71 -1.88 -47.64
C GLU F 203 15.19 -3.31 -47.64
N THR F 204 14.66 -4.14 -46.73
CA THR F 204 15.08 -5.54 -46.63
C THR F 204 14.42 -6.43 -47.67
N GLY F 205 13.64 -5.86 -48.58
CA GLY F 205 13.08 -6.63 -49.68
C GLY F 205 11.90 -7.50 -49.32
N VAL F 206 11.38 -7.42 -48.10
CA VAL F 206 10.20 -8.20 -47.76
C VAL F 206 8.97 -7.66 -48.48
N ILE F 207 9.02 -6.41 -48.93
CA ILE F 207 7.96 -5.81 -49.74
C ILE F 207 8.58 -5.33 -51.05
N ASN F 208 7.83 -5.43 -52.13
CA ASN F 208 8.28 -4.94 -53.43
C ASN F 208 7.04 -4.56 -54.23
N LEU F 209 6.84 -3.27 -54.44
CA LEU F 209 5.65 -2.80 -55.16
C LEU F 209 5.69 -3.18 -56.63
N GLU F 210 6.85 -3.56 -57.17
CA GLU F 210 7.00 -3.96 -58.55
C GLU F 210 7.09 -5.47 -58.72
N GLY F 211 6.76 -6.23 -57.69
CA GLY F 211 6.82 -7.68 -57.76
C GLY F 211 6.05 -8.31 -56.63
N GLU F 212 6.53 -9.46 -56.18
CA GLU F 212 5.86 -10.20 -55.13
C GLU F 212 6.10 -9.53 -53.77
N SER F 213 5.31 -9.95 -52.78
CA SER F 213 5.47 -9.51 -51.41
C SER F 213 4.92 -10.61 -50.51
N LYS F 214 5.43 -10.66 -49.28
CA LYS F 214 5.00 -11.71 -48.36
C LYS F 214 4.84 -11.23 -46.93
N VAL F 215 4.51 -9.96 -46.71
CA VAL F 215 4.02 -9.50 -45.42
C VAL F 215 2.82 -8.58 -45.67
N ALA F 216 1.75 -8.80 -44.91
CA ALA F 216 0.59 -7.92 -44.92
C ALA F 216 0.62 -7.06 -43.66
N LEU F 217 0.09 -5.85 -43.78
CA LEU F 217 0.15 -4.85 -42.72
C LEU F 217 -1.25 -4.36 -42.41
N VAL F 218 -1.64 -4.44 -41.14
CA VAL F 218 -2.89 -3.86 -40.63
C VAL F 218 -2.48 -2.93 -39.50
N PHE F 219 -2.90 -1.67 -39.58
CA PHE F 219 -2.53 -0.67 -38.58
C PHE F 219 -3.76 0.09 -38.12
N GLY F 220 -4.02 0.07 -36.81
CA GLY F 220 -4.86 1.05 -36.18
C GLY F 220 -4.07 1.70 -35.07
N GLN F 221 -3.61 2.93 -35.29
CA GLN F 221 -2.60 3.51 -34.43
C GLN F 221 -3.24 4.18 -33.23
N MET F 222 -2.40 4.57 -32.27
CA MET F 222 -2.88 5.04 -30.98
C MET F 222 -3.65 6.35 -31.08
N ASN F 223 -3.64 7.01 -32.25
CA ASN F 223 -4.47 8.19 -32.44
C ASN F 223 -5.92 7.84 -32.77
N GLU F 224 -6.19 6.59 -33.15
CA GLU F 224 -7.55 6.23 -33.55
C GLU F 224 -8.49 6.23 -32.35
N PRO F 225 -9.78 6.49 -32.58
CA PRO F 225 -10.75 6.38 -31.49
C PRO F 225 -10.82 4.96 -30.99
N PRO F 226 -11.29 4.77 -29.75
CA PRO F 226 -11.12 3.47 -29.09
C PRO F 226 -11.76 2.29 -29.82
N GLY F 227 -12.90 2.48 -30.49
CA GLY F 227 -13.54 1.35 -31.15
C GLY F 227 -12.69 0.74 -32.24
N ALA F 228 -12.03 1.59 -33.03
CA ALA F 228 -11.14 1.08 -34.07
C ALA F 228 -9.97 0.33 -33.45
N ARG F 229 -9.42 0.86 -32.36
CA ARG F 229 -8.35 0.18 -31.67
C ARG F 229 -8.83 -1.13 -31.06
N ALA F 230 -10.13 -1.27 -30.83
CA ALA F 230 -10.69 -2.57 -30.44
C ALA F 230 -10.68 -3.55 -31.61
N ARG F 231 -11.33 -3.17 -32.71
CA ARG F 231 -11.60 -4.14 -33.78
C ARG F 231 -10.44 -4.37 -34.76
N VAL F 232 -9.39 -3.53 -34.72
CA VAL F 232 -8.32 -3.71 -35.69
C VAL F 232 -7.58 -5.02 -35.47
N ALA F 233 -7.44 -5.45 -34.21
CA ALA F 233 -6.81 -6.73 -33.93
C ALA F 233 -7.57 -7.86 -34.60
N LEU F 234 -8.90 -7.85 -34.48
CA LEU F 234 -9.71 -8.88 -35.13
C LEU F 234 -9.56 -8.81 -36.64
N THR F 235 -9.37 -7.61 -37.20
CA THR F 235 -9.12 -7.53 -38.64
C THR F 235 -7.84 -8.27 -39.02
N GLY F 236 -6.76 -7.99 -38.30
CA GLY F 236 -5.51 -8.69 -38.55
C GLY F 236 -5.66 -10.19 -38.39
N LEU F 237 -6.37 -10.61 -37.34
CA LEU F 237 -6.63 -12.03 -37.15
C LEU F 237 -7.38 -12.62 -38.32
N THR F 238 -8.29 -11.85 -38.93
CA THR F 238 -9.02 -12.35 -40.09
C THR F 238 -8.07 -12.62 -41.25
N ILE F 239 -7.14 -11.70 -41.50
CA ILE F 239 -6.18 -11.94 -42.59
C ILE F 239 -5.35 -13.19 -42.28
N ALA F 240 -4.87 -13.29 -41.05
CA ALA F 240 -4.04 -14.44 -40.68
C ALA F 240 -4.81 -15.74 -40.81
N GLU F 241 -6.08 -15.75 -40.38
CA GLU F 241 -6.90 -16.94 -40.50
C GLU F 241 -7.10 -17.33 -41.95
N TYR F 242 -7.34 -16.36 -42.84
CA TYR F 242 -7.54 -16.74 -44.23
C TYR F 242 -6.28 -17.37 -44.79
N PHE F 243 -5.10 -16.83 -44.47
CA PHE F 243 -3.88 -17.51 -44.91
C PHE F 243 -3.75 -18.90 -44.30
N ARG F 244 -4.07 -19.04 -43.02
CA ARG F 244 -3.87 -20.32 -42.34
C ARG F 244 -4.74 -21.41 -42.96
N ASP F 245 -6.05 -21.16 -43.06
CA ASP F 245 -6.98 -22.23 -43.41
C ASP F 245 -7.09 -22.47 -44.90
N GLU F 246 -7.40 -21.43 -45.68
CA GLU F 246 -7.75 -21.60 -47.08
C GLU F 246 -6.52 -21.77 -47.97
N GLU F 247 -5.51 -20.91 -47.80
CA GLU F 247 -4.29 -21.04 -48.57
C GLU F 247 -3.36 -22.13 -48.05
N GLY F 248 -3.63 -22.66 -46.86
CA GLY F 248 -2.85 -23.77 -46.33
C GLY F 248 -1.42 -23.43 -45.99
N GLN F 249 -1.09 -22.16 -45.82
CA GLN F 249 0.29 -21.76 -45.57
C GLN F 249 0.59 -21.75 -44.08
N ASP F 250 1.88 -21.89 -43.76
CA ASP F 250 2.37 -21.49 -42.45
C ASP F 250 2.33 -19.97 -42.36
N VAL F 251 2.06 -19.46 -41.16
CA VAL F 251 1.76 -18.04 -40.97
C VAL F 251 2.51 -17.52 -39.75
N LEU F 252 3.01 -16.29 -39.87
CA LEU F 252 3.51 -15.51 -38.75
C LEU F 252 2.51 -14.40 -38.46
N LEU F 253 2.31 -14.09 -37.17
CA LEU F 253 1.35 -13.07 -36.77
C LEU F 253 1.95 -12.24 -35.64
N PHE F 254 2.48 -11.07 -35.99
CA PHE F 254 3.06 -10.15 -35.00
C PHE F 254 2.00 -9.12 -34.59
N ILE F 255 1.89 -8.88 -33.29
CA ILE F 255 0.90 -7.94 -32.76
C ILE F 255 1.60 -7.02 -31.77
N ASP F 256 1.49 -5.71 -32.00
CA ASP F 256 2.05 -4.68 -31.13
C ASP F 256 1.05 -3.53 -31.08
N ASN F 257 0.30 -3.36 -29.98
CA ASN F 257 0.38 -4.12 -28.73
C ASN F 257 -1.00 -4.62 -28.34
N ILE F 258 -1.09 -5.87 -27.91
CA ILE F 258 -2.41 -6.47 -27.71
C ILE F 258 -3.08 -6.01 -26.44
N PHE F 259 -2.32 -5.57 -25.44
CA PHE F 259 -2.94 -4.92 -24.28
C PHE F 259 -3.93 -3.85 -24.72
N ARG F 260 -3.61 -3.15 -25.82
CA ARG F 260 -4.47 -2.07 -26.26
C ARG F 260 -5.89 -2.57 -26.50
N PHE F 261 -6.03 -3.78 -27.05
CA PHE F 261 -7.37 -4.33 -27.28
C PHE F 261 -8.17 -4.35 -26.00
N THR F 262 -7.55 -4.79 -24.89
CA THR F 262 -8.26 -4.74 -23.63
C THR F 262 -8.53 -3.31 -23.21
N GLN F 263 -7.52 -2.44 -23.33
CA GLN F 263 -7.67 -1.07 -22.88
C GLN F 263 -8.83 -0.39 -23.59
N ALA F 264 -8.88 -0.54 -24.92
CA ALA F 264 -9.96 0.08 -25.69
C ALA F 264 -11.32 -0.33 -25.11
N GLY F 265 -11.46 -1.60 -24.75
CA GLY F 265 -12.74 -2.03 -24.20
C GLY F 265 -13.13 -1.20 -22.99
N SER F 266 -12.21 -1.04 -22.05
CA SER F 266 -12.52 -0.26 -20.86
C SER F 266 -12.97 1.13 -21.26
N GLU F 267 -12.31 1.72 -22.27
CA GLU F 267 -12.65 3.07 -22.67
C GLU F 267 -14.11 3.16 -23.05
N VAL F 268 -14.61 2.18 -23.79
CA VAL F 268 -16.01 2.24 -24.20
C VAL F 268 -16.92 1.74 -23.09
N SER F 269 -16.40 0.90 -22.18
CA SER F 269 -17.27 0.18 -21.27
C SER F 269 -18.17 1.13 -20.49
N ALA F 270 -17.58 2.19 -19.93
CA ALA F 270 -18.38 3.11 -19.11
C ALA F 270 -19.52 3.70 -19.93
N LEU F 271 -19.25 4.05 -21.19
CA LEU F 271 -20.29 4.64 -22.01
C LEU F 271 -21.34 3.61 -22.41
N LEU F 272 -20.98 2.33 -22.43
CA LEU F 272 -21.93 1.29 -22.82
C LEU F 272 -23.00 1.07 -21.75
N GLY F 273 -22.80 1.57 -20.54
CA GLY F 273 -23.74 1.32 -19.47
C GLY F 273 -23.46 0.02 -18.73
N ARG F 274 -22.25 -0.10 -18.20
CA ARG F 274 -21.84 -1.28 -17.45
C ARG F 274 -21.29 -0.86 -16.10
N ILE F 275 -21.41 -1.75 -15.13
CA ILE F 275 -20.78 -1.54 -13.81
C ILE F 275 -19.30 -1.90 -13.93
N PRO F 276 -18.38 -1.03 -13.52
CA PRO F 276 -16.96 -1.32 -13.73
C PRO F 276 -16.45 -2.40 -12.80
N SER F 277 -15.46 -3.15 -13.29
CA SER F 277 -14.82 -4.22 -12.53
C SER F 277 -13.60 -3.65 -11.80
N ALA F 278 -12.74 -4.52 -11.30
CA ALA F 278 -11.58 -4.09 -10.52
C ALA F 278 -10.77 -3.06 -11.29
N VAL F 279 -10.34 -2.01 -10.58
CA VAL F 279 -9.55 -0.92 -11.11
C VAL F 279 -10.09 -0.47 -12.47
N GLY F 280 -11.41 -0.47 -12.61
CA GLY F 280 -12.06 0.18 -13.73
C GLY F 280 -12.12 -0.60 -15.03
N TYR F 281 -11.71 -1.86 -15.05
CA TYR F 281 -11.79 -2.63 -16.27
C TYR F 281 -13.22 -3.10 -16.52
N GLN F 282 -13.49 -3.41 -17.79
CA GLN F 282 -14.82 -3.86 -18.19
C GLN F 282 -15.11 -5.25 -17.62
N PRO F 283 -16.37 -5.55 -17.31
CA PRO F 283 -16.68 -6.91 -16.83
C PRO F 283 -16.32 -8.00 -17.82
N THR F 284 -16.44 -7.74 -19.12
CA THR F 284 -16.22 -8.77 -20.13
C THR F 284 -14.74 -9.00 -20.43
N LEU F 285 -13.83 -8.46 -19.62
CA LEU F 285 -12.41 -8.52 -19.98
C LEU F 285 -11.96 -9.94 -20.26
N ALA F 286 -12.28 -10.87 -19.35
CA ALA F 286 -11.77 -12.23 -19.52
C ALA F 286 -12.34 -12.89 -20.76
N THR F 287 -13.64 -12.80 -20.97
CA THR F 287 -14.25 -13.49 -22.10
C THR F 287 -14.02 -12.76 -23.42
N ASP F 288 -14.00 -11.42 -23.41
CA ASP F 288 -13.65 -10.70 -24.62
C ASP F 288 -12.23 -11.01 -25.06
N MET F 289 -11.28 -10.97 -24.11
CA MET F 289 -9.92 -11.33 -24.44
C MET F 289 -9.83 -12.77 -24.92
N GLY F 290 -10.60 -13.67 -24.31
CA GLY F 290 -10.61 -15.05 -24.78
C GLY F 290 -11.12 -15.17 -26.20
N LEU F 291 -12.21 -14.48 -26.52
CA LEU F 291 -12.76 -14.56 -27.87
C LEU F 291 -11.76 -14.04 -28.89
N LEU F 292 -11.05 -12.96 -28.56
CA LEU F 292 -10.00 -12.49 -29.45
C LEU F 292 -8.86 -13.51 -29.55
N GLN F 293 -8.45 -14.06 -28.41
CA GLN F 293 -7.15 -14.72 -28.28
C GLN F 293 -7.17 -16.18 -28.72
N GLU F 294 -8.31 -16.85 -28.64
CA GLU F 294 -8.36 -18.27 -29.02
C GLU F 294 -8.35 -18.48 -30.52
N ARG F 295 -8.60 -17.44 -31.31
CA ARG F 295 -8.57 -17.57 -32.76
C ARG F 295 -7.15 -17.61 -33.31
N ILE F 296 -6.16 -17.23 -32.51
CA ILE F 296 -4.78 -17.11 -32.96
C ILE F 296 -4.08 -18.46 -33.07
N THR F 297 -4.76 -19.54 -32.69
CA THR F 297 -4.12 -20.83 -32.47
C THR F 297 -3.73 -21.50 -33.79
N THR F 298 -2.89 -22.53 -33.67
CA THR F 298 -2.59 -23.45 -34.76
C THR F 298 -3.68 -24.52 -34.84
N THR F 299 -3.91 -25.02 -36.05
CA THR F 299 -4.91 -26.05 -36.28
C THR F 299 -4.36 -27.08 -37.25
N LYS F 300 -5.12 -28.16 -37.43
CA LYS F 300 -4.71 -29.22 -38.34
C LYS F 300 -4.61 -28.75 -39.79
N LYS F 301 -5.21 -27.60 -40.11
CA LYS F 301 -5.11 -27.07 -41.48
C LYS F 301 -3.83 -26.29 -41.71
N GLY F 302 -3.24 -25.70 -40.66
CA GLY F 302 -2.05 -24.89 -40.84
C GLY F 302 -1.50 -24.45 -39.50
N SER F 303 -0.31 -23.89 -39.55
CA SER F 303 0.47 -23.51 -38.37
C SER F 303 0.61 -22.00 -38.30
N VAL F 304 0.19 -21.42 -37.18
CA VAL F 304 0.33 -19.98 -36.92
C VAL F 304 1.29 -19.79 -35.76
N THR F 305 2.33 -19.01 -35.97
CA THR F 305 3.26 -18.60 -34.92
C THR F 305 3.05 -17.11 -34.67
N SER F 306 2.71 -16.76 -33.44
CA SER F 306 2.33 -15.39 -33.10
C SER F 306 3.21 -14.84 -31.99
N VAL F 307 3.65 -13.60 -32.15
CA VAL F 307 4.40 -12.87 -31.14
C VAL F 307 3.59 -11.65 -30.76
N GLN F 308 3.24 -11.54 -29.48
CA GLN F 308 2.32 -10.51 -29.00
C GLN F 308 3.01 -9.70 -27.92
N ALA F 309 3.31 -8.44 -28.21
CA ALA F 309 3.77 -7.52 -27.18
C ALA F 309 2.63 -7.20 -26.23
N VAL F 310 2.91 -7.26 -24.93
CA VAL F 310 1.90 -7.00 -23.90
C VAL F 310 2.40 -5.87 -23.03
N TYR F 311 1.69 -4.75 -23.06
CA TYR F 311 2.04 -3.60 -22.24
C TYR F 311 1.59 -3.84 -20.81
N VAL F 312 2.34 -3.26 -19.87
CA VAL F 312 2.10 -3.48 -18.44
C VAL F 312 1.86 -2.13 -17.77
N PRO F 313 0.61 -1.77 -17.45
CA PRO F 313 0.36 -0.46 -16.86
C PRO F 313 1.13 -0.27 -15.56
N ALA F 314 1.70 0.92 -15.39
CA ALA F 314 2.42 1.29 -14.17
C ALA F 314 3.46 0.24 -13.80
N ASP F 315 3.96 -0.50 -14.78
CA ASP F 315 4.95 -1.56 -14.57
C ASP F 315 4.45 -2.61 -13.59
N ASP F 316 3.13 -2.72 -13.43
CA ASP F 316 2.52 -3.64 -12.46
C ASP F 316 2.09 -4.90 -13.19
N LEU F 317 2.89 -5.96 -13.05
CA LEU F 317 2.56 -7.24 -13.70
C LEU F 317 1.34 -7.91 -13.09
N THR F 318 0.83 -7.42 -11.96
CA THR F 318 -0.37 -7.98 -11.36
C THR F 318 -1.64 -7.31 -11.85
N ASP F 319 -1.53 -6.31 -12.71
CA ASP F 319 -2.72 -5.64 -13.23
C ASP F 319 -3.60 -6.64 -13.95
N PRO F 320 -4.93 -6.52 -13.85
CA PRO F 320 -5.81 -7.57 -14.38
C PRO F 320 -5.56 -7.91 -15.84
N ALA F 321 -5.12 -6.96 -16.67
CA ALA F 321 -4.96 -7.26 -18.10
C ALA F 321 -3.78 -8.18 -18.34
N PRO F 322 -2.54 -7.82 -17.98
CA PRO F 322 -1.44 -8.80 -18.08
C PRO F 322 -1.71 -10.08 -17.31
N ALA F 323 -2.31 -9.96 -16.13
CA ALA F 323 -2.56 -11.13 -15.30
C ALA F 323 -3.46 -12.13 -16.02
N THR F 324 -4.50 -11.64 -16.68
CA THR F 324 -5.38 -12.50 -17.46
C THR F 324 -4.77 -12.87 -18.81
N THR F 325 -3.77 -12.13 -19.27
CA THR F 325 -3.11 -12.47 -20.53
C THR F 325 -2.15 -13.64 -20.35
N PHE F 326 -1.52 -13.78 -19.18
CA PHE F 326 -0.58 -14.88 -18.99
C PHE F 326 -1.20 -16.26 -19.25
N ALA F 327 -2.52 -16.39 -19.10
CA ALA F 327 -3.14 -17.71 -19.23
C ALA F 327 -3.15 -18.22 -20.67
N HIS F 328 -2.81 -17.38 -21.65
CA HIS F 328 -3.07 -17.68 -23.05
C HIS F 328 -1.79 -17.92 -23.87
N LEU F 329 -0.64 -18.09 -23.23
CA LEU F 329 0.63 -18.06 -23.94
C LEU F 329 1.46 -19.30 -23.64
N ASP F 330 2.17 -19.78 -24.66
CA ASP F 330 3.10 -20.89 -24.50
C ASP F 330 4.46 -20.45 -23.98
N ALA F 331 4.94 -19.28 -24.39
CA ALA F 331 6.21 -18.75 -23.92
C ALA F 331 6.04 -17.27 -23.64
N THR F 332 6.57 -16.82 -22.50
CA THR F 332 6.47 -15.43 -22.08
C THR F 332 7.83 -14.96 -21.59
N THR F 333 8.22 -13.75 -22.00
CA THR F 333 9.52 -13.18 -21.64
C THR F 333 9.30 -11.78 -21.06
N VAL F 334 9.19 -11.69 -19.75
CA VAL F 334 8.97 -10.40 -19.10
C VAL F 334 10.21 -9.53 -19.23
N LEU F 335 10.00 -8.28 -19.65
CA LEU F 335 11.05 -7.27 -19.67
C LEU F 335 10.87 -6.35 -18.48
N SER F 336 11.96 -6.10 -17.76
CA SER F 336 11.93 -5.37 -16.51
C SER F 336 12.64 -4.03 -16.65
N ARG F 337 12.00 -2.97 -16.16
CA ARG F 337 12.67 -1.67 -16.11
C ARG F 337 13.92 -1.71 -15.24
N GLY F 338 13.87 -2.49 -14.15
CA GLY F 338 15.03 -2.58 -13.28
C GLY F 338 16.26 -3.09 -14.00
N ILE F 339 16.09 -4.13 -14.82
CA ILE F 339 17.23 -4.69 -15.54
C ILE F 339 17.71 -3.71 -16.61
N SER F 340 16.78 -3.02 -17.27
CA SER F 340 17.18 -2.03 -18.27
C SER F 340 17.98 -0.90 -17.63
N GLU F 341 17.57 -0.44 -16.45
CA GLU F 341 18.24 0.67 -15.81
C GLU F 341 19.68 0.32 -15.46
N LEU F 342 19.97 -0.96 -15.22
CA LEU F 342 21.34 -1.42 -15.04
C LEU F 342 22.15 -1.39 -16.33
N GLY F 343 21.57 -0.93 -17.43
CA GLY F 343 22.23 -0.97 -18.72
C GLY F 343 22.21 -2.31 -19.40
N ILE F 344 21.54 -3.31 -18.82
CA ILE F 344 21.43 -4.62 -19.44
C ILE F 344 20.30 -4.59 -20.46
N TYR F 345 20.62 -4.87 -21.73
CA TYR F 345 19.63 -5.05 -22.76
C TYR F 345 19.82 -6.42 -23.40
N PRO F 346 18.73 -7.09 -23.84
CA PRO F 346 17.36 -6.62 -24.05
C PRO F 346 16.49 -6.61 -22.80
N ALA F 347 17.11 -6.61 -21.63
CA ALA F 347 16.42 -6.41 -20.35
C ALA F 347 15.45 -7.55 -20.02
N VAL F 348 15.56 -8.69 -20.69
CA VAL F 348 14.71 -9.83 -20.34
C VAL F 348 15.06 -10.29 -18.94
N ASP F 349 14.04 -10.40 -18.10
CA ASP F 349 14.25 -10.99 -16.78
C ASP F 349 14.51 -12.47 -16.95
N PRO F 350 15.69 -12.97 -16.57
CA PRO F 350 16.02 -14.39 -16.85
C PRO F 350 15.27 -15.37 -15.97
N LEU F 351 14.66 -14.92 -14.87
CA LEU F 351 13.92 -15.79 -13.99
C LEU F 351 12.40 -15.69 -14.19
N ASP F 352 11.89 -14.49 -14.43
CA ASP F 352 10.45 -14.32 -14.61
C ASP F 352 9.97 -14.84 -15.96
N SER F 353 10.86 -14.97 -16.94
CA SER F 353 10.48 -15.56 -18.22
C SER F 353 10.27 -17.06 -18.06
N LYS F 354 9.30 -17.59 -18.82
CA LYS F 354 8.96 -19.00 -18.76
C LYS F 354 8.46 -19.47 -20.11
N SER F 355 8.57 -20.77 -20.35
CA SER F 355 8.16 -21.36 -21.60
C SER F 355 7.78 -22.83 -21.38
N ARG F 356 6.78 -23.27 -22.14
CA ARG F 356 6.37 -24.67 -22.14
C ARG F 356 7.41 -25.60 -22.74
N LEU F 357 8.32 -25.08 -23.58
CA LEU F 357 9.22 -25.95 -24.32
C LEU F 357 10.44 -26.38 -23.52
N LEU F 358 10.75 -25.69 -22.42
CA LEU F 358 11.97 -25.99 -21.65
C LEU F 358 11.71 -27.22 -20.78
N ASP F 359 11.88 -28.39 -21.41
CA ASP F 359 11.80 -29.65 -20.70
C ASP F 359 12.81 -30.61 -21.30
N ALA F 360 13.37 -31.47 -20.45
CA ALA F 360 14.45 -32.35 -20.89
C ALA F 360 14.02 -33.22 -22.07
N ALA F 361 12.74 -33.59 -22.12
CA ALA F 361 12.28 -34.42 -23.23
C ALA F 361 12.40 -33.69 -24.56
N VAL F 362 12.25 -32.37 -24.55
CA VAL F 362 12.24 -31.59 -25.78
C VAL F 362 13.66 -31.17 -26.19
N VAL F 363 14.40 -30.54 -25.27
CA VAL F 363 15.68 -29.93 -25.61
C VAL F 363 16.88 -30.82 -25.32
N GLY F 364 16.67 -31.99 -24.74
CA GLY F 364 17.79 -32.83 -24.35
C GLY F 364 18.31 -32.49 -22.97
N GLN F 365 18.95 -33.45 -22.30
CA GLN F 365 19.31 -33.26 -20.90
C GLN F 365 20.36 -32.18 -20.71
N GLU F 366 21.32 -32.07 -21.63
CA GLU F 366 22.40 -31.09 -21.46
C GLU F 366 21.86 -29.67 -21.39
N HIS F 367 21.01 -29.31 -22.34
CA HIS F 367 20.49 -27.94 -22.39
C HIS F 367 19.65 -27.63 -21.16
N TYR F 368 18.77 -28.57 -20.78
CA TYR F 368 17.94 -28.36 -19.61
C TYR F 368 18.78 -28.22 -18.35
N ASP F 369 19.80 -29.05 -18.20
CA ASP F 369 20.68 -28.96 -17.03
C ASP F 369 21.38 -27.61 -16.98
N VAL F 370 21.90 -27.15 -18.12
CA VAL F 370 22.62 -25.89 -18.15
C VAL F 370 21.69 -24.75 -17.77
N ALA F 371 20.48 -24.73 -18.34
CA ALA F 371 19.54 -23.66 -18.03
C ALA F 371 19.14 -23.71 -16.55
N SER F 372 18.91 -24.89 -16.02
CA SER F 372 18.57 -25.02 -14.61
C SER F 372 19.68 -24.45 -13.72
N LYS F 373 20.93 -24.78 -14.05
CA LYS F 373 22.05 -24.26 -13.26
C LYS F 373 22.13 -22.73 -13.36
N VAL F 374 21.89 -22.18 -14.55
CA VAL F 374 21.92 -20.73 -14.70
C VAL F 374 20.87 -20.09 -13.81
N GLN F 375 19.65 -20.65 -13.82
CA GLN F 375 18.59 -20.07 -13.00
C GLN F 375 18.88 -20.25 -11.51
N GLU F 376 19.45 -21.39 -11.12
CA GLU F 376 19.86 -21.55 -9.73
C GLU F 376 20.83 -20.46 -9.31
N THR F 377 21.84 -20.19 -10.13
CA THR F 377 22.82 -19.17 -9.80
C THR F 377 22.16 -17.80 -9.70
N LEU F 378 21.33 -17.45 -10.67
CA LEU F 378 20.72 -16.12 -10.65
C LEU F 378 19.77 -15.96 -9.48
N GLN F 379 19.04 -17.02 -9.11
CA GLN F 379 18.17 -16.92 -7.94
C GLN F 379 18.99 -16.79 -6.66
N THR F 380 20.11 -17.51 -6.56
CA THR F 380 20.98 -17.31 -5.41
C THR F 380 21.45 -15.87 -5.33
N TYR F 381 21.83 -15.28 -6.47
CA TYR F 381 22.26 -13.89 -6.47
C TYR F 381 21.12 -12.96 -6.04
N LYS F 382 19.91 -13.21 -6.55
CA LYS F 382 18.78 -12.39 -6.18
C LYS F 382 18.50 -12.46 -4.69
N SER F 383 18.67 -13.64 -4.10
CA SER F 383 18.35 -13.81 -2.69
C SER F 383 19.27 -12.98 -1.80
N LEU F 384 20.53 -12.82 -2.20
CA LEU F 384 21.53 -12.15 -1.36
C LEU F 384 21.48 -10.63 -1.47
N GLN F 385 20.54 -10.07 -2.23
CA GLN F 385 20.60 -8.64 -2.54
C GLN F 385 20.57 -7.78 -1.29
N ASP F 386 19.73 -8.14 -0.31
CA ASP F 386 19.66 -7.35 0.91
C ASP F 386 21.00 -7.37 1.64
N ILE F 387 21.59 -8.55 1.80
CA ILE F 387 22.85 -8.67 2.51
C ILE F 387 23.95 -7.93 1.76
N ILE F 388 24.01 -8.10 0.44
CA ILE F 388 25.07 -7.46 -0.34
C ILE F 388 24.94 -5.94 -0.23
N ALA F 389 23.72 -5.43 -0.34
CA ALA F 389 23.51 -3.99 -0.27
C ALA F 389 23.88 -3.43 1.10
N ILE F 390 23.49 -4.13 2.17
CA ILE F 390 23.64 -3.55 3.51
C ILE F 390 25.06 -3.73 4.03
N LEU F 391 25.60 -4.94 3.96
CA LEU F 391 26.90 -5.25 4.54
C LEU F 391 28.05 -5.17 3.57
N GLY F 392 27.79 -5.23 2.27
CA GLY F 392 28.85 -5.32 1.28
C GLY F 392 29.30 -6.76 1.06
N MET F 393 29.92 -6.97 -0.11
CA MET F 393 30.22 -8.33 -0.55
C MET F 393 31.26 -9.03 0.32
N ASP F 394 32.04 -8.28 1.10
CA ASP F 394 33.07 -8.91 1.92
C ASP F 394 32.48 -9.84 2.97
N GLU F 395 31.21 -9.67 3.35
CA GLU F 395 30.61 -10.46 4.41
C GLU F 395 30.16 -11.84 3.93
N LEU F 396 30.20 -12.11 2.63
CA LEU F 396 29.66 -13.36 2.12
C LEU F 396 30.59 -14.54 2.41
N SER F 397 29.99 -15.72 2.55
CA SER F 397 30.75 -16.95 2.60
C SER F 397 31.44 -17.18 1.27
N GLU F 398 32.55 -17.94 1.30
CA GLU F 398 33.37 -18.10 0.10
C GLU F 398 32.56 -18.70 -1.05
N GLN F 399 31.79 -19.75 -0.78
CA GLN F 399 30.97 -20.35 -1.82
C GLN F 399 29.99 -19.32 -2.40
N ASP F 400 29.32 -18.59 -1.51
CA ASP F 400 28.35 -17.61 -1.96
C ASP F 400 29.02 -16.45 -2.69
N LYS F 401 30.19 -16.01 -2.24
CA LYS F 401 30.89 -14.95 -2.95
C LYS F 401 31.29 -15.37 -4.35
N LEU F 402 31.77 -16.60 -4.51
CA LEU F 402 32.09 -17.10 -5.84
C LEU F 402 30.82 -17.16 -6.70
N THR F 403 29.73 -17.64 -6.10
CA THR F 403 28.46 -17.70 -6.83
C THR F 403 28.01 -16.31 -7.25
N VAL F 404 28.21 -15.31 -6.41
CA VAL F 404 27.80 -13.94 -6.75
C VAL F 404 28.62 -13.42 -7.91
N GLU F 405 29.94 -13.62 -7.89
CA GLU F 405 30.76 -13.19 -9.01
C GLU F 405 30.30 -13.86 -10.30
N ARG F 406 30.09 -15.17 -10.24
CA ARG F 406 29.66 -15.90 -11.43
C ARG F 406 28.29 -15.43 -11.89
N ALA F 407 27.40 -15.12 -10.95
CA ALA F 407 26.07 -14.65 -11.29
C ALA F 407 26.12 -13.30 -11.98
N ARG F 408 26.96 -12.39 -11.49
CA ARG F 408 27.09 -11.10 -12.15
C ARG F 408 27.63 -11.26 -13.56
N LYS F 409 28.62 -12.13 -13.73
CA LYS F 409 29.15 -12.38 -15.08
C LYS F 409 28.06 -12.98 -15.98
N ILE F 410 27.23 -13.86 -15.43
CA ILE F 410 26.14 -14.44 -16.22
C ILE F 410 25.14 -13.36 -16.62
N GLN F 411 24.73 -12.52 -15.66
CA GLN F 411 23.80 -11.44 -15.97
C GLN F 411 24.30 -10.61 -17.14
N ARG F 412 25.56 -10.16 -17.07
CA ARG F 412 26.06 -9.33 -18.15
C ARG F 412 26.27 -10.14 -19.43
N PHE F 413 26.53 -11.44 -19.31
CA PHE F 413 26.73 -12.24 -20.51
C PHE F 413 25.44 -12.41 -21.30
N LEU F 414 24.29 -12.39 -20.62
CA LEU F 414 23.01 -12.58 -21.30
C LEU F 414 22.61 -11.38 -22.15
N SER F 415 23.24 -10.23 -21.98
CA SER F 415 22.95 -9.09 -22.84
C SER F 415 23.41 -9.37 -24.26
N GLN F 416 22.79 -8.69 -25.23
CA GLN F 416 23.10 -8.91 -26.63
C GLN F 416 22.82 -7.66 -27.45
N PRO F 417 23.74 -7.26 -28.34
CA PRO F 417 23.44 -6.15 -29.25
C PRO F 417 22.64 -6.58 -30.47
N PHE F 418 21.39 -6.18 -30.57
CA PHE F 418 20.62 -6.42 -31.78
C PHE F 418 21.07 -5.47 -32.88
N ALA F 419 21.01 -5.95 -34.12
CA ALA F 419 21.33 -5.07 -35.25
C ALA F 419 20.37 -3.89 -35.31
N VAL F 420 19.09 -4.13 -35.02
CA VAL F 420 18.09 -3.06 -35.06
C VAL F 420 18.45 -1.98 -34.05
N ALA F 421 19.22 -2.33 -33.03
CA ALA F 421 19.60 -1.39 -31.98
C ALA F 421 20.95 -0.72 -32.25
N GLU F 422 21.51 -0.88 -33.45
CA GLU F 422 22.79 -0.23 -33.73
C GLU F 422 22.72 1.28 -33.53
N VAL F 423 21.54 1.87 -33.67
CA VAL F 423 21.39 3.30 -33.47
C VAL F 423 21.85 3.72 -32.09
N PHE F 424 21.77 2.82 -31.12
CA PHE F 424 22.01 3.12 -29.71
C PHE F 424 23.25 2.46 -29.14
N THR F 425 23.54 1.22 -29.53
CA THR F 425 24.65 0.48 -28.93
C THR F 425 26.00 0.94 -29.47
N GLY F 426 26.06 1.33 -30.74
CA GLY F 426 27.33 1.57 -31.39
C GLY F 426 28.08 0.28 -31.66
N ILE F 427 27.42 -0.85 -31.41
CA ILE F 427 27.97 -2.18 -31.62
C ILE F 427 27.23 -2.81 -32.80
N PRO F 428 27.92 -3.19 -33.88
CA PRO F 428 27.23 -3.92 -34.96
C PRO F 428 26.57 -5.17 -34.41
N GLY F 429 25.33 -5.42 -34.86
CA GLY F 429 24.54 -6.47 -34.27
C GLY F 429 25.13 -7.85 -34.47
N LYS F 430 24.85 -8.73 -33.53
CA LYS F 430 25.32 -10.11 -33.55
C LYS F 430 24.14 -11.07 -33.40
N LEU F 431 24.18 -12.16 -34.15
CA LEU F 431 23.16 -13.21 -34.08
C LEU F 431 23.85 -14.50 -33.62
N VAL F 432 23.37 -15.07 -32.52
CA VAL F 432 24.06 -16.16 -31.82
C VAL F 432 23.26 -17.44 -31.99
N ARG F 433 23.93 -18.50 -32.41
CA ARG F 433 23.28 -19.78 -32.61
C ARG F 433 22.93 -20.44 -31.28
N LEU F 434 21.98 -21.38 -31.33
CA LEU F 434 21.52 -22.07 -30.13
C LEU F 434 22.63 -22.93 -29.52
N LYS F 435 23.25 -23.79 -30.33
CA LYS F 435 24.27 -24.69 -29.82
C LYS F 435 25.46 -23.91 -29.26
N ASP F 436 25.85 -22.83 -29.94
CA ASP F 436 26.90 -21.97 -29.42
C ASP F 436 26.51 -21.38 -28.07
N THR F 437 25.25 -20.94 -27.93
CA THR F 437 24.81 -20.38 -26.66
C THR F 437 24.93 -21.41 -25.54
N VAL F 438 24.46 -22.62 -25.80
CA VAL F 438 24.52 -23.65 -24.76
C VAL F 438 25.96 -23.95 -24.39
N ALA F 439 26.84 -24.07 -25.39
CA ALA F 439 28.25 -24.32 -25.10
C ALA F 439 28.85 -23.20 -24.29
N SER F 440 28.55 -21.95 -24.64
CA SER F 440 29.15 -20.81 -23.96
C SER F 440 28.74 -20.78 -22.50
N PHE F 441 27.46 -20.97 -22.21
CA PHE F 441 27.05 -20.92 -20.80
C PHE F 441 27.51 -22.15 -20.04
N LYS F 442 27.49 -23.33 -20.68
CA LYS F 442 28.03 -24.51 -20.02
C LYS F 442 29.47 -24.27 -19.58
N ALA F 443 30.27 -23.68 -20.47
CA ALA F 443 31.67 -23.44 -20.13
C ALA F 443 31.79 -22.54 -18.90
N VAL F 444 31.00 -21.48 -18.84
CA VAL F 444 31.11 -20.54 -17.74
C VAL F 444 30.69 -21.19 -16.43
N LEU F 445 29.63 -22.00 -16.46
CA LEU F 445 29.21 -22.66 -15.22
C LEU F 445 30.27 -23.62 -14.70
N GLU F 446 31.15 -24.10 -15.57
CA GLU F 446 32.24 -24.97 -15.14
C GLU F 446 33.45 -24.20 -14.62
N GLY F 447 33.35 -22.87 -14.53
CA GLY F 447 34.42 -22.06 -13.97
C GLY F 447 35.60 -21.82 -14.89
N LYS F 448 35.50 -22.22 -16.15
CA LYS F 448 36.65 -22.14 -17.05
C LYS F 448 37.09 -20.71 -17.33
N TYR F 449 36.19 -19.74 -17.17
CA TYR F 449 36.49 -18.33 -17.44
C TYR F 449 36.27 -17.46 -16.21
N ASP F 450 36.73 -17.94 -15.06
CA ASP F 450 36.63 -17.16 -13.83
C ASP F 450 37.45 -15.87 -13.91
N ASN F 451 38.60 -15.91 -14.60
CA ASN F 451 39.60 -14.86 -14.44
C ASN F 451 39.19 -13.55 -15.10
N ILE F 452 38.73 -13.61 -16.36
CA ILE F 452 38.51 -12.39 -17.13
C ILE F 452 37.39 -11.57 -16.51
N PRO F 453 37.44 -10.24 -16.62
CA PRO F 453 36.59 -9.39 -15.77
C PRO F 453 35.13 -9.44 -16.14
N GLU F 454 34.32 -8.75 -15.33
CA GLU F 454 32.88 -8.67 -15.55
C GLU F 454 32.54 -7.97 -16.85
N HIS F 455 33.28 -6.92 -17.20
CA HIS F 455 32.94 -6.11 -18.36
C HIS F 455 33.22 -6.83 -19.68
N ALA F 456 34.04 -7.86 -19.68
CA ALA F 456 34.35 -8.57 -20.91
C ALA F 456 33.13 -9.27 -21.49
N PHE F 457 32.16 -9.62 -20.65
CA PHE F 457 30.98 -10.34 -21.11
C PHE F 457 29.89 -9.43 -21.63
N TYR F 458 30.04 -8.11 -21.50
CA TYR F 458 28.95 -7.19 -21.82
C TYR F 458 28.89 -6.94 -23.31
N MET F 459 27.70 -7.15 -23.89
CA MET F 459 27.45 -6.87 -25.30
C MET F 459 28.41 -7.61 -26.22
N VAL F 460 28.48 -8.93 -26.06
CA VAL F 460 29.30 -9.78 -26.91
C VAL F 460 28.57 -11.08 -27.18
N GLY F 461 28.76 -11.61 -28.38
CA GLY F 461 28.08 -12.82 -28.81
C GLY F 461 28.94 -14.07 -28.75
N GLY F 462 28.69 -14.92 -27.78
CA GLY F 462 29.41 -16.17 -27.64
C GLY F 462 30.70 -16.02 -26.85
N ILE F 463 31.17 -17.16 -26.34
CA ILE F 463 32.30 -17.15 -25.40
C ILE F 463 33.56 -16.65 -26.08
N GLU F 464 33.80 -17.05 -27.33
CA GLU F 464 35.02 -16.63 -28.01
C GLU F 464 35.03 -15.13 -28.26
N ASP F 465 33.87 -14.52 -28.46
CA ASP F 465 33.81 -13.07 -28.51
C ASP F 465 34.14 -12.46 -27.15
N VAL F 466 33.80 -13.16 -26.07
CA VAL F 466 34.23 -12.71 -24.74
C VAL F 466 35.74 -12.74 -24.65
N VAL F 467 36.37 -13.80 -25.16
CA VAL F 467 37.82 -13.89 -25.14
C VAL F 467 38.43 -12.73 -25.92
N ALA F 468 37.90 -12.47 -27.11
CA ALA F 468 38.40 -11.36 -27.92
C ALA F 468 38.23 -10.02 -27.22
N LYS F 469 37.09 -9.81 -26.56
CA LYS F 469 36.90 -8.55 -25.85
C LYS F 469 37.81 -8.46 -24.65
N ALA F 470 38.15 -9.59 -24.03
CA ALA F 470 39.13 -9.58 -22.95
C ALA F 470 40.51 -9.19 -23.47
N GLU F 471 40.91 -9.74 -24.61
CA GLU F 471 42.17 -9.34 -25.23
C GLU F 471 42.13 -7.90 -25.73
N LYS F 472 40.94 -7.32 -25.85
CA LYS F 472 40.82 -5.90 -26.15
C LYS F 472 40.95 -5.05 -24.88
N LEU F 473 40.30 -5.46 -23.80
CA LEU F 473 40.39 -4.73 -22.54
C LEU F 473 41.79 -4.80 -21.93
N ALA F 474 42.57 -5.83 -22.25
CA ALA F 474 43.91 -5.98 -21.69
C ALA F 474 44.91 -5.02 -22.30
N ALA F 475 44.56 -4.33 -23.36
CA ALA F 475 45.47 -3.38 -24.00
C ALA F 475 45.79 -2.22 -23.06
N ALA G 1 3.14 -5.67 -3.47
CA ALA G 1 3.26 -5.99 -2.01
C ALA G 1 2.10 -5.38 -1.22
N THR G 2 1.62 -6.13 -0.22
CA THR G 2 0.64 -5.58 0.70
C THR G 2 1.30 -4.53 1.59
N LEU G 3 0.47 -3.66 2.16
CA LEU G 3 1.02 -2.59 3.00
C LEU G 3 1.75 -3.15 4.20
N LYS G 4 1.25 -4.24 4.78
CA LYS G 4 2.00 -4.92 5.83
C LYS G 4 3.32 -5.45 5.30
N GLU G 5 3.34 -5.95 4.06
CA GLU G 5 4.56 -6.48 3.49
C GLU G 5 5.64 -5.40 3.41
N VAL G 6 5.25 -4.15 3.17
CA VAL G 6 6.22 -3.07 3.09
C VAL G 6 6.60 -2.59 4.49
N GLU G 7 5.60 -2.47 5.37
CA GLU G 7 5.87 -1.99 6.73
C GLU G 7 6.82 -2.91 7.48
N MET G 8 6.69 -4.22 7.29
CA MET G 8 7.58 -5.15 7.97
C MET G 8 9.03 -4.90 7.58
N ARG G 9 9.29 -4.76 6.28
CA ARG G 9 10.65 -4.50 5.82
C ARG G 9 11.15 -3.16 6.33
N LEU G 10 10.29 -2.14 6.30
CA LEU G 10 10.71 -0.83 6.78
C LEU G 10 11.11 -0.88 8.25
N LYS G 11 10.30 -1.55 9.07
CA LYS G 11 10.62 -1.71 10.49
C LYS G 11 11.91 -2.49 10.69
N SER G 12 12.09 -3.57 9.93
CA SER G 12 13.29 -4.38 10.07
C SER G 12 14.55 -3.57 9.75
N ILE G 13 14.51 -2.81 8.65
CA ILE G 13 15.69 -2.04 8.27
C ILE G 13 15.92 -0.88 9.25
N LYS G 14 14.85 -0.32 9.83
CA LYS G 14 15.05 0.65 10.91
C LYS G 14 15.81 0.02 12.07
N ASN G 15 15.42 -1.20 12.45
CA ASN G 15 16.14 -1.87 13.53
C ASN G 15 17.59 -2.14 13.14
N ILE G 16 17.83 -2.51 11.88
CA ILE G 16 19.20 -2.72 11.42
C ILE G 16 20.01 -1.45 11.56
N GLU G 17 19.43 -0.30 11.17
CA GLU G 17 20.13 0.96 11.33
C GLU G 17 20.48 1.20 12.79
N LYS G 18 19.51 1.00 13.69
CA LYS G 18 19.77 1.24 15.10
C LYS G 18 20.93 0.39 15.59
N ILE G 19 20.89 -0.91 15.28
CA ILE G 19 21.91 -1.83 15.78
C ILE G 19 23.29 -1.44 15.25
N THR G 20 23.38 -1.22 13.93
CA THR G 20 24.68 -0.95 13.33
C THR G 20 25.25 0.37 13.84
N LYS G 21 24.41 1.40 13.97
CA LYS G 21 24.92 2.69 14.41
C LYS G 21 25.31 2.67 15.88
N THR G 22 24.61 1.88 16.70
CA THR G 22 25.05 1.71 18.08
C THR G 22 26.40 0.99 18.13
N MET G 23 26.55 -0.06 17.32
CA MET G 23 27.80 -0.81 17.33
C MET G 23 28.96 0.03 16.81
N LYS G 24 28.69 1.01 15.94
CA LYS G 24 29.76 1.92 15.53
C LYS G 24 30.36 2.61 16.75
N ILE G 25 29.52 3.17 17.61
CA ILE G 25 30.00 3.90 18.77
C ILE G 25 30.66 2.95 19.76
N VAL G 26 30.12 1.73 19.89
CA VAL G 26 30.77 0.73 20.74
C VAL G 26 32.18 0.46 20.22
N ALA G 27 32.32 0.33 18.90
CA ALA G 27 33.62 0.08 18.29
C ALA G 27 34.58 1.22 18.56
N SER G 28 34.10 2.46 18.46
CA SER G 28 34.96 3.61 18.76
C SER G 28 35.44 3.57 20.22
N THR G 29 34.53 3.25 21.14
CA THR G 29 34.89 3.20 22.55
C THR G 29 35.96 2.13 22.79
N ARG G 30 35.79 0.95 22.18
CA ARG G 30 36.77 -0.11 22.37
C ARG G 30 38.10 0.23 21.69
N LEU G 31 38.05 0.92 20.55
CA LEU G 31 39.27 1.37 19.89
C LEU G 31 40.04 2.34 20.77
N SER G 32 39.32 3.14 21.58
CA SER G 32 40.03 4.06 22.48
C SER G 32 41.00 3.32 23.39
N LYS G 33 40.65 2.09 23.82
CA LYS G 33 41.55 1.27 24.62
C LYS G 33 42.58 0.57 23.73
N ALA G 34 42.12 0.04 22.61
CA ALA G 34 43.00 -0.70 21.72
C ALA G 34 44.20 0.15 21.29
N GLU G 35 43.99 1.44 21.10
CA GLU G 35 45.09 2.30 20.67
C GLU G 35 46.15 2.48 21.76
N LYS G 36 45.72 2.59 23.02
CA LYS G 36 46.71 2.63 24.09
C LYS G 36 47.50 1.32 24.15
N ALA G 37 46.81 0.20 23.97
CA ALA G 37 47.51 -1.08 23.94
C ALA G 37 48.51 -1.13 22.80
N LYS G 38 48.11 -0.64 21.62
CA LYS G 38 49.00 -0.65 20.46
C LYS G 38 50.22 0.23 20.69
N ILE G 39 50.02 1.40 21.30
CA ILE G 39 51.14 2.30 21.54
C ILE G 39 52.14 1.67 22.52
N SER G 40 51.63 1.06 23.59
CA SER G 40 52.53 0.38 24.52
C SER G 40 53.31 -0.73 23.82
N ALA G 41 52.61 -1.51 22.98
CA ALA G 41 53.29 -2.58 22.26
C ALA G 41 54.35 -2.02 21.32
N LYS G 42 54.05 -0.93 20.62
CA LYS G 42 55.03 -0.33 19.72
C LYS G 42 56.25 0.17 20.50
N LYS G 43 56.03 0.80 21.65
CA LYS G 43 57.15 1.23 22.48
C LYS G 43 58.05 0.05 22.81
N MET G 44 57.45 -1.02 23.35
CA MET G 44 58.25 -2.16 23.79
C MET G 44 58.94 -2.84 22.62
N ASP G 45 58.26 -2.91 21.46
CA ASP G 45 58.88 -3.48 20.27
C ASP G 45 60.06 -2.65 19.80
N GLU G 46 59.88 -1.33 19.72
CA GLU G 46 60.96 -0.47 19.26
C GLU G 46 62.17 -0.56 20.18
N ALA G 47 61.94 -0.78 21.47
CA ALA G 47 63.07 -1.03 22.35
C ALA G 47 63.66 -2.42 22.12
N GLU G 48 62.81 -3.41 21.81
CA GLU G 48 63.27 -4.78 21.67
C GLU G 48 64.28 -4.94 20.54
N GLN G 49 64.01 -4.33 19.39
CA GLN G 49 64.82 -4.54 18.19
C GLN G 49 66.01 -3.59 18.09
N LEU G 50 66.33 -2.88 19.18
CA LEU G 50 67.54 -2.06 19.15
C LEU G 50 68.77 -2.90 18.88
N PHE G 51 68.78 -4.16 19.33
CA PHE G 51 69.90 -5.05 19.06
C PHE G 51 70.04 -5.31 17.57
N TYR G 52 68.95 -5.72 16.92
CA TYR G 52 69.03 -6.22 15.55
C TYR G 52 69.38 -5.10 14.56
N LYS G 53 68.83 -3.90 14.75
CA LYS G 53 69.14 -2.81 13.83
C LYS G 53 70.63 -2.47 13.86
N ASN G 54 71.25 -2.55 15.03
CA ASN G 54 72.71 -2.37 15.08
C ASN G 54 73.42 -3.56 14.47
N ALA G 55 72.95 -4.79 14.76
CA ALA G 55 73.65 -5.98 14.29
C ALA G 55 73.63 -6.08 12.77
N GLU G 56 72.50 -5.73 12.15
CA GLU G 56 72.32 -5.90 10.70
C GLU G 56 72.29 -7.37 10.30
N THR G 57 71.77 -8.23 11.17
CA THR G 57 71.68 -9.64 10.87
C THR G 57 70.84 -9.87 9.61
N LYS G 58 71.31 -10.77 8.75
CA LYS G 58 70.60 -11.12 7.53
C LYS G 58 69.37 -11.97 7.86
N ASN G 59 68.56 -12.23 6.84
CA ASN G 59 67.35 -13.05 6.98
C ASN G 59 67.68 -14.40 7.62
N LYS G 71 62.13 -26.15 4.72
CA LYS G 71 60.91 -25.80 5.44
C LYS G 71 61.09 -24.48 6.19
N GLU G 72 59.97 -23.81 6.45
CA GLU G 72 59.99 -22.52 7.15
C GLU G 72 58.71 -22.39 7.95
N LEU G 73 58.76 -21.54 8.97
CA LEU G 73 57.65 -21.33 9.89
C LEU G 73 56.89 -20.07 9.49
N ILE G 74 55.57 -20.11 9.60
CA ILE G 74 54.69 -18.99 9.31
C ILE G 74 53.64 -18.91 10.40
N VAL G 75 53.33 -17.70 10.84
CA VAL G 75 52.25 -17.44 11.77
C VAL G 75 51.32 -16.42 11.12
N ALA G 76 50.01 -16.58 11.35
CA ALA G 76 49.01 -15.68 10.79
C ALA G 76 48.10 -15.20 11.90
N ILE G 77 47.77 -13.90 11.90
CA ILE G 77 47.02 -13.27 12.99
C ILE G 77 45.63 -12.90 12.50
N THR G 78 44.61 -13.48 13.12
CA THR G 78 43.22 -13.04 12.94
C THR G 78 42.47 -13.32 14.25
N SER G 79 41.13 -13.22 14.19
CA SER G 79 40.29 -13.48 15.35
C SER G 79 39.10 -14.33 14.95
N ASP G 80 38.14 -14.49 15.86
CA ASP G 80 36.91 -15.21 15.56
C ASP G 80 35.77 -14.30 15.14
N LYS G 81 35.80 -13.02 15.50
CA LYS G 81 34.70 -12.10 15.25
C LYS G 81 34.71 -11.66 13.78
N GLY G 82 33.64 -11.96 13.06
CA GLY G 82 33.46 -11.49 11.70
C GLY G 82 32.84 -10.11 11.65
N LEU G 83 32.14 -9.84 10.54
CA LEU G 83 31.45 -8.57 10.32
C LEU G 83 32.41 -7.38 10.28
N CYS G 84 33.70 -7.64 10.06
CA CYS G 84 34.72 -6.60 10.00
C CYS G 84 35.25 -6.38 8.59
N GLY G 85 34.64 -7.01 7.58
CA GLY G 85 35.01 -6.77 6.20
C GLY G 85 36.22 -7.54 5.71
N SER G 86 37.01 -6.89 4.85
CA SER G 86 38.10 -7.55 4.14
C SER G 86 39.31 -7.85 5.01
N ILE G 87 39.31 -7.41 6.27
CA ILE G 87 40.55 -7.48 7.05
C ILE G 87 40.96 -8.93 7.29
N HIS G 88 40.00 -9.84 7.47
CA HIS G 88 40.37 -11.25 7.63
C HIS G 88 40.93 -11.86 6.35
N SER G 89 40.66 -11.28 5.19
CA SER G 89 40.99 -11.93 3.92
C SER G 89 42.19 -11.34 3.22
N GLN G 90 42.37 -10.02 3.23
CA GLN G 90 43.56 -9.46 2.60
C GLN G 90 44.83 -9.91 3.31
N LEU G 91 44.73 -10.24 4.60
CA LEU G 91 45.81 -10.95 5.26
C LEU G 91 45.97 -12.35 4.66
N ALA G 92 44.87 -13.10 4.58
CA ALA G 92 44.94 -14.46 4.04
C ALA G 92 45.50 -14.46 2.63
N LYS G 93 45.03 -13.55 1.78
CA LYS G 93 45.54 -13.49 0.42
C LYS G 93 47.03 -13.21 0.40
N ALA G 94 47.54 -12.48 1.40
CA ALA G 94 48.97 -12.32 1.51
C ALA G 94 49.65 -13.64 1.85
N VAL G 95 49.12 -14.35 2.85
CA VAL G 95 49.70 -15.63 3.24
C VAL G 95 49.70 -16.57 2.04
N ARG G 96 48.54 -16.71 1.40
CA ARG G 96 48.45 -17.53 0.19
C ARG G 96 49.53 -17.15 -0.80
N ARG G 97 49.75 -15.84 -0.99
CA ARG G 97 50.72 -15.41 -1.99
C ARG G 97 52.11 -15.90 -1.63
N HIS G 98 52.48 -15.89 -0.35
CA HIS G 98 53.79 -16.41 0.02
C HIS G 98 53.90 -17.90 -0.25
N LEU G 99 52.78 -18.62 -0.23
CA LEU G 99 52.81 -20.04 -0.58
C LEU G 99 53.10 -20.25 -2.05
N ASN G 100 53.07 -19.19 -2.85
CA ASN G 100 53.62 -19.27 -4.21
C ASN G 100 55.11 -19.57 -4.16
N ASP G 101 55.84 -18.92 -3.26
CA ASP G 101 57.28 -19.09 -3.19
C ASP G 101 57.65 -20.38 -2.47
N GLN G 102 57.02 -20.64 -1.32
CA GLN G 102 57.33 -21.82 -0.53
C GLN G 102 56.48 -22.99 -1.00
N PRO G 103 57.07 -24.07 -1.51
CA PRO G 103 56.24 -25.24 -1.84
C PRO G 103 55.51 -25.79 -0.65
N ASN G 104 56.11 -25.74 0.54
CA ASN G 104 55.41 -26.06 1.78
C ASN G 104 56.03 -25.25 2.91
N ALA G 105 55.18 -24.84 3.86
CA ALA G 105 55.64 -24.16 5.05
C ALA G 105 54.63 -24.38 6.16
N ASP G 106 55.12 -24.45 7.39
CA ASP G 106 54.28 -24.78 8.54
C ASP G 106 53.59 -23.52 9.03
N ILE G 107 52.28 -23.44 8.83
CA ILE G 107 51.49 -22.26 9.14
C ILE G 107 50.71 -22.48 10.43
N VAL G 108 50.83 -21.54 11.36
CA VAL G 108 50.10 -21.55 12.62
C VAL G 108 49.09 -20.41 12.59
N THR G 109 47.82 -20.73 12.82
CA THR G 109 46.72 -19.80 12.68
C THR G 109 46.28 -19.32 14.06
N ILE G 110 46.18 -18.01 14.24
CA ILE G 110 45.57 -17.43 15.42
C ILE G 110 44.20 -16.91 15.03
N GLY G 111 43.16 -17.42 15.70
CA GLY G 111 41.80 -17.08 15.33
C GLY G 111 41.25 -17.99 14.25
N ASP G 112 39.94 -18.26 14.31
CA ASP G 112 39.33 -19.22 13.40
C ASP G 112 39.22 -18.68 11.97
N LYS G 113 39.06 -17.36 11.81
CA LYS G 113 38.70 -16.83 10.51
C LYS G 113 39.80 -17.06 9.47
N ILE G 114 41.06 -16.95 9.87
CA ILE G 114 42.14 -17.26 8.93
C ILE G 114 42.15 -18.75 8.62
N LYS G 115 41.88 -19.58 9.62
CA LYS G 115 41.89 -21.02 9.41
C LYS G 115 40.84 -21.44 8.39
N MET G 116 39.62 -20.90 8.52
CA MET G 116 38.54 -21.30 7.62
C MET G 116 38.81 -20.91 6.18
N GLN G 117 39.55 -19.83 5.95
CA GLN G 117 39.90 -19.43 4.59
C GLN G 117 41.09 -20.23 4.07
N LEU G 118 42.17 -20.27 4.85
CA LEU G 118 43.42 -20.84 4.38
C LEU G 118 43.33 -22.36 4.25
N LEU G 119 42.41 -22.99 4.98
CA LEU G 119 42.21 -24.43 4.83
C LEU G 119 41.78 -24.80 3.41
N ARG G 120 41.22 -23.86 2.67
CA ARG G 120 40.86 -24.14 1.27
C ARG G 120 42.10 -24.29 0.40
N THR G 121 43.16 -23.54 0.67
CA THR G 121 44.42 -23.59 -0.10
C THR G 121 45.30 -24.78 0.28
N HIS G 122 45.18 -25.28 1.51
CA HIS G 122 45.85 -26.52 1.92
C HIS G 122 45.06 -27.24 3.03
N PRO G 123 44.45 -28.41 2.76
CA PRO G 123 43.65 -29.13 3.74
C PRO G 123 44.48 -29.91 4.76
N ASN G 124 45.66 -30.40 4.36
CA ASN G 124 46.55 -31.19 5.22
C ASN G 124 47.60 -30.37 5.97
N ASN G 125 48.03 -29.23 5.42
CA ASN G 125 49.16 -28.44 5.94
C ASN G 125 48.87 -27.73 7.29
N ILE G 126 47.60 -27.46 7.60
CA ILE G 126 47.20 -26.72 8.80
C ILE G 126 46.95 -27.69 9.97
N LYS G 127 47.87 -27.71 10.94
CA LYS G 127 47.79 -28.52 12.17
C LYS G 127 48.33 -27.78 13.41
N LEU G 128 48.05 -26.49 13.52
CA LEU G 128 48.29 -25.68 14.72
C LEU G 128 47.34 -24.48 14.77
N SER G 129 46.37 -24.51 15.68
CA SER G 129 45.32 -23.51 15.78
C SER G 129 45.18 -22.99 17.20
N ILE G 130 45.19 -21.67 17.32
CA ILE G 130 44.98 -20.95 18.58
C ILE G 130 43.65 -20.22 18.47
N ASN G 131 42.82 -20.24 19.50
CA ASN G 131 41.45 -19.69 19.44
C ASN G 131 41.11 -18.82 20.66
N GLY G 132 40.11 -17.95 20.53
CA GLY G 132 39.59 -17.12 21.61
C GLY G 132 40.44 -15.90 21.99
N ILE G 133 41.48 -15.58 21.22
CA ILE G 133 42.39 -14.45 21.48
C ILE G 133 41.67 -13.11 21.32
N GLY G 134 40.96 -12.92 20.22
CA GLY G 134 40.50 -11.61 19.75
C GLY G 134 39.34 -10.96 20.51
N LYS G 135 39.12 -11.28 21.78
CA LYS G 135 38.14 -10.56 22.61
C LYS G 135 38.69 -9.25 23.13
N ASP G 136 39.85 -9.27 23.77
CA ASP G 136 40.42 -8.10 24.44
C ASP G 136 41.79 -7.79 23.86
N ALA G 137 42.22 -6.55 24.06
CA ALA G 137 43.57 -6.17 23.66
C ALA G 137 44.57 -7.13 24.30
N PRO G 138 45.58 -7.57 23.56
CA PRO G 138 46.33 -8.75 23.99
C PRO G 138 47.21 -8.49 25.20
N THR G 139 47.61 -9.59 25.84
CA THR G 139 48.42 -9.57 27.04
C THR G 139 49.67 -10.41 26.80
N PHE G 140 50.73 -10.11 27.55
CA PHE G 140 51.96 -10.88 27.40
C PHE G 140 51.76 -12.34 27.76
N GLN G 141 50.76 -12.64 28.59
CA GLN G 141 50.46 -14.04 28.91
C GLN G 141 50.12 -14.82 27.65
N GLU G 142 49.25 -14.24 26.81
CA GLU G 142 48.83 -14.93 25.58
C GLU G 142 50.03 -15.17 24.67
N SER G 143 50.83 -14.12 24.45
CA SER G 143 52.00 -14.27 23.58
C SER G 143 53.00 -15.27 24.14
N ALA G 144 53.22 -15.25 25.46
CA ALA G 144 54.13 -16.19 26.06
C ALA G 144 53.64 -17.63 25.90
N LEU G 145 52.34 -17.85 26.10
CA LEU G 145 51.81 -19.20 25.95
C LEU G 145 51.88 -19.66 24.50
N ILE G 146 51.63 -18.76 23.55
CA ILE G 146 51.73 -19.13 22.15
C ILE G 146 53.18 -19.41 21.75
N ALA G 147 54.12 -18.63 22.30
CA ALA G 147 55.52 -18.89 22.03
C ALA G 147 55.94 -20.25 22.58
N ASP G 148 55.50 -20.57 23.80
CA ASP G 148 55.79 -21.89 24.36
C ASP G 148 55.16 -23.00 23.54
N LYS G 149 53.94 -22.76 23.05
CA LYS G 149 53.31 -23.73 22.17
C LYS G 149 54.12 -23.94 20.90
N LEU G 150 54.60 -22.85 20.31
CA LEU G 150 55.45 -22.98 19.13
C LEU G 150 56.71 -23.78 19.43
N LEU G 151 57.33 -23.51 20.58
CA LEU G 151 58.57 -24.19 20.92
C LEU G 151 58.36 -25.67 21.17
N SER G 152 57.27 -26.03 21.87
CA SER G 152 57.03 -27.41 22.24
C SER G 152 56.44 -28.23 21.10
N VAL G 153 55.45 -27.66 20.40
CA VAL G 153 54.69 -28.40 19.41
C VAL G 153 55.38 -28.39 18.05
N MET G 154 55.67 -27.20 17.54
CA MET G 154 56.30 -27.04 16.23
C MET G 154 57.82 -27.09 16.29
N LYS G 155 58.41 -27.15 17.47
CA LYS G 155 59.86 -27.18 17.62
C LYS G 155 60.49 -26.00 16.89
N ALA G 156 60.08 -24.79 17.30
CA ALA G 156 60.45 -23.58 16.58
C ALA G 156 61.96 -23.44 16.42
N GLY G 157 62.75 -23.99 17.34
CA GLY G 157 64.19 -23.92 17.24
C GLY G 157 64.80 -24.66 16.06
N THR G 158 63.98 -25.31 15.23
CA THR G 158 64.51 -26.11 14.13
C THR G 158 64.67 -25.30 12.85
N TYR G 159 63.79 -24.34 12.62
CA TYR G 159 63.65 -23.74 11.30
C TYR G 159 64.84 -22.84 10.95
N PRO G 160 65.13 -22.68 9.66
CA PRO G 160 66.10 -21.66 9.23
C PRO G 160 65.47 -20.30 8.93
N LYS G 161 64.15 -20.21 8.84
CA LYS G 161 63.48 -18.96 8.55
C LYS G 161 62.10 -18.97 9.20
N ILE G 162 61.65 -17.80 9.62
CA ILE G 162 60.37 -17.63 10.32
C ILE G 162 59.70 -16.36 9.83
N SER G 163 58.38 -16.41 9.70
CA SER G 163 57.58 -15.29 9.20
C SER G 163 56.30 -15.16 10.00
N ILE G 164 55.81 -13.93 10.15
CA ILE G 164 54.52 -13.66 10.77
C ILE G 164 53.77 -12.64 9.92
N PHE G 165 52.47 -12.86 9.74
CA PHE G 165 51.61 -12.00 8.93
C PHE G 165 50.49 -11.45 9.79
N TYR G 166 50.26 -10.13 9.67
CA TYR G 166 49.28 -9.43 10.47
C TYR G 166 48.82 -8.20 9.70
N ASN G 167 47.89 -7.45 10.29
CA ASN G 167 47.39 -6.21 9.72
C ASN G 167 47.90 -5.04 10.55
N ASP G 168 48.62 -4.11 9.90
CA ASP G 168 49.18 -2.95 10.58
C ASP G 168 48.35 -1.71 10.26
N PRO G 169 47.85 -0.98 11.25
CA PRO G 169 47.11 0.25 10.96
C PRO G 169 48.00 1.28 10.28
N VAL G 170 47.48 1.91 9.23
CA VAL G 170 48.18 2.98 8.54
C VAL G 170 47.59 4.29 9.02
N SER G 171 46.30 4.27 9.34
CA SER G 171 45.61 5.42 9.91
C SER G 171 44.47 4.90 10.76
N SER G 172 43.79 5.82 11.46
CA SER G 172 42.62 5.43 12.23
C SER G 172 41.54 4.83 11.35
N LEU G 173 41.56 5.11 10.05
CA LEU G 173 40.54 4.64 9.12
C LEU G 173 41.05 3.62 8.11
N SER G 174 42.31 3.20 8.19
CA SER G 174 42.84 2.32 7.15
C SER G 174 43.96 1.44 7.71
N PHE G 175 44.17 0.31 7.05
CA PHE G 175 45.16 -0.68 7.46
C PHE G 175 45.85 -1.25 6.23
N GLU G 176 46.99 -1.90 6.45
CA GLU G 176 47.77 -2.54 5.40
C GLU G 176 48.24 -3.91 5.87
N PRO G 177 48.12 -4.96 5.06
CA PRO G 177 48.72 -6.25 5.45
C PRO G 177 50.23 -6.18 5.44
N SER G 178 50.86 -6.73 6.48
CA SER G 178 52.30 -6.63 6.63
C SER G 178 52.84 -7.87 7.34
N GLU G 179 54.16 -8.02 7.25
CA GLU G 179 54.89 -9.09 7.92
C GLU G 179 56.33 -8.66 8.12
N LYS G 180 57.00 -9.29 9.07
CA LYS G 180 58.45 -9.14 9.22
C LYS G 180 59.01 -10.40 9.84
N PRO G 181 60.29 -10.71 9.58
CA PRO G 181 60.85 -11.98 10.04
C PRO G 181 61.15 -12.00 11.52
N ILE G 182 61.31 -13.20 12.04
CA ILE G 182 61.83 -13.43 13.39
C ILE G 182 63.12 -14.23 13.24
N PHE G 183 64.23 -13.64 13.70
CA PHE G 183 65.55 -14.21 13.43
C PHE G 183 65.80 -15.43 14.32
N ASN G 184 66.32 -16.50 13.71
CA ASN G 184 66.67 -17.68 14.47
C ASN G 184 67.91 -17.43 15.32
N ALA G 185 68.13 -18.33 16.29
CA ALA G 185 69.26 -18.15 17.20
C ALA G 185 70.59 -18.16 16.46
N LYS G 186 70.73 -19.01 15.45
CA LYS G 186 71.98 -19.04 14.70
C LYS G 186 72.24 -17.70 14.01
N THR G 187 71.19 -16.96 13.67
CA THR G 187 71.38 -15.64 13.09
C THR G 187 72.09 -14.72 14.07
N ILE G 188 71.73 -14.80 15.36
CA ILE G 188 72.32 -13.90 16.34
C ILE G 188 73.83 -14.06 16.38
N GLU G 189 74.33 -15.27 16.21
CA GLU G 189 75.77 -15.50 16.19
C GLU G 189 76.37 -15.17 14.83
N GLN G 190 75.70 -15.60 13.75
CA GLN G 190 76.26 -15.49 12.40
C GLN G 190 76.20 -14.07 11.87
N SER G 191 75.46 -13.18 12.51
CA SER G 191 75.25 -11.81 12.03
C SER G 191 76.54 -11.24 11.45
N PRO G 192 76.47 -10.48 10.35
CA PRO G 192 77.71 -9.93 9.78
C PRO G 192 78.55 -9.18 10.78
N SER G 193 77.92 -8.46 11.70
CA SER G 193 78.60 -7.73 12.75
C SER G 193 78.14 -8.23 14.12
N PHE G 194 79.08 -8.28 15.07
CA PHE G 194 78.76 -8.66 16.43
C PHE G 194 79.85 -8.09 17.34
N GLY G 195 79.54 -8.01 18.62
CA GLY G 195 80.51 -7.60 19.61
C GLY G 195 80.49 -6.13 19.99
N LYS G 196 79.52 -5.36 19.51
CA LYS G 196 79.31 -4.04 20.09
C LYS G 196 78.98 -4.16 21.58
N PHE G 197 78.25 -5.20 21.94
CA PHE G 197 78.17 -5.70 23.31
C PHE G 197 78.11 -7.22 23.21
N GLU G 198 78.87 -7.90 24.08
CA GLU G 198 79.10 -9.33 23.90
C GLU G 198 79.18 -10.02 25.24
N ILE G 199 78.13 -10.76 25.60
CA ILE G 199 78.20 -11.71 26.70
C ILE G 199 78.96 -12.96 26.25
N ASP G 200 79.75 -13.51 27.16
CA ASP G 200 80.57 -14.66 26.83
C ASP G 200 79.72 -15.92 26.71
N THR G 201 80.38 -17.07 26.53
CA THR G 201 79.68 -18.35 26.52
C THR G 201 78.93 -18.60 27.82
N ASP G 202 79.33 -17.92 28.90
CA ASP G 202 78.64 -18.10 30.18
C ASP G 202 77.14 -17.90 30.03
N ALA G 203 76.74 -16.94 29.22
CA ALA G 203 75.33 -16.58 29.02
C ALA G 203 74.87 -17.14 27.67
N ASN G 204 73.78 -17.89 27.68
CA ASN G 204 73.20 -18.41 26.46
C ASN G 204 72.34 -17.33 25.81
N VAL G 205 72.95 -16.17 25.55
CA VAL G 205 72.20 -15.03 25.02
C VAL G 205 71.44 -15.39 23.75
N PRO G 206 72.01 -16.09 22.79
CA PRO G 206 71.21 -16.45 21.60
C PRO G 206 69.92 -17.19 21.95
N ARG G 207 70.03 -18.27 22.72
CA ARG G 207 68.88 -19.15 22.96
C ARG G 207 67.80 -18.49 23.79
N ASP G 208 68.11 -17.39 24.50
CA ASP G 208 67.14 -16.65 25.29
C ASP G 208 66.58 -15.45 24.53
N LEU G 209 67.48 -14.68 23.89
CA LEU G 209 67.04 -13.55 23.07
C LEU G 209 66.12 -14.01 21.95
N PHE G 210 66.39 -15.17 21.36
CA PHE G 210 65.44 -15.75 20.41
C PHE G 210 64.04 -15.90 20.97
N GLU G 211 63.88 -16.71 22.01
CA GLU G 211 62.54 -16.95 22.54
C GLU G 211 61.88 -15.64 22.94
N TYR G 212 62.63 -14.75 23.57
CA TYR G 212 62.02 -13.52 24.08
C TYR G 212 61.59 -12.61 22.95
N THR G 213 62.42 -12.47 21.91
CA THR G 213 62.05 -11.66 20.76
C THR G 213 60.86 -12.28 20.02
N LEU G 214 60.84 -13.61 19.90
CA LEU G 214 59.69 -14.27 19.31
C LEU G 214 58.42 -13.87 20.03
N ALA G 215 58.42 -14.00 21.37
CA ALA G 215 57.23 -13.67 22.14
C ALA G 215 56.87 -12.20 22.01
N ASN G 216 57.86 -11.32 22.08
CA ASN G 216 57.58 -9.88 22.11
C ASN G 216 57.08 -9.39 20.76
N GLN G 217 57.74 -9.80 19.68
CA GLN G 217 57.29 -9.41 18.35
C GLN G 217 55.91 -9.99 18.04
N MET G 218 55.65 -11.23 18.46
CA MET G 218 54.34 -11.80 18.24
C MET G 218 53.28 -11.05 19.04
N LEU G 219 53.61 -10.61 20.25
CA LEU G 219 52.67 -9.78 21.01
C LEU G 219 52.40 -8.47 20.27
N THR G 220 53.44 -7.84 19.74
CA THR G 220 53.25 -6.59 18.99
C THR G 220 52.37 -6.84 17.77
N ALA G 221 52.59 -7.97 17.09
CA ALA G 221 51.78 -8.30 15.92
C ALA G 221 50.32 -8.47 16.30
N MET G 222 50.04 -9.16 17.40
CA MET G 222 48.66 -9.37 17.80
C MET G 222 48.02 -8.05 18.23
N ALA G 223 48.77 -7.18 18.91
CA ALA G 223 48.22 -5.89 19.31
C ALA G 223 47.87 -5.05 18.09
N GLN G 224 48.78 -4.98 17.13
CA GLN G 224 48.50 -4.22 15.91
C GLN G 224 47.31 -4.80 15.17
N GLY G 225 47.25 -6.12 15.05
CA GLY G 225 46.11 -6.75 14.40
C GLY G 225 44.80 -6.44 15.10
N TYR G 226 44.81 -6.46 16.43
CA TYR G 226 43.60 -6.16 17.19
C TYR G 226 43.14 -4.73 16.94
N ALA G 227 44.08 -3.77 16.94
CA ALA G 227 43.71 -2.39 16.68
C ALA G 227 43.12 -2.23 15.28
N ALA G 228 43.75 -2.86 14.29
CA ALA G 228 43.25 -2.79 12.92
C ALA G 228 41.88 -3.45 12.82
N GLU G 229 41.67 -4.55 13.53
CA GLU G 229 40.40 -5.25 13.45
C GLU G 229 39.27 -4.40 14.02
N ILE G 230 39.50 -3.76 15.16
CA ILE G 230 38.43 -2.93 15.72
C ILE G 230 38.18 -1.71 14.83
N SER G 231 39.23 -1.13 14.26
CA SER G 231 39.02 -0.02 13.33
C SER G 231 38.19 -0.47 12.13
N ALA G 232 38.52 -1.64 11.59
CA ALA G 232 37.76 -2.18 10.46
C ALA G 232 36.31 -2.44 10.85
N ARG G 233 36.06 -2.91 12.07
CA ARG G 233 34.68 -3.09 12.52
C ARG G 233 33.94 -1.75 12.53
N ARG G 234 34.60 -0.70 13.02
CA ARG G 234 33.95 0.61 12.99
C ARG G 234 33.61 1.01 11.56
N ASN G 235 34.56 0.84 10.64
CA ASN G 235 34.31 1.18 9.24
C ASN G 235 33.12 0.39 8.69
N ALA G 236 33.10 -0.92 8.94
CA ALA G 236 32.07 -1.77 8.38
C ALA G 236 30.70 -1.39 8.92
N MET G 237 30.59 -1.15 10.23
CA MET G 237 29.30 -0.80 10.80
C MET G 237 28.86 0.59 10.36
N ASP G 238 29.80 1.51 10.15
CA ASP G 238 29.42 2.82 9.62
C ASP G 238 28.82 2.69 8.23
N ASN G 239 29.48 1.91 7.36
CA ASN G 239 28.93 1.70 6.02
C ASN G 239 27.59 1.01 6.09
N ALA G 240 27.44 0.05 7.02
CA ALA G 240 26.16 -0.64 7.17
C ALA G 240 25.06 0.34 7.55
N SER G 241 25.33 1.23 8.49
CA SER G 241 24.32 2.22 8.88
C SER G 241 23.98 3.15 7.72
N LYS G 242 24.99 3.56 6.95
CA LYS G 242 24.73 4.41 5.79
C LYS G 242 23.78 3.73 4.80
N ASN G 243 24.11 2.50 4.40
CA ASN G 243 23.28 1.81 3.41
C ASN G 243 21.90 1.49 3.97
N ALA G 244 21.81 1.16 5.26
CA ALA G 244 20.52 0.93 5.87
C ALA G 244 19.67 2.20 5.86
N GLY G 245 20.29 3.35 6.11
CA GLY G 245 19.57 4.61 5.99
C GLY G 245 19.04 4.83 4.59
N ASP G 246 19.87 4.55 3.58
CA ASP G 246 19.41 4.71 2.20
C ASP G 246 18.21 3.81 1.91
N MET G 247 18.28 2.55 2.37
CA MET G 247 17.15 1.65 2.17
C MET G 247 15.92 2.11 2.96
N ILE G 248 16.13 2.72 4.13
CA ILE G 248 15.01 3.26 4.88
C ILE G 248 14.33 4.36 4.09
N ASN G 249 15.13 5.22 3.44
CA ASN G 249 14.55 6.24 2.57
C ASN G 249 13.72 5.62 1.46
N ARG G 250 14.30 4.64 0.75
CA ARG G 250 13.60 4.03 -0.37
C ARG G 250 12.27 3.41 0.08
N TYR G 251 12.31 2.64 1.17
CA TYR G 251 11.10 1.97 1.62
C TYR G 251 10.12 2.93 2.29
N SER G 252 10.58 4.05 2.83
CA SER G 252 9.63 5.06 3.30
C SER G 252 8.85 5.64 2.12
N ILE G 253 9.55 5.93 1.02
CA ILE G 253 8.86 6.43 -0.16
C ILE G 253 7.89 5.38 -0.69
N LEU G 254 8.35 4.12 -0.77
CA LEU G 254 7.47 3.05 -1.25
C LEU G 254 6.28 2.86 -0.33
N TYR G 255 6.49 2.98 0.98
CA TYR G 255 5.39 2.84 1.93
C TYR G 255 4.34 3.92 1.72
N ASN G 256 4.78 5.18 1.60
CA ASN G 256 3.81 6.26 1.37
C ASN G 256 3.04 6.04 0.06
N ARG G 257 3.77 5.66 -0.99
CA ARG G 257 3.12 5.38 -2.27
C ARG G 257 2.07 4.28 -2.13
N THR G 258 2.43 3.19 -1.45
CA THR G 258 1.51 2.07 -1.29
C THR G 258 0.32 2.45 -0.42
N ARG G 259 0.54 3.26 0.61
CA ARG G 259 -0.57 3.71 1.44
C ARG G 259 -1.57 4.50 0.63
N GLN G 260 -1.09 5.44 -0.21
CA GLN G 260 -2.01 6.19 -1.06
C GLN G 260 -2.75 5.25 -2.00
N ALA G 261 -2.05 4.28 -2.58
CA ALA G 261 -2.69 3.35 -3.50
C ALA G 261 -3.76 2.54 -2.78
N VAL G 262 -3.47 2.09 -1.56
CA VAL G 262 -4.44 1.29 -0.81
C VAL G 262 -5.69 2.11 -0.53
N ILE G 263 -5.51 3.36 -0.09
CA ILE G 263 -6.68 4.19 0.21
C ILE G 263 -7.52 4.37 -1.04
N THR G 264 -6.88 4.70 -2.16
CA THR G 264 -7.65 4.96 -3.38
C THR G 264 -8.40 3.71 -3.83
N ASN G 265 -7.73 2.56 -3.85
CA ASN G 265 -8.37 1.34 -4.33
C ASN G 265 -9.47 0.88 -3.38
N GLU G 266 -9.28 1.05 -2.08
CA GLU G 266 -10.35 0.71 -1.15
C GLU G 266 -11.55 1.63 -1.31
N LEU G 267 -11.31 2.88 -1.74
CA LEU G 267 -12.42 3.80 -1.95
C LEU G 267 -13.16 3.52 -3.24
N VAL G 268 -12.46 3.04 -4.27
CA VAL G 268 -13.11 2.79 -5.55
C VAL G 268 -14.20 1.75 -5.41
N ASP G 269 -13.99 0.74 -4.56
CA ASP G 269 -15.03 -0.28 -4.35
C ASP G 269 -16.30 0.36 -3.79
N ILE G 270 -16.15 1.25 -2.81
CA ILE G 270 -17.30 1.90 -2.21
C ILE G 270 -18.01 2.75 -3.26
N ILE G 271 -17.25 3.48 -4.08
CA ILE G 271 -17.89 4.30 -5.11
C ILE G 271 -18.63 3.43 -6.11
N THR G 272 -18.04 2.30 -6.50
CA THR G 272 -18.72 1.39 -7.42
C THR G 272 -20.03 0.89 -6.83
N GLY G 273 -20.01 0.55 -5.54
CA GLY G 273 -21.22 0.08 -4.91
C GLY G 273 -22.29 1.16 -4.81
N ALA G 274 -21.90 2.37 -4.43
CA ALA G 274 -22.86 3.45 -4.25
C ALA G 274 -23.52 3.87 -5.57
N SER G 275 -22.85 3.64 -6.70
CA SER G 275 -23.41 4.00 -8.00
C SER G 275 -24.46 3.03 -8.50
N SER G 276 -24.93 2.12 -7.66
CA SER G 276 -25.97 1.17 -8.05
C SER G 276 -27.28 1.87 -8.37
PG ATP H . -10.18 -2.14 26.08
O1G ATP H . -10.57 -3.58 26.05
O2G ATP H . -11.30 -1.19 26.50
O3G ATP H . -9.59 -1.63 24.75
PB ATP H . -8.29 -0.69 27.86
O1B ATP H . -7.32 -0.02 26.98
O2B ATP H . -9.36 0.21 28.42
O3B ATP H . -9.02 -1.89 27.14
PA ATP H . -7.85 -1.56 30.65
O1A ATP H . -9.15 -2.24 30.90
O2A ATP H . -7.71 -0.18 31.27
O3A ATP H . -7.58 -1.43 29.09
O5' ATP H . -6.65 -2.47 31.15
C5' ATP H . -6.28 -3.66 30.44
C4' ATP H . -5.75 -4.68 31.42
O4' ATP H . -4.63 -4.07 32.11
C3' ATP H . -6.78 -4.95 32.51
O3' ATP H . -6.44 -6.23 33.05
C2' ATP H . -6.38 -3.96 33.61
O2' ATP H . -6.68 -4.58 34.85
C1' ATP H . -4.87 -4.05 33.50
N9 ATP H . -4.22 -2.87 34.04
C8 ATP H . -4.39 -1.56 33.64
N7 ATP H . -3.68 -0.70 34.30
C5 ATP H . -2.98 -1.48 35.21
C6 ATP H . -2.03 -1.17 36.21
N6 ATP H . -1.62 0.06 36.49
N1 ATP H . -1.52 -2.19 36.94
C2 ATP H . -1.94 -3.43 36.68
N3 ATP H . -2.82 -3.85 35.76
C4 ATP H . -3.31 -2.82 35.06
MG MG I . -11.42 0.27 27.94
PG ATP J . 8.39 23.90 -11.55
O1G ATP J . 8.12 22.49 -11.14
O2G ATP J . 8.16 24.93 -10.42
O3G ATP J . 7.63 24.34 -12.79
PB ATP J . 10.96 23.61 -13.04
O1B ATP J . 11.29 22.16 -12.93
O2B ATP J . 10.37 24.02 -14.40
O3B ATP J . 9.94 24.07 -11.92
PA ATP J . 12.74 25.95 -13.25
O1A ATP J . 11.78 27.03 -12.96
O2A ATP J . 13.13 25.80 -14.72
O3A ATP J . 12.21 24.54 -12.75
O5' ATP J . 14.07 26.16 -12.41
C5' ATP J . 14.08 25.96 -10.99
C4' ATP J . 15.22 26.74 -10.38
O4' ATP J . 16.44 26.25 -10.97
C3' ATP J . 15.15 28.21 -10.79
O3' ATP J . 15.82 28.92 -9.75
C2' ATP J . 16.07 28.28 -11.99
O2' ATP J . 16.70 29.55 -11.94
C1' ATP J . 17.16 27.32 -11.53
N9 ATP J . 17.92 26.79 -12.66
C8 ATP J . 17.45 26.02 -13.69
N7 ATP J . 18.36 25.69 -14.56
C5 ATP J . 19.52 26.28 -14.08
C6 ATP J . 20.85 26.30 -14.55
N6 ATP J . 21.26 25.70 -15.66
N1 ATP J . 21.76 27.00 -13.82
C2 ATP J . 21.36 27.61 -12.71
N3 ATP J . 20.14 27.65 -12.17
C4 ATP J . 19.27 26.97 -12.90
MG MG K . 8.53 24.64 -14.48
PG ATP L . -0.15 -22.06 -15.31
O1G ATP L . -0.35 -20.96 -14.33
O2G ATP L . -1.41 -22.89 -15.51
O3G ATP L . 0.36 -21.61 -16.68
PB ATP L . 1.10 -24.19 -13.64
O1B ATP L . -0.03 -25.13 -13.60
O2B ATP L . 1.35 -23.44 -12.34
O3B ATP L . 0.93 -23.10 -14.79
PA ATP L . 2.88 -26.24 -14.79
O1A ATP L . 2.33 -26.31 -16.16
O2A ATP L . 2.51 -27.40 -13.88
O3A ATP L . 2.46 -24.90 -14.05
O5' ATP L . 4.46 -26.13 -14.86
C5' ATP L . 5.11 -24.88 -15.20
C4' ATP L . 6.44 -25.18 -15.83
O4' ATP L . 7.24 -25.88 -14.85
C3' ATP L . 6.29 -26.18 -16.97
O3' ATP L . 7.44 -26.01 -17.80
C2' ATP L . 6.49 -27.52 -16.28
O2' ATP L . 7.11 -28.39 -17.23
C1' ATP L . 7.61 -27.15 -15.32
N9 ATP L . 7.65 -28.04 -14.17
C8 ATP L . 6.64 -28.30 -13.28
N7 ATP L . 6.97 -29.15 -12.33
C5 ATP L . 8.29 -29.47 -12.62
C6 ATP L . 9.21 -30.32 -11.99
N6 ATP L . 8.95 -31.04 -10.89
N1 ATP L . 10.45 -30.42 -12.53
C2 ATP L . 10.72 -29.71 -13.63
N3 ATP L . 9.93 -28.88 -14.30
C4 ATP L . 8.71 -28.80 -13.74
MG MG M . -1.45 -24.82 -14.88
PB ADP N . -8.69 -24.49 12.70
O1B ADP N . -9.47 -23.97 11.52
O2B ADP N . -7.39 -23.78 12.96
O3B ADP N . -9.54 -24.70 13.93
PA ADP N . -7.55 -26.95 13.37
O1A ADP N . -8.02 -28.35 13.05
O2A ADP N . -7.84 -26.39 14.74
O3A ADP N . -8.22 -25.96 12.28
O5' ADP N . -5.97 -26.86 13.10
C5' ADP N . -5.31 -27.91 12.41
C4' ADP N . -3.85 -28.02 12.80
O4' ADP N . -3.63 -27.72 14.17
C3' ADP N . -3.32 -29.43 12.57
O3' ADP N . -2.41 -29.46 11.46
C2' ADP N . -2.60 -29.81 13.85
O2' ADP N . -1.30 -30.33 13.61
C1' ADP N . -2.55 -28.53 14.65
N9 ADP N . -2.63 -28.80 16.11
C8 ADP N . -3.61 -28.40 16.94
N7 ADP N . -3.38 -28.83 18.21
C5 ADP N . -2.23 -29.52 18.19
C6 ADP N . -1.41 -30.24 19.18
N6 ADP N . -1.79 -30.30 20.48
N1 ADP N . -0.28 -30.83 18.76
C2 ADP N . 0.11 -30.78 17.48
N3 ADP N . -0.58 -30.14 16.53
C4 ADP N . -1.74 -29.50 16.81
MG MG O . -11.04 -24.95 12.73
PG ATP P . 6.90 1.75 -25.90
O1G ATP P . 6.50 1.40 -27.28
O2G ATP P . 7.15 3.25 -25.67
O3G ATP P . 5.92 1.24 -24.87
PB ATP P . 9.05 -0.32 -25.76
O1B ATP P . 8.46 -1.11 -26.86
O2B ATP P . 9.13 -1.05 -24.42
O3B ATP P . 8.29 1.05 -25.53
PA ATP P . 11.46 0.20 -27.41
O1A ATP P . 11.42 -1.11 -28.09
O2A ATP P . 11.05 1.40 -28.27
O3A ATP P . 10.51 0.19 -26.13
O5' ATP P . 12.90 0.49 -26.82
C5' ATP P . 13.10 1.52 -25.84
C4' ATP P . 14.58 1.69 -25.62
O4' ATP P . 15.15 0.38 -25.57
C3' ATP P . 15.23 2.30 -26.86
O3' ATP P . 15.53 3.64 -26.49
C2' ATP P . 16.59 1.60 -26.93
O2' ATP P . 17.54 2.52 -26.45
C1' ATP P . 16.52 0.54 -25.83
N9 ATP P . 17.00 -0.76 -26.31
C8 ATP P . 16.24 -1.83 -26.69
N7 ATP P . 16.95 -2.87 -27.07
C5 ATP P . 18.26 -2.44 -26.94
C6 ATP P . 19.49 -3.08 -27.18
N6 ATP P . 19.62 -4.33 -27.64
N1 ATP P . 20.62 -2.38 -26.93
C2 ATP P . 20.51 -1.13 -26.48
N3 ATP P . 19.40 -0.42 -26.21
C4 ATP P . 18.30 -1.14 -26.46
MG MG Q . 7.25 -0.11 -28.03
#